data_3IZ3
#
_entry.id   3IZ3
#
_cell.length_a   1.000
_cell.length_b   1.000
_cell.length_c   1.000
_cell.angle_alpha   90.00
_cell.angle_beta   90.00
_cell.angle_gamma   90.00
#
_symmetry.space_group_name_H-M   'P 1'
#
loop_
_entity.id
_entity.type
_entity.pdbx_description
1 polymer 'Structural protein VP3'
2 polymer 'Structural protein VP1'
3 polymer 'Viral structural protein 5'
#
loop_
_entity_poly.entity_id
_entity_poly.type
_entity_poly.pdbx_seq_one_letter_code
_entity_poly.pdbx_strand_id
1 'polypeptide(L)'
;MWHYTSINNDTRVALDPKPNQIRTITKPNTVPQLGTDYLYTFNSQRRSHTLRLLGPFQYFNFSETDRGHPLFRLPLKYPS
KAIPADELIDNLHSWMRSVHLLHVRSEDNTLRYNWMLGVYARSTNYTTPVGQLVVNAPAILNYSNPQDAFNSVFVALGID
YIDIPITNSNIFDDSSTPYNVRIWHAPTMTEVNHILALMRKSTLVSTHSSWHWNVLHTFHYRSESDMIDHFAAKILEDWR
QKEKLDKGALVEADRVIQRLIPLSSSTYVQRLAAIGALYPNEFTENVLDLSRLSTALLQLSDTYYQHANDQLRRLYRRMY
NDSRTLYMTQRHQELLLAQITADPNILLYPYTYIFTTIPTSMNYISNTGQGRIKHSLTVTGATEHDTVADIVLGQTGEDV
ITISMVEPMSIAVEDMYGYVLDTPTRDIWPADEQIEQKGDAVALYDTKTSRALGMFNNTVRIDDLLSPLLSLVYRTYIKG
DTMTMTQGSLDHLTLCAAVDSDITFVGNRMIAPLPEGYIPKPMHRNNSTMKMLSLYVALKKLENFATNSYLMAPDTSIIL
LGAEREPAVNILRRFNRNVSNVRIIGMGDRAVEPNIRVRVPFPIDKNISADFIICDINSYEDQSFESMFSETISVVTTCA
SAATRALVKINHPSEYMINSVIERLSQLGGVFYHTALLKTASQNPYSYETYIYITPIAAAVRFPFYSNSAMINRYMTAVA
DDEMPIIPSIHTVIKGHSNTYSPGLFCGCVDVQSAPLALSQLKSYCSEATTWRVDSDDNLVNIIARIDPARIALEFRTRS
NTSAYHEYQRYVPNGLGFKVRKTREFRYMHREVTFIHKLMMYALIREQISLTENMTQVVSIGGRNLADISVVPLNMKYVV
IDPATRIETLTQEKKNIEVQSRPFQFDAANMDLENNSIYLFIAVIMNEPNGAATPARMQMDKIRNVATAMLTRTNCVAYI
SFYEAGIITRLDQSTAHKTIRVEEGRLKVANYVPVDTLVEADVTLMLRDIGITHEIIRPSTPELIDACSNYGIRLGSTGG
AVLDVFNHYSPVIKLVRS
;
A
2 'polypeptide(L)'
;MHSTNNNSNKRNNEEKHKQPEIDSSANNGEGTSGTRAQTVGDTATEAGVRNETKAGASTRRQTDGTGLSGTNAKIATASS
ARQTDVEKPADVTFTIENVDDVGIMQQKKPPTVVQSRTDVFNEQFANEALHPMTKVIFNGLDVNTEVQPLSDDFKQISDP
KGYLTYSVKYEDQFTKKDKLRASEADDRIVGPTVNLFKYGAAVVNIDLNRDFFDTATGIDLTKGIPLVQDLLVPIGVTAG
AEQSAEYVSGLLMVLFKVMTDNRLVIVGETTTPMSNTLSTVVNNVLRTTYHNNVGVNPALLRDFTQVNWLNRDITNMLQQ
AGTKYGLGLTETRLDYVRLVKTIVGHALNIDHFAASVLNINLRALMEANVTADDRIKALQAHSMISTQFHGPNQGALRPE
LAFDHDHIIRCLMLAAANYPRLEGIIVQINTGYVASANVIRPVSEKRYFPENLEQNQSAARLVSAVKARASEADISSIHL
AIAREVSPMFNVHELKKIAESFEDPSSIVVVLEFILFALFFPTEFNRIKGDIQNVLLLFFSRWYPVEYGIFIQRGATYTI
NAAGEFEFSGRNEKWDQSLYLSEHFPALFSDVPLAGANTIIAIMRLFTPQGFLRTDDLAIAANFPRASRNPQTYIPYTNQ
RGTVTNEFASRFRTIVATLANVVNERAVQDDMQKATRSCTKQWLRHLETQFDNIAVAHTDHLSVVYATMSNFMLNFTNNF
SGNHATFKPDQYVITSPEGSYKPIIERQGETVDGLTIIDTSIVWPILCQCTYPLVRQSGKGVDAVSIMEEIVYPDPSTTL
SQSLSVAQVLSKLTLPDAFINMILSGGDSVVMRTYQTEADDDLDEGIRMTTYDQYLSHIRERLHITNVPDPIYITGASTP
DQIAASVQATHVAVVLYQSGVINGSASTYLRENEVLVVMPDYYDVVSRFANANLQMNNNRYHESVLEIADIFDQADFIQT
SDAVRQLRALMPTLSTSQIRHAIERIAQITDVDSTDYGKLTLRFLGTLTRSLKMQNAQIRRIRPDGTVLRYDDQIDIEAF
RWSRYFLDELRLRRLSVGLRLITNPRIARRFDGVRIMYLTDDDPDPDFVPDVPEGYVAVQYAHRLFSSSLANKRNRVTYT
HPPTGMAYPSPTGRPHVHMTINERAGMSKLVADNIIASVIKSNWVVDIHDIEYTAEVMTPSEGYTQHVDAESIMTAPKGK
LFHLQFMDGLLRPEPSAFDPPASGEDMRLIYPLQPISVARSMRAIVNHNEVDRPRGAVAPSSYEMDTGTLSRNGDLLYSP
VANGQVGIPKLEVDHISFSNVVSMMTANIRTGDDMAVERVNPDDVRAINIRNA
;
B,C
3 'polypeptide(L)'
;MLQQPTGGYTTLEQFAFTIRNDGTNATPTQFLQLLSYEATENELVKKTIPTPETHLPSARNVPGNVYIEDAITQALFGIS
AQNVNAHGYFSRLSALALPNTSARLGLDGVIYNSETINIPFYDPAAVANFAATYAKLGNASTPRYRADMIDIYAHVGLEL
AGTDAERAAGVMPVKRAKFDSWEGSLISLSRDVVNWKILAFLIDLCSLEGEALRAFKTRNRDVFRMMLFIMSTAVAANVV
NRKVTKRVDRVLEYIGVNSMRTAGRTATITYDLSRHEFAAKFLQLTFTRWN
;
D,E
#
# COMPACT_ATOMS: atom_id res chain seq x y z
N TRP A 2 -20.76 -10.96 42.61
CA TRP A 2 -20.05 -10.34 43.77
C TRP A 2 -19.24 -9.11 43.32
N HIS A 3 -18.66 -9.19 42.12
CA HIS A 3 -17.83 -8.13 41.51
C HIS A 3 -16.80 -7.51 42.47
N TYR A 4 -15.59 -8.05 42.44
CA TYR A 4 -14.52 -7.67 43.36
C TYR A 4 -13.93 -6.28 43.11
N THR A 5 -13.52 -5.64 44.20
CA THR A 5 -12.92 -4.30 44.16
C THR A 5 -11.40 -4.40 44.24
N SER A 6 -10.72 -3.45 43.61
CA SER A 6 -9.26 -3.40 43.60
C SER A 6 -8.77 -2.00 43.96
N ILE A 7 -7.97 -1.42 43.06
CA ILE A 7 -7.42 -0.06 43.15
C ILE A 7 -6.33 0.04 42.09
N ASN A 8 -6.40 1.08 41.25
CA ASN A 8 -5.44 1.24 40.16
C ASN A 8 -4.11 1.89 40.57
N ASN A 9 -3.55 1.42 41.68
CA ASN A 9 -2.26 1.91 42.17
C ASN A 9 -1.09 1.37 41.35
N ASP A 10 -0.35 2.27 40.72
CA ASP A 10 0.78 1.91 39.87
C ASP A 10 2.01 1.50 40.68
N THR A 11 3.13 1.24 39.98
CA THR A 11 4.36 0.79 40.63
C THR A 11 5.65 1.36 40.01
N ARG A 12 5.95 0.95 38.77
CA ARG A 12 7.19 1.33 38.09
C ARG A 12 7.30 2.83 37.81
N VAL A 13 6.15 3.49 37.66
CA VAL A 13 6.09 4.92 37.41
C VAL A 13 6.44 5.73 38.67
N ALA A 14 5.68 5.52 39.73
CA ALA A 14 5.84 6.26 40.99
C ALA A 14 7.06 5.81 41.79
N LEU A 15 8.11 5.40 41.08
CA LEU A 15 9.35 4.93 41.68
C LEU A 15 10.51 5.85 41.29
N ASP A 16 10.36 6.51 40.14
CA ASP A 16 11.36 7.46 39.65
C ASP A 16 11.40 8.72 40.52
N PRO A 17 12.59 9.09 41.01
CA PRO A 17 12.78 10.23 41.92
C PRO A 17 12.53 11.60 41.27
N LYS A 18 12.45 12.64 42.10
CA LYS A 18 12.32 14.03 41.65
C LYS A 18 13.66 14.54 41.10
N PRO A 19 13.62 15.41 40.05
CA PRO A 19 14.84 15.90 39.39
C PRO A 19 15.83 16.69 40.27
N ASN A 20 15.36 17.74 40.94
CA ASN A 20 16.23 18.56 41.80
C ASN A 20 16.80 17.79 42.99
N GLN A 21 16.16 16.66 43.30
CA GLN A 21 16.51 15.83 44.45
C GLN A 21 17.18 14.52 44.03
N ILE A 22 17.12 14.19 42.73
CA ILE A 22 17.79 13.00 42.18
C ILE A 22 19.28 13.02 42.53
N ARG A 23 19.79 14.21 42.81
CA ARG A 23 21.13 14.40 43.37
C ARG A 23 21.41 13.40 44.49
N THR A 24 20.54 13.39 45.50
CA THR A 24 20.76 12.63 46.74
C THR A 24 20.74 11.11 46.59
N ILE A 25 19.63 10.57 46.09
CA ILE A 25 19.36 9.13 46.08
C ILE A 25 20.29 8.26 45.20
N THR A 26 21.54 8.70 45.07
CA THR A 26 22.55 7.98 44.28
C THR A 26 23.95 8.24 44.82
N LYS A 27 24.45 9.47 44.62
CA LYS A 27 25.78 9.87 45.07
C LYS A 27 25.77 10.23 46.57
N PRO A 28 25.10 11.35 46.97
CA PRO A 28 25.02 11.76 48.38
C PRO A 28 24.47 10.70 49.34
N ASN A 29 24.18 9.51 48.84
CA ASN A 29 24.06 8.32 49.69
C ASN A 29 25.42 8.07 50.35
N THR A 30 26.37 8.94 50.00
CA THR A 30 27.72 8.99 50.55
C THR A 30 27.72 9.07 52.08
N VAL A 31 26.87 9.94 52.62
CA VAL A 31 26.87 10.23 54.06
C VAL A 31 26.33 9.12 54.99
N PRO A 32 25.15 8.52 54.69
CA PRO A 32 24.75 7.37 55.51
C PRO A 32 25.48 6.10 55.07
N GLN A 33 25.09 4.94 55.60
CA GLN A 33 25.77 3.69 55.20
C GLN A 33 24.92 2.41 55.22
N LEU A 34 24.08 2.26 54.20
CA LEU A 34 23.39 1.01 53.86
C LEU A 34 22.85 0.21 55.07
N GLY A 35 22.98 -1.11 55.00
CA GLY A 35 22.65 -2.00 56.12
C GLY A 35 21.37 -2.79 55.92
N THR A 36 20.27 -2.07 55.68
CA THR A 36 18.93 -2.67 55.70
C THR A 36 18.38 -2.95 54.30
N ASP A 37 18.51 -1.97 53.40
CA ASP A 37 17.92 -2.05 52.05
C ASP A 37 18.44 -3.23 51.25
N TYR A 38 19.64 -3.08 50.68
CA TYR A 38 20.32 -4.18 50.01
C TYR A 38 20.20 -5.40 50.92
N LEU A 39 19.54 -6.45 50.45
CA LEU A 39 19.42 -7.67 51.23
C LEU A 39 20.39 -8.72 50.70
N TYR A 40 20.88 -9.56 51.60
CA TYR A 40 21.85 -10.57 51.24
C TYR A 40 21.74 -11.79 52.16
N THR A 41 21.29 -12.90 51.58
CA THR A 41 21.33 -14.20 52.26
C THR A 41 22.49 -15.00 51.66
N PHE A 42 22.76 -16.18 52.23
CA PHE A 42 23.93 -16.97 51.84
C PHE A 42 23.75 -18.41 52.33
N ASN A 43 23.15 -19.23 51.48
CA ASN A 43 23.02 -20.67 51.77
C ASN A 43 24.36 -21.35 51.53
N SER A 44 24.62 -22.42 52.27
CA SER A 44 25.88 -23.14 52.18
C SER A 44 25.70 -24.65 52.32
N ARG A 47 28.15 -23.53 48.30
CA ARG A 47 28.46 -22.52 47.31
C ARG A 47 27.19 -21.80 46.85
N SER A 48 26.89 -20.67 47.49
CA SER A 48 25.71 -19.86 47.16
C SER A 48 25.86 -18.43 47.69
N HIS A 49 24.72 -17.74 47.80
CA HIS A 49 24.59 -16.35 48.24
C HIS A 49 23.53 -15.68 47.36
N THR A 50 23.15 -14.45 47.70
CA THR A 50 22.34 -13.62 46.81
C THR A 50 22.27 -12.14 47.23
N LEU A 51 23.32 -11.38 46.92
CA LEU A 51 23.31 -9.94 47.14
C LEU A 51 22.41 -9.29 46.10
N ARG A 52 21.41 -8.53 46.56
CA ARG A 52 20.45 -7.89 45.67
C ARG A 52 19.95 -6.59 46.27
N LEU A 53 20.59 -5.48 45.90
CA LEU A 53 20.16 -4.15 46.32
C LEU A 53 18.80 -3.79 45.71
N LEU A 54 17.97 -3.08 46.46
CA LEU A 54 16.62 -2.75 45.99
C LEU A 54 16.22 -1.27 46.08
N GLY A 55 15.16 -0.94 45.33
CA GLY A 55 14.50 0.37 45.29
C GLY A 55 15.27 1.61 45.73
N PRO A 56 15.62 2.49 44.77
CA PRO A 56 15.37 2.38 43.33
C PRO A 56 16.57 1.81 42.57
N PHE A 57 17.45 1.10 43.27
CA PHE A 57 18.67 0.56 42.64
C PHE A 57 18.47 -0.78 41.92
N GLN A 58 17.26 -1.33 42.04
CA GLN A 58 16.83 -2.46 41.22
C GLN A 58 16.32 -1.91 39.89
N TYR A 59 16.30 -2.78 38.87
CA TYR A 59 15.97 -2.39 37.47
C TYR A 59 17.11 -1.58 36.84
N PHE A 60 18.21 -1.47 37.58
CA PHE A 60 19.41 -0.76 37.14
C PHE A 60 20.43 -1.76 36.60
N ASN A 61 20.95 -1.46 35.41
CA ASN A 61 21.93 -2.34 34.76
C ASN A 61 23.35 -1.78 34.85
N PHE A 62 24.30 -2.65 35.16
CA PHE A 62 25.69 -2.25 35.41
C PHE A 62 26.44 -1.96 34.11
N SER A 63 27.03 -0.77 34.05
CA SER A 63 27.86 -0.36 32.92
C SER A 63 29.14 -1.18 32.88
N GLU A 64 29.43 -1.75 31.70
CA GLU A 64 30.66 -2.52 31.48
C GLU A 64 31.90 -1.70 31.80
N THR A 65 32.99 -2.38 32.15
CA THR A 65 34.26 -1.80 32.65
C THR A 65 34.14 -1.32 34.09
N ASP A 66 33.18 -0.42 34.33
CA ASP A 66 32.85 0.01 35.68
C ASP A 66 31.96 -1.02 36.37
N ARG A 67 31.85 -2.19 35.74
CA ARG A 67 31.34 -3.39 36.38
C ARG A 67 32.52 -4.22 36.89
N GLY A 68 33.72 -3.63 36.78
CA GLY A 68 34.92 -4.15 37.45
C GLY A 68 34.77 -3.85 38.92
N HIS A 69 35.69 -3.06 39.48
CA HIS A 69 35.64 -2.62 40.88
C HIS A 69 35.50 -3.80 41.86
N PRO A 70 36.35 -3.84 42.91
CA PRO A 70 36.43 -4.95 43.88
C PRO A 70 35.12 -5.60 44.31
N LEU A 71 34.01 -4.86 44.30
CA LEU A 71 32.70 -5.39 44.73
C LEU A 71 32.37 -6.69 44.01
N PHE A 72 32.24 -6.63 42.69
CA PHE A 72 31.90 -7.81 41.89
C PHE A 72 33.10 -8.73 41.72
N ARG A 73 34.29 -8.16 41.86
CA ARG A 73 35.54 -8.92 41.87
C ARG A 73 35.57 -9.89 43.04
N LEU A 74 35.02 -9.45 44.18
CA LEU A 74 34.79 -10.32 45.32
C LEU A 74 33.61 -11.22 44.98
N PRO A 75 33.89 -12.43 44.46
CA PRO A 75 32.82 -13.32 44.05
C PRO A 75 32.25 -14.07 45.25
N LEU A 76 33.13 -14.31 46.22
CA LEU A 76 32.85 -14.93 47.51
C LEU A 76 34.08 -15.71 47.95
N LYS A 77 34.55 -16.62 47.09
CA LYS A 77 35.68 -17.52 47.37
C LYS A 77 35.60 -18.15 48.76
N TYR A 78 35.18 -17.34 49.73
CA TYR A 78 35.17 -17.68 51.15
C TYR A 78 33.91 -18.48 51.51
N ILE A 83 32.04 -14.63 53.59
CA ILE A 83 32.08 -13.19 53.39
C ILE A 83 31.98 -12.45 54.73
N PRO A 84 32.83 -11.42 54.94
CA PRO A 84 32.67 -10.61 56.13
C PRO A 84 31.46 -9.67 55.98
N ALA A 85 30.51 -9.80 56.91
CA ALA A 85 29.32 -8.94 56.96
C ALA A 85 29.72 -7.48 57.20
N ASP A 86 31.02 -7.25 57.35
CA ASP A 86 31.60 -5.93 57.51
C ASP A 86 32.29 -5.47 56.22
N GLU A 87 32.77 -6.42 55.42
CA GLU A 87 33.44 -6.09 54.17
C GLU A 87 32.48 -5.51 53.15
N LEU A 88 31.44 -6.26 52.79
CA LEU A 88 30.47 -5.84 51.77
C LEU A 88 29.68 -4.58 52.16
N ILE A 89 29.45 -4.39 53.46
CA ILE A 89 28.75 -3.17 53.94
C ILE A 89 29.60 -1.91 53.72
N ASP A 90 30.92 -2.06 53.86
CA ASP A 90 31.85 -0.97 53.58
C ASP A 90 32.22 -0.93 52.11
N ASN A 91 32.38 -2.10 51.50
CA ASN A 91 32.78 -2.25 50.10
C ASN A 91 31.69 -1.83 49.11
N LEU A 92 30.44 -2.21 49.38
CA LEU A 92 29.31 -1.85 48.51
C LEU A 92 29.14 -0.33 48.48
N HIS A 93 29.36 0.30 49.62
CA HIS A 93 29.36 1.76 49.74
C HIS A 93 30.37 2.40 48.80
N SER A 94 31.58 1.84 48.76
CA SER A 94 32.67 2.35 47.94
C SER A 94 32.29 2.45 46.45
N TRP A 95 31.46 1.52 45.99
CA TRP A 95 30.96 1.54 44.62
C TRP A 95 29.80 2.51 44.44
N MET A 96 28.73 2.30 45.22
CA MET A 96 27.49 3.09 45.12
C MET A 96 27.78 4.59 45.19
N ARG A 97 28.75 4.95 46.02
CA ARG A 97 29.29 6.31 46.07
C ARG A 97 29.52 6.88 44.67
N SER A 98 30.27 6.13 43.86
CA SER A 98 30.74 6.61 42.57
C SER A 98 29.80 6.23 41.44
N VAL A 99 28.56 6.73 41.53
CA VAL A 99 27.61 6.63 40.42
C VAL A 99 26.90 7.97 40.24
N HIS A 100 27.18 8.62 39.11
CA HIS A 100 26.61 9.91 38.80
C HIS A 100 25.92 9.89 37.45
N LEU A 101 24.67 10.34 37.43
CA LEU A 101 23.86 10.34 36.22
C LEU A 101 23.39 11.75 35.86
N LEU A 102 23.76 12.18 34.66
CA LEU A 102 23.46 13.52 34.14
C LEU A 102 22.00 13.93 34.32
N HIS A 103 21.79 15.20 34.69
CA HIS A 103 20.47 15.72 35.01
C HIS A 103 20.44 17.25 35.00
N VAL A 104 19.24 17.82 35.08
CA VAL A 104 19.06 19.26 35.24
C VAL A 104 18.19 19.53 36.46
N ARG A 105 18.64 20.43 37.33
CA ARG A 105 17.86 20.86 38.49
C ARG A 105 16.73 21.77 38.04
N SER A 106 15.51 21.42 38.43
CA SER A 106 14.31 22.16 38.01
C SER A 106 13.67 22.94 39.16
N GLU A 107 12.75 23.83 38.81
CA GLU A 107 12.03 24.65 39.79
C GLU A 107 10.59 24.21 39.96
N ASP A 108 9.95 23.83 38.85
CA ASP A 108 8.55 23.38 38.85
C ASP A 108 8.36 22.13 39.70
N ASN A 109 7.32 22.14 40.53
CA ASN A 109 7.04 21.04 41.45
C ASN A 109 6.34 19.84 40.80
N THR A 110 5.88 20.03 39.56
CA THR A 110 5.18 18.98 38.82
C THR A 110 6.05 18.36 37.73
N LEU A 111 7.26 17.97 38.11
CA LEU A 111 8.18 17.27 37.21
C LEU A 111 8.80 16.07 37.90
N ARG A 112 8.83 14.93 37.20
CA ARG A 112 9.43 13.71 37.72
C ARG A 112 10.57 13.30 36.81
N TYR A 113 11.74 13.05 37.40
CA TYR A 113 12.90 12.60 36.63
C TYR A 113 12.64 11.20 36.08
N ASN A 114 13.09 10.97 34.85
CA ASN A 114 12.94 9.67 34.20
C ASN A 114 14.19 8.81 34.42
N TRP A 115 14.10 7.89 35.38
CA TRP A 115 15.21 7.00 35.72
C TRP A 115 15.49 6.00 34.60
N MET A 116 14.69 4.93 34.57
CA MET A 116 14.82 3.81 33.63
C MET A 116 15.69 4.07 32.39
N LEU A 117 15.18 4.91 31.48
CA LEU A 117 15.84 5.20 30.20
C LEU A 117 17.11 6.05 30.38
N GLY A 118 17.08 6.96 31.34
CA GLY A 118 18.20 7.87 31.59
C GLY A 118 19.48 7.19 32.04
N VAL A 119 19.34 6.25 32.99
CA VAL A 119 20.49 5.51 33.51
C VAL A 119 20.99 4.47 32.50
N TYR A 120 20.13 4.10 31.54
CA TYR A 120 20.50 3.20 30.45
C TYR A 120 21.61 3.79 29.59
N ALA A 121 21.55 5.10 29.38
CA ALA A 121 22.56 5.83 28.60
C ALA A 121 23.92 5.81 29.28
N ARG A 122 23.93 5.93 30.60
CA ARG A 122 25.15 5.91 31.41
C ARG A 122 25.84 4.54 31.36
N SER A 123 25.10 3.52 30.91
CA SER A 123 25.63 2.16 30.82
C SER A 123 26.58 1.97 29.64
N THR A 124 26.07 2.20 28.42
CA THR A 124 26.87 2.04 27.20
C THR A 124 28.09 2.96 27.23
N ASN A 125 27.85 4.23 27.53
CA ASN A 125 28.86 5.30 27.68
C ASN A 125 28.53 6.58 26.93
N TYR A 126 27.27 6.73 26.54
CA TYR A 126 26.80 7.86 25.73
C TYR A 126 27.29 7.76 24.28
N THR A 127 27.60 6.53 23.87
CA THR A 127 28.04 6.23 22.51
C THR A 127 26.84 6.23 21.57
N THR A 128 25.83 5.45 21.92
CA THR A 128 24.55 5.34 21.19
C THR A 128 23.82 6.70 21.13
N PRO A 129 23.11 6.97 20.02
CA PRO A 129 22.39 8.25 19.85
C PRO A 129 21.31 8.53 20.89
N VAL A 130 20.56 7.50 21.30
CA VAL A 130 19.55 7.63 22.36
C VAL A 130 20.21 8.04 23.70
N GLY A 131 21.53 7.86 23.76
CA GLY A 131 22.34 8.32 24.89
C GLY A 131 23.18 9.53 24.55
N GLN A 132 23.38 9.79 23.26
CA GLN A 132 24.10 10.97 22.80
C GLN A 132 23.16 12.16 22.69
N LEU A 133 21.86 11.87 22.68
CA LEU A 133 20.81 12.89 22.70
C LEU A 133 20.64 13.46 24.11
N VAL A 134 20.81 12.61 25.11
CA VAL A 134 20.69 13.00 26.51
C VAL A 134 21.93 13.76 27.03
N VAL A 135 23.04 13.64 26.30
CA VAL A 135 24.28 14.34 26.65
C VAL A 135 24.15 15.84 26.35
N ASN A 136 23.76 16.17 25.12
CA ASN A 136 23.65 17.55 24.67
C ASN A 136 22.63 18.37 25.48
N ALA A 137 21.38 17.91 25.47
CA ALA A 137 20.32 18.54 26.26
C ALA A 137 19.75 17.52 27.25
N PRO A 138 20.31 17.49 28.48
CA PRO A 138 19.88 16.54 29.52
C PRO A 138 18.46 16.81 30.04
N ALA A 139 17.93 17.99 29.74
CA ALA A 139 16.59 18.38 30.18
C ALA A 139 15.46 17.64 29.45
N ILE A 140 15.84 16.70 28.59
CA ILE A 140 14.89 15.89 27.82
C ILE A 140 14.28 14.78 28.71
N LEU A 141 14.87 14.58 29.88
CA LEU A 141 14.44 13.55 30.83
C LEU A 141 13.44 14.04 31.89
N ASN A 142 13.12 15.34 31.86
CA ASN A 142 12.19 15.92 32.83
C ASN A 142 10.74 15.92 32.32
N TYR A 143 10.02 14.83 32.59
CA TYR A 143 8.64 14.71 32.16
C TYR A 143 7.65 15.00 33.29
N SER A 144 6.48 15.51 32.92
CA SER A 144 5.41 15.82 33.87
C SER A 144 4.25 14.84 33.74
N ASN A 145 4.27 14.05 32.66
CA ASN A 145 3.23 13.09 32.36
C ASN A 145 3.84 11.87 31.66
N PRO A 146 3.59 10.66 32.20
CA PRO A 146 4.07 9.41 31.59
C PRO A 146 3.66 9.29 30.12
N GLN A 147 4.42 8.51 29.35
CA GLN A 147 4.25 8.38 27.89
C GLN A 147 4.87 9.56 27.15
N ASP A 148 4.51 10.78 27.56
CA ASP A 148 5.12 12.01 27.02
C ASP A 148 6.63 12.03 27.25
N ALA A 149 7.09 11.24 28.22
CA ALA A 149 8.50 11.04 28.50
C ALA A 149 9.21 10.44 27.30
N PHE A 150 8.67 9.33 26.79
CA PHE A 150 9.25 8.60 25.68
C PHE A 150 8.98 9.27 24.33
N ASN A 151 7.74 9.75 24.13
CA ASN A 151 7.33 10.40 22.89
C ASN A 151 8.37 11.37 22.33
N SER A 152 8.97 12.17 23.22
CA SER A 152 9.97 13.15 22.85
C SER A 152 11.27 12.52 22.34
N VAL A 153 11.64 11.38 22.92
CA VAL A 153 12.86 10.65 22.53
C VAL A 153 12.60 9.77 21.29
N PHE A 154 11.56 10.12 20.54
CA PHE A 154 11.25 9.46 19.26
C PHE A 154 11.15 10.50 18.15
N VAL A 155 10.34 11.54 18.39
CA VAL A 155 10.14 12.63 17.44
C VAL A 155 11.48 13.31 17.11
N ALA A 156 12.37 13.36 18.09
CA ALA A 156 13.69 13.94 17.91
C ALA A 156 14.75 12.88 17.56
N LEU A 157 14.33 11.82 16.86
CA LEU A 157 15.24 10.78 16.38
C LEU A 157 14.81 10.17 15.05
N GLY A 158 13.51 10.20 14.77
CA GLY A 158 12.95 9.55 13.58
C GLY A 158 12.92 8.04 13.75
N ILE A 159 13.43 7.57 14.88
CA ILE A 159 13.45 6.15 15.23
C ILE A 159 12.05 5.66 15.56
N ASP A 160 11.81 4.36 15.38
CA ASP A 160 10.49 3.78 15.60
C ASP A 160 10.36 3.02 16.91
N TYR A 161 11.49 2.60 17.47
CA TYR A 161 11.51 1.81 18.72
C TYR A 161 12.91 1.70 19.33
N ILE A 162 12.99 1.97 20.64
CA ILE A 162 14.21 1.76 21.40
C ILE A 162 14.10 0.41 22.12
N ASP A 163 15.21 -0.29 22.28
CA ASP A 163 15.23 -1.56 22.99
C ASP A 163 16.27 -1.60 24.12
N ILE A 164 15.77 -1.85 25.34
CA ILE A 164 16.61 -1.88 26.54
C ILE A 164 16.83 -3.32 27.02
N PRO A 165 18.10 -3.69 27.30
CA PRO A 165 18.40 -5.00 27.87
C PRO A 165 18.19 -5.05 29.39
N ILE A 166 17.40 -6.02 29.84
CA ILE A 166 17.15 -6.22 31.27
C ILE A 166 18.24 -7.10 31.87
N THR A 167 18.70 -6.73 33.07
CA THR A 167 19.72 -7.50 33.77
C THR A 167 19.10 -8.50 34.76
N ASN A 168 19.76 -9.64 34.94
CA ASN A 168 19.32 -10.67 35.88
C ASN A 168 19.33 -10.17 37.33
N SER A 169 18.45 -10.74 38.15
CA SER A 169 18.18 -10.24 39.51
C SER A 169 19.42 -10.00 40.38
N ASN A 170 20.29 -11.01 40.48
CA ASN A 170 21.49 -10.92 41.31
C ASN A 170 22.53 -9.94 40.75
N ILE A 171 23.53 -9.63 41.57
CA ILE A 171 24.59 -8.71 41.20
C ILE A 171 25.84 -9.48 40.75
N PHE A 172 26.10 -10.61 41.42
CA PHE A 172 27.29 -11.43 41.13
C PHE A 172 27.04 -12.50 40.06
N ASP A 173 25.78 -12.70 39.70
CA ASP A 173 25.41 -13.65 38.64
C ASP A 173 25.64 -13.01 37.26
N ASP A 174 26.90 -12.67 36.99
CA ASP A 174 27.28 -11.96 35.78
C ASP A 174 27.26 -12.88 34.54
N SER A 175 26.06 -13.31 34.17
CA SER A 175 25.86 -14.14 32.98
C SER A 175 25.11 -13.34 31.91
N SER A 176 24.76 -14.03 30.82
CA SER A 176 24.00 -13.41 29.73
C SER A 176 22.51 -13.38 30.04
N THR A 177 21.86 -12.30 29.61
CA THR A 177 20.43 -12.07 29.86
C THR A 177 19.52 -13.02 29.07
N PRO A 178 18.42 -13.50 29.69
CA PRO A 178 17.46 -14.40 29.02
C PRO A 178 16.68 -13.71 27.90
N TYR A 179 16.17 -12.51 28.17
CA TYR A 179 15.35 -11.78 27.19
C TYR A 179 15.66 -10.28 27.18
N ASN A 180 15.18 -9.58 26.15
CA ASN A 180 15.30 -8.12 26.07
C ASN A 180 13.98 -7.44 25.73
N VAL A 181 13.65 -6.40 26.51
CA VAL A 181 12.38 -5.67 26.35
C VAL A 181 12.51 -4.50 25.38
N ARG A 182 11.41 -4.18 24.71
CA ARG A 182 11.40 -3.21 23.60
C ARG A 182 10.26 -2.21 23.75
N ILE A 183 10.54 -0.92 23.52
CA ILE A 183 9.55 0.13 23.66
C ILE A 183 9.23 0.82 22.32
N TRP A 184 8.01 0.63 21.83
CA TRP A 184 7.57 1.22 20.57
C TRP A 184 6.93 2.60 20.80
N HIS A 185 7.09 3.48 19.83
CA HIS A 185 6.36 4.74 19.80
C HIS A 185 4.92 4.47 19.36
N ALA A 186 3.97 4.74 20.26
CA ALA A 186 2.56 4.49 20.01
C ALA A 186 1.68 5.39 20.89
N PRO A 187 1.06 6.42 20.30
CA PRO A 187 0.20 7.31 21.08
C PRO A 187 -1.27 6.87 21.16
N THR A 188 -1.98 6.89 20.03
CA THR A 188 -3.42 6.60 19.98
C THR A 188 -3.73 5.10 20.08
N MET A 189 -5.03 4.76 20.11
CA MET A 189 -5.48 3.37 20.19
C MET A 189 -5.34 2.65 18.85
N THR A 190 -5.81 3.28 17.78
CA THR A 190 -5.68 2.71 16.42
C THR A 190 -4.22 2.47 16.04
N GLU A 191 -3.31 2.91 16.91
CA GLU A 191 -1.88 2.65 16.75
C GLU A 191 -1.51 1.26 17.26
N VAL A 192 -1.87 0.97 18.51
CA VAL A 192 -1.59 -0.33 19.14
C VAL A 192 -1.94 -1.51 18.24
N ASN A 193 -3.11 -1.44 17.62
CA ASN A 193 -3.62 -2.47 16.70
C ASN A 193 -2.68 -2.77 15.53
N HIS A 194 -1.86 -1.79 15.16
CA HIS A 194 -0.92 -1.92 14.05
C HIS A 194 0.32 -2.71 14.45
N ILE A 195 0.93 -2.34 15.57
CA ILE A 195 2.15 -2.98 16.07
C ILE A 195 1.87 -4.43 16.48
N LEU A 196 0.71 -4.68 17.09
CA LEU A 196 0.33 -6.02 17.53
C LEU A 196 0.00 -6.97 16.38
N ALA A 197 -0.49 -6.42 15.28
CA ALA A 197 -0.80 -7.21 14.07
C ALA A 197 0.46 -7.47 13.25
N LEU A 198 1.27 -6.43 13.06
CA LEU A 198 2.57 -6.56 12.40
C LEU A 198 3.52 -7.43 13.22
N MET A 199 3.18 -7.61 14.49
CA MET A 199 3.99 -8.41 15.43
C MET A 199 3.93 -9.90 15.17
N ARG A 200 2.94 -10.34 14.41
CA ARG A 200 2.89 -11.72 13.92
C ARG A 200 4.08 -11.94 12.98
N LYS A 201 4.23 -13.18 12.49
CA LYS A 201 5.36 -13.57 11.62
C LYS A 201 6.71 -13.00 12.06
N SER A 202 7.03 -13.17 13.34
CA SER A 202 8.28 -12.66 13.92
C SER A 202 8.73 -13.45 15.14
N THR A 203 9.65 -14.39 14.91
CA THR A 203 10.26 -15.25 15.95
C THR A 203 9.35 -15.57 17.16
N LEU A 204 9.74 -15.13 18.35
CA LEU A 204 8.99 -15.38 19.57
C LEU A 204 8.91 -14.17 20.48
N VAL A 205 7.72 -13.58 20.57
CA VAL A 205 7.51 -12.32 21.30
C VAL A 205 6.30 -12.39 22.25
N SER A 206 6.34 -11.59 23.32
CA SER A 206 5.29 -11.58 24.32
C SER A 206 4.95 -10.18 24.84
N THR A 207 3.66 -9.96 25.04
CA THR A 207 3.13 -8.75 25.68
C THR A 207 2.25 -9.24 26.83
N HIS A 208 1.80 -8.35 27.72
CA HIS A 208 0.84 -8.79 28.75
C HIS A 208 -0.22 -7.82 29.27
N SER A 209 -1.44 -8.03 28.76
CA SER A 209 -2.68 -7.37 29.22
C SER A 209 -2.65 -5.85 29.17
N SER A 210 -2.05 -5.23 30.18
CA SER A 210 -1.93 -3.78 30.26
C SER A 210 -0.48 -3.37 30.02
N TRP A 211 -0.15 -2.13 30.42
CA TRP A 211 1.21 -1.60 30.26
C TRP A 211 1.57 -0.66 31.42
N HIS A 212 2.87 -0.39 31.58
CA HIS A 212 3.38 0.47 32.66
C HIS A 212 3.05 1.95 32.41
N TRP A 213 4.07 2.72 32.03
CA TRP A 213 3.83 4.04 31.43
C TRP A 213 3.01 3.73 30.18
N ASN A 214 2.02 4.55 29.89
CA ASN A 214 1.08 4.26 28.79
C ASN A 214 1.75 4.22 27.41
N VAL A 215 2.64 3.25 27.24
CA VAL A 215 3.35 2.99 25.99
C VAL A 215 3.61 1.50 25.88
N LEU A 216 3.15 0.89 24.79
CA LEU A 216 3.26 -0.56 24.61
C LEU A 216 4.71 -1.03 24.52
N HIS A 217 5.03 -2.09 25.25
CA HIS A 217 6.37 -2.67 25.24
C HIS A 217 6.35 -4.18 25.28
N THR A 218 6.98 -4.80 24.28
CA THR A 218 6.99 -6.25 24.12
C THR A 218 8.32 -6.86 24.54
N PHE A 219 8.31 -8.17 24.78
CA PHE A 219 9.49 -8.93 25.20
C PHE A 219 10.07 -9.69 24.03
N HIS A 220 11.38 -9.93 24.07
CA HIS A 220 12.07 -10.68 23.01
C HIS A 220 13.01 -11.72 23.60
N TYR A 221 12.70 -12.98 23.37
CA TYR A 221 13.42 -14.10 23.98
C TYR A 221 14.60 -14.56 23.12
N ARG A 222 15.65 -15.03 23.78
CA ARG A 222 16.89 -15.42 23.11
C ARG A 222 16.76 -16.77 22.40
N SER A 223 16.63 -17.82 23.20
CA SER A 223 16.43 -19.18 22.69
C SER A 223 15.12 -19.72 23.25
N GLU A 224 14.33 -20.38 22.39
CA GLU A 224 13.02 -20.91 22.76
C GLU A 224 12.96 -21.43 24.19
N SER A 225 13.84 -22.39 24.51
CA SER A 225 13.90 -23.02 25.83
C SER A 225 13.82 -22.01 26.99
N ASP A 226 14.48 -20.86 26.82
CA ASP A 226 14.47 -19.81 27.83
C ASP A 226 13.24 -18.89 27.70
N MET A 227 12.11 -19.48 27.30
CA MET A 227 10.82 -18.78 27.24
C MET A 227 9.88 -19.36 28.30
N ILE A 228 9.69 -20.68 28.25
CA ILE A 228 8.80 -21.41 29.15
C ILE A 228 9.12 -21.21 30.64
N ASP A 229 10.39 -20.92 30.93
CA ASP A 229 10.83 -20.67 32.31
C ASP A 229 10.52 -19.26 32.82
N HIS A 230 10.27 -18.34 31.89
CA HIS A 230 9.79 -17.00 32.25
C HIS A 230 8.27 -16.94 32.17
N PHE A 231 7.71 -17.61 31.16
CA PHE A 231 6.28 -17.66 30.93
C PHE A 231 5.54 -18.33 32.09
N ALA A 232 6.26 -19.19 32.82
CA ALA A 232 5.71 -19.89 33.98
C ALA A 232 5.91 -19.11 35.28
N ALA A 233 7.01 -18.36 35.37
CA ALA A 233 7.30 -17.53 36.54
C ALA A 233 6.23 -16.45 36.75
N LYS A 234 5.50 -16.13 35.68
CA LYS A 234 4.44 -15.15 35.72
C LYS A 234 3.06 -15.77 35.93
N ILE A 235 2.78 -16.88 35.23
CA ILE A 235 1.53 -17.62 35.37
C ILE A 235 1.33 -18.07 36.82
N LEU A 236 2.44 -18.19 37.55
CA LEU A 236 2.44 -18.56 38.95
C LEU A 236 1.98 -17.41 39.84
N GLU A 237 2.58 -16.23 39.66
CA GLU A 237 2.25 -15.06 40.48
C GLU A 237 0.88 -14.44 40.12
N ASP A 238 0.18 -15.06 39.18
CA ASP A 238 -1.15 -14.59 38.79
C ASP A 238 -2.29 -15.49 39.30
N TRP A 239 -1.97 -16.76 39.55
CA TRP A 239 -2.90 -17.67 40.23
C TRP A 239 -3.11 -17.21 41.67
N ARG A 240 -2.25 -16.29 42.10
CA ARG A 240 -2.29 -15.70 43.44
C ARG A 240 -3.14 -14.44 43.51
N GLN A 241 -2.95 -13.54 42.54
CA GLN A 241 -3.72 -12.31 42.48
C GLN A 241 -5.22 -12.59 42.34
N LYS A 242 -5.54 -13.76 41.79
CA LYS A 242 -6.92 -14.21 41.65
C LYS A 242 -7.39 -15.09 42.82
N GLU A 243 -6.55 -15.20 43.86
CA GLU A 243 -6.94 -15.87 45.09
C GLU A 243 -7.63 -14.86 46.02
N LYS A 244 -7.07 -13.65 46.06
CA LYS A 244 -7.59 -12.57 46.90
C LYS A 244 -8.79 -11.89 46.24
N LEU A 245 -8.73 -11.72 44.93
CA LEU A 245 -9.82 -11.15 44.15
C LEU A 245 -11.00 -12.12 44.05
N ASP A 246 -10.81 -13.35 44.51
CA ASP A 246 -11.87 -14.35 44.55
C ASP A 246 -12.59 -14.32 45.90
N LYS A 247 -11.87 -13.92 46.94
CA LYS A 247 -12.41 -13.82 48.29
C LYS A 247 -12.87 -12.40 48.62
N GLY A 248 -12.42 -11.43 47.81
CA GLY A 248 -12.77 -10.03 48.00
C GLY A 248 -11.86 -9.33 48.99
N ALA A 249 -10.89 -8.57 48.44
CA ALA A 249 -9.94 -7.80 49.23
C ALA A 249 -9.28 -6.73 48.36
N LEU A 250 -9.07 -5.55 48.93
CA LEU A 250 -8.46 -4.42 48.22
C LEU A 250 -7.01 -4.73 47.83
N VAL A 251 -6.82 -5.28 46.63
CA VAL A 251 -5.49 -5.63 46.15
C VAL A 251 -4.76 -4.40 45.60
N GLU A 252 -3.53 -4.20 46.05
CA GLU A 252 -2.74 -3.04 45.68
C GLU A 252 -2.14 -3.13 44.27
N ALA A 253 -1.51 -4.28 43.98
CA ALA A 253 -0.79 -4.51 42.73
C ALA A 253 -1.62 -4.24 41.47
N ASP A 254 -0.96 -3.77 40.41
CA ASP A 254 -1.66 -3.38 39.18
C ASP A 254 -1.23 -4.09 37.90
N ARG A 255 -2.26 -4.58 37.19
CA ARG A 255 -2.17 -5.19 35.87
C ARG A 255 -3.49 -5.93 35.65
N VAL A 256 -4.17 -6.22 36.76
CA VAL A 256 -5.44 -6.97 36.80
C VAL A 256 -5.23 -8.46 36.47
N ILE A 257 -4.61 -8.72 35.32
CA ILE A 257 -4.28 -10.08 34.89
C ILE A 257 -2.80 -10.14 34.53
N GLN A 258 -2.01 -10.79 35.39
CA GLN A 258 -0.56 -10.87 35.20
C GLN A 258 -0.16 -11.81 34.07
N ARG A 259 -0.95 -12.87 33.87
CA ARG A 259 -0.68 -13.89 32.84
C ARG A 259 -0.21 -13.27 31.54
N LEU A 260 0.96 -13.70 31.07
CA LEU A 260 1.52 -13.25 29.81
C LEU A 260 0.70 -13.72 28.61
N ILE A 261 0.85 -13.04 27.49
CA ILE A 261 0.19 -13.43 26.25
C ILE A 261 1.21 -13.80 25.19
N PRO A 262 1.12 -15.04 24.67
CA PRO A 262 2.05 -15.47 23.64
C PRO A 262 1.59 -15.01 22.26
N LEU A 263 2.28 -13.99 21.72
CA LEU A 263 2.13 -13.62 20.32
C LEU A 263 2.83 -14.70 19.49
N SER A 264 3.63 -14.31 18.50
CA SER A 264 4.41 -15.29 17.76
C SER A 264 5.20 -16.14 18.76
N SER A 265 4.91 -17.44 18.77
CA SER A 265 5.49 -18.35 19.77
C SER A 265 5.62 -19.79 19.24
N SER A 266 6.27 -20.64 20.04
CA SER A 266 6.50 -22.04 19.67
C SER A 266 5.25 -22.91 19.87
N THR A 267 5.44 -24.10 20.43
CA THR A 267 4.33 -25.07 20.58
C THR A 267 4.03 -25.49 22.02
N TYR A 268 5.07 -25.52 22.87
CA TYR A 268 4.92 -25.85 24.28
C TYR A 268 4.14 -24.78 25.02
N VAL A 269 4.46 -23.52 24.73
CA VAL A 269 3.80 -22.36 25.32
C VAL A 269 2.30 -22.32 25.06
N GLN A 270 1.86 -23.00 24.02
CA GLN A 270 0.42 -23.17 23.73
C GLN A 270 -0.25 -24.03 24.79
N ARG A 271 0.23 -25.27 24.91
CA ARG A 271 -0.25 -26.22 25.92
C ARG A 271 -0.06 -25.65 27.33
N LEU A 272 0.88 -24.71 27.46
CA LEU A 272 1.16 -24.04 28.73
C LEU A 272 0.32 -22.77 28.96
N ALA A 273 -0.15 -22.16 27.87
CA ALA A 273 -0.97 -20.95 27.96
C ALA A 273 -2.40 -21.26 28.40
N ALA A 274 -2.98 -22.31 27.82
CA ALA A 274 -4.35 -22.72 28.08
C ALA A 274 -4.55 -23.25 29.49
N ILE A 275 -3.63 -24.10 29.95
CA ILE A 275 -3.69 -24.70 31.29
C ILE A 275 -3.74 -23.63 32.39
N GLY A 276 -3.04 -22.52 32.16
CA GLY A 276 -2.99 -21.42 33.13
C GLY A 276 -4.21 -20.52 33.09
N ALA A 277 -4.76 -20.33 31.89
CA ALA A 277 -5.90 -19.43 31.68
C ALA A 277 -7.14 -19.77 32.50
N LEU A 278 -7.45 -21.06 32.61
CA LEU A 278 -8.67 -21.53 33.29
C LEU A 278 -8.47 -21.93 34.76
N TYR A 279 -7.51 -21.29 35.42
CA TYR A 279 -7.23 -21.45 36.86
C TYR A 279 -7.61 -22.81 37.48
N PRO A 280 -6.69 -23.80 37.39
CA PRO A 280 -6.93 -25.16 37.89
C PRO A 280 -6.49 -25.42 39.33
N ASN A 281 -5.47 -24.70 39.81
CA ASN A 281 -4.90 -24.90 41.15
C ASN A 281 -5.85 -24.51 42.28
N GLU A 282 -5.56 -24.99 43.48
CA GLU A 282 -6.35 -24.66 44.66
C GLU A 282 -5.48 -24.36 45.89
N PHE A 283 -5.48 -23.10 46.29
CA PHE A 283 -4.83 -22.62 47.53
C PHE A 283 -3.33 -22.92 47.66
N THR A 284 -3.00 -23.99 48.39
CA THR A 284 -1.62 -24.43 48.68
C THR A 284 -0.95 -23.66 49.84
N GLU A 285 0.01 -22.79 49.50
CA GLU A 285 0.79 -22.00 50.48
C GLU A 285 1.79 -22.84 51.29
N ASN A 286 2.56 -23.68 50.60
CA ASN A 286 3.59 -24.50 51.24
C ASN A 286 4.99 -24.18 50.71
N VAL A 287 5.34 -22.89 50.73
CA VAL A 287 6.61 -22.39 50.17
C VAL A 287 6.86 -22.99 48.79
N LEU A 288 5.97 -22.66 47.84
CA LEU A 288 6.03 -23.17 46.47
C LEU A 288 7.43 -23.00 45.89
N ASP A 289 8.03 -24.11 45.49
CA ASP A 289 9.39 -24.11 44.95
C ASP A 289 9.48 -23.22 43.71
N LEU A 290 10.33 -22.20 43.81
CA LEU A 290 10.49 -21.21 42.75
C LEU A 290 11.31 -21.77 41.59
N SER A 291 12.39 -22.47 41.92
CA SER A 291 13.19 -23.18 40.93
C SER A 291 12.50 -24.49 40.56
N ARG A 292 12.58 -24.85 39.28
CA ARG A 292 11.99 -26.09 38.74
C ARG A 292 10.45 -26.07 38.72
N LEU A 293 9.88 -24.91 39.05
CA LEU A 293 8.43 -24.69 39.00
C LEU A 293 7.92 -24.86 37.57
N SER A 294 8.76 -24.51 36.61
CA SER A 294 8.47 -24.63 35.18
C SER A 294 7.90 -25.99 34.78
N THR A 295 8.71 -27.05 34.96
CA THR A 295 8.34 -28.40 34.54
C THR A 295 7.21 -29.01 35.39
N ALA A 296 7.24 -28.75 36.70
CA ALA A 296 6.22 -29.25 37.63
C ALA A 296 4.83 -28.69 37.30
N LEU A 297 4.81 -27.52 36.66
CA LEU A 297 3.58 -26.90 36.18
C LEU A 297 3.17 -27.51 34.83
N LEU A 298 4.16 -27.77 33.98
CA LEU A 298 3.93 -28.33 32.65
C LEU A 298 3.49 -29.80 32.69
N GLN A 299 3.87 -30.48 33.76
CA GLN A 299 3.42 -31.86 34.02
C GLN A 299 1.93 -31.88 34.39
N LEU A 300 1.53 -30.92 35.20
CA LEU A 300 0.14 -30.74 35.62
C LEU A 300 -0.77 -30.45 34.42
N SER A 301 -0.20 -29.79 33.41
CA SER A 301 -0.91 -29.44 32.18
C SER A 301 -1.45 -30.68 31.46
N ASP A 302 -0.60 -31.70 31.32
CA ASP A 302 -0.93 -32.93 30.60
C ASP A 302 -2.04 -33.71 31.29
N THR A 303 -1.87 -33.98 32.59
CA THR A 303 -2.80 -34.80 33.37
C THR A 303 -4.19 -34.17 33.54
N TYR A 304 -4.27 -32.85 33.43
CA TYR A 304 -5.55 -32.14 33.43
C TYR A 304 -6.36 -32.51 32.18
N TYR A 305 -5.65 -32.74 31.08
CA TYR A 305 -6.27 -33.13 29.81
C TYR A 305 -6.76 -34.58 29.84
N GLN A 306 -6.06 -35.43 30.57
CA GLN A 306 -6.43 -36.85 30.68
C GLN A 306 -7.59 -37.05 31.66
N HIS A 307 -8.57 -36.16 31.57
CA HIS A 307 -9.74 -36.15 32.46
C HIS A 307 -10.90 -35.36 31.89
N ALA A 308 -10.62 -34.55 30.89
CA ALA A 308 -11.58 -33.63 30.32
C ALA A 308 -12.80 -34.33 29.72
N ASN A 309 -13.93 -34.19 30.42
CA ASN A 309 -15.18 -34.84 30.05
C ASN A 309 -15.87 -34.21 28.83
N ASP A 310 -15.28 -34.41 27.65
CA ASP A 310 -15.78 -33.86 26.38
C ASP A 310 -15.86 -32.32 26.38
N GLN A 311 -16.77 -31.78 27.19
CA GLN A 311 -17.00 -30.33 27.29
C GLN A 311 -15.75 -29.55 27.69
N LEU A 312 -15.07 -30.04 28.74
CA LEU A 312 -13.81 -29.44 29.19
C LEU A 312 -12.72 -29.58 28.13
N ARG A 313 -12.68 -30.78 27.52
CA ARG A 313 -11.74 -31.11 26.45
C ARG A 313 -11.89 -30.17 25.27
N ARG A 314 -13.13 -29.93 24.88
CA ARG A 314 -13.49 -29.05 23.77
C ARG A 314 -12.82 -27.68 23.90
N LEU A 315 -12.88 -27.10 25.09
CA LEU A 315 -12.32 -25.77 25.35
C LEU A 315 -10.80 -25.74 25.38
N TYR A 316 -10.21 -26.67 26.15
CA TYR A 316 -8.75 -26.75 26.30
C TYR A 316 -8.05 -27.04 24.97
N ARG A 317 -8.75 -27.72 24.06
CA ARG A 317 -8.24 -28.03 22.73
C ARG A 317 -8.40 -26.84 21.78
N ARG A 318 -9.24 -25.88 22.17
CA ARG A 318 -9.46 -24.66 21.40
C ARG A 318 -8.43 -23.58 21.73
N MET A 319 -8.25 -23.32 23.02
CA MET A 319 -7.28 -22.33 23.51
C MET A 319 -5.85 -22.73 23.17
N TYR A 320 -5.62 -24.03 23.04
CA TYR A 320 -4.39 -24.62 22.53
C TYR A 320 -4.23 -24.21 21.06
N ASN A 321 -5.29 -24.45 20.28
CA ASN A 321 -5.30 -24.19 18.84
C ASN A 321 -5.36 -22.69 18.48
N ASP A 322 -5.86 -21.88 19.42
CA ASP A 322 -5.96 -20.43 19.24
C ASP A 322 -4.74 -19.70 19.80
N SER A 323 -4.66 -19.61 21.13
CA SER A 323 -3.52 -19.05 21.87
C SER A 323 -3.15 -17.60 21.56
N ARG A 324 -4.13 -16.76 21.24
CA ARG A 324 -3.84 -15.37 20.88
C ARG A 324 -4.71 -14.33 21.59
N THR A 325 -5.74 -14.78 22.29
CA THR A 325 -6.61 -13.89 23.05
C THR A 325 -6.62 -14.30 24.52
N LEU A 326 -6.55 -13.31 25.41
CA LEU A 326 -6.63 -13.57 26.85
C LEU A 326 -8.06 -13.86 27.28
N TYR A 327 -8.25 -14.90 28.07
CA TYR A 327 -9.58 -15.35 28.46
C TYR A 327 -9.96 -14.88 29.87
N MET A 328 -10.45 -13.65 29.95
CA MET A 328 -10.97 -13.08 31.19
C MET A 328 -12.28 -13.78 31.55
N THR A 329 -12.59 -13.85 32.85
CA THR A 329 -13.82 -14.49 33.31
C THR A 329 -14.88 -13.49 33.82
N GLN A 330 -15.81 -13.14 32.93
CA GLN A 330 -16.92 -12.20 33.21
C GLN A 330 -16.63 -11.07 34.20
N ARG A 331 -16.65 -11.39 35.49
CA ARG A 331 -16.39 -10.42 36.57
C ARG A 331 -14.97 -9.88 36.50
N HIS A 332 -14.07 -10.70 35.94
CA HIS A 332 -12.68 -10.32 35.71
C HIS A 332 -12.59 -9.23 34.66
N GLN A 333 -13.40 -9.37 33.62
CA GLN A 333 -13.48 -8.40 32.53
C GLN A 333 -14.01 -7.06 33.01
N GLU A 334 -15.00 -7.11 33.91
CA GLU A 334 -15.66 -5.89 34.40
C GLU A 334 -14.68 -4.89 35.03
N LEU A 335 -13.65 -5.40 35.71
CA LEU A 335 -12.66 -4.56 36.37
C LEU A 335 -12.02 -3.53 35.44
N LEU A 336 -11.76 -3.93 34.20
CA LEU A 336 -11.23 -3.04 33.18
C LEU A 336 -12.27 -2.01 32.75
N LEU A 337 -13.51 -2.46 32.63
CA LEU A 337 -14.64 -1.61 32.22
C LEU A 337 -14.95 -0.52 33.26
N ALA A 338 -14.70 -0.85 34.54
CA ALA A 338 -14.90 0.08 35.64
C ALA A 338 -13.77 1.10 35.76
N GLN A 339 -12.63 0.81 35.11
CA GLN A 339 -11.49 1.72 35.12
C GLN A 339 -11.24 2.42 33.78
N ILE A 340 -11.78 1.86 32.70
CA ILE A 340 -11.69 2.49 31.37
C ILE A 340 -12.59 3.74 31.30
N THR A 341 -13.72 3.70 32.00
CA THR A 341 -14.62 4.85 32.10
C THR A 341 -14.13 5.81 33.17
N ALA A 342 -13.35 5.29 34.12
CA ALA A 342 -12.72 6.09 35.16
C ALA A 342 -11.61 6.99 34.61
N ASP A 343 -11.19 6.71 33.39
CA ASP A 343 -10.21 7.52 32.66
C ASP A 343 -10.16 7.11 31.19
N PRO A 344 -10.68 7.97 30.28
CA PRO A 344 -10.55 7.73 28.85
C PRO A 344 -9.10 7.93 28.40
N ASN A 345 -8.74 7.34 27.26
CA ASN A 345 -7.36 7.40 26.75
C ASN A 345 -6.38 6.62 27.63
N ILE A 346 -6.39 5.30 27.44
CA ILE A 346 -5.50 4.36 28.14
C ILE A 346 -5.55 3.02 27.40
N LEU A 347 -4.38 2.45 27.12
CA LEU A 347 -4.26 1.31 26.21
C LEU A 347 -4.50 -0.03 26.88
N LEU A 348 -5.26 -0.89 26.20
CA LEU A 348 -5.54 -2.26 26.65
C LEU A 348 -5.44 -3.22 25.46
N TYR A 349 -4.96 -4.44 25.74
CA TYR A 349 -4.88 -5.50 24.73
C TYR A 349 -6.26 -5.69 24.08
N PRO A 350 -6.36 -5.41 22.77
CA PRO A 350 -7.66 -5.34 22.07
C PRO A 350 -8.41 -6.65 21.94
N TYR A 351 -7.71 -7.74 21.61
CA TYR A 351 -8.35 -9.01 21.35
C TYR A 351 -8.72 -9.76 22.64
N THR A 352 -10.01 -9.73 22.96
CA THR A 352 -10.52 -10.33 24.19
C THR A 352 -11.73 -11.25 23.97
N TYR A 353 -11.76 -12.34 24.73
CA TYR A 353 -12.86 -13.30 24.76
C TYR A 353 -13.34 -13.36 26.20
N ILE A 354 -14.65 -13.53 26.40
CA ILE A 354 -15.24 -13.52 27.74
C ILE A 354 -15.94 -14.84 28.10
N PHE A 355 -15.70 -15.32 29.33
CA PHE A 355 -16.33 -16.52 29.86
C PHE A 355 -17.68 -16.24 30.53
N THR A 356 -18.27 -17.28 31.11
CA THR A 356 -19.50 -17.22 31.90
C THR A 356 -19.47 -18.38 32.89
N THR A 357 -20.06 -19.51 32.49
CA THR A 357 -19.81 -20.79 33.15
C THR A 357 -18.51 -21.33 32.55
N ILE A 358 -17.54 -21.64 33.40
CA ILE A 358 -16.18 -21.99 32.93
C ILE A 358 -16.16 -23.19 31.96
N PRO A 359 -16.65 -24.38 32.39
CA PRO A 359 -17.10 -24.78 33.72
C PRO A 359 -15.96 -25.33 34.57
N THR A 360 -16.16 -25.41 35.88
CA THR A 360 -15.13 -25.90 36.80
C THR A 360 -15.35 -27.37 37.20
N SER A 361 -14.25 -28.10 37.36
CA SER A 361 -14.27 -29.50 37.78
C SER A 361 -12.93 -29.90 38.39
N MET A 362 -12.96 -30.44 39.61
CA MET A 362 -11.76 -30.80 40.38
C MET A 362 -10.85 -29.59 40.60
N ASN A 363 -9.68 -29.79 41.21
CA ASN A 363 -8.76 -28.66 41.51
C ASN A 363 -7.29 -28.96 41.83
N TYR A 364 -6.90 -30.24 41.77
CA TYR A 364 -5.50 -30.68 41.96
C TYR A 364 -4.69 -29.97 43.05
N ILE A 365 -4.60 -30.60 44.21
CA ILE A 365 -3.82 -30.05 45.34
C ILE A 365 -2.34 -30.37 45.18
N SER A 366 -1.62 -29.43 44.57
CA SER A 366 -0.18 -29.55 44.38
C SER A 366 0.58 -28.76 45.43
N ASN A 367 1.78 -29.24 45.76
CA ASN A 367 2.74 -28.52 46.60
C ASN A 367 4.10 -29.22 46.57
N THR A 368 5.04 -28.64 45.82
CA THR A 368 6.37 -29.22 45.67
C THR A 368 7.27 -28.92 46.89
N GLY A 369 6.74 -29.23 48.07
CA GLY A 369 7.48 -29.08 49.32
C GLY A 369 8.08 -30.41 49.76
N GLN A 370 8.48 -30.48 51.02
CA GLN A 370 9.10 -31.69 51.57
C GLN A 370 8.19 -32.42 52.55
N GLY A 371 8.35 -33.74 52.61
CA GLY A 371 7.58 -34.58 53.53
C GLY A 371 6.81 -35.69 52.85
N ARG A 372 6.87 -36.88 53.44
CA ARG A 372 6.11 -38.03 52.97
C ARG A 372 4.67 -37.93 53.47
N ILE A 373 3.73 -37.98 52.53
CA ILE A 373 2.31 -37.83 52.87
C ILE A 373 1.67 -39.14 53.31
N LYS A 374 1.07 -39.11 54.49
CA LYS A 374 0.34 -40.26 55.06
C LYS A 374 -1.13 -40.16 54.69
N HIS A 375 -1.75 -41.32 54.42
CA HIS A 375 -3.13 -41.38 53.97
C HIS A 375 -4.01 -42.19 54.92
N SER A 376 -5.33 -42.12 54.70
CA SER A 376 -6.30 -42.87 55.48
C SER A 376 -7.47 -43.29 54.60
N LEU A 377 -7.22 -44.30 53.77
CA LEU A 377 -8.17 -44.83 52.82
C LEU A 377 -9.45 -45.30 53.51
N THR A 378 -10.59 -44.73 53.10
CA THR A 378 -11.88 -45.10 53.67
C THR A 378 -12.67 -45.99 52.73
N VAL A 379 -13.28 -47.04 53.28
CA VAL A 379 -14.08 -47.98 52.50
C VAL A 379 -15.40 -47.36 52.03
N THR A 380 -15.79 -47.71 50.80
CA THR A 380 -17.07 -47.30 50.19
C THR A 380 -17.16 -45.78 49.94
N GLY A 381 -17.08 -45.41 48.67
CA GLY A 381 -17.18 -44.01 48.27
C GLY A 381 -18.33 -43.77 47.30
N ALA A 382 -18.02 -43.22 46.13
CA ALA A 382 -19.03 -42.89 45.13
C ALA A 382 -18.94 -43.77 43.89
N THR A 383 -17.72 -44.00 43.40
CA THR A 383 -17.49 -44.78 42.18
C THR A 383 -17.94 -46.24 42.31
N GLU A 384 -18.13 -46.90 41.17
CA GLU A 384 -18.49 -48.31 41.14
C GLU A 384 -17.39 -49.14 40.51
N HIS A 385 -16.73 -49.96 41.32
CA HIS A 385 -15.63 -50.81 40.83
C HIS A 385 -16.04 -52.25 40.60
N ASP A 386 -15.91 -52.68 39.35
CA ASP A 386 -16.23 -54.05 38.95
C ASP A 386 -15.12 -54.58 38.05
N THR A 387 -14.58 -55.75 38.42
CA THR A 387 -13.48 -56.44 37.70
C THR A 387 -12.35 -55.54 37.15
N VAL A 388 -11.37 -55.26 38.00
CA VAL A 388 -10.21 -54.45 37.62
C VAL A 388 -8.98 -55.34 37.38
N ALA A 389 -7.88 -54.74 36.94
CA ALA A 389 -6.61 -55.46 36.70
C ALA A 389 -5.94 -55.89 38.01
N ASP A 390 -4.61 -55.95 38.00
CA ASP A 390 -3.85 -56.40 39.18
C ASP A 390 -2.64 -55.51 39.54
N ILE A 391 -2.50 -54.40 38.81
CA ILE A 391 -1.44 -53.41 39.04
C ILE A 391 -0.23 -53.88 39.87
N VAL A 392 0.59 -54.72 39.26
CA VAL A 392 1.75 -55.30 39.94
C VAL A 392 2.90 -54.31 40.11
N LEU A 393 3.28 -54.07 41.36
CA LEU A 393 4.43 -53.24 41.71
C LEU A 393 5.57 -54.14 42.20
N GLY A 394 6.76 -53.58 42.35
CA GLY A 394 7.90 -54.36 42.83
C GLY A 394 9.27 -53.73 42.64
N GLN A 395 10.25 -54.30 43.35
CA GLN A 395 11.65 -53.83 43.34
C GLN A 395 11.80 -52.34 43.69
N THR A 396 12.16 -52.07 44.94
CA THR A 396 12.29 -50.71 45.44
C THR A 396 13.71 -50.18 45.27
N GLY A 397 14.65 -50.81 45.97
CA GLY A 397 16.03 -50.34 46.02
C GLY A 397 16.46 -50.10 47.46
N GLU A 398 17.66 -50.54 47.81
CA GLU A 398 18.18 -50.47 49.17
C GLU A 398 18.43 -49.03 49.65
N ASP A 399 18.68 -48.11 48.72
CA ASP A 399 18.99 -46.72 49.05
C ASP A 399 17.76 -45.90 49.44
N VAL A 400 16.66 -46.05 48.70
CA VAL A 400 15.47 -45.25 48.92
C VAL A 400 14.59 -45.81 50.04
N ILE A 401 14.35 -47.13 50.01
CA ILE A 401 13.56 -47.79 51.04
C ILE A 401 14.41 -48.87 51.72
N THR A 402 14.54 -48.72 53.04
CA THR A 402 15.22 -49.71 53.86
C THR A 402 14.18 -50.33 54.79
N ILE A 403 14.19 -51.66 54.88
CA ILE A 403 13.28 -52.37 55.78
C ILE A 403 14.09 -53.14 56.82
N SER A 404 13.85 -52.85 58.09
CA SER A 404 14.52 -53.53 59.19
C SER A 404 13.50 -54.19 60.10
N MET A 405 13.87 -55.29 60.74
CA MET A 405 12.97 -56.00 61.66
C MET A 405 13.33 -55.80 63.12
N VAL A 406 12.60 -54.90 63.78
CA VAL A 406 12.93 -54.48 65.14
C VAL A 406 11.79 -54.76 66.16
N GLU A 407 11.09 -53.77 66.73
CA GLU A 407 11.21 -52.33 66.45
C GLU A 407 12.04 -51.61 67.53
N PRO A 408 12.67 -50.46 67.17
CA PRO A 408 13.33 -49.70 68.20
C PRO A 408 12.38 -48.66 68.79
N MET A 409 12.53 -48.39 70.08
CA MET A 409 11.68 -47.42 70.75
C MET A 409 12.50 -46.36 71.47
N SER A 410 11.84 -45.27 71.84
CA SER A 410 12.48 -44.18 72.56
C SER A 410 11.62 -43.67 73.71
N ILE A 411 12.25 -43.44 74.85
CA ILE A 411 11.59 -42.96 76.06
C ILE A 411 12.48 -41.95 76.78
N ALA A 412 12.22 -41.75 78.08
CA ALA A 412 13.09 -40.95 78.93
C ALA A 412 14.05 -41.86 79.71
N VAL A 413 15.07 -41.26 80.32
CA VAL A 413 16.02 -41.98 81.17
C VAL A 413 15.31 -42.57 82.40
N GLU A 414 14.38 -41.78 82.94
CA GLU A 414 13.58 -42.19 84.11
C GLU A 414 12.57 -43.29 83.77
N ASP A 415 12.28 -43.45 82.48
CA ASP A 415 11.34 -44.45 82.01
C ASP A 415 12.03 -45.81 81.83
N MET A 416 13.36 -45.80 81.75
CA MET A 416 14.15 -47.02 81.58
C MET A 416 14.18 -47.85 82.86
N TYR A 417 14.67 -47.26 83.95
CA TYR A 417 14.71 -47.93 85.25
C TYR A 417 13.32 -47.93 85.87
N GLY A 418 12.81 -49.14 86.13
CA GLY A 418 11.46 -49.31 86.66
C GLY A 418 11.05 -50.76 86.69
N TYR A 419 10.17 -51.10 87.62
CA TYR A 419 9.76 -52.48 87.85
C TYR A 419 8.36 -52.53 88.46
N VAL A 420 7.73 -53.70 88.42
CA VAL A 420 6.44 -53.92 89.09
C VAL A 420 6.57 -55.08 90.08
N LEU A 421 6.08 -54.86 91.31
CA LEU A 421 6.17 -55.85 92.38
C LEU A 421 4.94 -56.75 92.44
N ASP A 422 5.10 -57.94 93.03
CA ASP A 422 3.98 -58.88 93.23
C ASP A 422 4.05 -59.55 94.61
N THR A 423 2.86 -59.85 95.14
CA THR A 423 2.70 -60.34 96.52
C THR A 423 1.86 -61.64 96.56
N PRO A 424 2.27 -62.61 97.43
CA PRO A 424 1.56 -63.88 97.68
C PRO A 424 0.10 -63.74 98.14
N THR A 425 -0.58 -64.88 98.34
CA THR A 425 -2.01 -64.88 98.67
C THR A 425 -2.48 -66.01 99.61
N ARG A 426 -2.01 -67.24 99.38
CA ARG A 426 -2.41 -68.37 100.21
C ARG A 426 -1.44 -68.60 101.37
N ASP A 427 -1.99 -69.07 102.49
CA ASP A 427 -1.19 -69.36 103.68
C ASP A 427 -0.93 -70.85 103.88
N ILE A 428 -1.55 -71.67 103.05
CA ILE A 428 -1.45 -73.13 103.16
C ILE A 428 -0.98 -73.75 101.83
N TRP A 429 -0.33 -74.90 101.90
CA TRP A 429 0.06 -75.67 100.72
C TRP A 429 -0.38 -77.14 100.89
N PRO A 430 -1.68 -77.42 100.64
CA PRO A 430 -2.29 -78.75 100.86
C PRO A 430 -1.46 -79.92 100.33
N ALA A 431 -1.45 -81.01 101.09
CA ALA A 431 -0.65 -82.20 100.79
C ALA A 431 -1.13 -82.99 99.58
N ASP A 432 -2.30 -82.62 99.05
CA ASP A 432 -2.87 -83.29 97.88
C ASP A 432 -2.54 -82.56 96.58
N GLU A 433 -2.61 -81.24 96.61
CA GLU A 433 -2.29 -80.43 95.44
C GLU A 433 -0.79 -80.10 95.34
N GLN A 434 0.00 -80.62 96.29
CA GLN A 434 1.45 -80.49 96.25
C GLN A 434 2.08 -81.54 95.33
N ILE A 435 1.47 -82.73 95.28
CA ILE A 435 1.88 -83.78 94.35
C ILE A 435 1.26 -83.55 92.97
N GLU A 436 0.16 -82.80 92.94
CA GLU A 436 -0.49 -82.39 91.70
C GLU A 436 0.29 -81.27 91.02
N GLN A 437 0.63 -80.23 91.79
CA GLN A 437 1.46 -79.13 91.30
C GLN A 437 2.82 -79.64 90.80
N LYS A 438 3.32 -80.69 91.44
CA LYS A 438 4.55 -81.35 91.04
C LYS A 438 4.43 -81.95 89.64
N GLY A 439 3.40 -82.77 89.43
CA GLY A 439 3.13 -83.41 88.14
C GLY A 439 3.03 -82.44 86.98
N ASP A 440 2.50 -81.25 87.24
CA ASP A 440 2.38 -80.20 86.22
C ASP A 440 3.74 -79.71 85.74
N ALA A 441 4.61 -79.37 86.68
CA ALA A 441 5.96 -78.88 86.38
C ALA A 441 6.86 -79.96 85.80
N VAL A 442 6.64 -81.20 86.24
CA VAL A 442 7.36 -82.36 85.70
C VAL A 442 6.94 -82.63 84.26
N ALA A 443 5.61 -82.66 84.02
CA ALA A 443 5.06 -82.90 82.68
C ALA A 443 5.36 -81.77 81.71
N LEU A 444 5.49 -80.54 82.23
CA LEU A 444 5.84 -79.39 81.42
C LEU A 444 7.30 -79.44 81.00
N TYR A 445 8.20 -79.46 81.99
CA TYR A 445 9.65 -79.38 81.76
C TYR A 445 10.17 -80.16 80.53
N ASP A 446 9.70 -81.40 80.37
CA ASP A 446 10.09 -82.27 79.27
C ASP A 446 9.88 -81.58 77.92
N THR A 447 8.62 -81.29 77.62
CA THR A 447 8.25 -80.56 76.41
C THR A 447 8.43 -79.07 76.67
N LYS A 448 9.48 -78.49 76.09
CA LYS A 448 9.81 -77.08 76.27
C LYS A 448 8.67 -76.15 75.83
N THR A 449 8.77 -74.88 76.24
CA THR A 449 7.77 -73.86 75.91
C THR A 449 7.51 -73.75 74.41
N SER A 450 6.34 -73.22 74.06
CA SER A 450 5.91 -73.09 72.67
C SER A 450 7.01 -72.54 71.77
N ARG A 451 7.34 -73.31 70.74
CA ARG A 451 8.35 -72.92 69.74
C ARG A 451 7.96 -71.62 69.02
N ALA A 452 6.65 -71.42 68.85
CA ALA A 452 6.11 -70.20 68.25
C ALA A 452 6.40 -68.96 69.11
N LEU A 453 6.28 -69.12 70.43
CA LEU A 453 6.65 -68.08 71.39
C LEU A 453 8.15 -67.81 71.32
N GLY A 454 8.91 -68.85 70.95
CA GLY A 454 10.36 -68.80 70.88
C GLY A 454 10.95 -67.87 69.83
N MET A 455 10.35 -67.87 68.62
CA MET A 455 10.81 -67.00 67.53
C MET A 455 10.51 -65.52 67.79
N PHE A 456 10.24 -65.20 69.05
CA PHE A 456 10.01 -63.84 69.49
C PHE A 456 11.00 -63.40 70.58
N ASN A 457 11.28 -64.30 71.52
CA ASN A 457 12.26 -64.05 72.58
C ASN A 457 13.67 -63.82 72.01
N ASN A 458 14.03 -64.63 71.02
CA ASN A 458 15.34 -64.54 70.36
C ASN A 458 15.50 -63.30 69.48
N THR A 459 14.39 -62.74 69.03
CA THR A 459 14.41 -61.59 68.11
C THR A 459 14.52 -60.24 68.83
N VAL A 460 13.44 -59.81 69.45
CA VAL A 460 13.39 -58.51 70.14
C VAL A 460 14.28 -58.51 71.39
N ARG A 461 15.30 -57.65 71.36
CA ARG A 461 16.26 -57.56 72.46
C ARG A 461 16.41 -56.13 72.97
N ILE A 462 16.38 -55.99 74.29
CA ILE A 462 16.62 -54.69 74.95
C ILE A 462 18.04 -54.16 74.73
N ASP A 463 18.92 -55.07 74.29
CA ASP A 463 20.28 -54.72 73.88
C ASP A 463 20.24 -53.70 72.74
N ASP A 464 19.54 -54.04 71.67
CA ASP A 464 19.40 -53.19 70.50
C ASP A 464 18.02 -52.52 70.48
N LEU A 465 17.53 -52.18 71.67
CA LEU A 465 16.26 -51.47 71.81
C LEU A 465 16.51 -50.13 72.50
N LEU A 466 17.32 -50.17 73.55
CA LEU A 466 17.78 -48.97 74.24
C LEU A 466 19.11 -48.51 73.63
N SER A 467 19.42 -49.03 72.44
CA SER A 467 20.63 -48.69 71.70
C SER A 467 20.74 -47.19 71.36
N PRO A 468 19.67 -46.60 70.74
CA PRO A 468 19.77 -45.18 70.38
C PRO A 468 19.59 -44.22 71.55
N LEU A 469 18.92 -44.67 72.61
CA LEU A 469 18.71 -43.87 73.81
C LEU A 469 20.04 -43.47 74.44
N LEU A 470 20.96 -44.43 74.50
CA LEU A 470 22.26 -44.25 75.13
C LEU A 470 23.29 -43.67 74.16
N SER A 471 23.17 -44.03 72.88
CA SER A 471 24.08 -43.55 71.83
C SER A 471 24.00 -42.03 71.66
N LEU A 472 22.80 -41.48 71.85
CA LEU A 472 22.58 -40.04 71.76
C LEU A 472 23.22 -39.27 72.92
N VAL A 473 23.06 -39.79 74.13
CA VAL A 473 23.64 -39.17 75.33
C VAL A 473 25.16 -39.31 75.36
N TYR A 474 25.69 -40.22 74.54
CA TYR A 474 27.15 -40.35 74.37
C TYR A 474 27.72 -39.16 73.61
N ARG A 475 27.08 -38.83 72.49
CA ARG A 475 27.52 -37.74 71.62
C ARG A 475 27.31 -36.37 72.27
N THR A 476 26.19 -36.21 72.95
CA THR A 476 25.86 -34.95 73.64
C THR A 476 26.73 -34.75 74.90
N TYR A 477 27.79 -35.54 75.01
CA TYR A 477 28.80 -35.39 76.06
C TYR A 477 30.14 -35.01 75.45
N ILE A 478 30.44 -35.56 74.27
CA ILE A 478 31.65 -35.24 73.51
C ILE A 478 31.66 -33.75 73.10
N LYS A 479 30.52 -33.11 73.32
CA LYS A 479 30.32 -31.69 73.01
C LYS A 479 29.15 -31.13 73.83
N GLY A 480 29.32 -29.93 74.38
CA GLY A 480 28.27 -29.28 75.16
C GLY A 480 28.07 -29.90 76.53
N ASP A 481 26.81 -30.10 76.91
CA ASP A 481 26.42 -30.64 78.22
C ASP A 481 26.74 -29.69 79.37
N THR A 482 26.02 -29.81 80.49
CA THR A 482 26.22 -28.91 81.63
C THR A 482 26.17 -29.60 83.00
N MET A 483 24.95 -29.84 83.50
CA MET A 483 24.76 -30.36 84.85
C MET A 483 24.07 -31.74 84.85
N THR A 484 24.21 -32.45 85.96
CA THR A 484 23.72 -33.82 86.08
C THR A 484 23.46 -34.16 87.56
N MET A 485 24.28 -33.57 88.44
CA MET A 485 24.27 -33.81 89.90
C MET A 485 24.44 -35.27 90.33
N THR A 486 25.41 -35.52 91.20
CA THR A 486 25.67 -36.87 91.71
C THR A 486 24.40 -37.49 92.26
N GLN A 487 24.07 -38.68 91.73
CA GLN A 487 23.01 -39.57 92.24
C GLN A 487 21.75 -39.68 91.36
N GLY A 488 21.30 -38.56 90.80
CA GLY A 488 20.13 -38.56 89.92
C GLY A 488 20.30 -39.61 88.84
N SER A 489 19.20 -40.28 88.48
CA SER A 489 19.24 -41.38 87.50
C SER A 489 19.97 -41.00 86.20
N LEU A 490 20.29 -39.72 86.06
CA LEU A 490 21.09 -39.21 84.96
C LEU A 490 22.58 -39.39 85.21
N ASP A 491 23.02 -39.12 86.44
CA ASP A 491 24.40 -39.37 86.87
C ASP A 491 24.73 -40.85 86.77
N HIS A 492 23.72 -41.67 87.04
CA HIS A 492 23.83 -43.11 86.89
C HIS A 492 23.90 -43.53 85.43
N LEU A 493 23.11 -42.88 84.58
CA LEU A 493 23.03 -43.19 83.15
C LEU A 493 24.36 -42.91 82.44
N THR A 494 24.85 -41.69 82.58
CA THR A 494 26.08 -41.26 81.90
C THR A 494 27.36 -41.89 82.45
N LEU A 495 27.35 -42.21 83.75
CA LEU A 495 28.46 -42.94 84.37
C LEU A 495 28.48 -44.42 83.96
N CYS A 496 27.57 -44.78 83.05
CA CYS A 496 27.44 -46.14 82.58
C CYS A 496 27.35 -46.21 81.06
N ALA A 497 26.15 -45.97 80.54
CA ALA A 497 25.80 -46.14 79.13
C ALA A 497 26.85 -45.59 78.18
N ALA A 498 27.24 -44.34 78.42
CA ALA A 498 28.26 -43.67 77.64
C ALA A 498 29.55 -43.57 78.45
N VAL A 499 30.63 -43.17 77.78
CA VAL A 499 31.95 -42.93 78.40
C VAL A 499 32.62 -44.21 78.90
N ASP A 500 33.92 -44.32 78.67
CA ASP A 500 34.72 -45.44 79.13
C ASP A 500 35.56 -45.05 80.35
N SER A 501 35.92 -43.76 80.40
CA SER A 501 36.72 -43.21 81.51
C SER A 501 35.83 -42.89 82.72
N ASP A 502 36.27 -41.94 83.54
CA ASP A 502 35.55 -41.54 84.74
C ASP A 502 34.90 -40.17 84.58
N ILE A 503 33.71 -40.02 85.16
CA ILE A 503 33.03 -38.72 85.18
C ILE A 503 33.33 -38.05 86.52
N THR A 504 34.42 -37.27 86.52
CA THR A 504 34.89 -36.56 87.71
C THR A 504 33.96 -35.41 88.04
N PHE A 505 33.69 -35.19 89.32
CA PHE A 505 32.75 -34.16 89.74
C PHE A 505 33.39 -32.94 90.37
N VAL A 506 32.80 -31.77 90.07
CA VAL A 506 33.24 -30.49 90.63
C VAL A 506 32.03 -29.76 91.23
N GLY A 507 32.10 -29.50 92.53
CA GLY A 507 31.05 -28.75 93.24
C GLY A 507 29.63 -29.26 93.04
N ASN A 508 29.48 -30.59 93.05
CA ASN A 508 28.17 -31.25 92.90
C ASN A 508 27.51 -31.13 91.53
N ARG A 509 27.39 -29.90 91.04
CA ARG A 509 26.60 -29.61 89.84
C ARG A 509 27.36 -29.64 88.51
N MET A 510 28.66 -29.32 88.54
CA MET A 510 29.43 -29.14 87.29
C MET A 510 29.74 -30.42 86.51
N ILE A 511 29.62 -31.56 87.19
CA ILE A 511 29.73 -32.91 86.60
C ILE A 511 31.01 -33.31 85.87
N ALA A 512 31.86 -32.34 85.52
CA ALA A 512 33.18 -32.63 84.93
C ALA A 512 34.16 -31.46 85.13
N PRO A 513 34.10 -30.41 84.28
CA PRO A 513 33.32 -30.30 83.05
C PRO A 513 34.17 -30.22 81.77
N LEU A 514 35.50 -30.15 81.91
CA LEU A 514 36.36 -29.89 80.76
C LEU A 514 37.40 -30.98 80.46
N PRO A 515 37.26 -31.65 79.31
CA PRO A 515 38.32 -32.46 78.71
C PRO A 515 39.14 -31.62 77.73
N GLU A 516 40.47 -31.79 77.76
CA GLU A 516 41.36 -30.95 76.97
C GLU A 516 41.29 -31.23 75.46
N GLY A 517 40.98 -32.48 75.11
CA GLY A 517 40.82 -32.88 73.73
C GLY A 517 41.43 -34.23 73.42
N TYR A 518 41.05 -35.24 74.20
CA TYR A 518 41.52 -36.61 73.98
C TYR A 518 40.36 -37.57 73.70
N ILE A 519 39.15 -37.15 74.09
CA ILE A 519 37.89 -37.88 73.90
C ILE A 519 37.92 -39.39 74.16
N PRO A 520 37.36 -39.83 75.31
CA PRO A 520 37.30 -41.24 75.67
C PRO A 520 36.36 -42.02 74.75
N LYS A 521 36.60 -43.33 74.62
CA LYS A 521 35.79 -44.19 73.76
C LYS A 521 34.42 -44.51 74.41
N PRO A 522 33.42 -44.86 73.58
CA PRO A 522 32.11 -45.23 74.11
C PRO A 522 32.20 -46.50 74.95
N MET A 523 31.23 -46.70 75.84
CA MET A 523 31.22 -47.88 76.72
C MET A 523 30.89 -49.16 75.94
N HIS A 524 30.44 -50.19 76.63
CA HIS A 524 30.27 -51.50 76.02
C HIS A 524 29.30 -52.39 76.81
N ARG A 525 28.01 -52.16 76.61
CA ARG A 525 26.94 -52.97 77.20
C ARG A 525 26.83 -54.30 76.46
N ASN A 526 26.27 -55.32 77.10
CA ASN A 526 26.19 -56.65 76.49
C ASN A 526 24.90 -57.46 76.77
N ASN A 527 23.76 -56.93 76.32
CA ASN A 527 22.46 -57.63 76.44
C ASN A 527 22.15 -58.11 77.87
N SER A 528 22.79 -57.48 78.85
CA SER A 528 22.68 -57.92 80.25
C SER A 528 22.94 -56.80 81.25
N THR A 529 24.01 -56.03 81.03
CA THR A 529 24.41 -54.94 81.94
C THR A 529 23.24 -54.03 82.30
N MET A 530 22.40 -53.73 81.32
CA MET A 530 21.25 -52.85 81.48
C MET A 530 20.16 -53.48 82.36
N LYS A 531 20.18 -54.81 82.47
CA LYS A 531 19.27 -55.54 83.34
C LYS A 531 19.80 -55.60 84.77
N MET A 532 21.13 -55.67 84.90
CA MET A 532 21.80 -55.67 86.20
C MET A 532 21.63 -54.33 86.92
N LEU A 533 21.88 -53.24 86.19
CA LEU A 533 21.74 -51.89 86.73
C LEU A 533 20.30 -51.56 87.10
N SER A 534 19.37 -51.92 86.21
CA SER A 534 17.94 -51.72 86.44
C SER A 534 17.47 -52.42 87.72
N LEU A 535 18.05 -53.58 87.99
CA LEU A 535 17.73 -54.36 89.19
C LEU A 535 18.39 -53.75 90.43
N TYR A 536 19.63 -53.30 90.29
CA TYR A 536 20.37 -52.65 91.38
C TYR A 536 19.60 -51.45 91.94
N VAL A 537 19.11 -50.60 91.05
CA VAL A 537 18.30 -49.44 91.42
C VAL A 537 17.06 -49.90 92.19
N ALA A 538 16.43 -50.97 91.72
CA ALA A 538 15.24 -51.54 92.34
C ALA A 538 15.51 -52.18 93.70
N LEU A 539 16.74 -52.67 93.90
CA LEU A 539 17.15 -53.21 95.20
C LEU A 539 17.24 -52.09 96.22
N LYS A 540 18.01 -51.05 95.89
CA LYS A 540 18.14 -49.85 96.72
C LYS A 540 16.79 -49.21 96.97
N LYS A 541 15.92 -49.28 95.95
CA LYS A 541 14.57 -48.72 96.04
C LYS A 541 13.63 -49.55 96.91
N LEU A 542 13.69 -50.88 96.77
CA LEU A 542 12.88 -51.79 97.58
C LEU A 542 13.29 -51.69 99.05
N GLU A 543 14.59 -51.44 99.28
CA GLU A 543 15.15 -51.24 100.60
C GLU A 543 14.49 -50.04 101.31
N ASN A 544 14.39 -48.92 100.60
CA ASN A 544 13.76 -47.71 101.11
C ASN A 544 12.93 -47.04 100.01
N PHE A 545 11.61 -47.14 100.13
CA PHE A 545 10.68 -46.61 99.13
C PHE A 545 10.95 -45.14 98.84
N ALA A 546 11.15 -44.35 99.91
CA ALA A 546 11.47 -42.93 99.80
C ALA A 546 12.60 -42.71 98.80
N THR A 547 12.35 -41.83 97.83
CA THR A 547 13.25 -41.58 96.71
C THR A 547 14.59 -40.94 97.12
N ASN A 548 15.49 -40.82 96.15
CA ASN A 548 16.79 -40.15 96.29
C ASN A 548 17.84 -40.91 97.10
N SER A 549 18.86 -41.39 96.40
CA SER A 549 20.04 -42.04 96.99
C SER A 549 20.94 -42.60 95.89
N TYR A 550 20.73 -43.87 95.55
CA TYR A 550 21.47 -44.59 94.51
C TYR A 550 22.99 -44.64 94.77
N LEU A 551 23.39 -44.09 95.91
CA LEU A 551 24.75 -44.18 96.38
C LEU A 551 24.71 -45.00 97.66
N MET A 552 24.91 -46.32 97.52
CA MET A 552 24.92 -47.18 98.68
C MET A 552 25.85 -46.60 99.75
N ALA A 553 25.29 -46.39 100.93
CA ALA A 553 26.02 -45.79 102.06
C ALA A 553 27.42 -46.38 102.20
N PRO A 554 28.42 -45.52 102.47
CA PRO A 554 29.83 -45.90 102.56
C PRO A 554 30.07 -47.17 103.36
N ASP A 555 31.05 -47.96 102.91
CA ASP A 555 31.54 -49.12 103.66
C ASP A 555 30.50 -50.25 103.79
N THR A 556 29.65 -50.35 102.78
CA THR A 556 28.78 -51.52 102.59
C THR A 556 29.26 -52.18 101.30
N SER A 557 28.99 -53.48 101.14
CA SER A 557 29.47 -54.20 99.97
C SER A 557 28.40 -55.05 99.28
N ILE A 558 28.06 -54.66 98.06
CA ILE A 558 27.15 -55.42 97.21
C ILE A 558 27.95 -56.49 96.45
N ILE A 559 27.44 -57.72 96.44
CA ILE A 559 28.08 -58.79 95.67
C ILE A 559 27.17 -59.33 94.57
N LEU A 560 27.56 -59.08 93.32
CA LEU A 560 26.84 -59.57 92.14
C LEU A 560 27.30 -60.97 91.75
N LEU A 561 26.35 -61.83 91.42
CA LEU A 561 26.65 -63.19 90.96
C LEU A 561 26.13 -63.35 89.53
N GLY A 562 27.01 -63.79 88.62
CA GLY A 562 26.62 -63.98 87.22
C GLY A 562 27.57 -64.84 86.39
N ALA A 563 27.03 -65.47 85.35
CA ALA A 563 27.81 -66.34 84.47
C ALA A 563 29.02 -65.63 83.85
N GLU A 564 28.77 -64.45 83.29
CA GLU A 564 29.82 -63.59 82.75
C GLU A 564 29.53 -62.13 83.07
N ARG A 565 30.00 -61.67 84.23
CA ARG A 565 29.76 -60.30 84.68
C ARG A 565 30.92 -59.39 84.33
N GLU A 566 30.71 -58.07 84.47
CA GLU A 566 31.62 -57.04 83.96
C GLU A 566 31.35 -56.85 82.46
N PRO A 567 31.12 -55.59 82.02
CA PRO A 567 31.18 -54.34 82.78
C PRO A 567 29.83 -53.92 83.40
N ALA A 568 29.13 -54.88 84.00
CA ALA A 568 27.95 -54.57 84.82
C ALA A 568 28.39 -54.20 86.23
N VAL A 569 29.65 -54.46 86.53
CA VAL A 569 30.25 -54.15 87.83
C VAL A 569 31.26 -53.01 87.70
N ASN A 570 31.94 -52.94 86.54
CA ASN A 570 32.85 -51.83 86.21
C ASN A 570 32.09 -50.52 86.20
N ILE A 571 30.86 -50.58 85.72
CA ILE A 571 29.96 -49.45 85.67
C ILE A 571 29.34 -49.16 87.04
N LEU A 572 28.86 -50.22 87.69
CA LEU A 572 28.21 -50.11 89.00
C LEU A 572 29.16 -49.55 90.06
N ARG A 573 30.44 -49.90 89.92
CA ARG A 573 31.49 -49.45 90.84
C ARG A 573 31.76 -47.95 90.72
N ARG A 574 32.17 -47.51 89.52
CA ARG A 574 32.60 -46.13 89.30
C ARG A 574 31.43 -45.13 89.32
N PHE A 575 30.28 -45.59 89.80
CA PHE A 575 29.13 -44.75 90.09
C PHE A 575 29.20 -44.32 91.56
N ASN A 576 29.98 -45.05 92.35
CA ASN A 576 30.18 -44.74 93.77
C ASN A 576 31.63 -44.33 94.08
N ARG A 577 32.47 -44.32 93.05
CA ARG A 577 33.88 -43.91 93.12
C ARG A 577 34.11 -42.69 94.02
N ASN A 578 33.14 -41.78 94.05
CA ASN A 578 33.21 -40.56 94.85
C ASN A 578 33.05 -40.80 96.35
N VAL A 579 32.07 -41.61 96.72
CA VAL A 579 31.74 -41.83 98.14
C VAL A 579 32.52 -42.98 98.79
N SER A 580 33.39 -42.61 99.74
CA SER A 580 34.23 -43.51 100.56
C SER A 580 34.56 -44.91 100.04
N ASN A 581 34.58 -45.90 100.95
CA ASN A 581 35.05 -47.25 100.61
C ASN A 581 33.95 -48.30 100.39
N VAL A 582 33.67 -48.57 99.12
CA VAL A 582 32.64 -49.51 98.70
C VAL A 582 33.27 -50.68 97.94
N ARG A 583 32.77 -51.89 98.18
CA ARG A 583 33.27 -53.09 97.49
C ARG A 583 32.21 -53.66 96.55
N ILE A 584 32.56 -53.81 95.28
CA ILE A 584 31.65 -54.36 94.28
C ILE A 584 32.27 -55.60 93.65
N ILE A 585 32.00 -56.75 94.25
CA ILE A 585 32.59 -58.04 93.85
C ILE A 585 31.62 -58.85 93.01
N GLY A 586 32.16 -59.61 92.05
CA GLY A 586 31.37 -60.47 91.18
C GLY A 586 31.92 -61.88 91.05
N MET A 587 31.02 -62.85 90.95
CA MET A 587 31.40 -64.25 90.74
C MET A 587 30.71 -64.80 89.50
N GLY A 588 31.35 -65.75 88.82
CA GLY A 588 30.79 -66.34 87.61
C GLY A 588 31.56 -67.51 87.03
N ASP A 589 30.94 -68.17 86.06
CA ASP A 589 31.50 -69.37 85.43
C ASP A 589 32.19 -69.07 84.10
N ARG A 590 32.48 -67.78 83.87
CA ARG A 590 33.12 -67.30 82.64
C ARG A 590 33.70 -65.90 82.85
N ALA A 591 34.00 -65.58 84.10
CA ALA A 591 34.40 -64.23 84.49
C ALA A 591 35.91 -63.97 84.32
N VAL A 592 36.24 -62.70 84.16
CA VAL A 592 37.63 -62.24 84.07
C VAL A 592 37.84 -61.19 85.17
N GLU A 593 39.08 -61.04 85.62
CA GLU A 593 39.47 -60.07 86.64
C GLU A 593 38.79 -58.70 86.41
N PRO A 594 38.25 -58.08 87.47
CA PRO A 594 38.27 -58.43 88.90
C PRO A 594 37.39 -59.61 89.34
N ASN A 595 36.40 -59.97 88.53
CA ASN A 595 35.45 -61.04 88.89
C ASN A 595 36.12 -62.41 89.01
N ILE A 596 35.99 -63.02 90.18
CA ILE A 596 36.60 -64.32 90.47
C ILE A 596 35.80 -65.45 89.81
N ARG A 597 36.50 -66.28 89.03
CA ARG A 597 35.89 -67.44 88.39
C ARG A 597 35.62 -68.55 89.40
N VAL A 598 34.40 -69.10 89.34
CA VAL A 598 34.00 -70.22 90.19
C VAL A 598 32.73 -70.89 89.66
N ARG A 599 32.75 -72.22 89.57
CA ARG A 599 31.60 -72.98 89.10
C ARG A 599 30.60 -73.21 90.23
N VAL A 600 29.36 -73.51 89.84
CA VAL A 600 28.30 -73.89 90.78
C VAL A 600 28.39 -75.42 90.97
N PRO A 601 28.04 -75.95 92.16
CA PRO A 601 27.49 -75.34 93.38
C PRO A 601 28.51 -74.93 94.44
N PHE A 602 29.65 -74.38 94.01
CA PHE A 602 30.67 -73.77 94.89
C PHE A 602 31.37 -74.75 95.82
N PRO A 603 32.68 -74.54 96.07
CA PRO A 603 33.38 -75.33 97.08
C PRO A 603 32.94 -74.95 98.50
N ILE A 604 33.05 -75.90 99.43
CA ILE A 604 32.65 -75.69 100.82
C ILE A 604 33.54 -74.67 101.53
N ASP A 605 34.66 -74.33 100.88
CA ASP A 605 35.64 -73.39 101.43
C ASP A 605 35.16 -71.94 101.47
N LYS A 606 34.54 -71.48 100.38
CA LYS A 606 34.11 -70.09 100.23
C LYS A 606 33.25 -69.58 101.38
N ASN A 607 33.52 -68.34 101.80
CA ASN A 607 32.76 -67.70 102.87
C ASN A 607 31.71 -66.74 102.31
N ILE A 608 32.10 -65.99 101.27
CA ILE A 608 31.23 -65.05 100.53
C ILE A 608 30.20 -64.28 101.38
N SER A 609 30.64 -63.13 101.89
CA SER A 609 29.79 -62.29 102.74
C SER A 609 29.53 -60.92 102.12
N ALA A 610 28.32 -60.41 102.33
CA ALA A 610 27.88 -59.11 101.79
C ALA A 610 26.61 -58.63 102.48
N ASP A 611 26.05 -57.53 101.97
CA ASP A 611 24.77 -57.01 102.44
C ASP A 611 23.65 -57.25 101.44
N PHE A 612 23.90 -56.87 100.18
CA PHE A 612 22.93 -57.08 99.11
C PHE A 612 23.51 -58.00 98.04
N ILE A 613 22.82 -59.11 97.77
CA ILE A 613 23.26 -60.06 96.75
C ILE A 613 22.24 -60.15 95.61
N ILE A 614 22.72 -60.02 94.39
CA ILE A 614 21.91 -60.26 93.20
C ILE A 614 22.46 -61.49 92.47
N CYS A 615 21.84 -62.63 92.73
CA CYS A 615 22.21 -63.87 92.06
C CYS A 615 21.54 -63.95 90.70
N ASP A 616 22.30 -64.41 89.70
CA ASP A 616 21.84 -64.43 88.31
C ASP A 616 22.65 -65.42 87.45
N ILE A 617 22.50 -66.71 87.74
CA ILE A 617 23.14 -67.77 86.94
C ILE A 617 22.12 -68.74 86.34
N ASN A 618 22.47 -69.32 85.19
CA ASN A 618 21.60 -70.29 84.51
C ASN A 618 22.32 -71.20 83.51
N SER A 619 23.65 -71.29 83.63
CA SER A 619 24.46 -72.09 82.70
C SER A 619 24.42 -73.58 83.04
N TYR A 620 23.36 -74.24 82.59
CA TYR A 620 23.19 -75.68 82.78
C TYR A 620 22.23 -76.27 81.73
N GLU A 621 22.77 -77.16 80.90
CA GLU A 621 21.92 -78.01 80.06
C GLU A 621 21.20 -78.96 81.01
N ASP A 622 21.93 -79.38 82.04
CA ASP A 622 21.43 -80.15 83.17
C ASP A 622 20.96 -81.57 82.81
N GLN A 623 19.89 -81.65 82.04
CA GLN A 623 19.24 -82.93 81.68
C GLN A 623 18.50 -83.54 82.88
N SER A 624 17.26 -83.98 82.63
CA SER A 624 16.34 -84.47 83.66
C SER A 624 15.80 -83.34 84.55
N PHE A 625 14.58 -83.52 85.05
CA PHE A 625 13.95 -82.51 85.90
C PHE A 625 14.53 -82.48 87.32
N GLU A 626 14.96 -83.64 87.81
CA GLU A 626 15.42 -83.78 89.19
C GLU A 626 16.75 -83.06 89.46
N SER A 627 17.69 -83.19 88.53
CA SER A 627 18.98 -82.49 88.63
C SER A 627 18.81 -80.98 88.50
N MET A 628 17.83 -80.57 87.70
CA MET A 628 17.47 -79.17 87.52
C MET A 628 16.92 -78.55 88.82
N PHE A 629 16.02 -79.28 89.47
CA PHE A 629 15.40 -78.82 90.72
C PHE A 629 16.43 -78.57 91.81
N SER A 630 17.36 -79.51 91.97
CA SER A 630 18.38 -79.46 93.02
C SER A 630 19.35 -78.30 92.90
N GLU A 631 19.69 -77.93 91.66
CA GLU A 631 20.59 -76.80 91.40
C GLU A 631 19.93 -75.48 91.77
N THR A 632 18.73 -75.25 91.22
CA THR A 632 17.99 -74.00 91.41
C THR A 632 17.67 -73.71 92.89
N ILE A 633 17.18 -74.72 93.60
CA ILE A 633 16.81 -74.58 95.03
C ILE A 633 18.03 -74.28 95.93
N SER A 634 19.14 -74.96 95.66
CA SER A 634 20.34 -74.87 96.51
C SER A 634 21.07 -73.54 96.37
N VAL A 635 20.95 -72.90 95.20
CA VAL A 635 21.55 -71.59 94.97
C VAL A 635 20.84 -70.52 95.80
N VAL A 636 19.54 -70.70 96.02
CA VAL A 636 18.75 -69.80 96.86
C VAL A 636 19.18 -69.89 98.33
N THR A 637 19.40 -71.11 98.81
CA THR A 637 19.82 -71.35 100.19
C THR A 637 21.21 -70.81 100.48
N THR A 638 22.11 -70.93 99.49
CA THR A 638 23.46 -70.38 99.59
C THR A 638 23.48 -68.89 99.25
N CYS A 639 22.36 -68.22 99.51
CA CYS A 639 22.19 -66.80 99.27
C CYS A 639 21.32 -66.18 100.37
N ALA A 640 20.43 -66.99 100.93
CA ALA A 640 19.57 -66.57 102.04
C ALA A 640 20.38 -66.35 103.32
N SER A 641 21.41 -67.17 103.50
CA SER A 641 22.31 -67.05 104.65
C SER A 641 23.41 -66.01 104.41
N ALA A 642 23.83 -65.89 103.15
CA ALA A 642 24.96 -65.04 102.77
C ALA A 642 24.70 -63.53 102.93
N ALA A 643 23.44 -63.11 102.78
CA ALA A 643 23.10 -61.70 102.89
C ALA A 643 21.84 -61.45 103.72
N THR A 644 21.59 -60.16 104.01
CA THR A 644 20.40 -59.74 104.73
C THR A 644 19.25 -59.46 103.77
N ARG A 645 19.47 -58.53 102.84
CA ARG A 645 18.45 -58.12 101.89
C ARG A 645 18.80 -58.57 100.48
N ALA A 646 18.73 -59.88 100.24
CA ALA A 646 19.14 -60.47 98.97
C ALA A 646 17.96 -60.94 98.13
N LEU A 647 18.09 -60.76 96.81
CA LEU A 647 17.13 -61.30 95.87
C LEU A 647 17.80 -62.18 94.81
N VAL A 648 17.33 -63.42 94.77
CA VAL A 648 17.72 -64.48 93.84
C VAL A 648 16.91 -64.45 92.54
N LYS A 649 17.30 -65.28 91.59
CA LYS A 649 16.66 -65.32 90.27
C LYS A 649 16.37 -66.77 89.93
N ILE A 650 15.08 -67.11 89.91
CA ILE A 650 14.66 -68.46 89.56
C ILE A 650 14.14 -68.53 88.13
N ASN A 651 14.47 -69.61 87.44
CA ASN A 651 13.91 -69.90 86.13
C ASN A 651 12.76 -70.89 86.28
N HIS A 652 11.84 -70.86 85.32
CA HIS A 652 10.62 -71.70 85.34
C HIS A 652 9.85 -71.52 86.65
N PRO A 653 9.16 -70.36 86.80
CA PRO A 653 8.47 -70.06 88.05
C PRO A 653 7.25 -70.95 88.34
N SER A 654 7.07 -72.02 87.57
CA SER A 654 5.96 -72.97 87.77
C SER A 654 5.62 -73.13 89.25
N GLU A 655 4.35 -72.90 89.57
CA GLU A 655 3.83 -72.85 90.94
C GLU A 655 4.24 -74.01 91.86
N TYR A 656 4.85 -75.06 91.30
CA TYR A 656 5.49 -76.08 92.11
C TYR A 656 6.88 -75.63 92.54
N MET A 657 7.75 -75.39 91.56
CA MET A 657 9.14 -75.00 91.79
C MET A 657 9.24 -73.77 92.69
N ILE A 658 8.52 -72.71 92.33
CA ILE A 658 8.57 -71.45 93.06
C ILE A 658 8.07 -71.59 94.50
N ASN A 659 7.04 -72.41 94.69
CA ASN A 659 6.39 -72.55 95.99
C ASN A 659 7.10 -73.55 96.92
N SER A 660 8.02 -74.34 96.36
CA SER A 660 8.85 -75.24 97.14
C SER A 660 10.10 -74.50 97.67
N VAL A 661 10.41 -73.37 97.02
CA VAL A 661 11.51 -72.50 97.44
C VAL A 661 11.14 -71.79 98.74
N ILE A 662 9.92 -71.26 98.80
CA ILE A 662 9.37 -70.68 100.04
C ILE A 662 9.36 -71.72 101.15
N GLU A 663 8.99 -72.96 100.80
CA GLU A 663 8.92 -74.08 101.75
C GLU A 663 10.26 -74.35 102.45
N ARG A 664 11.31 -74.60 101.66
CA ARG A 664 12.62 -74.94 102.21
C ARG A 664 13.20 -73.87 103.11
N LEU A 665 12.98 -72.61 102.74
CA LEU A 665 13.46 -71.46 103.51
C LEU A 665 12.68 -71.27 104.81
N SER A 666 11.36 -71.44 104.73
CA SER A 666 10.47 -71.24 105.88
C SER A 666 10.80 -72.18 107.04
N GLN A 667 10.50 -73.47 106.87
CA GLN A 667 10.70 -74.47 107.93
C GLN A 667 12.12 -74.54 108.47
N LEU A 668 13.08 -74.04 107.70
CA LEU A 668 14.50 -74.08 108.06
C LEU A 668 14.85 -73.08 109.17
N GLY A 669 14.78 -71.80 108.84
CA GLY A 669 15.23 -70.73 109.75
C GLY A 669 14.20 -70.35 110.79
N GLY A 670 14.08 -69.05 111.03
CA GLY A 670 13.11 -68.51 111.98
C GLY A 670 11.69 -68.61 111.45
N VAL A 671 11.17 -69.84 111.44
CA VAL A 671 9.83 -70.21 110.95
C VAL A 671 9.38 -69.72 109.57
N PHE A 672 9.50 -68.42 109.29
CA PHE A 672 9.04 -67.86 108.01
C PHE A 672 9.86 -66.67 107.49
N TYR A 673 9.95 -66.56 106.17
CA TYR A 673 10.62 -65.45 105.50
C TYR A 673 9.61 -64.63 104.68
N HIS A 674 9.81 -63.31 104.66
CA HIS A 674 9.00 -62.44 103.82
C HIS A 674 9.50 -62.48 102.38
N THR A 675 8.66 -63.01 101.51
CA THR A 675 9.01 -63.16 100.09
C THR A 675 8.10 -62.31 99.19
N ALA A 676 8.61 -61.99 98.01
CA ALA A 676 7.87 -61.25 96.98
C ALA A 676 8.63 -61.27 95.65
N LEU A 677 8.03 -61.88 94.63
CA LEU A 677 8.64 -61.89 93.29
C LEU A 677 8.30 -60.63 92.50
N LEU A 678 9.21 -60.24 91.61
CA LEU A 678 9.05 -59.02 90.82
C LEU A 678 9.54 -59.12 89.38
N LYS A 679 8.94 -58.32 88.51
CA LYS A 679 9.35 -58.16 87.11
C LYS A 679 9.94 -56.77 86.95
N THR A 680 10.82 -56.60 85.96
CA THR A 680 11.51 -55.33 85.74
C THR A 680 11.44 -54.90 84.28
N ALA A 681 11.71 -53.63 84.02
CA ALA A 681 11.96 -53.16 82.66
C ALA A 681 13.40 -53.53 82.29
N SER A 682 13.68 -53.57 80.99
CA SER A 682 14.96 -54.05 80.47
C SER A 682 15.17 -55.55 80.75
N GLN A 683 14.17 -56.34 80.37
CA GLN A 683 14.16 -57.78 80.61
C GLN A 683 14.17 -58.56 79.30
N ASN A 684 14.14 -57.84 78.18
CA ASN A 684 13.69 -58.37 76.89
C ASN A 684 12.20 -58.66 77.02
N PRO A 685 11.34 -57.79 76.47
CA PRO A 685 9.89 -57.97 76.60
C PRO A 685 9.52 -59.44 76.45
N TYR A 686 8.75 -59.95 77.41
CA TYR A 686 8.47 -61.40 77.59
C TYR A 686 9.67 -62.34 77.53
N SER A 687 10.29 -62.57 78.68
CA SER A 687 11.31 -63.60 78.83
C SER A 687 10.86 -64.61 79.89
N TYR A 688 9.64 -64.42 80.37
CA TYR A 688 8.98 -65.26 81.39
C TYR A 688 9.85 -65.68 82.59
N GLU A 689 10.99 -65.00 82.76
CA GLU A 689 11.86 -65.21 83.91
C GLU A 689 11.62 -64.12 84.96
N THR A 690 11.40 -64.53 86.20
CA THR A 690 11.12 -63.61 87.30
C THR A 690 12.17 -63.73 88.41
N TYR A 691 12.16 -62.76 89.32
CA TYR A 691 13.15 -62.68 90.40
C TYR A 691 12.49 -62.82 91.77
N ILE A 692 12.95 -63.78 92.56
CA ILE A 692 12.49 -63.97 93.93
C ILE A 692 13.30 -63.07 94.88
N TYR A 693 12.58 -62.37 95.76
CA TYR A 693 13.18 -61.42 96.70
C TYR A 693 12.88 -61.83 98.15
N ILE A 694 13.95 -62.09 98.91
CA ILE A 694 13.84 -62.60 100.28
C ILE A 694 14.38 -61.58 101.30
N THR A 695 13.70 -61.48 102.44
CA THR A 695 14.08 -60.58 103.53
C THR A 695 13.81 -61.20 104.90
N PRO A 696 14.61 -60.81 105.93
CA PRO A 696 14.46 -61.36 107.28
C PRO A 696 13.24 -60.84 108.04
N ILE A 697 12.07 -60.98 107.41
CA ILE A 697 10.74 -60.64 107.98
C ILE A 697 10.65 -59.40 108.89
N ALA A 698 9.64 -59.43 109.76
CA ALA A 698 9.45 -58.46 110.83
C ALA A 698 8.90 -59.22 112.03
N ALA A 699 7.79 -59.92 111.82
CA ALA A 699 7.22 -60.83 112.82
C ALA A 699 6.93 -62.17 112.16
N ALA A 700 5.64 -62.48 111.98
CA ALA A 700 5.22 -63.68 111.26
C ALA A 700 4.28 -63.28 110.12
N VAL A 701 4.58 -63.79 108.93
CA VAL A 701 3.80 -63.46 107.73
C VAL A 701 2.45 -64.21 107.72
N ARG A 702 1.40 -63.54 107.24
CA ARG A 702 0.05 -64.08 107.24
C ARG A 702 -0.21 -65.02 106.06
N PHE A 703 -0.04 -64.49 104.84
CA PHE A 703 -0.24 -65.26 103.61
C PHE A 703 1.09 -65.45 102.87
N PRO A 704 1.83 -66.53 103.18
CA PRO A 704 3.15 -66.75 102.56
C PRO A 704 3.16 -67.36 101.14
N PHE A 705 2.39 -68.42 100.93
CA PHE A 705 2.44 -69.16 99.66
C PHE A 705 1.66 -68.50 98.54
N TYR A 706 1.81 -69.02 97.32
CA TYR A 706 1.11 -68.53 96.14
C TYR A 706 -0.01 -69.48 95.75
N SER A 707 -1.25 -69.00 95.86
CA SER A 707 -2.44 -69.80 95.58
C SER A 707 -2.70 -69.93 94.08
N ASN A 708 -3.23 -68.86 93.50
CA ASN A 708 -3.59 -68.81 92.07
C ASN A 708 -2.38 -68.66 91.15
N SER A 709 -1.49 -67.73 91.51
CA SER A 709 -0.21 -67.51 90.81
C SER A 709 -0.33 -67.12 89.34
N ALA A 710 -0.74 -65.88 89.09
CA ALA A 710 -0.95 -65.35 87.74
C ALA A 710 0.35 -65.05 86.99
N MET A 711 1.33 -64.48 87.70
CA MET A 711 2.61 -64.11 87.09
C MET A 711 3.43 -65.35 86.76
N ILE A 712 3.43 -66.31 87.70
CA ILE A 712 3.96 -67.64 87.50
C ILE A 712 3.26 -68.30 86.29
N ASN A 713 1.95 -68.04 86.20
CA ASN A 713 1.08 -68.58 85.16
C ASN A 713 1.39 -68.11 83.74
N ARG A 714 1.97 -66.91 83.60
CA ARG A 714 2.38 -66.42 82.28
C ARG A 714 3.30 -67.45 81.62
N TYR A 715 4.17 -68.05 82.43
CA TYR A 715 5.00 -69.18 82.01
C TYR A 715 4.17 -70.46 81.86
N MET A 716 3.14 -70.60 82.69
CA MET A 716 2.32 -71.81 82.73
C MET A 716 1.30 -71.95 81.59
N THR A 717 1.44 -71.14 80.53
CA THR A 717 0.47 -71.18 79.45
C THR A 717 1.02 -71.66 78.09
N ALA A 718 2.34 -71.58 77.92
CA ALA A 718 2.98 -72.15 76.73
C ALA A 718 2.77 -73.66 76.71
N VAL A 719 2.06 -74.15 75.70
CA VAL A 719 1.64 -75.55 75.66
C VAL A 719 2.50 -76.44 74.74
N ALA A 720 2.43 -76.21 73.43
CA ALA A 720 3.12 -77.05 72.45
C ALA A 720 3.20 -76.41 71.07
N ASP A 721 3.91 -77.09 70.16
CA ASP A 721 4.07 -76.63 68.79
C ASP A 721 3.14 -77.38 67.83
N ASP A 722 2.38 -76.61 67.05
CA ASP A 722 1.46 -77.15 66.06
C ASP A 722 1.89 -76.76 64.66
N GLU A 723 1.53 -75.55 64.25
CA GLU A 723 2.01 -74.93 63.03
C GLU A 723 2.66 -73.60 63.45
N MET A 724 3.77 -73.72 64.18
CA MET A 724 4.46 -72.60 64.81
C MET A 724 4.94 -71.44 63.91
N PRO A 725 5.40 -71.73 62.67
CA PRO A 725 5.95 -70.66 61.84
C PRO A 725 4.97 -69.54 61.50
N ILE A 726 5.50 -68.33 61.35
CA ILE A 726 4.75 -67.15 60.93
C ILE A 726 5.55 -66.39 59.86
N ILE A 727 6.78 -66.02 60.23
CA ILE A 727 7.70 -65.25 59.37
C ILE A 727 6.99 -64.18 58.53
N PRO A 728 6.78 -62.98 59.11
CA PRO A 728 6.10 -61.89 58.39
C PRO A 728 6.83 -61.51 57.11
N SER A 729 6.18 -61.76 55.98
CA SER A 729 6.79 -61.56 54.67
C SER A 729 6.43 -60.20 54.04
N ILE A 730 6.69 -60.08 52.74
CA ILE A 730 6.29 -58.94 51.92
C ILE A 730 5.34 -59.49 50.84
N HIS A 731 4.93 -58.66 49.87
CA HIS A 731 3.96 -59.10 48.85
C HIS A 731 4.23 -58.65 47.40
N THR A 732 4.00 -57.36 47.12
CA THR A 732 4.18 -56.75 45.79
C THR A 732 3.20 -57.23 44.70
N VAL A 733 1.90 -57.02 44.96
CA VAL A 733 0.82 -57.30 43.99
C VAL A 733 -0.55 -57.11 44.64
N ILE A 734 -1.50 -56.50 43.90
CA ILE A 734 -2.82 -56.20 44.44
C ILE A 734 -3.92 -56.88 43.62
N LYS A 735 -4.78 -57.65 44.29
CA LYS A 735 -5.94 -58.26 43.66
C LYS A 735 -7.23 -57.69 44.25
N GLY A 736 -8.10 -57.18 43.38
CA GLY A 736 -9.33 -56.51 43.78
C GLY A 736 -10.39 -57.44 44.34
N HIS A 737 -10.89 -57.09 45.53
CA HIS A 737 -11.86 -57.91 46.27
C HIS A 737 -11.58 -59.41 46.22
N SER A 738 -10.30 -59.76 46.36
CA SER A 738 -9.88 -61.16 46.40
C SER A 738 -9.22 -61.46 47.74
N ASN A 739 -9.96 -62.17 48.59
CA ASN A 739 -9.52 -62.52 49.93
C ASN A 739 -8.30 -63.45 49.93
N THR A 740 -7.76 -63.70 51.13
CA THR A 740 -6.61 -64.60 51.36
C THR A 740 -5.25 -63.94 51.13
N TYR A 741 -4.80 -63.21 52.13
CA TYR A 741 -3.47 -62.58 52.15
C TYR A 741 -2.87 -62.77 53.54
N SER A 742 -1.83 -63.60 53.63
CA SER A 742 -1.13 -63.87 54.88
C SER A 742 -0.51 -62.57 55.43
N PRO A 743 -0.57 -62.37 56.77
CA PRO A 743 -0.16 -61.12 57.41
C PRO A 743 1.23 -60.65 57.04
N GLY A 744 1.40 -59.32 56.95
CA GLY A 744 2.66 -58.70 56.59
C GLY A 744 2.45 -57.27 56.12
N LEU A 745 3.09 -56.92 55.01
CA LEU A 745 3.04 -55.58 54.44
C LEU A 745 3.67 -55.59 53.04
N PHE A 746 3.17 -54.73 52.15
CA PHE A 746 3.76 -54.63 50.81
C PHE A 746 4.23 -53.23 50.42
N CYS A 747 5.52 -53.15 50.08
CA CYS A 747 6.11 -51.95 49.50
C CYS A 747 6.38 -52.20 48.02
N GLY A 748 6.67 -51.13 47.28
CA GLY A 748 6.96 -51.25 45.86
C GLY A 748 7.19 -49.93 45.18
N CYS A 749 6.48 -49.71 44.07
CA CYS A 749 6.50 -48.47 43.30
C CYS A 749 5.63 -48.58 42.05
N VAL A 750 4.89 -47.52 41.76
CA VAL A 750 4.03 -47.48 40.57
C VAL A 750 4.18 -46.17 39.80
N ASP A 751 3.66 -46.15 38.57
CA ASP A 751 3.62 -44.96 37.75
C ASP A 751 2.64 -43.94 38.32
N VAL A 752 3.00 -42.67 38.24
CA VAL A 752 2.17 -41.57 38.76
C VAL A 752 0.81 -41.51 38.05
N GLN A 753 0.76 -42.05 36.82
CA GLN A 753 -0.46 -42.07 36.02
C GLN A 753 -1.47 -43.11 36.51
N SER A 754 -1.02 -44.04 37.36
CA SER A 754 -1.88 -45.10 37.89
C SER A 754 -1.85 -45.18 39.42
N ALA A 755 -1.13 -44.26 40.05
CA ALA A 755 -1.05 -44.17 41.51
C ALA A 755 -2.41 -44.06 42.21
N PRO A 756 -3.37 -43.31 41.62
CA PRO A 756 -4.74 -43.29 42.15
C PRO A 756 -5.46 -44.63 42.10
N LEU A 757 -5.17 -45.44 41.07
CA LEU A 757 -5.79 -46.75 40.91
C LEU A 757 -5.32 -47.71 42.00
N ALA A 758 -4.04 -47.58 42.37
CA ALA A 758 -3.44 -48.41 43.41
C ALA A 758 -4.07 -48.15 44.78
N LEU A 759 -4.11 -46.87 45.19
CA LEU A 759 -4.70 -46.46 46.46
C LEU A 759 -6.14 -46.96 46.62
N SER A 760 -6.93 -46.77 45.56
CA SER A 760 -8.34 -47.18 45.57
C SER A 760 -8.54 -48.70 45.52
N GLN A 761 -7.56 -49.43 46.04
CA GLN A 761 -7.60 -50.90 46.11
C GLN A 761 -7.02 -51.41 47.43
N LEU A 762 -6.02 -50.68 47.94
CA LEU A 762 -5.36 -51.02 49.20
C LEU A 762 -6.30 -50.85 50.40
N LYS A 763 -7.41 -50.14 50.18
CA LYS A 763 -8.42 -49.94 51.22
C LYS A 763 -9.13 -51.25 51.58
N SER A 764 -9.02 -52.23 50.69
CA SER A 764 -9.57 -53.57 50.91
C SER A 764 -8.68 -54.42 51.81
N TYR A 765 -7.56 -53.84 52.26
CA TYR A 765 -6.56 -54.59 52.99
C TYR A 765 -6.02 -53.89 54.25
N CYS A 766 -6.23 -52.57 54.34
CA CYS A 766 -5.68 -51.78 55.45
C CYS A 766 -6.33 -50.41 55.65
N SER A 767 -5.57 -49.53 56.32
CA SER A 767 -6.00 -48.16 56.60
C SER A 767 -4.86 -47.16 56.34
N GLU A 768 -3.69 -47.44 56.92
CA GLU A 768 -2.53 -46.57 56.79
C GLU A 768 -1.72 -46.89 55.54
N ALA A 769 -1.29 -45.86 54.83
CA ALA A 769 -0.45 -46.00 53.64
C ALA A 769 0.29 -44.70 53.30
N THR A 770 1.62 -44.77 53.28
CA THR A 770 2.46 -43.63 52.92
C THR A 770 2.85 -43.68 51.45
N THR A 771 3.11 -42.51 50.86
CA THR A 771 3.54 -42.40 49.47
C THR A 771 4.44 -41.17 49.30
N TRP A 772 5.46 -41.29 48.45
CA TRP A 772 6.35 -40.17 48.14
C TRP A 772 7.13 -40.37 46.84
N ARG A 773 7.14 -39.32 46.01
CA ARG A 773 7.99 -39.29 44.83
C ARG A 773 9.37 -38.79 45.26
N VAL A 774 10.41 -39.20 44.51
CA VAL A 774 11.78 -38.87 44.88
C VAL A 774 12.20 -37.48 44.33
N ASP A 775 11.88 -37.22 43.07
CA ASP A 775 12.25 -35.96 42.42
C ASP A 775 11.38 -35.71 41.19
N SER A 776 10.74 -34.53 41.15
CA SER A 776 9.84 -34.08 40.07
C SER A 776 9.70 -34.98 38.82
N ASP A 777 10.83 -35.30 38.19
CA ASP A 777 10.85 -35.95 36.88
C ASP A 777 10.69 -37.47 36.85
N ASP A 778 11.13 -38.15 37.91
CA ASP A 778 11.25 -39.62 37.90
C ASP A 778 9.93 -40.40 37.74
N ASN A 779 8.80 -39.71 37.94
CA ASN A 779 7.45 -40.28 37.81
C ASN A 779 7.22 -41.69 38.39
N LEU A 780 7.81 -41.93 39.56
CA LEU A 780 7.60 -43.15 40.33
C LEU A 780 7.22 -42.80 41.76
N VAL A 781 6.17 -43.44 42.28
CA VAL A 781 5.66 -43.15 43.63
C VAL A 781 5.50 -44.41 44.48
N ASN A 782 6.61 -44.83 45.10
CA ASN A 782 6.62 -46.01 45.95
C ASN A 782 5.65 -45.95 47.12
N ILE A 783 4.89 -47.04 47.30
CA ILE A 783 3.87 -47.11 48.34
C ILE A 783 4.31 -48.04 49.48
N ILE A 784 3.81 -47.76 50.69
CA ILE A 784 4.04 -48.59 51.87
C ILE A 784 2.69 -48.82 52.54
N ALA A 785 2.27 -50.08 52.64
CA ALA A 785 0.96 -50.41 53.21
C ALA A 785 1.03 -51.61 54.16
N ARG A 786 0.44 -51.44 55.34
CA ARG A 786 0.40 -52.48 56.38
C ARG A 786 -0.92 -53.24 56.32
N ILE A 787 -0.85 -54.56 56.24
CA ILE A 787 -2.06 -55.39 56.28
C ILE A 787 -2.58 -55.49 57.71
N ASP A 788 -3.83 -55.07 57.92
CA ASP A 788 -4.46 -55.13 59.24
C ASP A 788 -5.81 -55.85 59.22
N PRO A 789 -5.90 -57.01 59.91
CA PRO A 789 -7.11 -57.84 60.02
C PRO A 789 -8.32 -57.15 60.64
N ALA A 790 -8.09 -56.07 61.40
CA ALA A 790 -9.18 -55.27 61.97
C ALA A 790 -10.00 -54.57 60.89
N ARG A 791 -9.49 -54.61 59.66
CA ARG A 791 -10.14 -54.00 58.51
C ARG A 791 -10.74 -55.04 57.57
N ILE A 792 -10.03 -56.14 57.38
CA ILE A 792 -10.44 -57.23 56.48
C ILE A 792 -11.84 -57.77 56.81
N ALA A 793 -12.24 -57.64 58.07
CA ALA A 793 -13.55 -58.09 58.54
C ALA A 793 -14.69 -57.13 58.15
N LEU A 794 -14.35 -55.92 57.75
CA LEU A 794 -15.33 -54.91 57.35
C LEU A 794 -15.34 -54.68 55.83
N GLU A 795 -14.44 -55.37 55.14
CA GLU A 795 -14.34 -55.27 53.68
C GLU A 795 -14.94 -56.46 52.95
N PHE A 796 -14.45 -57.66 53.27
CA PHE A 796 -14.94 -58.88 52.64
C PHE A 796 -16.21 -59.38 53.32
N ARG A 797 -17.12 -58.44 53.57
CA ARG A 797 -18.41 -58.72 54.16
C ARG A 797 -19.36 -59.24 53.08
N THR A 798 -19.66 -58.38 52.12
CA THR A 798 -20.50 -58.74 50.98
C THR A 798 -19.68 -58.66 49.68
N ARG A 799 -20.27 -58.06 48.64
CA ARG A 799 -19.62 -58.02 47.33
C ARG A 799 -19.33 -56.62 46.78
N SER A 800 -20.18 -55.64 47.13
CA SER A 800 -20.05 -54.28 46.62
C SER A 800 -18.66 -53.68 46.88
N ASN A 801 -17.87 -53.58 45.82
CA ASN A 801 -16.50 -53.05 45.90
C ASN A 801 -16.48 -51.53 46.10
N THR A 802 -17.33 -50.84 45.35
CA THR A 802 -17.47 -49.37 45.38
C THR A 802 -16.13 -48.59 45.43
N SER A 803 -15.76 -48.07 46.61
CA SER A 803 -14.55 -47.24 46.79
C SER A 803 -14.73 -45.80 46.32
N ALA A 804 -13.75 -44.95 46.62
CA ALA A 804 -13.79 -43.53 46.24
C ALA A 804 -12.68 -43.17 45.25
N TYR A 805 -12.66 -43.88 44.12
CA TYR A 805 -11.64 -43.69 43.07
C TYR A 805 -11.48 -42.23 42.65
N HIS A 806 -12.60 -41.53 42.49
CA HIS A 806 -12.62 -40.15 42.04
C HIS A 806 -11.68 -39.25 42.85
N GLU A 807 -11.89 -39.22 44.17
CA GLU A 807 -11.17 -38.32 45.08
C GLU A 807 -9.64 -38.34 44.96
N TYR A 808 -9.04 -39.51 45.21
CA TYR A 808 -7.57 -39.66 45.24
C TYR A 808 -6.91 -39.15 43.97
N GLN A 809 -7.46 -39.55 42.83
CA GLN A 809 -6.97 -39.20 41.49
C GLN A 809 -6.69 -37.69 41.30
N ARG A 810 -7.25 -36.88 42.18
CA ARG A 810 -7.05 -35.43 42.14
C ARG A 810 -5.72 -35.01 42.81
N TYR A 811 -4.78 -35.95 42.91
CA TYR A 811 -3.44 -35.66 43.43
C TYR A 811 -2.39 -35.64 42.33
N VAL A 812 -2.39 -36.68 41.49
CA VAL A 812 -1.50 -36.80 40.34
C VAL A 812 -1.48 -35.49 39.52
N PRO A 813 -0.27 -34.97 39.22
CA PRO A 813 1.05 -35.57 39.44
C PRO A 813 1.61 -35.32 40.85
N ASN A 814 2.07 -34.10 41.11
CA ASN A 814 2.51 -33.70 42.45
C ASN A 814 1.35 -33.48 43.40
N GLY A 815 1.35 -34.24 44.49
CA GLY A 815 0.27 -34.25 45.46
C GLY A 815 0.40 -35.48 46.32
N LEU A 816 1.43 -36.27 46.02
CA LEU A 816 1.76 -37.48 46.77
C LEU A 816 3.08 -37.27 47.53
N GLY A 817 3.45 -36.00 47.70
CA GLY A 817 4.62 -35.63 48.49
C GLY A 817 5.96 -35.85 47.80
N PHE A 818 6.96 -35.08 48.23
CA PHE A 818 8.33 -35.23 47.75
C PHE A 818 9.28 -35.46 48.92
N LYS A 819 10.20 -36.41 48.76
CA LYS A 819 11.15 -36.75 49.80
C LYS A 819 12.50 -37.18 49.24
N VAL A 820 13.57 -36.61 49.78
CA VAL A 820 14.94 -37.02 49.47
C VAL A 820 15.41 -37.95 50.59
N ARG A 821 16.72 -38.23 50.63
CA ARG A 821 17.36 -39.12 51.62
C ARG A 821 16.77 -40.54 51.69
N LYS A 822 17.33 -41.35 52.58
CA LYS A 822 16.84 -42.70 52.84
C LYS A 822 15.78 -42.71 53.94
N THR A 823 14.91 -43.72 53.91
CA THR A 823 13.87 -43.90 54.92
C THR A 823 13.72 -45.36 55.34
N ARG A 824 13.74 -45.59 56.65
CA ARG A 824 13.67 -46.94 57.20
C ARG A 824 12.31 -47.24 57.84
N GLU A 825 11.65 -48.27 57.32
CA GLU A 825 10.38 -48.74 57.84
C GLU A 825 10.56 -50.11 58.47
N PHE A 826 10.10 -50.26 59.70
CA PHE A 826 10.31 -51.50 60.45
C PHE A 826 9.28 -52.58 60.12
N ARG A 827 9.58 -53.80 60.54
CA ARG A 827 8.72 -54.94 60.27
C ARG A 827 7.71 -55.15 61.41
N TYR A 828 7.85 -54.36 62.49
CA TYR A 828 7.07 -54.61 63.70
C TYR A 828 6.40 -53.42 64.39
N MET A 829 6.56 -52.22 63.86
CA MET A 829 5.90 -51.01 64.40
C MET A 829 6.00 -50.89 65.93
N HIS A 830 5.08 -50.13 66.52
CA HIS A 830 5.02 -49.97 67.98
C HIS A 830 3.62 -49.49 68.38
N ARG A 831 3.11 -50.05 69.48
CA ARG A 831 1.78 -49.67 69.97
C ARG A 831 1.75 -49.45 71.48
N GLU A 832 0.69 -48.77 71.94
CA GLU A 832 0.48 -48.57 73.37
C GLU A 832 0.04 -49.88 74.02
N VAL A 833 0.46 -50.08 75.26
CA VAL A 833 0.19 -51.29 76.03
C VAL A 833 -1.30 -51.59 76.18
N THR A 834 -2.12 -50.53 76.14
CA THR A 834 -3.59 -50.66 76.19
C THR A 834 -4.14 -51.21 74.87
N PHE A 835 -3.67 -50.65 73.75
CA PHE A 835 -4.05 -51.09 72.41
C PHE A 835 -3.77 -52.58 72.21
N ILE A 836 -2.74 -53.09 72.89
CA ILE A 836 -2.37 -54.51 72.86
C ILE A 836 -3.37 -55.36 73.65
N HIS A 837 -3.76 -54.87 74.83
CA HIS A 837 -4.65 -55.61 75.73
C HIS A 837 -6.01 -55.93 75.11
N LYS A 838 -6.54 -55.00 74.32
CA LYS A 838 -7.83 -55.18 73.66
C LYS A 838 -7.75 -56.24 72.56
N LEU A 839 -6.62 -56.28 71.86
CA LEU A 839 -6.37 -57.29 70.83
C LEU A 839 -6.31 -58.70 71.41
N MET A 840 -6.26 -58.79 72.74
CA MET A 840 -6.29 -60.06 73.45
C MET A 840 -7.69 -60.40 73.96
N MET A 841 -8.46 -59.38 74.31
CA MET A 841 -9.88 -59.54 74.63
C MET A 841 -10.63 -60.15 73.45
N TYR A 842 -10.24 -59.74 72.24
CA TYR A 842 -10.84 -60.24 71.01
C TYR A 842 -10.28 -61.60 70.58
N ALA A 843 -8.97 -61.79 70.74
CA ALA A 843 -8.34 -63.06 70.43
C ALA A 843 -8.86 -64.19 71.33
N LEU A 844 -9.24 -63.81 72.56
CA LEU A 844 -9.89 -64.73 73.48
C LEU A 844 -11.35 -64.95 73.08
N ILE A 845 -12.06 -63.87 72.77
CA ILE A 845 -13.49 -63.93 72.49
C ILE A 845 -13.80 -64.53 71.12
N ARG A 846 -12.95 -64.27 70.13
CA ARG A 846 -13.12 -64.83 68.77
C ARG A 846 -13.10 -66.35 68.81
N GLU A 847 -12.52 -66.91 69.87
CA GLU A 847 -12.48 -68.34 70.08
C GLU A 847 -13.85 -68.91 70.49
N GLN A 848 -14.52 -68.25 71.43
CA GLN A 848 -15.78 -68.74 71.99
C GLN A 848 -16.92 -68.73 70.97
N ILE A 849 -17.09 -67.59 70.31
CA ILE A 849 -18.15 -67.36 69.33
C ILE A 849 -18.14 -68.33 68.14
N SER A 850 -16.96 -68.56 67.56
CA SER A 850 -16.82 -69.49 66.44
C SER A 850 -16.55 -70.90 66.93
N LEU A 851 -17.59 -71.51 67.50
CA LEU A 851 -17.53 -72.86 68.04
C LEU A 851 -18.93 -73.29 68.45
N THR A 852 -19.70 -72.34 68.99
CA THR A 852 -21.07 -72.60 69.44
C THR A 852 -22.05 -72.80 68.28
N GLU A 853 -23.11 -73.56 68.54
CA GLU A 853 -24.05 -74.03 67.51
C GLU A 853 -24.69 -72.95 66.63
N ASN A 854 -25.81 -72.38 67.07
CA ASN A 854 -26.54 -71.38 66.29
C ASN A 854 -26.54 -70.00 66.91
N MET A 855 -26.41 -68.99 66.05
CA MET A 855 -26.42 -67.59 66.47
C MET A 855 -27.28 -66.78 65.50
N THR A 856 -27.99 -65.78 66.03
CA THR A 856 -28.75 -64.85 65.19
C THR A 856 -27.86 -63.67 64.82
N GLN A 857 -27.15 -63.14 65.82
CA GLN A 857 -26.25 -62.00 65.64
C GLN A 857 -25.23 -61.89 66.76
N VAL A 858 -24.22 -61.05 66.55
CA VAL A 858 -23.32 -60.62 67.61
C VAL A 858 -23.56 -59.13 67.88
N VAL A 859 -24.12 -58.83 69.05
CA VAL A 859 -24.53 -57.46 69.36
C VAL A 859 -23.63 -56.80 70.41
N SER A 860 -22.89 -55.79 69.95
CA SER A 860 -22.00 -55.00 70.80
C SER A 860 -22.78 -53.85 71.42
N ILE A 861 -22.71 -53.73 72.74
CA ILE A 861 -23.39 -52.65 73.45
C ILE A 861 -22.35 -51.68 74.03
N GLY A 862 -22.17 -50.55 73.35
CA GLY A 862 -21.23 -49.52 73.80
C GLY A 862 -19.84 -49.70 73.22
N GLY A 863 -19.15 -48.58 73.04
CA GLY A 863 -17.81 -48.58 72.44
C GLY A 863 -17.82 -48.01 71.04
N ARG A 864 -16.71 -48.19 70.34
CA ARG A 864 -16.55 -47.68 68.98
C ARG A 864 -17.21 -48.61 67.95
N ASN A 865 -17.35 -48.13 66.72
CA ASN A 865 -17.68 -48.95 65.57
C ASN A 865 -16.63 -50.07 65.42
N LEU A 866 -15.41 -49.74 65.82
CA LEU A 866 -14.34 -50.70 66.03
C LEU A 866 -14.77 -51.76 67.05
N ALA A 867 -13.97 -52.81 67.21
CA ALA A 867 -14.34 -53.98 68.01
C ALA A 867 -15.15 -54.93 67.15
N ASP A 868 -15.38 -54.52 65.91
CA ASP A 868 -16.05 -55.33 64.89
C ASP A 868 -15.30 -56.65 64.73
N ILE A 869 -13.99 -56.58 64.59
CA ILE A 869 -13.16 -57.80 64.51
C ILE A 869 -13.67 -58.83 65.51
N SER A 870 -13.58 -60.10 65.14
CA SER A 870 -14.19 -61.18 65.90
C SER A 870 -15.72 -61.14 65.76
N VAL A 871 -16.22 -60.36 64.80
CA VAL A 871 -17.54 -60.64 64.26
C VAL A 871 -17.25 -61.95 63.57
N VAL A 872 -17.75 -63.04 64.14
CA VAL A 872 -17.54 -64.35 63.56
C VAL A 872 -18.87 -65.05 63.37
N PRO A 873 -19.15 -65.45 62.12
CA PRO A 873 -18.28 -65.19 60.97
C PRO A 873 -18.50 -63.77 60.46
N LEU A 874 -17.78 -63.41 59.39
CA LEU A 874 -17.99 -62.13 58.70
C LEU A 874 -19.47 -61.88 58.38
N ASN A 875 -20.21 -62.96 58.15
CA ASN A 875 -21.57 -62.93 57.66
C ASN A 875 -22.64 -62.58 58.68
N MET A 876 -22.45 -63.04 59.92
CA MET A 876 -23.45 -62.91 60.98
C MET A 876 -23.88 -61.47 61.19
N LYS A 877 -25.17 -61.28 61.44
CA LYS A 877 -25.72 -59.95 61.74
C LYS A 877 -24.88 -59.28 62.82
N TYR A 878 -24.50 -58.02 62.59
CA TYR A 878 -23.69 -57.29 63.55
C TYR A 878 -24.38 -56.00 64.00
N VAL A 879 -24.85 -56.02 65.23
CA VAL A 879 -25.58 -54.89 65.82
C VAL A 879 -24.69 -54.11 66.77
N VAL A 880 -24.76 -52.77 66.70
CA VAL A 880 -24.04 -51.89 67.61
C VAL A 880 -25.01 -50.90 68.24
N ILE A 881 -25.26 -51.06 69.54
CA ILE A 881 -26.14 -50.15 70.27
C ILE A 881 -25.30 -49.13 71.05
N ASP A 882 -25.11 -47.96 70.44
CA ASP A 882 -24.40 -46.86 71.11
C ASP A 882 -24.98 -45.49 70.71
N PRO A 883 -24.77 -44.46 71.56
CA PRO A 883 -25.35 -43.15 71.29
C PRO A 883 -24.56 -42.31 70.27
N ALA A 884 -23.24 -42.47 70.24
CA ALA A 884 -22.38 -41.72 69.33
C ALA A 884 -21.72 -42.63 68.30
N THR A 885 -21.96 -42.32 67.02
CA THR A 885 -21.41 -43.08 65.89
C THR A 885 -21.84 -42.48 64.56
N ARG A 886 -20.98 -42.59 63.55
CA ARG A 886 -21.33 -42.19 62.18
C ARG A 886 -22.08 -43.34 61.49
N ILE A 887 -23.19 -42.99 60.84
CA ILE A 887 -24.07 -43.97 60.21
C ILE A 887 -24.10 -43.77 58.68
N GLU A 888 -25.23 -44.14 58.09
CA GLU A 888 -25.58 -43.89 56.68
C GLU A 888 -24.92 -44.86 55.69
N THR A 889 -23.82 -44.42 55.06
CA THR A 889 -23.22 -45.15 53.93
C THR A 889 -22.87 -46.61 54.20
N LEU A 890 -22.21 -46.88 55.33
CA LEU A 890 -21.73 -48.24 55.65
C LEU A 890 -22.88 -49.22 55.91
N THR A 891 -23.87 -48.79 56.66
CA THR A 891 -25.09 -49.58 56.89
C THR A 891 -25.88 -49.68 55.59
N GLN A 892 -25.89 -48.58 54.83
CA GLN A 892 -26.55 -48.50 53.53
C GLN A 892 -25.84 -49.34 52.47
N GLU A 893 -24.51 -49.30 52.46
CA GLU A 893 -23.71 -50.09 51.52
C GLU A 893 -23.79 -51.57 51.85
N LYS A 894 -24.92 -51.95 52.44
CA LYS A 894 -25.24 -53.34 52.84
C LYS A 894 -24.05 -54.15 53.36
N LYS A 895 -23.13 -53.48 54.06
CA LYS A 895 -22.04 -54.16 54.74
C LYS A 895 -22.58 -54.86 55.99
N ASN A 896 -23.91 -55.04 56.00
CA ASN A 896 -24.66 -55.71 57.06
C ASN A 896 -24.41 -55.13 58.46
N ILE A 897 -24.80 -53.86 58.65
CA ILE A 897 -24.66 -53.18 59.93
C ILE A 897 -25.87 -52.29 60.21
N GLU A 898 -26.03 -51.91 61.48
CA GLU A 898 -27.02 -50.93 61.92
C GLU A 898 -26.68 -50.42 63.32
N VAL A 899 -26.94 -49.14 63.56
CA VAL A 899 -26.63 -48.53 64.86
C VAL A 899 -27.81 -47.74 65.43
N GLN A 900 -28.41 -48.29 66.48
CA GLN A 900 -29.55 -47.66 67.14
C GLN A 900 -29.05 -46.70 68.22
N SER A 901 -29.13 -45.41 67.91
CA SER A 901 -28.56 -44.36 68.76
C SER A 901 -29.50 -43.95 69.90
N ARG A 902 -29.87 -44.94 70.70
CA ARG A 902 -30.51 -44.71 71.98
C ARG A 902 -29.44 -45.05 73.00
N PRO A 903 -29.16 -44.13 73.94
CA PRO A 903 -28.15 -44.55 74.91
C PRO A 903 -28.72 -45.75 75.65
N PHE A 904 -28.08 -46.91 75.48
CA PHE A 904 -28.62 -48.13 76.07
C PHE A 904 -28.91 -47.92 77.54
N GLN A 905 -30.13 -48.25 77.95
CA GLN A 905 -30.56 -48.15 79.33
C GLN A 905 -30.52 -49.55 79.97
N PHE A 906 -29.50 -49.80 80.79
CA PHE A 906 -29.33 -51.09 81.48
C PHE A 906 -29.87 -51.08 82.91
N ASP A 907 -31.12 -50.67 83.06
CA ASP A 907 -31.72 -50.55 84.38
C ASP A 907 -32.72 -51.68 84.68
N ALA A 908 -32.62 -52.77 83.91
CA ALA A 908 -33.45 -53.98 84.07
C ALA A 908 -34.96 -53.77 83.90
N ALA A 909 -35.37 -52.53 83.63
CA ALA A 909 -36.78 -52.19 83.43
C ALA A 909 -37.33 -52.88 82.18
N ASN A 910 -36.72 -52.59 81.03
CA ASN A 910 -37.04 -53.28 79.78
C ASN A 910 -35.79 -53.49 78.93
N MET A 911 -35.43 -54.76 78.74
CA MET A 911 -34.21 -55.13 78.04
C MET A 911 -34.54 -55.97 76.80
N ASP A 912 -33.90 -55.64 75.68
CA ASP A 912 -34.10 -56.37 74.43
C ASP A 912 -33.22 -57.61 74.41
N LEU A 913 -33.85 -58.77 74.21
CA LEU A 913 -33.14 -60.06 74.30
C LEU A 913 -33.72 -61.11 73.33
N GLU A 914 -34.08 -62.28 73.88
CA GLU A 914 -34.70 -63.39 73.16
C GLU A 914 -33.82 -64.17 72.17
N ASN A 915 -33.30 -65.30 72.63
CA ASN A 915 -32.63 -66.33 71.81
C ASN A 915 -31.40 -65.88 71.00
N ASN A 916 -30.40 -66.76 70.92
CA ASN A 916 -29.18 -66.56 70.12
C ASN A 916 -28.61 -65.14 70.17
N SER A 917 -28.68 -64.54 71.36
CA SER A 917 -28.22 -63.17 71.55
C SER A 917 -26.86 -63.14 72.24
N ILE A 918 -25.84 -62.70 71.52
CA ILE A 918 -24.48 -62.61 72.04
C ILE A 918 -24.13 -61.16 72.36
N TYR A 919 -24.12 -60.83 73.64
CA TYR A 919 -23.87 -59.46 74.09
C TYR A 919 -22.44 -59.25 74.56
N LEU A 920 -21.90 -58.07 74.27
CA LEU A 920 -20.53 -57.72 74.63
C LEU A 920 -20.50 -56.44 75.46
N PHE A 921 -19.93 -56.54 76.66
CA PHE A 921 -19.80 -55.40 77.56
C PHE A 921 -18.34 -55.19 77.97
N ILE A 922 -17.62 -54.41 77.17
CA ILE A 922 -16.26 -54.01 77.50
C ILE A 922 -16.28 -52.56 78.01
N ALA A 923 -17.49 -52.04 78.20
CA ALA A 923 -17.69 -50.69 78.73
C ALA A 923 -17.85 -50.71 80.25
N VAL A 924 -19.10 -50.66 80.72
CA VAL A 924 -19.43 -50.68 82.16
C VAL A 924 -19.03 -49.37 82.88
N ILE A 925 -18.05 -48.67 82.32
CA ILE A 925 -17.49 -47.45 82.91
C ILE A 925 -18.41 -46.23 82.70
N MET A 926 -19.64 -46.32 83.21
CA MET A 926 -20.67 -45.28 83.09
C MET A 926 -20.94 -44.84 81.65
N ASN A 927 -22.17 -44.36 81.40
CA ASN A 927 -22.55 -43.83 80.08
C ASN A 927 -21.70 -42.63 79.67
N GLU A 928 -21.24 -41.87 80.66
CA GLU A 928 -20.34 -40.74 80.48
C GLU A 928 -18.93 -41.18 80.89
N PRO A 929 -17.88 -40.51 80.35
CA PRO A 929 -16.49 -40.78 80.73
C PRO A 929 -16.21 -40.97 82.22
N ASN A 930 -17.18 -40.60 83.08
CA ASN A 930 -17.04 -40.67 84.54
C ASN A 930 -16.59 -42.02 85.08
N GLY A 931 -17.39 -43.06 84.88
CA GLY A 931 -17.15 -44.38 85.47
C GLY A 931 -17.12 -44.33 86.99
N ALA A 932 -17.58 -43.20 87.54
CA ALA A 932 -17.53 -42.93 88.97
C ALA A 932 -18.54 -43.75 89.76
N ALA A 933 -19.57 -44.25 89.08
CA ALA A 933 -20.57 -45.11 89.69
C ALA A 933 -20.00 -46.50 89.98
N THR A 934 -19.26 -46.60 91.09
CA THR A 934 -18.66 -47.87 91.52
C THR A 934 -19.58 -48.73 92.40
N PRO A 935 -20.40 -48.11 93.27
CA PRO A 935 -21.35 -48.95 94.02
C PRO A 935 -22.64 -49.20 93.23
N ALA A 936 -22.93 -48.33 92.27
CA ALA A 936 -24.06 -48.49 91.36
C ALA A 936 -23.66 -49.33 90.15
N ARG A 937 -22.45 -49.89 90.21
CA ARG A 937 -21.92 -50.79 89.19
C ARG A 937 -22.23 -52.23 89.55
N MET A 938 -21.93 -52.61 90.79
CA MET A 938 -22.28 -53.93 91.33
C MET A 938 -23.80 -54.07 91.40
N GLN A 939 -24.49 -52.94 91.37
CA GLN A 939 -25.94 -52.87 91.27
C GLN A 939 -26.36 -52.97 89.80
N MET A 940 -25.57 -52.36 88.92
CA MET A 940 -25.81 -52.40 87.47
C MET A 940 -25.56 -53.79 86.90
N ASP A 941 -24.50 -54.44 87.38
CA ASP A 941 -24.21 -55.84 87.04
C ASP A 941 -25.19 -56.80 87.71
N LYS A 942 -25.77 -56.36 88.83
CA LYS A 942 -26.81 -57.12 89.51
C LYS A 942 -28.09 -57.09 88.69
N ILE A 943 -28.45 -55.91 88.19
CA ILE A 943 -29.63 -55.75 87.34
C ILE A 943 -29.29 -55.99 85.85
N ARG A 944 -28.03 -56.37 85.59
CA ARG A 944 -27.56 -56.72 84.26
C ARG A 944 -27.95 -58.17 83.93
N ASN A 945 -27.50 -59.09 84.78
CA ASN A 945 -27.80 -60.51 84.61
C ASN A 945 -29.26 -60.84 84.94
N VAL A 946 -29.79 -60.17 85.97
CA VAL A 946 -31.19 -60.34 86.38
C VAL A 946 -32.13 -60.07 85.21
N ALA A 947 -33.20 -60.85 85.13
CA ALA A 947 -34.11 -60.89 83.99
C ALA A 947 -33.46 -61.64 82.83
N THR A 948 -33.24 -62.94 83.04
CA THR A 948 -32.71 -63.83 82.02
C THR A 948 -33.56 -65.10 81.95
N ALA A 949 -34.38 -65.18 80.91
CA ALA A 949 -35.19 -66.35 80.62
C ALA A 949 -35.33 -66.48 79.10
N MET A 950 -34.25 -66.11 78.41
CA MET A 950 -34.25 -66.01 76.95
C MET A 950 -33.45 -67.16 76.32
N LEU A 951 -33.61 -68.34 76.91
CA LEU A 951 -32.98 -69.61 76.47
C LEU A 951 -31.49 -69.55 76.09
N THR A 952 -31.18 -69.85 74.83
CA THR A 952 -29.80 -69.99 74.35
C THR A 952 -29.11 -68.64 74.10
N ARG A 953 -28.94 -67.88 75.17
CA ARG A 953 -28.27 -66.57 75.08
C ARG A 953 -26.98 -66.53 75.89
N THR A 954 -26.01 -65.75 75.40
CA THR A 954 -24.71 -65.59 76.06
C THR A 954 -24.23 -64.14 76.04
N ASN A 955 -23.50 -63.75 77.08
CA ASN A 955 -22.93 -62.40 77.18
C ASN A 955 -21.62 -62.31 77.96
N CYS A 956 -20.69 -61.49 77.46
CA CYS A 956 -19.39 -61.29 78.09
C CYS A 956 -19.29 -59.89 78.71
N VAL A 957 -18.73 -59.83 79.92
CA VAL A 957 -18.55 -58.57 80.66
C VAL A 957 -17.11 -58.48 81.20
N ALA A 958 -16.59 -57.25 81.27
CA ALA A 958 -15.19 -57.02 81.69
C ALA A 958 -15.06 -56.22 83.00
N TYR A 959 -13.90 -56.34 83.65
CA TYR A 959 -13.64 -55.73 84.96
C TYR A 959 -12.35 -54.90 85.06
N ILE A 960 -11.97 -54.65 86.32
CA ILE A 960 -10.73 -53.99 86.75
C ILE A 960 -10.76 -54.07 88.29
N SER A 961 -9.73 -54.66 88.90
CA SER A 961 -9.75 -54.93 90.34
C SER A 961 -8.44 -54.61 91.08
N PHE A 962 -7.91 -55.62 91.78
CA PHE A 962 -6.66 -55.58 92.56
C PHE A 962 -6.30 -54.27 93.28
N TYR A 963 -5.75 -53.33 92.52
CA TYR A 963 -5.16 -52.08 93.01
C TYR A 963 -4.03 -52.30 94.04
N GLU A 964 -4.10 -51.56 95.15
CA GLU A 964 -3.09 -51.58 96.23
C GLU A 964 -1.69 -52.14 95.89
N ALA A 965 -1.50 -53.44 96.08
CA ALA A 965 -0.19 -54.08 95.94
C ALA A 965 0.35 -54.11 94.50
N GLY A 966 -0.36 -53.44 93.59
CA GLY A 966 0.06 -53.30 92.20
C GLY A 966 0.31 -51.86 91.80
N ILE A 967 0.27 -50.95 92.78
CA ILE A 967 0.49 -49.53 92.56
C ILE A 967 1.42 -48.89 93.60
N ILE A 968 0.97 -48.83 94.85
CA ILE A 968 1.70 -48.18 95.93
C ILE A 968 2.92 -48.98 96.38
N THR A 969 3.40 -49.84 95.47
CA THR A 969 4.60 -50.65 95.67
C THR A 969 5.31 -50.84 94.33
N ARG A 970 4.55 -50.70 93.25
CA ARG A 970 5.04 -50.85 91.88
C ARG A 970 6.26 -49.98 91.59
N LEU A 971 6.07 -48.65 91.60
CA LEU A 971 7.10 -47.66 91.27
C LEU A 971 7.56 -47.73 89.80
N ASP A 972 6.59 -47.90 88.90
CA ASP A 972 6.84 -47.79 87.46
C ASP A 972 5.56 -47.35 86.77
N GLN A 973 5.29 -46.05 86.90
CA GLN A 973 4.02 -45.45 86.46
C GLN A 973 3.94 -45.19 84.95
N SER A 974 4.65 -45.99 84.16
CA SER A 974 4.66 -45.85 82.70
C SER A 974 3.28 -46.16 82.11
N THR A 975 2.64 -45.11 81.60
CA THR A 975 1.36 -45.16 80.87
C THR A 975 0.12 -45.56 81.68
N ALA A 976 0.20 -46.70 82.37
CA ALA A 976 -0.91 -47.19 83.19
C ALA A 976 -0.63 -47.03 84.68
N HIS A 977 -0.70 -45.80 85.17
CA HIS A 977 -0.47 -45.49 86.57
C HIS A 977 -1.76 -45.22 87.33
N LYS A 978 -1.70 -45.28 88.66
CA LYS A 978 -2.90 -45.21 89.48
C LYS A 978 -2.77 -44.23 90.65
N THR A 979 -3.88 -43.54 90.96
CA THR A 979 -3.93 -42.59 92.07
C THR A 979 -5.04 -42.97 93.07
N ILE A 980 -4.98 -42.41 94.27
CA ILE A 980 -5.99 -42.66 95.29
C ILE A 980 -6.87 -41.42 95.51
N GLY A 985 -9.02 -44.66 95.43
CA GLY A 985 -8.40 -45.76 94.71
C GLY A 985 -8.82 -45.80 93.25
N ARG A 986 -8.03 -45.13 92.41
CA ARG A 986 -8.40 -44.93 91.01
C ARG A 986 -7.33 -45.39 90.03
N LEU A 987 -7.78 -46.05 88.96
CA LEU A 987 -6.91 -46.62 87.93
C LEU A 987 -6.98 -45.76 86.67
N LYS A 988 -5.91 -45.03 86.36
CA LYS A 988 -5.85 -44.24 85.13
C LYS A 988 -5.16 -45.04 84.02
N VAL A 989 -5.83 -45.17 82.89
CA VAL A 989 -5.27 -45.86 81.73
C VAL A 989 -5.41 -45.04 80.44
N ALA A 990 -4.28 -44.81 79.77
CA ALA A 990 -4.20 -44.04 78.51
C ALA A 990 -4.93 -42.69 78.57
N ASN A 991 -6.22 -42.69 78.25
CA ASN A 991 -7.05 -41.50 78.32
C ASN A 991 -8.04 -41.60 79.49
N TYR A 992 -9.33 -41.38 79.19
CA TYR A 992 -10.42 -41.53 80.15
C TYR A 992 -10.26 -40.66 81.40
N VAL A 993 -10.90 -41.10 82.48
CA VAL A 993 -10.74 -40.54 83.80
C VAL A 993 -10.44 -41.75 84.71
N PRO A 994 -9.78 -41.52 85.87
CA PRO A 994 -9.60 -42.60 86.82
C PRO A 994 -10.84 -43.50 87.01
N VAL A 995 -10.66 -44.79 86.73
CA VAL A 995 -11.72 -45.79 86.93
C VAL A 995 -11.52 -46.51 88.26
N ASP A 996 -12.60 -46.83 88.95
CA ASP A 996 -12.53 -47.45 90.26
C ASP A 996 -12.79 -48.95 90.23
N THR A 997 -12.06 -49.66 91.09
CA THR A 997 -12.20 -51.12 91.24
C THR A 997 -13.47 -51.51 92.01
N LEU A 998 -13.90 -52.75 91.82
CA LEU A 998 -15.03 -53.32 92.54
C LEU A 998 -14.61 -54.65 93.16
N VAL A 999 -14.81 -54.77 94.48
CA VAL A 999 -14.38 -55.93 95.26
C VAL A 999 -14.66 -57.24 94.52
N GLU A 1000 -13.61 -58.03 94.32
CA GLU A 1000 -13.68 -59.26 93.52
C GLU A 1000 -14.56 -60.33 94.15
N ALA A 1001 -14.31 -60.62 95.43
CA ALA A 1001 -14.99 -61.70 96.16
C ALA A 1001 -16.52 -61.58 96.14
N ASP A 1002 -17.02 -60.35 96.20
CA ASP A 1002 -18.46 -60.07 96.21
C ASP A 1002 -19.16 -60.52 94.93
N VAL A 1003 -18.46 -60.48 93.81
CA VAL A 1003 -18.98 -60.94 92.52
C VAL A 1003 -19.19 -62.45 92.53
N THR A 1004 -18.24 -63.16 93.15
CA THR A 1004 -18.32 -64.62 93.29
C THR A 1004 -19.03 -65.03 94.58
N LEU A 1005 -19.57 -64.04 95.30
CA LEU A 1005 -20.37 -64.28 96.50
C LEU A 1005 -21.86 -64.21 96.16
N MET A 1006 -22.26 -63.15 95.47
CA MET A 1006 -23.60 -63.03 94.93
C MET A 1006 -23.65 -63.62 93.52
N LEU A 1007 -24.81 -63.53 92.86
CA LEU A 1007 -25.00 -64.05 91.50
C LEU A 1007 -24.99 -65.58 91.43
N ARG A 1008 -24.17 -66.23 92.27
CA ARG A 1008 -24.15 -67.68 92.38
C ARG A 1008 -25.49 -68.22 92.90
N ASP A 1009 -26.22 -67.35 93.59
CA ASP A 1009 -27.57 -67.64 94.06
C ASP A 1009 -28.64 -67.12 93.09
N ILE A 1010 -28.26 -66.12 92.29
CA ILE A 1010 -29.17 -65.52 91.30
C ILE A 1010 -29.02 -66.19 89.94
N GLY A 1011 -27.90 -65.92 89.26
CA GLY A 1011 -27.58 -66.53 87.97
C GLY A 1011 -27.10 -67.96 88.10
N ILE A 1012 -26.48 -68.48 87.05
CA ILE A 1012 -26.04 -69.89 87.01
C ILE A 1012 -24.59 -70.07 86.55
N THR A 1013 -24.24 -69.50 85.39
CA THR A 1013 -22.92 -69.68 84.80
C THR A 1013 -22.08 -68.40 84.81
N HIS A 1014 -20.82 -68.53 85.19
CA HIS A 1014 -19.93 -67.38 85.39
C HIS A 1014 -18.45 -67.81 85.38
N GLU A 1015 -17.88 -67.87 84.19
CA GLU A 1015 -16.50 -68.28 84.00
C GLU A 1015 -15.62 -67.10 83.61
N ILE A 1016 -14.68 -66.75 84.49
CA ILE A 1016 -13.77 -65.63 84.28
C ILE A 1016 -12.45 -66.08 83.64
N ILE A 1017 -12.36 -65.91 82.32
CA ILE A 1017 -11.16 -66.28 81.58
C ILE A 1017 -10.27 -65.06 81.36
N ARG A 1018 -8.99 -65.20 81.71
CA ARG A 1018 -8.00 -64.16 81.45
C ARG A 1018 -7.30 -64.47 80.14
N PRO A 1019 -7.01 -63.43 79.33
CA PRO A 1019 -6.20 -63.64 78.14
C PRO A 1019 -4.80 -64.10 78.52
N SER A 1020 -4.32 -65.15 77.86
CA SER A 1020 -3.03 -65.74 78.17
C SER A 1020 -2.03 -65.55 77.02
N THR A 1021 -0.86 -66.18 77.15
CA THR A 1021 0.22 -66.02 76.15
C THR A 1021 -0.15 -66.44 74.71
N PRO A 1022 -0.98 -67.50 74.54
CA PRO A 1022 -1.43 -67.82 73.18
C PRO A 1022 -2.09 -66.63 72.47
N GLU A 1023 -2.86 -65.84 73.21
CA GLU A 1023 -3.50 -64.64 72.67
C GLU A 1023 -2.48 -63.54 72.37
N LEU A 1024 -1.43 -63.46 73.21
CA LEU A 1024 -0.36 -62.50 73.03
C LEU A 1024 0.40 -62.75 71.73
N ILE A 1025 0.84 -63.99 71.53
CA ILE A 1025 1.57 -64.38 70.31
C ILE A 1025 0.68 -64.24 69.07
N ASP A 1026 -0.50 -64.87 69.09
CA ASP A 1026 -1.42 -64.86 67.96
C ASP A 1026 -1.78 -63.46 67.45
N ALA A 1027 -2.16 -62.58 68.37
CA ALA A 1027 -2.53 -61.21 68.03
C ALA A 1027 -1.32 -60.35 67.64
N CYS A 1028 -0.17 -60.66 68.24
CA CYS A 1028 1.08 -59.98 67.91
C CYS A 1028 1.74 -60.57 66.66
N SER A 1029 1.19 -61.68 66.16
CA SER A 1029 1.70 -62.32 64.94
C SER A 1029 1.00 -61.78 63.70
N ASN A 1030 -0.30 -61.48 63.82
CA ASN A 1030 -1.09 -60.97 62.71
C ASN A 1030 -0.79 -59.50 62.41
N TYR A 1031 -0.79 -58.68 63.46
CA TYR A 1031 -0.55 -57.25 63.34
C TYR A 1031 0.94 -56.95 63.36
N GLY A 1032 1.71 -57.89 63.88
CA GLY A 1032 3.16 -57.78 63.97
C GLY A 1032 3.59 -56.52 64.70
N ILE A 1033 3.04 -56.32 65.89
CA ILE A 1033 3.32 -55.10 66.68
C ILE A 1033 4.08 -55.41 67.97
N ARG A 1034 5.39 -55.19 67.92
CA ARG A 1034 6.26 -55.47 69.07
C ARG A 1034 6.07 -54.43 70.17
N LEU A 1035 6.18 -54.88 71.42
CA LEU A 1035 5.96 -54.05 72.62
C LEU A 1035 6.95 -52.89 72.76
N GLY A 1036 7.99 -53.09 73.58
CA GLY A 1036 8.98 -52.05 73.85
C GLY A 1036 9.15 -51.82 75.34
N SER A 1037 9.84 -52.75 76.00
CA SER A 1037 10.10 -52.73 77.45
C SER A 1037 8.91 -52.20 78.26
N THR A 1038 9.19 -51.33 79.24
CA THR A 1038 8.18 -50.65 80.07
C THR A 1038 6.84 -51.38 80.18
N GLY A 1039 6.03 -51.29 79.13
CA GLY A 1039 4.74 -51.97 79.07
C GLY A 1039 4.81 -53.48 79.13
N GLY A 1040 6.00 -54.03 78.91
CA GLY A 1040 6.25 -55.47 79.03
C GLY A 1040 6.16 -55.94 80.47
N ALA A 1041 6.85 -55.21 81.36
CA ALA A 1041 6.81 -55.51 82.79
C ALA A 1041 5.44 -55.23 83.39
N VAL A 1042 4.85 -54.10 83.00
CA VAL A 1042 3.56 -53.65 83.53
C VAL A 1042 2.37 -54.48 82.96
N LEU A 1043 2.60 -55.13 81.82
CA LEU A 1043 1.53 -55.84 81.10
C LEU A 1043 0.86 -56.96 81.88
N ASP A 1044 1.62 -58.01 82.22
CA ASP A 1044 1.09 -59.23 82.85
C ASP A 1044 0.29 -58.99 84.12
N VAL A 1045 0.57 -57.88 84.80
CA VAL A 1045 -0.16 -57.47 86.00
C VAL A 1045 -1.54 -56.91 85.63
N PHE A 1046 -1.56 -55.98 84.67
CA PHE A 1046 -2.78 -55.33 84.20
C PHE A 1046 -3.72 -56.30 83.48
N ASN A 1047 -3.17 -57.02 82.50
CA ASN A 1047 -3.90 -58.03 81.74
C ASN A 1047 -4.61 -59.07 82.61
N HIS A 1048 -4.04 -59.35 83.78
CA HIS A 1048 -4.59 -60.34 84.71
C HIS A 1048 -5.88 -59.91 85.38
N TYR A 1049 -5.90 -58.68 85.92
CA TYR A 1049 -7.03 -58.23 86.73
C TYR A 1049 -8.16 -57.57 85.95
N SER A 1050 -8.26 -57.92 84.67
CA SER A 1050 -9.41 -57.55 83.85
C SER A 1050 -10.10 -58.83 83.36
N PRO A 1051 -10.69 -59.60 84.29
CA PRO A 1051 -11.29 -60.88 83.92
C PRO A 1051 -12.56 -60.70 83.09
N VAL A 1052 -12.66 -61.46 82.01
CA VAL A 1052 -13.84 -61.41 81.15
C VAL A 1052 -14.86 -62.44 81.64
N ILE A 1053 -15.81 -61.98 82.45
CA ILE A 1053 -16.89 -62.84 82.96
C ILE A 1053 -17.91 -63.13 81.87
N LYS A 1054 -18.08 -64.41 81.57
CA LYS A 1054 -19.01 -64.84 80.54
C LYS A 1054 -20.20 -65.58 81.14
N LEU A 1055 -21.32 -64.86 81.26
CA LEU A 1055 -22.57 -65.43 81.74
C LEU A 1055 -23.31 -66.08 80.57
N VAL A 1056 -23.16 -67.40 80.45
CA VAL A 1056 -23.72 -68.16 79.34
C VAL A 1056 -24.65 -69.28 79.84
N ARG A 1057 -25.89 -68.91 80.13
CA ARG A 1057 -26.86 -69.84 80.71
C ARG A 1057 -28.18 -69.88 79.92
N SER A 1058 -29.28 -70.13 80.63
CA SER A 1058 -30.61 -70.17 80.02
C SER A 1058 -31.69 -69.66 80.97
N THR B 134 37.66 25.29 -8.10
CA THR B 134 36.88 26.26 -7.28
C THR B 134 35.39 25.91 -7.28
N LYS B 135 34.74 26.07 -6.14
CA LYS B 135 33.29 25.86 -6.00
C LYS B 135 32.52 26.85 -6.88
N VAL B 136 32.15 26.40 -8.07
CA VAL B 136 31.43 27.23 -9.05
C VAL B 136 29.92 27.09 -8.86
N ILE B 137 29.20 28.16 -9.17
CA ILE B 137 27.74 28.18 -9.03
C ILE B 137 27.01 27.63 -10.27
N PHE B 138 26.39 26.46 -10.11
CA PHE B 138 25.58 25.82 -11.15
C PHE B 138 24.12 25.77 -10.67
N ASN B 139 23.19 25.64 -11.61
CA ASN B 139 21.76 25.73 -11.29
C ASN B 139 21.00 24.41 -11.12
N GLY B 140 20.85 23.65 -12.20
CA GLY B 140 20.02 22.44 -12.22
C GLY B 140 20.51 21.32 -11.33
N LEU B 141 19.84 20.17 -11.41
CA LEU B 141 20.22 18.98 -10.65
C LEU B 141 21.61 18.48 -11.10
N ASP B 142 22.14 17.48 -10.41
CA ASP B 142 23.50 17.02 -10.69
C ASP B 142 23.56 15.60 -11.27
N VAL B 143 24.65 15.33 -11.99
CA VAL B 143 24.90 14.04 -12.63
C VAL B 143 26.15 13.36 -12.07
N ASN B 144 25.99 12.11 -11.62
CA ASN B 144 27.10 11.32 -11.07
C ASN B 144 27.00 9.84 -11.44
N THR B 145 26.51 9.06 -10.48
CA THR B 145 26.37 7.61 -10.62
C THR B 145 25.19 7.24 -11.52
N GLU B 146 25.15 5.98 -11.95
CA GLU B 146 24.07 5.51 -12.80
C GLU B 146 23.30 4.35 -12.15
N VAL B 147 21.98 4.41 -12.26
CA VAL B 147 21.11 3.34 -11.78
C VAL B 147 21.11 2.17 -12.78
N GLN B 148 20.21 1.21 -12.57
CA GLN B 148 20.07 0.06 -13.46
C GLN B 148 18.66 -0.50 -13.30
N PRO B 149 18.02 -0.92 -14.42
CA PRO B 149 16.67 -1.49 -14.41
C PRO B 149 16.43 -2.60 -13.36
N LEU B 150 17.41 -2.82 -12.49
CA LEU B 150 17.37 -3.84 -11.43
C LEU B 150 17.09 -5.22 -11.98
N SER B 151 15.80 -5.53 -12.19
CA SER B 151 15.38 -6.78 -12.79
C SER B 151 14.94 -6.55 -14.24
N ASP B 152 15.82 -6.87 -15.17
CA ASP B 152 15.53 -6.77 -16.60
C ASP B 152 14.60 -7.90 -17.01
N ASP B 153 13.49 -7.55 -17.66
CA ASP B 153 12.49 -8.53 -18.04
C ASP B 153 12.06 -8.41 -19.50
N PHE B 154 11.07 -7.54 -19.75
CA PHE B 154 10.42 -7.43 -21.06
C PHE B 154 11.36 -6.95 -22.16
N LYS B 155 11.05 -7.36 -23.39
CA LYS B 155 11.78 -6.93 -24.57
C LYS B 155 10.80 -6.51 -25.67
N GLN B 156 10.75 -5.22 -25.92
CA GLN B 156 9.71 -4.63 -26.77
C GLN B 156 9.92 -4.83 -28.27
N ILE B 157 8.83 -5.16 -28.95
CA ILE B 157 8.78 -5.20 -30.42
C ILE B 157 8.12 -3.91 -30.94
N SER B 158 7.55 -3.98 -32.13
CA SER B 158 6.79 -2.85 -32.69
C SER B 158 5.50 -3.35 -33.35
N ASP B 159 5.64 -4.32 -34.25
CA ASP B 159 4.50 -4.99 -34.86
C ASP B 159 4.45 -6.44 -34.38
N PRO B 160 3.38 -6.80 -33.63
CA PRO B 160 3.23 -8.14 -33.03
C PRO B 160 3.08 -9.24 -34.08
N LYS B 161 3.38 -10.47 -33.67
CA LYS B 161 3.34 -11.62 -34.58
C LYS B 161 1.96 -12.29 -34.57
N GLY B 162 1.79 -13.30 -33.72
CA GLY B 162 0.53 -14.05 -33.65
C GLY B 162 0.75 -15.54 -33.84
N TYR B 163 0.07 -16.34 -33.02
CA TYR B 163 0.24 -17.80 -33.03
C TYR B 163 -0.53 -18.47 -34.16
N LEU B 164 -1.80 -18.10 -34.33
CA LEU B 164 -2.64 -18.67 -35.37
C LEU B 164 -2.77 -17.73 -36.55
N THR B 165 -2.62 -18.28 -37.75
CA THR B 165 -2.63 -17.49 -38.98
C THR B 165 -3.38 -18.19 -40.11
N TYR B 166 -3.72 -17.41 -41.13
CA TYR B 166 -4.41 -17.93 -42.32
C TYR B 166 -3.41 -18.42 -43.37
N SER B 167 -3.77 -19.52 -44.01
CA SER B 167 -2.99 -20.07 -45.12
C SER B 167 -3.93 -20.60 -46.20
N VAL B 168 -3.72 -20.12 -47.42
CA VAL B 168 -4.57 -20.46 -48.56
C VAL B 168 -3.83 -21.35 -49.56
N LYS B 169 -4.59 -22.13 -50.33
CA LYS B 169 -4.04 -22.96 -51.40
C LYS B 169 -5.00 -22.95 -52.60
N TYR B 170 -4.75 -22.05 -53.55
CA TYR B 170 -5.52 -22.02 -54.78
C TYR B 170 -4.95 -23.01 -55.78
N GLU B 171 -5.74 -23.30 -56.82
CA GLU B 171 -5.29 -24.06 -57.97
C GLU B 171 -5.37 -23.17 -59.21
N ASP B 172 -4.62 -23.53 -60.24
CA ASP B 172 -4.63 -22.76 -61.49
C ASP B 172 -5.84 -23.18 -62.35
N GLN B 173 -5.92 -22.61 -63.57
CA GLN B 173 -7.07 -22.77 -64.47
C GLN B 173 -8.17 -21.75 -64.17
N PHE B 174 -8.13 -21.18 -62.96
CA PHE B 174 -9.10 -20.17 -62.53
C PHE B 174 -8.45 -18.88 -62.06
N THR B 175 -7.24 -19.00 -61.49
CA THR B 175 -6.55 -17.87 -60.86
C THR B 175 -6.10 -16.80 -61.87
N LYS B 176 -6.10 -15.55 -61.39
CA LYS B 176 -5.62 -14.41 -62.17
C LYS B 176 -4.69 -13.56 -61.30
N LYS B 177 -3.40 -13.87 -61.35
CA LYS B 177 -2.39 -13.22 -60.52
C LYS B 177 -1.98 -11.83 -61.01
N ASP B 178 -2.66 -11.33 -62.05
CA ASP B 178 -2.34 -10.05 -62.66
C ASP B 178 -2.94 -8.85 -61.92
N LYS B 179 -4.24 -8.90 -61.65
CA LYS B 179 -4.94 -7.78 -61.02
C LYS B 179 -4.92 -7.87 -59.50
N LEU B 180 -4.35 -6.84 -58.88
CA LEU B 180 -4.18 -6.78 -57.43
C LEU B 180 -4.74 -5.47 -56.87
N ARG B 181 -5.55 -4.78 -57.68
CA ARG B 181 -6.02 -3.44 -57.36
C ARG B 181 -7.55 -3.33 -57.34
N ALA B 182 -8.05 -2.49 -56.44
CA ALA B 182 -9.48 -2.23 -56.30
C ALA B 182 -9.77 -0.75 -56.08
N SER B 183 -8.87 -0.07 -55.38
CA SER B 183 -8.99 1.37 -55.08
C SER B 183 -7.60 1.99 -54.86
N GLU B 184 -7.55 3.17 -54.22
CA GLU B 184 -6.27 3.84 -53.96
C GLU B 184 -5.84 3.72 -52.49
N ALA B 185 -6.34 4.63 -51.65
CA ALA B 185 -6.05 4.59 -50.21
C ALA B 185 -6.76 3.41 -49.55
N ASP B 186 -7.35 2.56 -50.38
CA ASP B 186 -8.04 1.35 -49.94
C ASP B 186 -7.18 0.11 -50.20
N ASP B 187 -6.47 0.10 -51.34
CA ASP B 187 -5.57 -1.00 -51.68
C ASP B 187 -4.45 -1.18 -50.66
N ARG B 188 -4.35 -0.24 -49.73
CA ARG B 188 -3.37 -0.27 -48.66
C ARG B 188 -4.03 -0.44 -47.28
N ILE B 189 -5.36 -0.37 -47.26
CA ILE B 189 -6.13 -0.65 -46.05
C ILE B 189 -6.83 -2.01 -46.16
N VAL B 190 -7.18 -2.40 -47.39
CA VAL B 190 -7.84 -3.69 -47.64
C VAL B 190 -6.79 -4.77 -47.97
N GLY B 191 -6.64 -5.10 -49.26
CA GLY B 191 -5.64 -6.09 -49.70
C GLY B 191 -4.27 -5.75 -49.15
N PRO B 192 -3.53 -6.75 -48.62
CA PRO B 192 -3.56 -8.22 -48.60
C PRO B 192 -4.90 -8.93 -48.36
N THR B 193 -5.83 -8.27 -47.65
CA THR B 193 -7.12 -8.88 -47.32
C THR B 193 -8.05 -9.04 -48.54
N VAL B 194 -7.45 -9.08 -49.73
CA VAL B 194 -8.16 -9.37 -50.97
C VAL B 194 -7.20 -10.09 -51.95
N ASN B 195 -5.92 -10.14 -51.58
CA ASN B 195 -4.90 -10.85 -52.34
C ASN B 195 -4.56 -12.21 -51.74
N LEU B 196 -5.19 -12.52 -50.61
CA LEU B 196 -5.12 -13.85 -50.00
C LEU B 196 -6.48 -14.53 -50.15
N PHE B 197 -7.37 -13.85 -50.87
CA PHE B 197 -8.70 -14.35 -51.19
C PHE B 197 -9.03 -14.05 -52.66
N LYS B 198 -8.02 -14.23 -53.51
CA LYS B 198 -8.15 -14.03 -54.96
C LYS B 198 -9.27 -14.88 -55.54
N TYR B 199 -9.83 -14.44 -56.66
CA TYR B 199 -10.87 -15.21 -57.33
C TYR B 199 -10.33 -16.57 -57.77
N GLY B 200 -10.62 -17.60 -56.99
CA GLY B 200 -10.21 -18.97 -57.32
C GLY B 200 -9.49 -19.72 -56.22
N ALA B 201 -9.72 -19.34 -54.97
CA ALA B 201 -9.14 -20.04 -53.82
C ALA B 201 -9.88 -21.33 -53.56
N ALA B 202 -9.15 -22.44 -53.57
CA ALA B 202 -9.74 -23.77 -53.36
C ALA B 202 -10.08 -24.01 -51.89
N VAL B 203 -9.08 -23.85 -51.01
CA VAL B 203 -9.27 -24.03 -49.57
C VAL B 203 -8.41 -23.07 -48.74
N VAL B 204 -9.02 -22.49 -47.70
CA VAL B 204 -8.30 -21.72 -46.70
C VAL B 204 -8.39 -22.45 -45.35
N ASN B 205 -7.59 -22.02 -44.38
CA ASN B 205 -7.61 -22.64 -43.03
C ASN B 205 -6.73 -21.94 -41.98
N ILE B 206 -6.77 -22.48 -40.75
CA ILE B 206 -6.02 -21.95 -39.62
C ILE B 206 -5.07 -23.02 -39.07
N ASP B 207 -3.91 -22.56 -38.57
CA ASP B 207 -2.89 -23.45 -37.98
C ASP B 207 -1.95 -22.68 -37.07
N LEU B 208 -0.73 -23.19 -36.92
CA LEU B 208 0.33 -22.49 -36.19
C LEU B 208 1.16 -21.66 -37.17
N ASN B 209 1.37 -20.40 -36.81
CA ASN B 209 2.16 -19.48 -37.62
C ASN B 209 3.60 -19.97 -37.77
N ARG B 210 3.98 -20.28 -39.01
CA ARG B 210 5.33 -20.77 -39.32
C ARG B 210 6.34 -19.62 -39.27
N ASP B 211 6.17 -18.71 -38.30
CA ASP B 211 7.06 -17.56 -38.15
C ASP B 211 7.44 -17.31 -36.69
N PHE B 212 6.45 -17.18 -35.81
CA PHE B 212 6.70 -17.09 -34.37
C PHE B 212 7.35 -18.38 -33.90
N PHE B 213 6.85 -19.49 -34.44
CA PHE B 213 7.49 -20.80 -34.26
C PHE B 213 8.40 -21.03 -35.47
N ASP B 214 9.59 -20.44 -35.42
CA ASP B 214 10.55 -20.52 -36.52
C ASP B 214 10.99 -21.96 -36.77
N THR B 215 11.37 -22.26 -38.01
CA THR B 215 11.78 -23.61 -38.39
C THR B 215 13.17 -23.98 -37.86
N ALA B 216 14.03 -22.98 -37.66
CA ALA B 216 15.40 -23.20 -37.22
C ALA B 216 15.50 -23.52 -35.72
N THR B 217 15.46 -22.49 -34.89
CA THR B 217 15.66 -22.65 -33.44
C THR B 217 14.36 -23.02 -32.72
N GLY B 218 13.99 -24.30 -32.82
CA GLY B 218 12.81 -24.82 -32.14
C GLY B 218 12.12 -25.97 -32.84
N ILE B 219 10.97 -25.69 -33.43
CA ILE B 219 10.10 -26.72 -34.00
C ILE B 219 10.24 -26.81 -35.53
N ASP B 220 9.18 -27.32 -36.18
CA ASP B 220 9.09 -27.51 -37.62
C ASP B 220 7.64 -27.83 -37.95
N LEU B 221 7.15 -27.33 -39.09
CA LEU B 221 5.82 -27.67 -39.58
C LEU B 221 5.81 -27.84 -41.10
N THR B 222 5.76 -29.08 -41.57
CA THR B 222 5.55 -29.39 -42.99
C THR B 222 4.20 -30.09 -43.12
N LYS B 223 3.94 -30.97 -42.17
CA LYS B 223 2.62 -31.56 -41.95
C LYS B 223 1.87 -30.61 -41.03
N GLY B 224 0.63 -30.94 -40.68
CA GLY B 224 -0.17 -30.09 -39.78
C GLY B 224 0.39 -30.04 -38.38
N ILE B 225 0.79 -31.21 -37.87
CA ILE B 225 1.37 -31.37 -36.55
C ILE B 225 2.69 -30.61 -36.38
N PRO B 226 2.83 -29.85 -35.27
CA PRO B 226 4.13 -29.24 -34.96
C PRO B 226 5.11 -30.30 -34.45
N LEU B 227 6.06 -30.68 -35.29
CA LEU B 227 6.98 -31.78 -35.00
C LEU B 227 8.38 -31.30 -34.63
N VAL B 228 8.78 -31.60 -33.39
CA VAL B 228 10.17 -31.40 -32.95
C VAL B 228 10.88 -32.76 -32.98
N GLN B 229 12.20 -32.74 -32.90
CA GLN B 229 13.00 -33.97 -33.03
C GLN B 229 12.98 -34.90 -31.82
N ASP B 230 13.97 -34.77 -30.93
CA ASP B 230 14.20 -35.76 -29.89
C ASP B 230 13.95 -35.23 -28.48
N LEU B 231 12.74 -35.44 -27.97
CA LEU B 231 12.43 -35.11 -26.58
C LEU B 231 12.07 -36.35 -25.76
N LEU B 232 11.26 -37.22 -26.34
CA LEU B 232 10.82 -38.44 -25.65
C LEU B 232 10.87 -39.66 -26.59
N VAL B 233 12.08 -40.19 -26.78
CA VAL B 233 12.26 -41.37 -27.63
C VAL B 233 12.09 -42.68 -26.84
N PRO B 234 11.19 -43.57 -27.30
CA PRO B 234 10.96 -44.89 -26.71
C PRO B 234 12.25 -45.71 -26.66
N ILE B 235 12.73 -45.98 -25.44
CA ILE B 235 14.05 -46.59 -25.21
C ILE B 235 14.40 -47.81 -26.07
N GLY B 236 13.54 -48.83 -26.06
CA GLY B 236 13.84 -50.11 -26.69
C GLY B 236 12.82 -50.62 -27.68
N VAL B 237 12.95 -50.18 -28.94
CA VAL B 237 12.10 -50.63 -30.04
C VAL B 237 12.92 -50.78 -31.32
N THR B 238 12.24 -51.07 -32.44
CA THR B 238 12.90 -51.22 -33.74
C THR B 238 13.35 -49.87 -34.30
N ALA B 239 13.84 -49.88 -35.54
CA ALA B 239 14.37 -48.67 -36.19
C ALA B 239 13.30 -47.69 -36.65
N GLY B 240 12.18 -48.22 -37.14
CA GLY B 240 11.10 -47.42 -37.70
C GLY B 240 10.13 -46.82 -36.70
N ALA B 241 10.24 -47.26 -35.43
CA ALA B 241 9.41 -46.74 -34.36
C ALA B 241 9.86 -45.34 -33.93
N GLU B 242 9.26 -44.83 -32.86
CA GLU B 242 9.49 -43.45 -32.33
C GLU B 242 9.20 -42.29 -33.28
N GLN B 243 8.88 -42.61 -34.53
CA GLN B 243 8.58 -41.62 -35.57
C GLN B 243 7.22 -40.94 -35.35
N SER B 244 6.51 -41.39 -34.32
CA SER B 244 5.24 -40.78 -33.92
C SER B 244 5.33 -40.11 -32.54
N ALA B 245 6.28 -40.59 -31.73
CA ALA B 245 6.54 -40.01 -30.41
C ALA B 245 7.16 -38.62 -30.51
N GLU B 246 7.48 -38.20 -31.74
CA GLU B 246 7.99 -36.87 -32.02
C GLU B 246 6.86 -35.84 -32.22
N TYR B 247 5.62 -36.27 -31.99
CA TYR B 247 4.45 -35.39 -31.98
C TYR B 247 4.22 -34.84 -30.58
N VAL B 248 4.05 -35.73 -29.60
CA VAL B 248 3.86 -35.36 -28.20
C VAL B 248 5.01 -34.50 -27.67
N SER B 249 6.21 -34.74 -28.20
CA SER B 249 7.39 -33.96 -27.90
C SER B 249 7.32 -32.57 -28.52
N GLY B 250 6.73 -32.49 -29.71
CA GLY B 250 6.56 -31.23 -30.44
C GLY B 250 5.61 -30.28 -29.76
N LEU B 251 4.58 -30.83 -29.10
CA LEU B 251 3.62 -30.03 -28.34
C LEU B 251 4.25 -29.48 -27.07
N LEU B 252 5.16 -30.24 -26.47
CA LEU B 252 5.91 -29.81 -25.30
C LEU B 252 6.86 -28.66 -25.64
N MET B 253 7.07 -28.42 -26.93
CA MET B 253 7.88 -27.29 -27.41
C MET B 253 7.03 -26.06 -27.69
N VAL B 254 5.79 -26.27 -28.13
CA VAL B 254 4.84 -25.17 -28.36
C VAL B 254 4.42 -24.56 -27.02
N LEU B 255 4.03 -25.41 -26.09
CA LEU B 255 3.59 -25.01 -24.74
C LEU B 255 4.70 -24.26 -23.99
N PHE B 256 5.95 -24.64 -24.25
CA PHE B 256 7.12 -24.02 -23.63
C PHE B 256 7.39 -22.63 -24.19
N LYS B 257 7.21 -22.46 -25.49
CA LYS B 257 7.48 -21.19 -26.18
C LYS B 257 6.50 -20.09 -25.76
N VAL B 258 5.25 -20.47 -25.53
CA VAL B 258 4.21 -19.54 -25.07
C VAL B 258 4.42 -19.19 -23.59
N MET B 259 4.91 -20.17 -22.82
CA MET B 259 5.13 -20.01 -21.38
C MET B 259 6.17 -18.93 -21.05
N THR B 260 7.24 -18.88 -21.84
CA THR B 260 8.32 -17.92 -21.61
C THR B 260 8.31 -16.78 -22.65
N ASP B 261 7.13 -16.25 -22.92
CA ASP B 261 6.96 -15.19 -23.92
C ASP B 261 6.72 -13.83 -23.28
N ASN B 262 7.79 -13.02 -23.20
CA ASN B 262 7.70 -11.67 -22.67
C ASN B 262 7.92 -10.62 -23.77
N ARG B 263 6.82 -10.06 -24.27
CA ARG B 263 6.87 -9.05 -25.32
C ARG B 263 5.94 -7.88 -25.04
N LEU B 264 6.53 -6.71 -24.82
CA LEU B 264 5.76 -5.47 -24.72
C LEU B 264 5.56 -4.88 -26.11
N VAL B 265 4.45 -4.19 -26.30
CA VAL B 265 4.09 -3.65 -27.61
C VAL B 265 4.14 -2.11 -27.61
N ILE B 266 5.20 -1.58 -28.20
CA ILE B 266 5.34 -0.14 -28.39
C ILE B 266 4.78 0.24 -29.77
N VAL B 267 3.89 1.24 -29.77
CA VAL B 267 3.25 1.70 -31.00
C VAL B 267 4.25 2.31 -31.98
N GLY B 268 4.58 1.54 -33.02
CA GLY B 268 5.49 1.99 -34.07
C GLY B 268 4.77 2.00 -35.39
N GLU B 269 4.93 3.11 -36.13
CA GLU B 269 4.28 3.31 -37.43
C GLU B 269 2.80 3.63 -37.30
N THR B 270 2.32 4.53 -38.16
CA THR B 270 0.89 4.89 -38.23
C THR B 270 0.50 5.63 -39.51
N THR B 271 -0.81 5.80 -39.67
CA THR B 271 -1.40 6.64 -40.69
C THR B 271 -2.69 7.21 -40.11
N THR B 272 -3.03 8.42 -40.51
CA THR B 272 -4.34 9.01 -40.21
C THR B 272 -5.00 9.34 -41.55
N PRO B 273 -5.67 8.35 -42.16
CA PRO B 273 -6.20 8.52 -43.52
C PRO B 273 -7.20 9.66 -43.61
N MET B 274 -7.03 10.53 -44.62
CA MET B 274 -7.94 11.64 -44.86
C MET B 274 -9.34 11.10 -45.16
N SER B 275 -10.31 11.57 -44.37
CA SER B 275 -11.67 11.01 -44.32
C SER B 275 -12.33 10.68 -45.66
N ASN B 276 -11.92 11.38 -46.71
CA ASN B 276 -12.62 11.32 -48.01
C ASN B 276 -12.27 10.15 -48.94
N THR B 277 -10.98 9.80 -49.04
CA THR B 277 -10.52 8.83 -50.04
C THR B 277 -10.99 7.39 -49.77
N LEU B 278 -10.64 6.83 -48.61
CA LEU B 278 -11.24 5.57 -48.17
C LEU B 278 -12.68 5.85 -47.76
N SER B 279 -13.63 5.22 -48.45
CA SER B 279 -15.01 5.68 -48.41
C SER B 279 -16.04 4.68 -47.90
N THR B 280 -17.07 5.25 -47.25
CA THR B 280 -18.28 4.56 -46.76
C THR B 280 -18.10 3.23 -46.01
N VAL B 281 -17.94 2.13 -46.73
CA VAL B 281 -17.91 0.80 -46.12
C VAL B 281 -16.61 0.55 -45.36
N VAL B 282 -15.52 1.09 -45.90
CA VAL B 282 -14.20 0.98 -45.28
C VAL B 282 -13.92 2.16 -44.35
N ASN B 283 -14.71 3.22 -44.49
CA ASN B 283 -14.60 4.41 -43.64
C ASN B 283 -15.46 4.31 -42.39
N ASN B 284 -16.66 3.74 -42.54
CA ASN B 284 -17.59 3.54 -41.43
C ASN B 284 -17.22 2.31 -40.59
N VAL B 285 -15.96 1.92 -40.65
CA VAL B 285 -15.48 0.73 -39.93
C VAL B 285 -14.17 0.97 -39.15
N LEU B 286 -13.35 1.91 -39.62
CA LEU B 286 -12.09 2.22 -38.95
C LEU B 286 -12.23 3.43 -38.02
N ARG B 287 -11.75 3.28 -36.79
CA ARG B 287 -11.79 4.34 -35.80
C ARG B 287 -10.52 5.19 -35.88
N THR B 288 -10.59 6.24 -36.70
CA THR B 288 -9.48 7.21 -36.89
C THR B 288 -8.20 6.58 -37.44
N THR B 289 -7.19 6.42 -36.58
CA THR B 289 -5.86 5.97 -37.00
C THR B 289 -5.66 4.47 -36.87
N TYR B 290 -5.17 3.86 -37.94
CA TYR B 290 -4.78 2.46 -37.96
C TYR B 290 -3.26 2.36 -38.01
N HIS B 291 -2.72 1.14 -37.97
CA HIS B 291 -1.27 0.93 -38.04
C HIS B 291 -0.74 1.06 -39.47
N ASN B 292 0.19 0.18 -39.83
CA ASN B 292 0.72 0.08 -41.18
C ASN B 292 0.61 -1.34 -41.71
N ASN B 293 0.68 -2.30 -40.80
CA ASN B 293 0.64 -3.72 -41.14
C ASN B 293 -0.69 -4.36 -40.74
N VAL B 294 -1.78 -3.85 -41.28
CA VAL B 294 -3.09 -4.48 -41.11
C VAL B 294 -3.03 -5.86 -41.75
N GLY B 295 -3.35 -6.88 -40.96
CA GLY B 295 -3.22 -8.27 -41.41
C GLY B 295 -4.32 -8.71 -42.35
N VAL B 296 -4.79 -9.94 -42.15
CA VAL B 296 -5.86 -10.50 -42.97
C VAL B 296 -7.11 -10.79 -42.14
N ASN B 297 -8.28 -10.48 -42.70
CA ASN B 297 -9.54 -10.64 -42.01
C ASN B 297 -10.69 -10.89 -42.99
N PRO B 298 -11.29 -12.10 -42.96
CA PRO B 298 -12.43 -12.42 -43.82
C PRO B 298 -13.70 -11.64 -43.45
N ALA B 299 -13.54 -10.34 -43.23
CA ALA B 299 -14.63 -9.43 -42.91
C ALA B 299 -14.35 -8.05 -43.49
N LEU B 300 -13.06 -7.74 -43.65
CA LEU B 300 -12.62 -6.45 -44.17
C LEU B 300 -12.83 -6.34 -45.68
N LEU B 301 -13.22 -7.45 -46.30
CA LEU B 301 -13.53 -7.50 -47.73
C LEU B 301 -15.04 -7.47 -48.00
N ARG B 302 -15.81 -6.97 -47.04
CA ARG B 302 -17.28 -7.05 -47.09
C ARG B 302 -17.91 -6.40 -48.33
N ASP B 303 -17.11 -5.63 -49.07
CA ASP B 303 -17.53 -5.07 -50.36
C ASP B 303 -16.37 -4.88 -51.33
N PHE B 304 -15.64 -5.95 -51.63
CA PHE B 304 -14.50 -5.89 -52.56
C PHE B 304 -14.28 -7.16 -53.40
N THR B 305 -15.11 -8.17 -53.18
CA THR B 305 -14.97 -9.45 -53.87
C THR B 305 -16.02 -9.64 -54.97
N GLN B 306 -15.59 -10.22 -56.08
CA GLN B 306 -16.46 -10.49 -57.23
C GLN B 306 -17.42 -11.63 -56.93
N VAL B 307 -16.89 -12.68 -56.29
CA VAL B 307 -17.68 -13.84 -55.88
C VAL B 307 -18.98 -13.38 -55.19
N ASN B 308 -20.09 -13.52 -55.91
CA ASN B 308 -21.36 -12.88 -55.54
C ASN B 308 -22.04 -13.47 -54.31
N TRP B 309 -22.15 -14.79 -54.25
CA TRP B 309 -22.88 -15.47 -53.17
C TRP B 309 -22.29 -15.14 -51.80
N LEU B 310 -20.96 -15.18 -51.70
CA LEU B 310 -20.24 -14.99 -50.45
C LEU B 310 -20.43 -13.58 -49.89
N ASN B 311 -20.47 -12.60 -50.77
CA ASN B 311 -20.63 -11.19 -50.42
C ASN B 311 -21.89 -10.91 -49.60
N ARG B 312 -23.05 -11.31 -50.14
CA ARG B 312 -24.33 -11.07 -49.49
C ARG B 312 -24.38 -11.69 -48.09
N ASP B 313 -23.61 -12.77 -47.91
CA ASP B 313 -23.62 -13.52 -46.66
C ASP B 313 -22.84 -12.81 -45.55
N ILE B 314 -21.64 -12.34 -45.87
CA ILE B 314 -20.83 -11.58 -44.92
C ILE B 314 -21.57 -10.30 -44.48
N THR B 315 -22.12 -9.58 -45.45
CA THR B 315 -22.87 -8.34 -45.17
C THR B 315 -24.26 -8.61 -44.61
N ASN B 316 -24.40 -9.73 -43.91
CA ASN B 316 -25.66 -10.16 -43.32
C ASN B 316 -25.45 -10.64 -41.89
N MET B 317 -24.41 -11.45 -41.69
CA MET B 317 -24.02 -11.93 -40.38
C MET B 317 -23.07 -10.94 -39.69
N LEU B 318 -22.49 -10.04 -40.46
CA LEU B 318 -21.63 -8.97 -39.95
C LEU B 318 -22.46 -7.72 -39.66
N GLN B 319 -23.48 -7.50 -40.49
CA GLN B 319 -24.46 -6.44 -40.28
C GLN B 319 -25.38 -6.75 -39.10
N GLN B 320 -25.36 -8.02 -38.68
CA GLN B 320 -26.20 -8.56 -37.60
C GLN B 320 -26.22 -7.72 -36.32
N ALA B 321 -27.35 -7.76 -35.61
CA ALA B 321 -27.53 -7.06 -34.35
C ALA B 321 -26.82 -7.75 -33.17
N GLY B 322 -25.95 -8.71 -33.49
CA GLY B 322 -25.18 -9.42 -32.48
C GLY B 322 -23.72 -8.99 -32.45
N THR B 323 -23.05 -9.09 -33.59
CA THR B 323 -21.63 -8.78 -33.71
C THR B 323 -21.39 -7.44 -34.42
N LYS B 324 -20.13 -7.01 -34.42
CA LYS B 324 -19.69 -5.81 -35.13
C LYS B 324 -18.16 -5.80 -35.28
N TYR B 325 -17.68 -5.38 -36.44
CA TYR B 325 -16.24 -5.31 -36.70
C TYR B 325 -15.69 -3.90 -36.46
N GLY B 326 -14.40 -3.83 -36.10
CA GLY B 326 -13.72 -2.56 -35.86
C GLY B 326 -12.23 -2.64 -36.13
N LEU B 327 -11.60 -1.49 -36.37
CA LEU B 327 -10.18 -1.40 -36.67
C LEU B 327 -9.60 -0.05 -36.27
N GLY B 328 -8.37 -0.07 -35.76
CA GLY B 328 -7.63 1.16 -35.45
C GLY B 328 -7.63 1.54 -33.99
N LEU B 329 -7.50 2.85 -33.74
CA LEU B 329 -7.48 3.40 -32.37
C LEU B 329 -8.87 3.34 -31.76
N THR B 330 -8.98 2.71 -30.59
CA THR B 330 -10.28 2.56 -29.93
C THR B 330 -10.56 3.59 -28.83
N GLU B 331 -9.60 3.77 -27.92
CA GLU B 331 -9.70 4.75 -26.82
C GLU B 331 -8.33 5.08 -26.22
N THR B 332 -8.29 6.06 -25.31
CA THR B 332 -7.03 6.55 -24.74
C THR B 332 -7.12 6.82 -23.24
N ARG B 333 -6.03 6.50 -22.53
CA ARG B 333 -5.89 6.78 -21.11
C ARG B 333 -4.92 7.94 -20.92
N LEU B 334 -5.40 9.03 -20.33
CA LEU B 334 -4.62 10.26 -20.14
C LEU B 334 -3.79 10.19 -18.86
N ASP B 335 -2.88 11.16 -18.68
CA ASP B 335 -2.01 11.21 -17.51
C ASP B 335 -2.48 12.22 -16.46
N TYR B 336 -2.26 11.89 -15.19
CA TYR B 336 -2.75 12.69 -14.08
C TYR B 336 -2.05 14.05 -13.96
N VAL B 337 -0.76 14.02 -13.65
CA VAL B 337 -0.02 15.27 -13.38
C VAL B 337 0.54 15.92 -14.66
N ARG B 338 1.23 15.11 -15.48
CA ARG B 338 1.84 15.58 -16.72
C ARG B 338 0.81 16.05 -17.76
N LEU B 339 -0.21 15.23 -17.99
CA LEU B 339 -1.31 15.51 -18.94
C LEU B 339 -0.91 15.20 -20.39
N VAL B 340 -0.56 13.94 -20.65
CA VAL B 340 -0.25 13.45 -22.00
C VAL B 340 -0.84 12.04 -22.16
N LYS B 341 -1.09 11.64 -23.41
CA LYS B 341 -1.54 10.27 -23.71
C LYS B 341 -0.43 9.25 -23.43
N THR B 342 -0.80 8.15 -22.76
CA THR B 342 0.16 7.11 -22.40
C THR B 342 -0.24 5.73 -22.93
N ILE B 343 -1.22 5.11 -22.28
CA ILE B 343 -1.67 3.77 -22.68
C ILE B 343 -2.84 3.86 -23.65
N VAL B 344 -2.54 3.60 -24.92
CA VAL B 344 -3.56 3.59 -25.98
C VAL B 344 -3.98 2.17 -26.32
N GLY B 345 -5.28 2.01 -26.58
CA GLY B 345 -5.82 0.73 -27.02
C GLY B 345 -6.02 0.72 -28.51
N HIS B 346 -5.50 -0.31 -29.16
CA HIS B 346 -5.64 -0.46 -30.60
C HIS B 346 -6.42 -1.73 -30.94
N ALA B 347 -7.53 -1.55 -31.67
CA ALA B 347 -8.30 -2.66 -32.22
C ALA B 347 -7.46 -3.35 -33.29
N LEU B 348 -6.52 -4.16 -32.82
CA LEU B 348 -5.51 -4.78 -33.66
C LEU B 348 -6.06 -5.98 -34.43
N ASN B 349 -5.26 -6.51 -35.34
CA ASN B 349 -5.71 -7.57 -36.24
C ASN B 349 -5.06 -8.92 -35.97
N ILE B 350 -4.79 -9.20 -34.69
CA ILE B 350 -4.23 -10.49 -34.26
C ILE B 350 -5.38 -11.47 -33.94
N ASP B 351 -5.06 -12.56 -33.27
CA ASP B 351 -6.04 -13.54 -32.84
C ASP B 351 -6.10 -13.61 -31.32
N HIS B 352 -7.23 -14.06 -30.79
CA HIS B 352 -7.49 -14.07 -29.34
C HIS B 352 -6.43 -14.79 -28.51
N PHE B 353 -5.76 -15.77 -29.11
CA PHE B 353 -4.77 -16.58 -28.41
C PHE B 353 -3.45 -15.85 -28.15
N ALA B 354 -3.04 -15.01 -29.11
CA ALA B 354 -1.81 -14.23 -29.00
C ALA B 354 -2.05 -12.86 -28.35
N ALA B 355 -3.27 -12.35 -28.52
CA ALA B 355 -3.66 -11.06 -27.94
C ALA B 355 -3.86 -11.15 -26.43
N SER B 356 -4.21 -12.34 -25.94
CA SER B 356 -4.38 -12.59 -24.51
C SER B 356 -3.05 -12.52 -23.78
N VAL B 357 -2.01 -13.09 -24.38
CA VAL B 357 -0.67 -13.14 -23.80
C VAL B 357 -0.02 -11.76 -23.71
N LEU B 358 -0.24 -10.94 -24.74
CA LEU B 358 0.33 -9.59 -24.80
C LEU B 358 -0.25 -8.64 -23.75
N ASN B 359 -1.48 -8.93 -23.31
CA ASN B 359 -2.15 -8.13 -22.29
C ASN B 359 -1.73 -8.44 -20.86
N ILE B 360 -1.34 -9.69 -20.61
CA ILE B 360 -0.83 -10.11 -19.30
C ILE B 360 0.45 -9.35 -18.95
N ASN B 361 1.28 -9.14 -19.96
CA ASN B 361 2.54 -8.41 -19.81
C ASN B 361 2.34 -6.93 -19.45
N LEU B 362 1.62 -6.21 -20.32
CA LEU B 362 1.40 -4.76 -20.16
C LEU B 362 0.66 -4.41 -18.87
N ARG B 363 -0.26 -5.28 -18.46
CA ARG B 363 -1.03 -5.06 -17.23
C ARG B 363 -0.16 -5.22 -15.98
N ALA B 364 0.79 -6.16 -16.03
CA ALA B 364 1.71 -6.40 -14.93
C ALA B 364 2.86 -5.38 -14.88
N LEU B 365 2.96 -4.58 -15.94
CA LEU B 365 3.91 -3.49 -16.02
C LEU B 365 3.27 -2.21 -15.49
N MET B 366 1.95 -2.11 -15.69
CA MET B 366 1.20 -0.91 -15.32
C MET B 366 0.54 -1.02 -13.95
N GLU B 367 0.43 -2.25 -13.43
CA GLU B 367 -0.13 -2.49 -12.10
C GLU B 367 0.97 -2.66 -11.05
N ALA B 368 2.20 -2.35 -11.43
CA ALA B 368 3.32 -2.34 -10.50
C ALA B 368 3.22 -1.16 -9.54
N ASN B 369 2.70 -0.03 -10.05
CA ASN B 369 2.54 1.22 -9.30
C ASN B 369 3.83 1.72 -8.64
N VAL B 370 4.94 1.11 -9.01
CA VAL B 370 6.26 1.49 -8.51
C VAL B 370 7.08 2.16 -9.61
N THR B 371 7.33 3.45 -9.43
CA THR B 371 8.12 4.25 -10.36
C THR B 371 9.59 3.83 -10.36
N ALA B 372 10.32 4.22 -11.40
CA ALA B 372 11.75 3.92 -11.51
C ALA B 372 12.58 4.62 -10.44
N ASP B 373 11.91 5.42 -9.59
CA ASP B 373 12.56 6.15 -8.51
C ASP B 373 12.71 5.33 -7.23
N ASP B 374 11.94 4.25 -7.11
CA ASP B 374 12.10 3.30 -6.00
C ASP B 374 13.29 2.36 -6.27
N ARG B 375 14.13 2.79 -7.20
CA ARG B 375 15.35 2.08 -7.57
C ARG B 375 16.51 2.61 -6.73
N ILE B 376 16.47 3.90 -6.43
CA ILE B 376 17.51 4.56 -5.65
C ILE B 376 17.40 4.27 -4.14
N LYS B 377 16.39 3.49 -3.76
CA LYS B 377 16.22 3.06 -2.37
C LYS B 377 16.87 1.69 -2.12
N ALA B 378 17.36 1.06 -3.19
CA ALA B 378 18.12 -0.19 -3.12
C ALA B 378 19.55 0.04 -3.60
N LEU B 379 19.72 1.07 -4.43
CA LEU B 379 21.02 1.55 -4.87
C LEU B 379 21.78 2.18 -3.71
N GLN B 380 21.06 2.48 -2.63
CA GLN B 380 21.64 3.11 -1.45
C GLN B 380 21.98 2.11 -0.34
N ALA B 381 21.42 0.90 -0.44
CA ALA B 381 21.71 -0.18 0.51
C ALA B 381 23.10 -0.77 0.27
N HIS B 382 23.85 -0.14 -0.63
CA HIS B 382 25.16 -0.63 -1.07
C HIS B 382 26.26 0.44 -0.95
N SER B 383 26.22 1.21 0.14
CA SER B 383 27.20 2.28 0.38
C SER B 383 27.22 2.65 1.86
N MET B 384 28.13 3.57 2.22
CA MET B 384 28.24 4.06 3.60
C MET B 384 26.87 4.42 4.17
N ILE B 385 26.57 3.86 5.35
CA ILE B 385 25.25 3.93 5.97
C ILE B 385 24.66 5.35 6.04
N SER B 386 25.53 6.36 6.06
CA SER B 386 25.10 7.75 6.15
C SER B 386 25.28 8.55 4.85
N THR B 387 24.87 7.97 3.73
CA THR B 387 24.85 8.67 2.44
C THR B 387 23.42 8.79 1.89
N GLN B 388 23.24 9.68 0.92
CA GLN B 388 21.91 9.92 0.33
C GLN B 388 21.96 10.47 -1.10
N PHE B 389 20.78 10.48 -1.74
CA PHE B 389 20.64 10.84 -3.15
C PHE B 389 19.53 11.88 -3.33
N HIS B 390 19.56 12.60 -4.46
CA HIS B 390 18.48 13.51 -4.84
C HIS B 390 17.88 13.06 -6.18
N GLY B 391 16.75 12.36 -6.10
CA GLY B 391 16.13 11.74 -7.26
C GLY B 391 15.64 12.69 -8.35
N PRO B 392 16.02 12.43 -9.61
CA PRO B 392 15.47 13.15 -10.76
C PRO B 392 14.04 12.69 -11.03
N ASN B 393 13.11 13.25 -10.26
CA ASN B 393 11.71 12.83 -10.27
C ASN B 393 11.09 12.68 -11.65
N GLN B 394 10.43 11.53 -11.87
CA GLN B 394 9.81 11.20 -13.15
C GLN B 394 8.35 10.76 -12.97
N GLY B 395 8.12 9.83 -12.06
CA GLY B 395 6.76 9.40 -11.70
C GLY B 395 6.15 8.36 -12.62
N ALA B 396 5.00 8.70 -13.19
CA ALA B 396 4.21 7.78 -14.01
C ALA B 396 4.77 7.54 -15.41
N LEU B 397 5.70 8.39 -15.83
CA LEU B 397 6.30 8.30 -17.16
C LEU B 397 7.47 7.31 -17.22
N ARG B 398 7.76 6.66 -16.10
CA ARG B 398 8.79 5.63 -16.01
C ARG B 398 8.33 4.43 -15.17
N PRO B 399 7.27 3.72 -15.61
CA PRO B 399 6.81 2.57 -14.82
C PRO B 399 7.79 1.41 -14.85
N GLU B 400 8.00 0.80 -13.68
CA GLU B 400 8.96 -0.29 -13.54
C GLU B 400 8.32 -1.43 -12.77
N LEU B 401 8.40 -2.64 -13.33
CA LEU B 401 7.90 -3.84 -12.66
C LEU B 401 8.66 -4.05 -11.34
N ALA B 402 7.93 -4.52 -10.32
CA ALA B 402 8.46 -4.66 -8.97
C ALA B 402 9.60 -5.68 -8.87
N PHE B 403 10.24 -5.71 -7.71
CA PHE B 403 11.32 -6.65 -7.44
C PHE B 403 10.79 -7.85 -6.65
N ASP B 404 10.76 -9.00 -7.31
CA ASP B 404 10.25 -10.24 -6.72
C ASP B 404 11.01 -10.58 -5.44
N HIS B 405 10.25 -10.77 -4.36
CA HIS B 405 10.83 -11.12 -3.06
C HIS B 405 11.21 -12.60 -3.00
N ASP B 406 10.34 -13.45 -3.53
CA ASP B 406 10.39 -14.89 -3.28
C ASP B 406 11.13 -15.70 -4.35
N HIS B 407 10.62 -15.65 -5.59
CA HIS B 407 11.18 -16.41 -6.71
C HIS B 407 12.71 -16.42 -6.75
N ILE B 408 13.32 -15.33 -6.27
CA ILE B 408 14.78 -15.21 -6.17
C ILE B 408 15.37 -15.94 -4.96
N ILE B 409 14.83 -15.68 -3.76
CA ILE B 409 15.29 -16.35 -2.52
C ILE B 409 15.01 -17.85 -2.57
N ARG B 410 13.93 -18.22 -3.27
CA ARG B 410 13.55 -19.61 -3.45
C ARG B 410 14.41 -20.29 -4.53
N CYS B 411 14.97 -19.50 -5.43
CA CYS B 411 15.84 -20.02 -6.50
C CYS B 411 17.31 -20.04 -6.08
N LEU B 412 17.74 -18.98 -5.39
CA LEU B 412 19.10 -18.88 -4.87
C LEU B 412 19.33 -19.81 -3.67
N MET B 413 18.30 -20.59 -3.34
CA MET B 413 18.38 -21.65 -2.34
C MET B 413 18.51 -23.00 -3.03
N LEU B 414 17.71 -23.20 -4.08
CA LEU B 414 17.73 -24.42 -4.89
C LEU B 414 19.05 -24.54 -5.65
N ALA B 415 19.61 -23.40 -6.03
CA ALA B 415 20.90 -23.35 -6.72
C ALA B 415 22.07 -23.59 -5.77
N ALA B 416 21.90 -23.20 -4.51
CA ALA B 416 22.94 -23.34 -3.48
C ALA B 416 23.25 -24.80 -3.16
N ALA B 417 22.22 -25.65 -3.20
CA ALA B 417 22.39 -27.09 -2.92
C ALA B 417 23.01 -27.84 -4.10
N ASN B 418 22.59 -27.49 -5.31
CA ASN B 418 23.07 -28.14 -6.52
C ASN B 418 24.56 -27.91 -6.80
N TYR B 419 24.98 -26.66 -6.68
CA TYR B 419 26.37 -26.28 -6.93
C TYR B 419 26.97 -25.73 -5.64
N PRO B 420 27.63 -26.61 -4.85
CA PRO B 420 28.19 -26.26 -3.54
C PRO B 420 29.32 -25.24 -3.65
N ARG B 421 29.91 -25.15 -4.84
CA ARG B 421 30.95 -24.19 -5.17
C ARG B 421 30.39 -22.77 -5.30
N LEU B 422 29.05 -22.66 -5.28
CA LEU B 422 28.33 -21.39 -5.45
C LEU B 422 28.85 -20.23 -4.59
N GLU B 423 29.12 -20.51 -3.31
CA GLU B 423 29.60 -19.49 -2.38
C GLU B 423 30.94 -18.88 -2.81
N GLY B 424 31.62 -19.55 -3.74
CA GLY B 424 32.87 -19.06 -4.32
C GLY B 424 32.77 -17.65 -4.82
N ILE B 425 31.74 -17.36 -5.63
CA ILE B 425 31.49 -16.02 -6.13
C ILE B 425 30.48 -15.22 -5.28
N ILE B 426 30.59 -15.40 -3.96
CA ILE B 426 29.86 -14.61 -2.98
C ILE B 426 30.84 -14.11 -1.92
N VAL B 427 31.77 -14.98 -1.54
CA VAL B 427 32.92 -14.61 -0.71
C VAL B 427 33.98 -13.91 -1.59
N GLN B 428 33.73 -13.90 -2.89
CA GLN B 428 34.63 -13.28 -3.87
C GLN B 428 34.14 -11.89 -4.30
N ILE B 429 32.84 -11.75 -4.57
CA ILE B 429 32.26 -10.44 -4.84
C ILE B 429 32.40 -9.54 -3.59
N ASN B 430 32.26 -10.16 -2.42
CA ASN B 430 32.47 -9.47 -1.15
C ASN B 430 33.89 -8.94 -0.95
N THR B 431 34.89 -9.78 -1.27
CA THR B 431 36.29 -9.40 -1.07
C THR B 431 36.79 -8.33 -2.05
N GLY B 432 36.10 -8.20 -3.19
CA GLY B 432 36.39 -7.16 -4.17
C GLY B 432 35.91 -5.79 -3.71
N TYR B 433 35.03 -5.77 -2.71
CA TYR B 433 34.48 -4.53 -2.18
C TYR B 433 35.38 -3.89 -1.12
N VAL B 434 35.81 -4.69 -0.13
CA VAL B 434 36.67 -4.20 0.96
C VAL B 434 38.05 -3.74 0.47
N ALA B 435 38.55 -4.41 -0.56
CA ALA B 435 39.83 -4.05 -1.18
C ALA B 435 39.71 -2.76 -1.99
N SER B 436 38.49 -2.44 -2.40
CA SER B 436 38.21 -1.24 -3.19
C SER B 436 38.01 0.01 -2.33
N ALA B 437 37.98 -0.18 -1.01
CA ALA B 437 37.69 0.92 -0.08
C ALA B 437 38.89 1.35 0.78
N ASN B 438 40.09 0.95 0.36
CA ASN B 438 41.36 1.30 1.05
C ASN B 438 41.29 1.36 2.58
N VAL B 439 41.29 0.19 3.21
CA VAL B 439 41.24 0.09 4.67
C VAL B 439 42.57 -0.46 5.23
N ILE B 440 43.24 -1.29 4.44
CA ILE B 440 44.51 -1.90 4.84
C ILE B 440 45.53 -1.90 3.69
N ARG B 441 46.68 -1.30 3.94
CA ARG B 441 47.81 -1.31 2.99
C ARG B 441 49.06 -1.84 3.69
N PRO B 442 49.60 -2.98 3.20
CA PRO B 442 50.70 -3.67 3.87
C PRO B 442 52.06 -3.07 3.54
N VAL B 443 52.56 -2.20 4.41
CA VAL B 443 53.91 -1.66 4.26
C VAL B 443 54.92 -2.72 4.69
N SER B 444 56.10 -2.70 4.06
CA SER B 444 57.15 -3.65 4.38
C SER B 444 58.08 -3.11 5.47
N GLU B 445 57.61 -3.15 6.71
CA GLU B 445 58.38 -2.72 7.87
C GLU B 445 58.14 -3.63 9.07
N LYS B 446 59.20 -4.29 9.52
CA LYS B 446 59.15 -5.16 10.69
C LYS B 446 58.93 -4.32 11.95
N ARG B 447 58.00 -4.76 12.81
CA ARG B 447 57.61 -3.94 13.96
C ARG B 447 57.04 -4.74 15.14
N TYR B 448 57.37 -6.03 15.23
CA TYR B 448 56.98 -6.85 16.38
C TYR B 448 58.09 -6.95 17.44
N PHE B 449 59.09 -6.08 17.32
CA PHE B 449 60.20 -6.07 18.27
C PHE B 449 60.43 -4.67 18.86
N PRO B 450 60.29 -4.55 20.20
CA PRO B 450 60.39 -3.30 20.94
C PRO B 450 61.65 -2.49 20.66
N GLU B 451 62.75 -3.19 20.39
CA GLU B 451 64.08 -2.57 20.26
C GLU B 451 65.12 -3.58 19.79
N ASN B 452 66.34 -3.40 20.26
CA ASN B 452 67.41 -4.38 20.16
C ASN B 452 67.16 -5.58 21.07
N LEU B 453 65.89 -5.79 21.40
CA LEU B 453 65.43 -6.98 22.14
C LEU B 453 65.59 -8.22 21.25
N GLU B 454 66.14 -7.99 20.06
CA GLU B 454 66.46 -9.03 19.10
C GLU B 454 67.81 -9.68 19.40
N GLN B 455 68.63 -8.99 20.20
CA GLN B 455 70.01 -9.40 20.43
C GLN B 455 70.19 -10.33 21.63
N ASN B 456 69.56 -9.98 22.75
CA ASN B 456 69.70 -10.72 24.00
C ASN B 456 69.64 -12.24 23.82
N GLN B 457 70.67 -12.92 24.32
CA GLN B 457 70.67 -14.39 24.39
C GLN B 457 69.66 -14.84 25.44
N SER B 458 69.31 -13.90 26.32
CA SER B 458 68.28 -14.11 27.33
C SER B 458 66.90 -14.09 26.69
N ALA B 459 66.80 -13.45 25.52
CA ALA B 459 65.57 -13.42 24.73
C ALA B 459 65.74 -14.09 23.37
N ALA B 460 66.78 -14.93 23.26
CA ALA B 460 67.06 -15.64 22.01
C ALA B 460 66.04 -16.75 21.73
N ARG B 461 65.43 -17.27 22.79
CA ARG B 461 64.46 -18.35 22.69
C ARG B 461 63.10 -17.87 22.18
N LEU B 462 62.48 -16.97 22.94
CA LEU B 462 61.15 -16.44 22.60
C LEU B 462 61.11 -15.82 21.21
N VAL B 463 62.18 -15.10 20.86
CA VAL B 463 62.32 -14.46 19.56
C VAL B 463 62.22 -15.44 18.39
N SER B 464 62.69 -16.67 18.59
CA SER B 464 62.62 -17.71 17.57
C SER B 464 61.20 -18.27 17.41
N ALA B 465 60.53 -18.49 18.54
CA ALA B 465 59.17 -19.05 18.55
C ALA B 465 58.11 -18.04 18.07
N VAL B 466 58.51 -16.78 17.92
CA VAL B 466 57.62 -15.75 17.40
C VAL B 466 57.88 -15.46 15.92
N LYS B 467 59.10 -15.76 15.45
CA LYS B 467 59.45 -15.60 14.04
C LYS B 467 58.90 -16.75 13.19
N ALA B 468 58.52 -17.84 13.84
CA ALA B 468 57.92 -18.99 13.17
C ALA B 468 56.46 -18.73 12.80
N ARG B 469 55.74 -18.05 13.69
CA ARG B 469 54.30 -17.82 13.53
C ARG B 469 53.99 -16.61 12.66
N ALA B 470 54.72 -15.51 12.88
CA ALA B 470 54.50 -14.26 12.15
C ALA B 470 55.17 -14.26 10.76
N SER B 471 55.22 -15.43 10.14
CA SER B 471 56.05 -15.66 8.95
C SER B 471 55.60 -14.98 7.63
N GLU B 472 54.30 -14.98 7.37
CA GLU B 472 53.77 -14.63 6.03
C GLU B 472 54.04 -13.19 5.54
N ALA B 473 53.57 -12.21 6.30
CA ALA B 473 53.76 -10.78 5.98
C ALA B 473 53.32 -10.37 4.57
N ASP B 474 52.03 -10.60 4.26
CA ASP B 474 51.46 -10.26 2.96
C ASP B 474 50.12 -9.54 3.11
N ILE B 475 49.43 -9.32 1.98
CA ILE B 475 48.09 -8.72 1.97
C ILE B 475 47.05 -9.63 1.29
N SER B 476 47.52 -10.43 0.33
CA SER B 476 46.65 -11.27 -0.51
C SER B 476 45.48 -11.89 0.24
N SER B 477 45.75 -12.41 1.44
CA SER B 477 44.74 -13.09 2.25
C SER B 477 44.12 -12.21 3.33
N ILE B 478 44.78 -11.10 3.67
CA ILE B 478 44.28 -10.15 4.67
C ILE B 478 42.85 -9.68 4.34
N HIS B 479 42.58 -9.47 3.06
CA HIS B 479 41.23 -9.14 2.58
C HIS B 479 40.26 -10.29 2.76
N LEU B 480 40.68 -11.48 2.34
CA LEU B 480 39.83 -12.68 2.33
C LEU B 480 39.27 -13.03 3.71
N ALA B 481 40.08 -12.81 4.74
CA ALA B 481 39.68 -13.07 6.13
C ALA B 481 38.70 -12.03 6.67
N ILE B 482 38.59 -10.90 5.97
CA ILE B 482 37.66 -9.82 6.36
C ILE B 482 36.28 -9.98 5.70
N ALA B 483 36.27 -10.44 4.45
CA ALA B 483 35.02 -10.67 3.71
C ALA B 483 34.31 -11.93 4.17
N ARG B 484 35.07 -12.83 4.81
CA ARG B 484 34.56 -14.09 5.33
C ARG B 484 33.87 -13.86 6.69
N GLU B 485 33.28 -12.68 6.85
CA GLU B 485 32.58 -12.29 8.07
C GLU B 485 31.08 -12.21 7.86
N VAL B 486 30.67 -12.15 6.60
CA VAL B 486 29.26 -12.00 6.24
C VAL B 486 28.83 -12.98 5.15
N SER B 487 29.77 -13.37 4.30
CA SER B 487 29.51 -14.33 3.23
C SER B 487 29.05 -15.67 3.80
N PRO B 488 27.89 -16.18 3.31
CA PRO B 488 27.35 -17.45 3.77
C PRO B 488 28.25 -18.62 3.35
N MET B 489 28.59 -19.46 4.33
CA MET B 489 29.39 -20.64 4.06
C MET B 489 28.53 -21.89 3.99
N PHE B 490 28.80 -22.74 2.99
CA PHE B 490 28.07 -23.99 2.82
C PHE B 490 28.96 -25.19 3.06
N ASN B 491 30.25 -24.94 3.20
CA ASN B 491 31.23 -25.98 3.47
C ASN B 491 31.94 -25.71 4.80
N VAL B 492 31.50 -26.43 5.83
CA VAL B 492 32.02 -26.25 7.19
C VAL B 492 33.54 -26.11 7.21
N HIS B 493 34.02 -24.95 7.67
CA HIS B 493 35.44 -24.65 7.70
C HIS B 493 36.20 -25.57 8.64
N GLU B 494 37.50 -25.70 8.40
CA GLU B 494 38.39 -26.50 9.24
C GLU B 494 39.68 -25.73 9.51
N LEU B 495 40.05 -25.64 10.78
CA LEU B 495 41.27 -24.93 11.19
C LEU B 495 42.50 -25.67 10.67
N LYS B 496 43.46 -24.90 10.15
CA LYS B 496 44.71 -25.44 9.63
C LYS B 496 45.59 -25.87 10.80
N LYS B 497 45.71 -27.19 10.97
CA LYS B 497 46.37 -27.79 12.14
C LYS B 497 47.67 -27.09 12.54
N ILE B 498 47.73 -26.66 13.78
CA ILE B 498 48.96 -26.10 14.35
C ILE B 498 49.51 -27.03 15.42
N ALA B 499 50.48 -27.84 15.03
CA ALA B 499 51.06 -28.86 15.90
C ALA B 499 52.31 -28.36 16.62
N GLU B 500 52.29 -28.48 17.94
CA GLU B 500 53.41 -28.14 18.81
C GLU B 500 53.14 -28.59 20.25
N SER B 501 54.20 -28.68 21.05
CA SER B 501 54.08 -29.03 22.46
C SER B 501 54.58 -27.90 23.35
N PHE B 502 53.76 -27.51 24.31
CA PHE B 502 54.08 -26.43 25.24
C PHE B 502 55.03 -26.94 26.32
N GLU B 503 56.17 -26.27 26.47
CA GLU B 503 57.16 -26.63 27.48
C GLU B 503 57.78 -25.38 28.08
N ASP B 504 58.45 -24.61 27.21
CA ASP B 504 59.06 -23.34 27.59
C ASP B 504 57.96 -22.34 27.96
N PRO B 505 58.21 -21.49 28.97
CA PRO B 505 57.26 -20.43 29.33
C PRO B 505 57.07 -19.44 28.18
N SER B 506 58.01 -19.47 27.22
CA SER B 506 57.98 -18.62 26.05
C SER B 506 57.06 -19.15 24.94
N SER B 507 56.51 -20.35 25.16
CA SER B 507 55.57 -20.94 24.20
C SER B 507 54.13 -20.48 24.43
N ILE B 508 53.99 -19.31 25.05
CA ILE B 508 52.69 -18.69 25.30
C ILE B 508 52.18 -17.95 24.05
N VAL B 509 53.06 -17.80 23.06
CA VAL B 509 52.74 -17.14 21.79
C VAL B 509 51.65 -17.88 21.02
N VAL B 510 51.68 -19.22 21.08
CA VAL B 510 50.72 -20.07 20.38
C VAL B 510 49.36 -20.07 21.09
N VAL B 511 49.35 -19.69 22.37
CA VAL B 511 48.11 -19.56 23.14
C VAL B 511 47.52 -18.16 22.93
N LEU B 512 48.40 -17.15 22.93
CA LEU B 512 48.01 -15.76 22.75
C LEU B 512 47.55 -15.46 21.32
N GLU B 513 47.91 -16.34 20.38
CA GLU B 513 47.51 -16.20 18.99
C GLU B 513 46.00 -16.41 18.79
N PHE B 514 45.39 -17.23 19.64
CA PHE B 514 43.95 -17.46 19.59
C PHE B 514 43.17 -16.37 20.32
N ILE B 515 43.69 -15.95 21.46
CA ILE B 515 43.08 -14.89 22.26
C ILE B 515 42.99 -13.58 21.47
N LEU B 516 43.89 -13.43 20.50
CA LEU B 516 43.90 -12.27 19.63
C LEU B 516 42.99 -12.47 18.41
N PHE B 517 42.97 -13.69 17.87
CA PHE B 517 42.13 -14.05 16.74
C PHE B 517 40.65 -14.06 17.10
N ALA B 518 40.35 -14.44 18.34
CA ALA B 518 38.97 -14.50 18.84
C ALA B 518 38.37 -13.12 19.13
N LEU B 519 39.20 -12.08 19.04
CA LEU B 519 38.75 -10.71 19.31
C LEU B 519 38.73 -9.79 18.09
N PHE B 520 39.06 -10.35 16.92
CA PHE B 520 38.93 -9.62 15.65
C PHE B 520 37.82 -10.19 14.80
N PHE B 521 37.72 -11.52 14.77
CA PHE B 521 36.73 -12.21 13.97
C PHE B 521 35.92 -13.15 14.85
N PRO B 522 34.97 -12.60 15.65
CA PRO B 522 34.16 -13.45 16.53
C PRO B 522 33.21 -14.35 15.76
N THR B 523 32.87 -13.93 14.53
CA THR B 523 32.01 -14.70 13.64
C THR B 523 32.73 -15.95 13.12
N GLU B 524 33.99 -15.78 12.73
CA GLU B 524 34.79 -16.87 12.16
C GLU B 524 35.33 -17.79 13.25
N PHE B 525 35.62 -17.23 14.42
CA PHE B 525 36.07 -18.00 15.58
C PHE B 525 34.93 -18.85 16.15
N ASN B 526 33.70 -18.44 15.89
CA ASN B 526 32.51 -19.15 16.36
C ASN B 526 32.20 -20.43 15.58
N ARG B 527 32.92 -20.65 14.48
CA ARG B 527 32.68 -21.82 13.63
C ARG B 527 33.77 -22.89 13.73
N ILE B 528 34.97 -22.46 14.07
CA ILE B 528 36.09 -23.38 14.29
C ILE B 528 36.53 -23.41 15.76
N LYS B 529 35.66 -22.93 16.65
CA LYS B 529 35.90 -22.98 18.09
C LYS B 529 36.06 -24.43 18.55
N GLY B 530 35.59 -25.35 17.71
CA GLY B 530 35.63 -26.78 17.98
C GLY B 530 37.02 -27.36 18.15
N ASP B 531 37.84 -27.29 17.10
CA ASP B 531 39.18 -27.87 17.17
C ASP B 531 40.23 -26.91 17.74
N ILE B 532 39.97 -25.61 17.63
CA ILE B 532 40.81 -24.60 18.27
C ILE B 532 40.72 -24.79 19.79
N GLN B 533 39.72 -25.56 20.21
CA GLN B 533 39.54 -25.95 21.60
C GLN B 533 40.48 -27.08 21.99
N ASN B 534 40.53 -28.15 21.19
CA ASN B 534 41.28 -29.36 21.55
C ASN B 534 42.80 -29.25 21.41
N VAL B 535 43.26 -28.27 20.62
CA VAL B 535 44.69 -27.94 20.53
C VAL B 535 45.08 -27.04 21.72
N LEU B 536 44.07 -26.48 22.38
CA LEU B 536 44.25 -25.65 23.57
C LEU B 536 43.96 -26.44 24.84
N LEU B 537 43.21 -27.53 24.69
CA LEU B 537 42.97 -28.47 25.79
C LEU B 537 44.24 -29.27 26.09
N LEU B 538 45.14 -29.32 25.11
CA LEU B 538 46.47 -29.91 25.26
C LEU B 538 47.36 -29.01 26.12
N PHE B 539 47.15 -27.70 26.00
CA PHE B 539 47.87 -26.69 26.78
C PHE B 539 47.51 -26.76 28.26
N PHE B 540 46.28 -27.14 28.56
CA PHE B 540 45.78 -27.20 29.93
C PHE B 540 46.20 -28.44 30.71
N SER B 541 46.61 -29.49 30.00
CA SER B 541 47.09 -30.72 30.63
C SER B 541 48.53 -30.56 31.11
N ARG B 542 49.26 -29.66 30.46
CA ARG B 542 50.70 -29.52 30.65
C ARG B 542 51.07 -28.57 31.81
N TRP B 543 50.35 -27.47 31.91
CA TRP B 543 50.68 -26.41 32.86
C TRP B 543 49.87 -26.49 34.16
N TYR B 544 48.64 -26.97 34.05
CA TYR B 544 47.72 -27.02 35.18
C TYR B 544 47.20 -28.45 35.42
N PRO B 545 48.11 -29.42 35.65
CA PRO B 545 47.67 -30.82 35.71
C PRO B 545 46.83 -31.17 36.94
N VAL B 546 47.09 -30.49 38.05
CA VAL B 546 46.46 -30.79 39.34
C VAL B 546 44.92 -30.64 39.35
N GLU B 547 44.41 -29.75 38.50
CA GLU B 547 42.97 -29.51 38.39
C GLU B 547 42.39 -29.59 36.98
N TYR B 548 43.23 -29.94 36.01
CA TYR B 548 42.76 -30.26 34.65
C TYR B 548 41.95 -31.56 34.66
N GLY B 549 42.42 -32.52 35.45
CA GLY B 549 41.75 -33.81 35.63
C GLY B 549 40.45 -33.70 36.39
N ILE B 550 40.18 -32.51 36.93
CA ILE B 550 38.92 -32.22 37.61
C ILE B 550 37.94 -31.57 36.62
N PHE B 551 38.49 -30.95 35.57
CA PHE B 551 37.69 -30.39 34.48
C PHE B 551 37.26 -31.46 33.48
N ILE B 552 38.24 -32.11 32.86
CA ILE B 552 38.00 -33.15 31.86
C ILE B 552 37.34 -34.39 32.51
N GLN B 553 37.08 -34.26 33.82
CA GLN B 553 36.39 -35.27 34.60
C GLN B 553 34.90 -35.31 34.27
N ARG B 554 34.26 -34.14 34.27
CA ARG B 554 32.82 -34.04 34.04
C ARG B 554 32.43 -34.30 32.59
N GLY B 555 33.31 -33.95 31.66
CA GLY B 555 33.07 -34.18 30.24
C GLY B 555 33.82 -33.28 29.28
N ALA B 556 34.03 -33.79 28.07
CA ALA B 556 34.68 -33.03 27.00
C ALA B 556 33.66 -32.26 26.17
N THR B 557 32.43 -32.77 26.13
CA THR B 557 31.32 -32.12 25.42
C THR B 557 30.03 -32.16 26.25
N TYR B 558 28.98 -31.52 25.73
CA TYR B 558 27.67 -31.48 26.40
C TYR B 558 26.55 -31.17 25.41
N THR B 559 25.32 -31.48 25.82
CA THR B 559 24.12 -31.10 25.08
C THR B 559 23.16 -30.31 25.97
N ILE B 560 22.12 -29.73 25.38
CA ILE B 560 21.12 -28.98 26.14
C ILE B 560 19.80 -29.75 26.17
N ASN B 561 19.35 -30.08 27.37
CA ASN B 561 18.06 -30.74 27.56
C ASN B 561 16.89 -29.82 27.25
N ALA B 562 15.80 -30.40 26.76
CA ALA B 562 14.61 -29.63 26.36
C ALA B 562 14.07 -28.77 27.50
N ALA B 563 14.19 -27.45 27.32
CA ALA B 563 13.81 -26.45 28.33
C ALA B 563 14.54 -26.62 29.66
N GLY B 564 15.72 -26.01 29.74
CA GLY B 564 16.53 -26.06 30.96
C GLY B 564 18.02 -25.85 30.76
N GLU B 565 18.79 -26.23 31.77
CA GLU B 565 20.25 -26.07 31.79
C GLU B 565 20.98 -27.14 30.98
N PHE B 566 22.30 -27.15 31.07
CA PHE B 566 23.15 -28.03 30.26
C PHE B 566 23.18 -29.47 30.77
N GLU B 567 23.68 -30.36 29.91
CA GLU B 567 23.86 -31.77 30.26
C GLU B 567 25.23 -32.29 29.80
N PHE B 568 26.19 -32.28 30.73
CA PHE B 568 27.53 -32.75 30.46
C PHE B 568 27.60 -34.27 30.38
N SER B 569 28.28 -34.77 29.36
CA SER B 569 28.47 -36.20 29.17
C SER B 569 29.75 -36.67 29.87
N GLY B 570 29.62 -37.69 30.72
CA GLY B 570 30.75 -38.20 31.51
C GLY B 570 31.91 -38.76 30.71
N ARG B 571 31.74 -38.85 29.39
CA ARG B 571 32.78 -39.35 28.50
C ARG B 571 33.88 -38.33 28.25
N ASN B 572 35.06 -38.83 27.87
CA ASN B 572 36.18 -38.00 27.45
C ASN B 572 36.51 -38.25 25.97
N GLU B 573 35.80 -37.51 25.12
CA GLU B 573 35.99 -37.61 23.67
C GLU B 573 36.96 -36.53 23.20
N LYS B 574 37.57 -36.76 22.04
CA LYS B 574 38.31 -35.72 21.34
C LYS B 574 37.28 -34.98 20.47
N TRP B 575 37.56 -33.73 20.11
CA TRP B 575 36.64 -32.99 19.25
C TRP B 575 36.89 -33.25 17.76
N ASP B 576 35.83 -33.13 16.97
CA ASP B 576 35.88 -33.28 15.52
C ASP B 576 34.91 -32.31 14.83
N GLN B 577 35.16 -32.04 13.55
CA GLN B 577 34.33 -31.12 12.77
C GLN B 577 32.96 -31.65 12.39
N SER B 578 32.84 -32.98 12.30
CA SER B 578 31.58 -33.64 11.94
C SER B 578 30.46 -33.35 12.94
N LEU B 579 30.85 -33.12 14.20
CA LEU B 579 29.91 -32.82 15.27
C LEU B 579 29.28 -31.42 15.19
N TYR B 580 30.00 -30.48 14.60
CA TYR B 580 29.60 -29.07 14.56
C TYR B 580 28.16 -28.84 14.13
N LEU B 581 27.85 -29.20 12.88
CA LEU B 581 26.54 -28.92 12.28
C LEU B 581 25.45 -29.91 12.72
N SER B 582 25.70 -30.60 13.83
CA SER B 582 24.80 -31.64 14.31
C SER B 582 24.39 -31.40 15.76
N GLU B 583 25.13 -31.98 16.69
CA GLU B 583 24.82 -31.91 18.12
C GLU B 583 26.11 -31.81 18.92
N HIS B 584 26.00 -31.42 20.19
CA HIS B 584 27.13 -31.28 21.11
C HIS B 584 27.93 -30.00 20.87
N PHE B 585 28.38 -29.41 21.97
CA PHE B 585 29.22 -28.21 21.95
C PHE B 585 30.54 -28.55 22.64
N PRO B 586 31.65 -27.91 22.23
CA PRO B 586 32.89 -28.06 22.99
C PRO B 586 32.73 -27.49 24.40
N ALA B 587 32.79 -28.36 25.41
CA ALA B 587 32.47 -27.99 26.80
C ALA B 587 33.44 -26.98 27.42
N LEU B 588 34.62 -26.83 26.82
CA LEU B 588 35.61 -25.87 27.28
C LEU B 588 35.21 -24.43 26.91
N PHE B 589 33.92 -24.23 26.63
CA PHE B 589 33.39 -22.91 26.29
C PHE B 589 32.09 -22.56 27.01
N SER B 590 31.47 -23.56 27.66
CA SER B 590 30.32 -23.34 28.52
C SER B 590 30.74 -22.55 29.77
N ASP B 591 29.77 -22.00 30.48
CA ASP B 591 30.09 -21.04 31.56
C ASP B 591 29.65 -21.43 32.98
N VAL B 592 29.08 -22.61 33.16
CA VAL B 592 28.69 -23.07 34.50
C VAL B 592 29.94 -23.14 35.41
N PRO B 593 29.96 -22.30 36.48
CA PRO B 593 31.15 -22.18 37.32
C PRO B 593 31.50 -23.48 38.05
N LEU B 594 32.68 -24.01 37.77
CA LEU B 594 33.13 -25.25 38.40
C LEU B 594 33.80 -24.97 39.74
N ALA B 595 33.44 -25.77 40.74
CA ALA B 595 33.94 -25.62 42.10
C ALA B 595 35.35 -26.23 42.29
N GLY B 596 35.82 -26.96 41.29
CA GLY B 596 37.13 -27.58 41.34
C GLY B 596 38.24 -26.69 40.80
N ALA B 597 38.22 -26.49 39.48
CA ALA B 597 39.20 -25.65 38.81
C ALA B 597 38.59 -24.32 38.37
N ASN B 598 38.90 -23.27 39.11
CA ASN B 598 38.41 -21.93 38.80
C ASN B 598 39.42 -21.10 38.00
N THR B 599 40.50 -21.75 37.56
CA THR B 599 41.53 -21.09 36.77
C THR B 599 41.36 -21.39 35.28
N ILE B 600 41.06 -22.65 34.96
CA ILE B 600 40.78 -23.06 33.59
C ILE B 600 39.50 -22.39 33.09
N ILE B 601 38.59 -22.11 34.02
CA ILE B 601 37.33 -21.44 33.70
C ILE B 601 37.46 -19.91 33.67
N ALA B 602 38.51 -19.38 34.30
CA ALA B 602 38.76 -17.95 34.35
C ALA B 602 39.42 -17.44 33.06
N ILE B 603 40.30 -18.26 32.49
CA ILE B 603 40.97 -17.94 31.23
C ILE B 603 40.01 -18.10 30.04
N MET B 604 38.81 -18.61 30.30
CA MET B 604 37.81 -18.81 29.25
C MET B 604 36.79 -17.67 29.11
N ARG B 605 36.41 -17.06 30.23
CA ARG B 605 35.60 -15.85 30.21
C ARG B 605 36.47 -14.66 29.78
N LEU B 606 37.57 -15.00 29.12
CA LEU B 606 38.56 -14.07 28.60
C LEU B 606 38.54 -14.13 27.07
N PHE B 607 37.65 -14.96 26.54
CA PHE B 607 37.45 -15.12 25.10
C PHE B 607 36.15 -14.46 24.59
N THR B 608 35.44 -13.80 25.50
CA THR B 608 34.13 -13.20 25.22
C THR B 608 34.21 -12.10 24.15
N PRO B 609 33.32 -12.16 23.13
CA PRO B 609 33.29 -11.14 22.07
C PRO B 609 32.64 -9.83 22.50
N GLN B 610 33.04 -8.74 21.86
CA GLN B 610 32.50 -7.41 22.16
C GLN B 610 31.78 -6.83 20.94
N GLY B 611 30.51 -7.17 20.79
CA GLY B 611 29.71 -6.69 19.67
C GLY B 611 28.24 -6.56 19.99
N PHE B 612 27.45 -6.21 18.98
CA PHE B 612 26.00 -6.08 19.12
C PHE B 612 25.27 -6.44 17.83
N LEU B 613 24.10 -7.03 17.96
CA LEU B 613 23.30 -7.49 16.83
C LEU B 613 22.63 -6.32 16.11
N ARG B 614 23.33 -5.73 15.14
CA ARG B 614 22.78 -4.64 14.34
C ARG B 614 21.92 -5.18 13.21
N THR B 615 20.60 -5.25 13.45
CA THR B 615 19.67 -5.79 12.46
C THR B 615 19.51 -4.90 11.22
N ASP B 616 20.37 -5.16 10.23
CA ASP B 616 20.41 -4.46 8.93
C ASP B 616 19.31 -3.43 8.65
N ASP B 617 18.09 -3.90 8.38
CA ASP B 617 16.90 -3.05 8.16
C ASP B 617 16.82 -2.37 6.78
N LEU B 618 17.75 -1.48 6.47
CA LEU B 618 17.70 -0.75 5.20
C LEU B 618 18.05 -1.64 4.00
N ALA B 619 18.35 -2.90 4.30
CA ALA B 619 18.47 -3.96 3.30
C ALA B 619 17.11 -4.60 3.03
N ILE B 620 16.30 -4.70 4.08
CA ILE B 620 14.96 -5.31 3.97
C ILE B 620 13.88 -4.30 3.59
N ALA B 621 14.14 -3.02 3.87
CA ALA B 621 13.27 -1.93 3.44
C ALA B 621 13.39 -1.73 1.93
N ALA B 622 14.56 -2.11 1.39
CA ALA B 622 14.81 -2.12 -0.05
C ALA B 622 14.27 -3.40 -0.69
N ASN B 623 13.85 -4.34 0.15
CA ASN B 623 13.27 -5.62 -0.27
C ASN B 623 14.28 -6.56 -0.94
N PHE B 624 15.04 -7.26 -0.10
CA PHE B 624 16.08 -8.19 -0.53
C PHE B 624 15.78 -9.59 0.03
N PRO B 625 16.42 -10.65 -0.52
CA PRO B 625 16.24 -12.00 0.00
C PRO B 625 16.84 -12.22 1.39
N ARG B 626 16.04 -12.75 2.32
CA ARG B 626 16.52 -13.12 3.65
C ARG B 626 15.92 -14.45 4.10
N ALA B 627 16.78 -15.45 4.25
CA ALA B 627 16.35 -16.84 4.52
C ALA B 627 15.84 -17.08 5.94
N SER B 628 15.96 -16.07 6.81
CA SER B 628 15.48 -16.18 8.18
C SER B 628 14.12 -15.50 8.35
N ARG B 629 13.39 -15.89 9.40
CA ARG B 629 12.12 -15.26 9.76
C ARG B 629 12.29 -13.74 9.79
N ASN B 630 13.32 -13.29 10.48
CA ASN B 630 13.74 -11.90 10.46
C ASN B 630 15.26 -11.82 10.27
N PRO B 631 15.74 -10.76 9.59
CA PRO B 631 17.17 -10.58 9.36
C PRO B 631 17.95 -10.28 10.64
N GLN B 632 19.28 -10.34 10.55
CA GLN B 632 20.17 -10.09 11.67
C GLN B 632 21.61 -10.09 11.18
N THR B 633 22.53 -9.64 12.04
CA THR B 633 23.97 -9.73 11.78
C THR B 633 24.76 -9.49 13.08
N TYR B 634 26.09 -9.45 12.95
CA TYR B 634 26.94 -9.22 14.11
C TYR B 634 28.25 -8.52 13.74
N ILE B 635 28.22 -7.19 13.78
CA ILE B 635 29.44 -6.38 13.66
C ILE B 635 30.25 -6.51 14.96
N PRO B 636 31.59 -6.43 14.87
CA PRO B 636 32.39 -6.77 16.05
C PRO B 636 32.98 -5.60 16.85
N TYR B 637 32.61 -4.36 16.52
CA TYR B 637 33.15 -3.19 17.21
C TYR B 637 32.08 -2.16 17.57
N THR B 638 32.50 -1.10 18.25
CA THR B 638 31.59 -0.03 18.68
C THR B 638 31.95 1.30 17.99
N ASN B 639 32.11 2.37 18.77
CA ASN B 639 32.38 3.69 18.22
C ASN B 639 33.42 4.49 19.01
N GLN B 640 33.14 4.73 20.29
CA GLN B 640 33.96 5.57 21.17
C GLN B 640 34.30 6.91 20.51
N ARG B 641 33.25 7.55 19.98
CA ARG B 641 33.37 8.81 19.24
C ARG B 641 33.84 9.95 20.14
N GLY B 642 33.45 9.90 21.41
CA GLY B 642 33.77 10.94 22.38
C GLY B 642 34.69 10.54 23.50
N THR B 643 34.78 9.23 23.77
CA THR B 643 35.58 8.70 24.88
C THR B 643 37.01 9.23 24.87
N VAL B 644 37.50 9.64 26.04
CA VAL B 644 38.84 10.20 26.20
C VAL B 644 39.89 9.19 25.73
N THR B 645 39.99 8.06 26.44
CA THR B 645 40.81 6.95 26.02
C THR B 645 39.89 5.87 25.46
N ASN B 646 40.11 5.51 24.20
CA ASN B 646 39.31 4.49 23.50
C ASN B 646 38.99 3.27 24.36
N GLU B 647 37.74 2.82 24.32
CA GLU B 647 37.30 1.69 25.13
C GLU B 647 37.86 0.36 24.64
N PHE B 648 37.49 -0.03 23.41
CA PHE B 648 37.86 -1.34 22.84
C PHE B 648 39.27 -1.81 23.18
N ALA B 649 40.24 -0.88 23.11
CA ALA B 649 41.65 -1.18 23.40
C ALA B 649 41.94 -1.39 24.88
N SER B 650 41.16 -0.71 25.75
CA SER B 650 41.33 -0.82 27.20
C SER B 650 40.89 -2.19 27.73
N ARG B 651 40.02 -2.86 26.98
CA ARG B 651 39.61 -4.24 27.29
C ARG B 651 40.75 -5.23 26.98
N PHE B 652 41.51 -4.94 25.93
CA PHE B 652 42.69 -5.73 25.57
C PHE B 652 43.73 -5.71 26.69
N ARG B 653 43.88 -4.56 27.34
CA ARG B 653 44.84 -4.39 28.43
C ARG B 653 44.59 -5.33 29.61
N THR B 654 43.34 -5.75 29.78
CA THR B 654 42.97 -6.70 30.83
C THR B 654 43.38 -8.12 30.44
N ILE B 655 43.36 -8.41 29.14
CA ILE B 655 43.83 -9.69 28.62
C ILE B 655 45.31 -9.86 28.95
N VAL B 656 46.12 -8.89 28.54
CA VAL B 656 47.56 -8.87 28.82
C VAL B 656 47.85 -8.84 30.32
N ALA B 657 47.08 -8.04 31.05
CA ALA B 657 47.26 -7.87 32.50
C ALA B 657 47.27 -9.19 33.28
N THR B 658 46.36 -10.10 32.94
CA THR B 658 46.24 -11.37 33.65
C THR B 658 46.89 -12.57 32.92
N LEU B 659 46.99 -12.47 31.59
CA LEU B 659 47.64 -13.52 30.79
C LEU B 659 49.15 -13.56 31.07
N ALA B 660 49.72 -12.39 31.37
CA ALA B 660 51.14 -12.28 31.72
C ALA B 660 51.42 -12.84 33.12
N ASN B 661 50.45 -12.73 34.02
CA ASN B 661 50.54 -13.28 35.36
C ASN B 661 50.67 -14.80 35.34
N VAL B 662 50.04 -15.43 34.35
CA VAL B 662 50.10 -16.88 34.15
C VAL B 662 51.49 -17.33 33.67
N VAL B 663 52.16 -16.46 32.93
CA VAL B 663 53.50 -16.75 32.38
C VAL B 663 54.58 -16.81 33.46
N ASN B 664 54.38 -16.06 34.55
CA ASN B 664 55.33 -16.05 35.68
C ASN B 664 55.44 -17.39 36.40
N GLU B 665 54.32 -18.11 36.50
CA GLU B 665 54.24 -19.37 37.25
C GLU B 665 55.00 -20.51 36.54
N ARG B 666 55.52 -20.20 35.35
CA ARG B 666 56.34 -21.14 34.59
C ARG B 666 57.82 -20.78 34.71
N ALA B 667 58.08 -19.50 35.00
CA ALA B 667 59.42 -19.00 35.25
C ALA B 667 59.76 -19.04 36.74
N VAL B 668 58.96 -19.79 37.50
CA VAL B 668 59.22 -20.07 38.91
C VAL B 668 59.50 -21.56 39.09
N GLN B 669 58.93 -22.38 38.19
CA GLN B 669 59.18 -23.82 38.18
C GLN B 669 60.44 -24.12 37.37
N ASP B 670 60.57 -23.46 36.22
CA ASP B 670 61.76 -23.57 35.37
C ASP B 670 62.77 -22.47 35.71
N ASP B 671 62.41 -21.66 36.71
CA ASP B 671 63.21 -20.53 37.22
C ASP B 671 64.47 -20.16 36.42
N MET B 672 64.27 -19.30 35.42
CA MET B 672 65.38 -18.74 34.67
C MET B 672 65.80 -17.39 35.26
N GLN B 673 67.08 -17.05 35.07
CA GLN B 673 67.64 -15.78 35.52
C GLN B 673 66.78 -14.59 35.10
N LYS B 674 66.74 -13.57 35.96
CA LYS B 674 65.91 -12.38 35.75
C LYS B 674 65.89 -11.89 34.30
N ALA B 675 67.07 -11.82 33.69
CA ALA B 675 67.23 -11.32 32.32
C ALA B 675 66.32 -12.01 31.29
N THR B 676 66.09 -13.31 31.47
CA THR B 676 65.22 -14.08 30.56
C THR B 676 63.74 -13.79 30.80
N ARG B 677 63.30 -13.93 32.06
CA ARG B 677 61.92 -13.68 32.46
C ARG B 677 61.51 -12.22 32.24
N SER B 678 62.50 -11.33 32.18
CA SER B 678 62.26 -9.90 31.95
C SER B 678 62.06 -9.58 30.48
N CYS B 679 62.90 -10.15 29.62
CA CYS B 679 62.87 -9.87 28.18
C CYS B 679 61.62 -10.42 27.48
N THR B 680 60.83 -11.20 28.19
CA THR B 680 59.52 -11.66 27.69
C THR B 680 58.38 -10.76 28.20
N LYS B 681 58.46 -10.38 29.47
CA LYS B 681 57.49 -9.47 30.09
C LYS B 681 57.63 -8.06 29.53
N GLN B 682 58.74 -7.82 28.83
CA GLN B 682 59.00 -6.55 28.15
C GLN B 682 58.40 -6.55 26.74
N TRP B 683 58.29 -7.75 26.15
CA TRP B 683 57.72 -7.91 24.81
C TRP B 683 56.21 -7.65 24.79
N LEU B 684 55.53 -8.07 25.85
CA LEU B 684 54.09 -7.88 25.98
C LEU B 684 53.71 -6.40 26.15
N ARG B 685 54.68 -5.60 26.58
CA ARG B 685 54.52 -4.15 26.68
C ARG B 685 54.45 -3.51 25.30
N HIS B 686 55.39 -3.87 24.45
CA HIS B 686 55.44 -3.41 23.06
C HIS B 686 54.24 -3.89 22.26
N LEU B 687 53.93 -5.18 22.41
CA LEU B 687 52.81 -5.82 21.70
C LEU B 687 51.48 -5.13 21.98
N GLU B 688 51.24 -4.86 23.27
CA GLU B 688 50.00 -4.23 23.73
C GLU B 688 49.91 -2.76 23.33
N THR B 689 51.03 -2.04 23.40
CA THR B 689 51.05 -0.60 23.08
C THR B 689 50.90 -0.32 21.58
N GLN B 690 51.08 -1.36 20.76
CA GLN B 690 50.84 -1.28 19.32
C GLN B 690 49.33 -1.27 19.08
N PHE B 691 48.63 -2.18 19.75
CA PHE B 691 47.17 -2.34 19.68
C PHE B 691 46.42 -1.04 19.97
N ASP B 692 47.05 -0.14 20.72
CA ASP B 692 46.47 1.15 21.09
C ASP B 692 46.43 2.14 19.92
N ASN B 693 47.23 1.87 18.89
CA ASN B 693 47.27 2.71 17.69
C ASN B 693 46.33 2.18 16.60
N ILE B 694 46.10 0.87 16.63
CA ILE B 694 45.16 0.19 15.74
C ILE B 694 43.73 0.41 16.23
N ALA B 695 43.59 0.58 17.55
CA ALA B 695 42.30 0.78 18.21
C ALA B 695 41.43 1.87 17.59
N VAL B 696 42.06 2.91 17.04
CA VAL B 696 41.35 4.04 16.45
C VAL B 696 40.64 3.64 15.15
N ALA B 697 41.38 3.03 14.23
CA ALA B 697 40.86 2.65 12.91
C ALA B 697 39.93 1.44 12.99
N HIS B 698 40.30 0.45 13.79
CA HIS B 698 39.50 -0.77 13.98
C HIS B 698 38.17 -0.52 14.70
N THR B 699 37.86 0.74 14.99
CA THR B 699 36.64 1.07 15.73
C THR B 699 35.67 1.97 14.95
N ASP B 700 36.22 2.96 14.24
CA ASP B 700 35.39 3.92 13.50
C ASP B 700 35.66 3.99 11.99
N HIS B 701 36.16 2.90 11.44
CA HIS B 701 36.38 2.81 9.99
C HIS B 701 36.23 1.39 9.45
N LEU B 702 36.99 0.45 10.01
CA LEU B 702 36.85 -0.96 9.68
C LEU B 702 35.55 -1.53 10.30
N SER B 703 34.75 -0.63 10.86
CA SER B 703 33.46 -0.98 11.44
C SER B 703 32.28 -0.45 10.61
N VAL B 704 32.58 0.47 9.71
CA VAL B 704 31.59 1.00 8.77
C VAL B 704 31.52 0.10 7.54
N VAL B 705 32.66 -0.48 7.17
CA VAL B 705 32.74 -1.42 6.04
C VAL B 705 32.11 -2.78 6.37
N TYR B 706 31.81 -3.00 7.66
CA TYR B 706 31.08 -4.20 8.10
C TYR B 706 29.57 -3.96 8.12
N ALA B 707 29.16 -2.85 8.72
CA ALA B 707 27.75 -2.48 8.83
C ALA B 707 27.09 -2.37 7.46
N THR B 708 27.90 -2.10 6.44
CA THR B 708 27.46 -2.07 5.05
C THR B 708 27.22 -3.49 4.52
N MET B 709 28.17 -4.38 4.78
CA MET B 709 28.15 -5.75 4.27
C MET B 709 26.84 -6.50 4.52
N SER B 710 26.37 -6.45 5.76
CA SER B 710 25.15 -7.14 6.19
C SER B 710 23.90 -6.68 5.44
N ASN B 711 24.05 -5.62 4.64
CA ASN B 711 22.96 -5.06 3.85
C ASN B 711 22.98 -5.46 2.38
N PHE B 712 24.10 -6.04 1.93
CA PHE B 712 24.27 -6.47 0.54
C PHE B 712 23.27 -7.55 0.13
N MET B 713 23.02 -7.63 -1.18
CA MET B 713 22.29 -8.74 -1.77
C MET B 713 23.18 -9.98 -1.72
N LEU B 714 22.59 -11.15 -1.98
CA LEU B 714 23.32 -12.43 -2.02
C LEU B 714 23.80 -12.92 -0.65
N ASN B 715 23.86 -12.01 0.32
CA ASN B 715 24.12 -12.37 1.72
C ASN B 715 22.78 -12.54 2.44
N PHE B 716 22.46 -13.76 2.85
CA PHE B 716 21.10 -14.08 3.30
C PHE B 716 20.99 -14.97 4.54
N THR B 717 22.11 -15.18 5.24
CA THR B 717 22.11 -16.03 6.44
C THR B 717 22.58 -15.29 7.70
N ASN B 718 22.23 -15.84 8.85
CA ASN B 718 22.58 -15.25 10.14
C ASN B 718 23.69 -16.02 10.83
N ASN B 719 24.91 -15.47 10.76
CA ASN B 719 26.09 -16.10 11.35
C ASN B 719 26.37 -15.55 12.76
N PHE B 720 25.29 -15.25 13.47
CA PHE B 720 25.32 -14.76 14.85
C PHE B 720 26.32 -15.53 15.71
N SER B 721 27.18 -14.79 16.41
CA SER B 721 28.27 -15.39 17.18
C SER B 721 28.31 -14.97 18.64
N GLY B 722 27.58 -13.91 18.98
CA GLY B 722 27.45 -13.47 20.37
C GLY B 722 26.88 -14.60 21.20
N ASN B 723 27.62 -15.00 22.24
CA ASN B 723 27.27 -16.14 23.08
C ASN B 723 27.55 -17.48 22.37
N HIS B 724 28.76 -17.99 22.57
CA HIS B 724 29.19 -19.27 21.99
C HIS B 724 28.55 -20.44 22.72
N ALA B 725 28.22 -20.22 23.99
CA ALA B 725 27.66 -21.25 24.86
C ALA B 725 26.43 -21.95 24.28
N THR B 726 25.61 -21.20 23.54
CA THR B 726 24.39 -21.74 22.93
C THR B 726 24.07 -21.12 21.56
N PHE B 727 24.81 -21.53 20.53
CA PHE B 727 24.46 -21.17 19.15
C PHE B 727 24.73 -22.29 18.16
N LYS B 728 23.67 -22.69 17.45
CA LYS B 728 23.76 -23.61 16.33
C LYS B 728 23.10 -22.97 15.11
N PRO B 729 23.72 -23.13 13.92
CA PRO B 729 23.12 -22.61 12.69
C PRO B 729 21.86 -23.38 12.27
N ASP B 730 21.32 -23.06 11.11
CA ASP B 730 20.11 -23.72 10.62
C ASP B 730 20.35 -24.68 9.47
N GLN B 731 19.70 -25.84 9.55
CA GLN B 731 19.71 -26.82 8.47
C GLN B 731 18.56 -26.49 7.53
N TYR B 732 18.85 -26.39 6.24
CA TYR B 732 17.80 -26.19 5.25
C TYR B 732 17.91 -27.17 4.08
N VAL B 733 17.57 -28.42 4.38
CA VAL B 733 17.66 -29.50 3.42
C VAL B 733 16.53 -29.43 2.39
N ILE B 734 16.87 -29.65 1.12
CA ILE B 734 15.87 -29.75 0.06
C ILE B 734 15.37 -31.19 -0.03
N THR B 735 14.16 -31.40 0.48
CA THR B 735 13.56 -32.73 0.54
C THR B 735 12.71 -33.04 -0.68
N SER B 736 12.57 -34.33 -0.97
CA SER B 736 11.73 -34.83 -2.06
C SER B 736 10.85 -35.97 -1.54
N PRO B 737 9.70 -36.20 -2.19
CA PRO B 737 8.80 -37.29 -1.78
C PRO B 737 9.48 -38.65 -1.85
N GLU B 738 10.08 -38.94 -2.99
CA GLU B 738 10.91 -40.13 -3.18
C GLU B 738 12.38 -39.74 -2.99
N GLY B 739 13.28 -40.66 -3.33
CA GLY B 739 14.72 -40.40 -3.34
C GLY B 739 15.30 -39.94 -2.02
N SER B 740 16.45 -39.26 -2.10
CA SER B 740 17.14 -38.74 -0.92
C SER B 740 17.13 -37.22 -0.91
N TYR B 741 17.51 -36.65 0.24
CA TYR B 741 17.57 -35.19 0.41
C TYR B 741 19.01 -34.70 0.53
N LYS B 742 19.28 -33.53 -0.05
CA LYS B 742 20.62 -32.93 0.00
C LYS B 742 20.60 -31.64 0.82
N PRO B 743 21.22 -31.66 2.01
CA PRO B 743 21.28 -30.50 2.90
C PRO B 743 22.17 -29.37 2.38
N ILE B 744 21.80 -28.12 2.69
CA ILE B 744 22.55 -26.95 2.27
C ILE B 744 23.91 -26.88 2.98
N ILE B 745 23.88 -26.53 4.27
CA ILE B 745 25.10 -26.42 5.06
C ILE B 745 25.60 -27.83 5.36
N GLU B 746 26.54 -28.30 4.53
CA GLU B 746 27.07 -29.65 4.66
C GLU B 746 28.56 -29.72 4.36
N ARG B 747 29.30 -30.35 5.26
CA ARG B 747 30.73 -30.53 5.10
C ARG B 747 31.04 -31.78 4.28
N GLN B 748 30.71 -31.73 3.00
CA GLN B 748 31.07 -32.82 2.08
C GLN B 748 32.52 -32.66 1.61
N GLY B 749 33.09 -33.73 1.08
CA GLY B 749 34.48 -33.74 0.62
C GLY B 749 34.72 -32.80 -0.54
N GLU B 750 35.01 -31.54 -0.22
CA GLU B 750 35.17 -30.47 -1.21
C GLU B 750 35.91 -29.28 -0.63
N THR B 751 36.72 -28.62 -1.46
CA THR B 751 37.38 -27.37 -1.09
C THR B 751 37.19 -26.31 -2.18
N VAL B 752 36.87 -25.09 -1.75
CA VAL B 752 36.71 -23.96 -2.67
C VAL B 752 38.06 -23.23 -2.83
N ASP B 753 39.14 -23.97 -2.60
CA ASP B 753 40.53 -23.49 -2.73
C ASP B 753 41.02 -22.75 -1.49
N GLY B 754 41.04 -23.43 -0.36
CA GLY B 754 41.51 -22.85 0.91
C GLY B 754 40.52 -21.88 1.54
N LEU B 755 39.37 -21.70 0.89
CA LEU B 755 38.28 -20.89 1.40
C LEU B 755 37.49 -21.67 2.45
N THR B 756 37.73 -22.97 2.50
CA THR B 756 37.20 -23.86 3.52
C THR B 756 38.25 -24.09 4.60
N ILE B 757 39.51 -23.81 4.26
CA ILE B 757 40.62 -23.97 5.18
C ILE B 757 40.90 -22.64 5.91
N ILE B 758 40.27 -22.50 7.08
CA ILE B 758 40.49 -21.34 7.95
C ILE B 758 41.90 -21.39 8.54
N ASP B 759 42.50 -20.22 8.71
CA ASP B 759 43.85 -20.13 9.24
C ASP B 759 44.04 -18.93 10.15
N THR B 760 44.45 -19.21 11.39
CA THR B 760 44.96 -18.19 12.29
C THR B 760 46.37 -17.83 11.81
N SER B 761 47.19 -17.23 12.67
CA SER B 761 48.54 -16.78 12.30
C SER B 761 48.52 -15.70 11.22
N ILE B 762 47.31 -15.30 10.83
CA ILE B 762 47.09 -14.19 9.90
C ILE B 762 46.90 -12.89 10.70
N VAL B 763 46.94 -13.02 12.02
CA VAL B 763 46.70 -11.91 12.94
C VAL B 763 47.95 -11.04 13.16
N TRP B 764 49.13 -11.59 12.84
CA TRP B 764 50.39 -10.91 13.07
C TRP B 764 50.72 -9.78 12.07
N PRO B 765 50.36 -9.94 10.78
CA PRO B 765 50.50 -8.81 9.85
C PRO B 765 49.54 -7.66 10.14
N ILE B 766 48.39 -7.96 10.72
CA ILE B 766 47.36 -6.96 11.03
C ILE B 766 47.79 -6.02 12.16
N LEU B 767 48.70 -6.47 13.02
CA LEU B 767 49.17 -5.65 14.15
C LEU B 767 50.49 -4.92 13.91
N CYS B 768 51.47 -5.62 13.34
CA CYS B 768 52.83 -5.09 13.25
C CYS B 768 53.40 -4.95 11.83
N GLN B 769 52.58 -5.21 10.81
CA GLN B 769 53.02 -5.10 9.42
C GLN B 769 52.27 -4.02 8.65
N CYS B 770 50.95 -4.00 8.78
CA CYS B 770 50.09 -3.15 7.96
C CYS B 770 49.91 -1.74 8.51
N THR B 771 49.56 -0.81 7.61
CA THR B 771 49.27 0.57 7.97
C THR B 771 47.86 0.94 7.51
N TYR B 772 47.21 1.82 8.27
CA TYR B 772 45.81 2.20 8.00
C TYR B 772 45.71 3.67 7.53
N PRO B 773 44.56 4.04 6.93
CA PRO B 773 44.36 5.42 6.45
C PRO B 773 44.41 6.46 7.58
N LEU B 774 43.92 6.09 8.75
CA LEU B 774 44.00 6.93 9.93
C LEU B 774 45.30 6.65 10.68
N VAL B 775 45.90 7.70 11.24
CA VAL B 775 47.25 7.66 11.86
C VAL B 775 48.31 7.03 10.95
N GLU B 790 42.51 12.13 3.76
CA GLU B 790 41.19 12.06 3.14
C GLU B 790 40.77 10.62 2.85
N ILE B 791 39.49 10.32 3.09
CA ILE B 791 38.96 8.96 3.00
C ILE B 791 38.25 8.72 1.67
N VAL B 792 38.36 7.49 1.17
CA VAL B 792 37.72 7.08 -0.08
C VAL B 792 36.45 6.26 0.19
N TYR B 793 35.37 6.61 -0.52
CA TYR B 793 34.11 5.89 -0.44
C TYR B 793 33.79 5.27 -1.79
N PRO B 794 33.70 3.92 -1.84
CA PRO B 794 33.44 3.20 -3.10
C PRO B 794 32.04 3.45 -3.65
N ASP B 795 31.93 3.45 -4.98
CA ASP B 795 30.65 3.66 -5.67
C ASP B 795 29.77 2.40 -5.56
N PRO B 796 28.49 2.59 -5.20
CA PRO B 796 27.52 1.50 -5.08
C PRO B 796 27.21 0.77 -6.38
N SER B 797 27.26 1.48 -7.51
CA SER B 797 26.86 0.92 -8.82
C SER B 797 27.68 -0.28 -9.27
N THR B 798 28.96 -0.31 -8.91
CA THR B 798 29.88 -1.36 -9.37
C THR B 798 29.71 -2.70 -8.65
N THR B 799 29.21 -2.67 -7.42
CA THR B 799 28.98 -3.88 -6.62
C THR B 799 27.53 -4.35 -6.75
N LEU B 800 26.63 -3.41 -6.99
CA LEU B 800 25.22 -3.71 -7.24
C LEU B 800 25.02 -4.32 -8.63
N SER B 801 25.94 -4.03 -9.55
CA SER B 801 25.91 -4.58 -10.89
C SER B 801 26.31 -6.07 -10.90
N GLN B 802 27.24 -6.42 -10.02
CA GLN B 802 27.74 -7.79 -9.90
C GLN B 802 26.68 -8.75 -9.37
N SER B 803 25.78 -8.22 -8.53
CA SER B 803 24.74 -9.02 -7.89
C SER B 803 23.61 -9.40 -8.86
N LEU B 804 23.07 -8.39 -9.56
CA LEU B 804 21.99 -8.59 -10.53
C LEU B 804 22.43 -9.44 -11.72
N SER B 805 23.74 -9.68 -11.81
CA SER B 805 24.33 -10.53 -12.84
C SER B 805 24.43 -11.98 -12.39
N VAL B 806 25.00 -12.20 -11.20
CA VAL B 806 25.14 -13.55 -10.63
C VAL B 806 23.77 -14.10 -10.17
N ALA B 807 22.76 -13.22 -10.15
CA ALA B 807 21.40 -13.62 -9.81
C ALA B 807 20.53 -13.88 -11.05
N GLN B 808 20.90 -13.27 -12.18
CA GLN B 808 20.19 -13.48 -13.44
C GLN B 808 20.64 -14.77 -14.12
N VAL B 809 21.91 -15.11 -13.95
CA VAL B 809 22.48 -16.36 -14.48
C VAL B 809 21.85 -17.58 -13.80
N LEU B 810 21.53 -17.43 -12.51
CA LEU B 810 20.96 -18.53 -11.71
C LEU B 810 19.55 -18.97 -12.15
N SER B 811 18.71 -18.01 -12.53
CA SER B 811 17.32 -18.29 -12.89
C SER B 811 17.20 -19.05 -14.22
N LYS B 812 17.89 -18.54 -15.25
CA LYS B 812 17.87 -19.16 -16.58
C LYS B 812 18.70 -20.44 -16.64
N LEU B 813 19.39 -20.75 -15.55
CA LEU B 813 20.20 -21.96 -15.42
C LEU B 813 19.30 -23.19 -15.21
N THR B 814 18.46 -23.12 -14.18
CA THR B 814 17.60 -24.24 -13.80
C THR B 814 16.19 -24.14 -14.41
N LEU B 815 15.98 -23.14 -15.27
CA LEU B 815 14.68 -22.89 -15.90
C LEU B 815 14.10 -24.08 -16.69
N PRO B 816 14.88 -24.66 -17.62
CA PRO B 816 14.35 -25.80 -18.38
C PRO B 816 14.13 -27.03 -17.50
N ASP B 817 15.06 -27.25 -16.57
CA ASP B 817 15.02 -28.37 -15.64
C ASP B 817 13.71 -28.51 -14.87
N ALA B 818 13.23 -27.39 -14.32
CA ALA B 818 12.04 -27.37 -13.48
C ALA B 818 10.74 -27.55 -14.27
N PHE B 819 10.76 -27.21 -15.56
CA PHE B 819 9.56 -27.23 -16.39
C PHE B 819 9.04 -28.64 -16.70
N ILE B 820 9.92 -29.51 -17.20
CA ILE B 820 9.55 -30.90 -17.49
C ILE B 820 9.18 -31.61 -16.19
N ASN B 821 9.85 -31.24 -15.11
CA ASN B 821 9.54 -31.72 -13.76
C ASN B 821 8.19 -31.20 -13.21
N MET B 822 7.43 -30.52 -14.07
CA MET B 822 6.12 -29.97 -13.70
C MET B 822 5.00 -30.55 -14.56
N ILE B 823 5.25 -30.72 -15.85
CA ILE B 823 4.32 -31.40 -16.76
C ILE B 823 4.22 -32.87 -16.34
N LEU B 824 5.37 -33.45 -16.00
CA LEU B 824 5.42 -34.69 -15.24
C LEU B 824 5.06 -34.36 -13.79
N SER B 825 5.43 -35.21 -12.84
CA SER B 825 5.07 -35.01 -11.43
C SER B 825 3.55 -35.02 -11.21
N GLY B 826 2.80 -35.08 -12.30
CA GLY B 826 1.34 -35.19 -12.24
C GLY B 826 0.94 -36.25 -11.24
N GLY B 827 1.50 -37.45 -11.41
CA GLY B 827 1.27 -38.56 -10.50
C GLY B 827 1.68 -39.88 -11.11
N ASP B 828 1.67 -40.95 -10.31
CA ASP B 828 2.07 -42.28 -10.78
C ASP B 828 1.84 -43.43 -9.79
N SER B 829 2.13 -44.64 -10.26
CA SER B 829 2.30 -45.85 -9.44
C SER B 829 1.20 -46.16 -8.42
N VAL B 830 1.63 -46.75 -7.29
CA VAL B 830 0.75 -47.26 -6.22
C VAL B 830 -0.19 -48.34 -6.77
N VAL B 831 0.35 -49.56 -6.91
CA VAL B 831 -0.42 -50.69 -7.44
C VAL B 831 -1.39 -51.27 -6.41
N MET B 832 -2.67 -50.99 -6.62
CA MET B 832 -3.74 -51.49 -5.75
C MET B 832 -4.67 -52.43 -6.50
N ARG B 833 -5.38 -53.28 -5.76
CA ARG B 833 -6.37 -54.16 -6.36
C ARG B 833 -7.77 -53.87 -5.84
N THR B 834 -8.73 -53.84 -6.75
CA THR B 834 -10.14 -53.66 -6.37
C THR B 834 -10.88 -54.99 -6.39
N TYR B 835 -11.41 -55.37 -5.23
CA TYR B 835 -12.17 -56.60 -5.09
C TYR B 835 -13.61 -56.39 -5.57
N GLN B 836 -13.90 -56.90 -6.75
CA GLN B 836 -15.23 -56.79 -7.32
C GLN B 836 -16.21 -57.53 -6.42
N THR B 837 -17.07 -56.77 -5.75
CA THR B 837 -18.16 -57.32 -4.94
C THR B 837 -19.44 -57.21 -5.78
N GLU B 838 -20.42 -58.06 -5.47
CA GLU B 838 -21.75 -58.07 -6.09
C GLU B 838 -21.92 -59.22 -7.09
N ALA B 839 -23.08 -59.28 -7.75
CA ALA B 839 -23.36 -60.30 -8.76
C ALA B 839 -22.61 -60.02 -10.06
N ASP B 840 -21.29 -59.85 -9.94
CA ASP B 840 -20.36 -59.55 -11.05
C ASP B 840 -20.90 -58.62 -12.14
N ASP B 841 -21.70 -57.64 -11.74
CA ASP B 841 -22.23 -56.62 -12.65
C ASP B 841 -21.29 -55.42 -12.77
N ASP B 842 -19.99 -55.68 -12.65
CA ASP B 842 -18.94 -54.64 -12.72
C ASP B 842 -17.55 -55.22 -12.95
N LEU B 843 -16.71 -54.45 -13.65
CA LEU B 843 -15.28 -54.72 -13.77
C LEU B 843 -14.54 -53.81 -12.79
N ASP B 844 -15.26 -52.82 -12.27
CA ASP B 844 -14.76 -51.92 -11.23
C ASP B 844 -15.84 -51.62 -10.20
N GLU B 845 -15.81 -52.34 -9.09
CA GLU B 845 -16.77 -52.16 -8.00
C GLU B 845 -16.46 -50.89 -7.21
N GLY B 846 -15.36 -50.91 -6.47
CA GLY B 846 -14.97 -49.77 -5.64
C GLY B 846 -14.35 -50.14 -4.30
N ILE B 847 -14.43 -51.42 -3.94
CA ILE B 847 -13.81 -51.92 -2.71
C ILE B 847 -12.33 -52.21 -2.97
N ARG B 848 -11.55 -51.14 -3.14
CA ARG B 848 -10.12 -51.25 -3.41
C ARG B 848 -9.30 -51.11 -2.13
N MET B 849 -8.06 -51.57 -2.20
CA MET B 849 -7.13 -51.53 -1.07
C MET B 849 -5.69 -51.75 -1.53
N THR B 850 -4.75 -51.19 -0.78
CA THR B 850 -3.33 -51.42 -1.03
C THR B 850 -2.68 -51.98 0.23
N THR B 851 -1.37 -52.20 0.17
CA THR B 851 -0.61 -52.68 1.33
C THR B 851 -0.16 -51.52 2.20
N TYR B 852 0.21 -51.83 3.45
CA TYR B 852 0.82 -50.87 4.35
C TYR B 852 2.25 -50.56 3.88
N ASP B 853 2.75 -51.41 2.99
CA ASP B 853 4.09 -51.29 2.43
C ASP B 853 4.18 -50.23 1.34
N GLN B 854 3.28 -50.31 0.36
CA GLN B 854 3.19 -49.35 -0.75
C GLN B 854 2.90 -47.94 -0.24
N TYR B 855 2.16 -47.88 0.87
CA TYR B 855 1.73 -46.63 1.50
C TYR B 855 2.88 -45.90 2.22
N LEU B 856 3.90 -46.65 2.64
CA LEU B 856 5.02 -46.08 3.40
C LEU B 856 6.13 -45.43 2.55
N SER B 857 5.92 -45.35 1.24
CA SER B 857 6.92 -44.76 0.34
C SER B 857 6.31 -43.91 -0.78
N HIS B 858 5.00 -43.69 -0.74
CA HIS B 858 4.32 -42.89 -1.75
C HIS B 858 3.29 -41.91 -1.19
N ILE B 859 2.52 -42.36 -0.19
CA ILE B 859 1.42 -41.58 0.35
C ILE B 859 1.84 -40.84 1.62
N ARG B 860 2.74 -41.45 2.40
CA ARG B 860 3.17 -40.90 3.68
C ARG B 860 4.04 -39.64 3.59
N GLU B 861 4.73 -39.46 2.46
CA GLU B 861 5.59 -38.31 2.29
C GLU B 861 4.83 -37.07 1.81
N ARG B 862 3.84 -37.29 0.95
CA ARG B 862 3.00 -36.21 0.43
C ARG B 862 2.03 -35.71 1.50
N LEU B 863 1.78 -36.55 2.50
CA LEU B 863 0.85 -36.23 3.59
C LEU B 863 1.54 -35.47 4.72
N HIS B 864 2.84 -35.22 4.56
CA HIS B 864 3.61 -34.41 5.51
C HIS B 864 4.04 -33.06 4.91
N ILE B 865 3.99 -32.95 3.58
CA ILE B 865 4.17 -31.66 2.92
C ILE B 865 2.93 -30.79 3.14
N THR B 866 1.76 -31.38 2.95
CA THR B 866 0.50 -30.73 3.32
C THR B 866 0.18 -31.14 4.76
N ASN B 867 0.08 -30.15 5.64
CA ASN B 867 -0.16 -30.40 7.06
C ASN B 867 -1.53 -30.98 7.35
N VAL B 868 -1.61 -32.30 7.31
CA VAL B 868 -2.85 -33.05 7.47
C VAL B 868 -2.80 -33.87 8.76
N PRO B 869 -3.84 -33.73 9.63
CA PRO B 869 -3.91 -34.35 10.95
C PRO B 869 -3.56 -35.85 11.05
N ASP B 870 -4.20 -36.70 10.25
CA ASP B 870 -4.05 -38.16 10.45
C ASP B 870 -3.60 -38.98 9.21
N PRO B 871 -4.45 -39.89 8.65
CA PRO B 871 -5.85 -40.29 8.82
C PRO B 871 -6.09 -41.48 9.76
N ILE B 872 -7.36 -41.72 10.08
CA ILE B 872 -7.77 -42.67 11.14
C ILE B 872 -7.61 -44.16 10.82
N TYR B 873 -8.13 -44.99 11.72
CA TYR B 873 -8.13 -46.44 11.58
C TYR B 873 -9.57 -46.95 11.54
N ILE B 874 -9.85 -47.87 10.62
CA ILE B 874 -11.19 -48.48 10.55
C ILE B 874 -11.43 -49.36 11.77
N THR B 875 -10.45 -50.22 12.08
CA THR B 875 -10.43 -51.04 13.30
C THR B 875 -11.49 -52.14 13.36
N GLY B 876 -12.75 -51.75 13.20
CA GLY B 876 -13.86 -52.68 13.39
C GLY B 876 -14.88 -52.10 14.35
N ALA B 877 -16.16 -52.32 14.05
CA ALA B 877 -17.28 -51.73 14.79
C ALA B 877 -17.25 -50.20 14.77
N SER B 878 -16.60 -49.65 13.74
CA SER B 878 -16.52 -48.21 13.54
C SER B 878 -17.71 -47.72 12.73
N THR B 879 -18.14 -46.48 13.01
CA THR B 879 -19.36 -45.92 12.43
C THR B 879 -19.17 -45.57 10.94
N PRO B 880 -20.23 -45.75 10.13
CA PRO B 880 -20.19 -45.41 8.70
C PRO B 880 -20.16 -43.90 8.41
N ASP B 881 -19.68 -43.14 9.40
CA ASP B 881 -19.48 -41.70 9.27
C ASP B 881 -18.15 -41.28 9.87
N GLN B 882 -17.48 -42.23 10.53
CA GLN B 882 -16.13 -42.02 11.05
C GLN B 882 -15.13 -41.92 9.91
N ILE B 883 -15.41 -42.65 8.83
CA ILE B 883 -14.66 -42.52 7.59
C ILE B 883 -14.90 -41.12 7.01
N ALA B 884 -16.16 -40.69 7.02
CA ALA B 884 -16.53 -39.35 6.59
C ALA B 884 -15.94 -38.27 7.49
N ALA B 885 -15.96 -38.52 8.80
CA ALA B 885 -15.41 -37.59 9.79
C ALA B 885 -13.91 -37.37 9.64
N SER B 886 -13.22 -38.40 9.14
CA SER B 886 -11.78 -38.33 8.92
C SER B 886 -11.43 -37.64 7.60
N VAL B 887 -12.02 -38.14 6.50
CA VAL B 887 -11.78 -37.61 5.16
C VAL B 887 -12.04 -36.09 5.07
N GLN B 888 -12.90 -35.59 5.95
CA GLN B 888 -13.20 -34.16 6.05
C GLN B 888 -11.94 -33.31 6.26
N ALA B 889 -11.19 -33.62 7.31
CA ALA B 889 -10.00 -32.85 7.67
C ALA B 889 -8.72 -33.42 7.06
N THR B 890 -8.86 -34.49 6.28
CA THR B 890 -7.72 -35.16 5.64
C THR B 890 -7.50 -34.68 4.21
N HIS B 891 -8.58 -34.27 3.55
CA HIS B 891 -8.56 -33.78 2.15
C HIS B 891 -8.33 -34.88 1.10
N VAL B 892 -7.90 -36.06 1.57
CA VAL B 892 -7.70 -37.22 0.70
C VAL B 892 -8.37 -38.45 1.28
N ALA B 893 -8.91 -39.29 0.39
CA ALA B 893 -9.61 -40.51 0.79
C ALA B 893 -8.63 -41.65 1.11
N VAL B 894 -8.49 -41.95 2.39
CA VAL B 894 -7.63 -43.03 2.89
C VAL B 894 -7.85 -43.31 4.38
N VAL B 895 -7.91 -44.60 4.72
CA VAL B 895 -8.05 -45.06 6.11
C VAL B 895 -7.14 -46.25 6.37
N LEU B 896 -6.78 -46.47 7.64
CA LEU B 896 -5.75 -47.46 7.99
C LEU B 896 -6.28 -48.79 8.53
N TYR B 897 -5.77 -49.87 7.92
CA TYR B 897 -5.92 -51.26 8.37
C TYR B 897 -7.33 -51.75 8.74
N GLN B 898 -7.41 -53.01 9.15
CA GLN B 898 -8.63 -53.63 9.63
C GLN B 898 -8.27 -54.80 10.56
N SER B 899 -8.84 -54.81 11.76
CA SER B 899 -8.60 -55.91 12.71
C SER B 899 -9.84 -56.81 12.82
N GLY B 900 -10.73 -56.50 13.76
CA GLY B 900 -11.96 -57.25 13.93
C GLY B 900 -12.96 -56.90 12.84
N VAL B 901 -13.22 -57.87 11.96
CA VAL B 901 -14.13 -57.72 10.81
C VAL B 901 -15.23 -56.66 10.96
N ILE B 902 -15.24 -55.69 10.03
CA ILE B 902 -16.23 -54.61 10.08
C ILE B 902 -17.63 -55.01 9.62
N ASN B 903 -18.60 -54.23 10.08
CA ASN B 903 -20.01 -54.41 9.74
C ASN B 903 -20.33 -54.07 8.29
N GLY B 904 -21.43 -54.63 7.80
CA GLY B 904 -21.89 -54.39 6.42
C GLY B 904 -22.41 -52.98 6.19
N SER B 905 -22.55 -52.22 7.28
CA SER B 905 -22.98 -50.83 7.22
C SER B 905 -21.85 -49.92 6.76
N ALA B 906 -20.65 -50.12 7.34
CA ALA B 906 -19.47 -49.38 6.95
C ALA B 906 -18.91 -49.89 5.61
N SER B 907 -18.92 -51.21 5.45
CA SER B 907 -18.40 -51.87 4.24
C SER B 907 -19.00 -51.36 2.93
N THR B 908 -20.30 -51.04 2.96
CA THR B 908 -20.99 -50.52 1.78
C THR B 908 -20.66 -49.06 1.50
N TYR B 909 -20.25 -48.32 2.53
CA TYR B 909 -19.92 -46.90 2.41
C TYR B 909 -18.64 -46.67 1.59
N LEU B 910 -17.59 -47.43 1.89
CA LEU B 910 -16.32 -47.31 1.17
C LEU B 910 -16.41 -48.02 -0.18
N ARG B 911 -17.12 -47.40 -1.12
CA ARG B 911 -17.38 -47.97 -2.44
C ARG B 911 -17.52 -46.89 -3.50
N GLU B 912 -18.31 -45.86 -3.18
CA GLU B 912 -18.51 -44.71 -4.05
C GLU B 912 -17.69 -43.52 -3.54
N ASN B 913 -17.31 -43.61 -2.26
CA ASN B 913 -16.43 -42.63 -1.63
C ASN B 913 -14.98 -43.09 -1.72
N GLU B 914 -14.78 -44.21 -2.42
CA GLU B 914 -13.47 -44.83 -2.66
C GLU B 914 -12.73 -45.15 -1.37
N VAL B 915 -12.08 -44.13 -0.79
CA VAL B 915 -11.37 -44.22 0.49
C VAL B 915 -10.71 -45.59 0.71
N LEU B 916 -9.66 -45.84 -0.09
CA LEU B 916 -8.92 -47.10 -0.09
C LEU B 916 -8.36 -47.44 1.30
N VAL B 917 -8.55 -48.68 1.71
CA VAL B 917 -8.13 -49.13 3.03
C VAL B 917 -6.80 -49.88 2.93
N VAL B 918 -5.77 -49.36 3.59
CA VAL B 918 -4.45 -50.00 3.54
C VAL B 918 -4.38 -51.20 4.49
N MET B 919 -4.02 -52.35 3.95
CA MET B 919 -3.91 -53.58 4.75
C MET B 919 -2.45 -53.96 5.00
N PRO B 920 -2.09 -54.20 6.27
CA PRO B 920 -0.72 -54.62 6.61
C PRO B 920 -0.37 -56.00 6.06
N ASP B 921 -1.41 -56.84 5.91
CA ASP B 921 -1.26 -58.18 5.36
C ASP B 921 -2.05 -58.33 4.06
N TYR B 922 -1.77 -59.40 3.31
CA TYR B 922 -2.39 -59.60 2.00
C TYR B 922 -2.68 -61.07 1.71
N TYR B 923 -2.29 -61.94 2.65
CA TYR B 923 -2.53 -63.38 2.58
C TYR B 923 -3.98 -63.72 2.22
N ASP B 924 -4.90 -62.94 2.79
CA ASP B 924 -6.34 -63.15 2.69
C ASP B 924 -7.05 -61.87 3.14
N VAL B 925 -8.19 -61.57 2.53
CA VAL B 925 -8.92 -60.32 2.81
C VAL B 925 -10.39 -60.54 3.14
N VAL B 926 -10.98 -61.61 2.61
CA VAL B 926 -12.41 -61.89 2.76
C VAL B 926 -12.73 -62.44 4.16
N SER B 927 -11.76 -62.34 5.07
CA SER B 927 -11.94 -62.71 6.46
C SER B 927 -12.32 -61.50 7.31
N ARG B 928 -12.05 -60.31 6.79
CA ARG B 928 -12.26 -59.06 7.53
C ARG B 928 -13.49 -58.25 7.07
N PHE B 929 -14.38 -58.90 6.34
CA PHE B 929 -15.68 -58.31 5.97
C PHE B 929 -16.85 -59.26 6.22
N ALA B 930 -17.93 -58.72 6.75
CA ALA B 930 -19.21 -59.43 6.87
C ALA B 930 -20.06 -59.05 5.67
N ASN B 931 -20.67 -60.05 5.02
CA ASN B 931 -21.24 -59.83 3.68
C ASN B 931 -22.47 -60.66 3.30
N ALA B 932 -23.09 -60.27 2.18
CA ALA B 932 -24.23 -60.98 1.61
C ALA B 932 -23.80 -62.13 0.70
N ASN B 933 -22.47 -62.28 0.55
CA ASN B 933 -21.84 -63.38 -0.20
C ASN B 933 -22.00 -63.36 -1.72
N LEU B 934 -21.23 -62.48 -2.36
CA LEU B 934 -21.14 -62.39 -3.83
C LEU B 934 -19.81 -61.77 -4.27
N GLN B 935 -18.99 -62.59 -4.95
CA GLN B 935 -17.69 -62.19 -5.51
C GLN B 935 -16.50 -62.12 -4.55
N MET B 936 -16.77 -61.99 -3.25
CA MET B 936 -15.68 -61.94 -2.27
C MET B 936 -15.24 -63.36 -1.86
N ASN B 937 -14.07 -63.76 -2.36
CA ASN B 937 -13.47 -65.06 -2.05
C ASN B 937 -11.97 -65.09 -2.35
N ASN B 938 -11.30 -63.97 -2.10
CA ASN B 938 -9.89 -63.75 -2.47
C ASN B 938 -9.67 -63.85 -3.97
N ASN B 939 -10.78 -63.83 -4.70
CA ASN B 939 -10.81 -63.88 -6.15
C ASN B 939 -11.86 -62.91 -6.65
N ARG B 940 -12.16 -62.97 -7.95
CA ARG B 940 -13.08 -62.04 -8.59
C ARG B 940 -12.70 -60.60 -8.24
N TYR B 941 -11.42 -60.31 -8.48
CA TYR B 941 -10.83 -59.00 -8.31
C TYR B 941 -9.89 -58.75 -9.49
N HIS B 942 -9.96 -57.55 -10.05
CA HIS B 942 -9.04 -57.15 -11.11
C HIS B 942 -8.06 -56.12 -10.57
N GLU B 943 -6.77 -56.42 -10.68
CA GLU B 943 -5.72 -55.54 -10.16
C GLU B 943 -5.13 -54.66 -11.25
N SER B 944 -5.06 -53.36 -10.96
CA SER B 944 -4.46 -52.39 -11.87
C SER B 944 -3.55 -51.42 -11.11
N VAL B 945 -3.41 -50.19 -11.63
CA VAL B 945 -2.57 -49.16 -11.03
C VAL B 945 -3.40 -47.90 -10.71
N LEU B 946 -2.95 -47.13 -9.74
CA LEU B 946 -3.63 -45.90 -9.33
C LEU B 946 -2.88 -44.66 -9.83
N GLU B 947 -3.16 -43.51 -9.21
CA GLU B 947 -2.55 -42.23 -9.60
C GLU B 947 -2.38 -41.29 -8.41
N ILE B 948 -1.23 -40.63 -8.37
CA ILE B 948 -1.00 -39.52 -7.43
C ILE B 948 -1.60 -38.24 -8.03
N ALA B 949 -1.84 -38.27 -9.35
CA ALA B 949 -2.54 -37.21 -10.07
C ALA B 949 -4.01 -37.15 -9.69
N ASP B 950 -4.44 -38.16 -8.94
CA ASP B 950 -5.84 -38.33 -8.56
C ASP B 950 -6.09 -38.04 -7.08
N ILE B 951 -5.31 -38.68 -6.21
CA ILE B 951 -5.57 -38.64 -4.76
C ILE B 951 -4.97 -37.44 -4.03
N PHE B 952 -4.77 -36.32 -4.73
CA PHE B 952 -4.26 -35.10 -4.08
C PHE B 952 -4.77 -33.80 -4.69
N ASP B 953 -4.27 -33.47 -5.88
CA ASP B 953 -4.56 -32.22 -6.59
C ASP B 953 -4.69 -30.96 -5.71
N GLN B 954 -3.57 -30.53 -5.13
CA GLN B 954 -3.54 -29.29 -4.36
C GLN B 954 -3.27 -28.11 -5.30
N ALA B 955 -3.16 -26.89 -4.73
CA ALA B 955 -3.09 -25.66 -5.53
C ALA B 955 -1.89 -25.54 -6.47
N ASP B 956 -0.68 -25.49 -5.89
CA ASP B 956 0.56 -25.41 -6.67
C ASP B 956 1.49 -26.58 -6.33
N PHE B 957 0.92 -27.61 -5.71
CA PHE B 957 1.68 -28.76 -5.25
C PHE B 957 1.82 -29.81 -6.35
N ILE B 958 0.70 -30.32 -6.83
CA ILE B 958 0.67 -31.32 -7.90
C ILE B 958 -0.09 -30.77 -9.10
N GLN B 959 0.49 -30.92 -10.29
CA GLN B 959 -0.13 -30.41 -11.51
C GLN B 959 -1.41 -31.15 -11.89
N THR B 960 -2.50 -30.39 -11.98
CA THR B 960 -3.83 -30.92 -12.26
C THR B 960 -4.57 -30.04 -13.27
N SER B 961 -4.97 -30.65 -14.38
CA SER B 961 -5.71 -30.01 -15.46
C SER B 961 -5.93 -31.03 -16.57
N ASP B 962 -7.12 -31.01 -17.17
CA ASP B 962 -7.45 -31.93 -18.25
C ASP B 962 -6.68 -31.63 -19.55
N ALA B 963 -6.15 -30.40 -19.64
CA ALA B 963 -5.28 -30.01 -20.75
C ALA B 963 -3.90 -30.65 -20.63
N VAL B 964 -3.44 -30.83 -19.39
CA VAL B 964 -2.16 -31.49 -19.13
C VAL B 964 -2.34 -32.99 -18.86
N ARG B 965 -3.53 -33.36 -18.37
CA ARG B 965 -3.86 -34.76 -18.08
C ARG B 965 -3.93 -35.57 -19.38
N GLN B 966 -4.57 -34.99 -20.39
CA GLN B 966 -4.69 -35.57 -21.72
C GLN B 966 -3.33 -35.60 -22.42
N LEU B 967 -2.52 -34.57 -22.18
CA LEU B 967 -1.18 -34.45 -22.74
C LEU B 967 -0.26 -35.55 -22.23
N ARG B 968 -0.32 -35.81 -20.92
CA ARG B 968 0.54 -36.79 -20.26
C ARG B 968 0.22 -38.24 -20.62
N ALA B 969 -1.02 -38.47 -21.07
CA ALA B 969 -1.47 -39.81 -21.43
C ALA B 969 -1.17 -40.14 -22.91
N LEU B 970 0.06 -39.87 -23.34
CA LEU B 970 0.48 -40.10 -24.72
C LEU B 970 1.91 -40.65 -24.85
N MET B 971 2.81 -40.20 -23.98
CA MET B 971 4.23 -40.56 -24.03
C MET B 971 4.52 -42.06 -23.85
N PRO B 972 5.66 -42.55 -24.39
CA PRO B 972 6.01 -43.97 -24.34
C PRO B 972 6.67 -44.44 -23.04
N THR B 973 5.93 -44.35 -21.93
CA THR B 973 6.36 -44.85 -20.61
C THR B 973 7.83 -44.53 -20.28
N LEU B 974 8.06 -43.33 -19.76
CA LEU B 974 9.41 -42.83 -19.50
C LEU B 974 10.10 -43.51 -18.32
N SER B 975 11.41 -43.62 -18.39
CA SER B 975 12.23 -44.12 -17.28
C SER B 975 12.83 -42.92 -16.54
N THR B 976 14.03 -43.11 -15.99
CA THR B 976 14.79 -42.00 -15.40
C THR B 976 15.83 -41.47 -16.39
N SER B 977 16.17 -42.31 -17.37
CA SER B 977 17.13 -41.96 -18.42
C SER B 977 16.45 -41.25 -19.59
N GLN B 978 15.23 -41.67 -19.91
CA GLN B 978 14.42 -41.03 -20.96
C GLN B 978 14.11 -39.58 -20.60
N ILE B 979 13.74 -39.37 -19.34
CA ILE B 979 13.39 -38.05 -18.82
C ILE B 979 14.63 -37.18 -18.57
N ARG B 980 15.80 -37.83 -18.48
CA ARG B 980 17.06 -37.12 -18.26
C ARG B 980 17.60 -36.50 -19.55
N HIS B 981 17.49 -37.25 -20.65
CA HIS B 981 17.86 -36.77 -21.97
C HIS B 981 16.82 -35.77 -22.49
N ALA B 982 15.68 -35.70 -21.80
CA ALA B 982 14.64 -34.72 -22.09
C ALA B 982 15.02 -33.33 -21.58
N ILE B 983 15.48 -33.27 -20.33
CA ILE B 983 16.00 -32.03 -19.74
C ILE B 983 17.47 -31.86 -20.15
N GLU B 984 17.73 -32.09 -21.43
CA GLU B 984 19.08 -32.08 -21.99
C GLU B 984 19.06 -31.60 -23.44
N ARG B 985 18.15 -32.17 -24.23
CA ARG B 985 17.92 -31.71 -25.59
C ARG B 985 17.28 -30.31 -25.58
N ILE B 986 16.57 -30.02 -24.49
CA ILE B 986 15.93 -28.72 -24.31
C ILE B 986 16.91 -27.62 -23.86
N ALA B 987 18.18 -28.00 -23.69
CA ALA B 987 19.22 -27.06 -23.28
C ALA B 987 19.84 -26.31 -24.47
N GLN B 988 20.32 -27.06 -25.47
CA GLN B 988 20.93 -26.46 -26.65
C GLN B 988 19.90 -26.06 -27.72
N ILE B 989 18.64 -26.39 -27.47
CA ILE B 989 17.54 -26.00 -28.36
C ILE B 989 17.23 -24.51 -28.25
N THR B 990 17.63 -23.91 -27.12
CA THR B 990 17.43 -22.48 -26.87
C THR B 990 18.76 -21.74 -26.84
N THR B 995 30.75 -8.77 -22.63
CA THR B 995 30.75 -10.06 -21.95
C THR B 995 29.77 -10.10 -20.78
N ASP B 996 29.04 -11.20 -20.68
CA ASP B 996 28.26 -11.48 -19.49
C ASP B 996 29.26 -11.83 -18.40
N TYR B 997 29.50 -10.90 -17.48
CA TYR B 997 30.38 -11.17 -16.34
C TYR B 997 30.01 -12.52 -15.73
N GLY B 998 28.73 -12.87 -15.86
CA GLY B 998 28.18 -14.12 -15.35
C GLY B 998 28.56 -15.39 -16.10
N LYS B 999 28.81 -15.29 -17.41
CA LYS B 999 29.23 -16.46 -18.19
C LYS B 999 30.63 -16.93 -17.78
N LEU B 1000 31.42 -15.99 -17.25
CA LEU B 1000 32.72 -16.27 -16.65
C LEU B 1000 32.54 -17.07 -15.36
N THR B 1001 31.43 -16.82 -14.66
CA THR B 1001 31.14 -17.49 -13.39
C THR B 1001 30.32 -18.78 -13.57
N LEU B 1002 29.47 -18.81 -14.59
CA LEU B 1002 28.72 -20.02 -14.96
C LEU B 1002 29.68 -21.17 -15.28
N ARG B 1003 30.88 -20.78 -15.72
CA ARG B 1003 31.96 -21.71 -16.03
C ARG B 1003 32.77 -22.08 -14.78
N PHE B 1004 33.11 -21.08 -13.98
CA PHE B 1004 33.83 -21.28 -12.70
C PHE B 1004 33.04 -22.17 -11.75
N LEU B 1005 31.72 -22.18 -11.90
CA LEU B 1005 30.81 -22.99 -11.10
C LEU B 1005 30.91 -24.48 -11.46
N GLY B 1006 30.22 -25.32 -10.68
CA GLY B 1006 30.21 -26.76 -10.92
C GLY B 1006 28.97 -27.25 -11.64
N THR B 1007 28.59 -26.54 -12.70
CA THR B 1007 27.42 -26.90 -13.53
C THR B 1007 27.59 -28.26 -14.21
N LEU B 1008 28.82 -28.76 -14.22
CA LEU B 1008 29.18 -30.02 -14.85
C LEU B 1008 28.70 -31.27 -14.09
N THR B 1009 27.61 -31.12 -13.33
CA THR B 1009 26.98 -32.22 -12.61
C THR B 1009 25.46 -32.07 -12.57
N ARG B 1010 24.94 -31.56 -11.45
CA ARG B 1010 23.51 -31.36 -11.20
C ARG B 1010 22.72 -32.67 -11.31
N SER B 1011 22.91 -33.54 -10.32
CA SER B 1011 22.20 -34.82 -10.25
C SER B 1011 21.39 -34.92 -8.96
N LEU B 1012 20.26 -34.23 -8.93
CA LEU B 1012 19.36 -34.21 -7.77
C LEU B 1012 17.92 -34.36 -8.23
N LYS B 1013 17.33 -35.52 -7.92
CA LYS B 1013 15.95 -35.81 -8.29
C LYS B 1013 14.99 -34.92 -7.49
N MET B 1014 14.41 -33.94 -8.18
CA MET B 1014 13.56 -32.93 -7.56
C MET B 1014 12.13 -32.99 -8.10
N GLN B 1015 11.45 -34.11 -7.84
CA GLN B 1015 10.07 -34.32 -8.31
C GLN B 1015 9.12 -33.26 -7.75
N ASN B 1016 8.84 -33.34 -6.45
CA ASN B 1016 8.07 -32.33 -5.75
C ASN B 1016 8.93 -31.70 -4.64
N ALA B 1017 10.12 -31.24 -5.03
CA ALA B 1017 11.10 -30.69 -4.11
C ALA B 1017 10.53 -29.57 -3.24
N GLN B 1018 10.85 -29.62 -1.95
CA GLN B 1018 10.34 -28.65 -0.98
C GLN B 1018 11.47 -28.20 -0.06
N ILE B 1019 11.30 -27.04 0.56
CA ILE B 1019 12.30 -26.47 1.45
C ILE B 1019 11.91 -26.66 2.91
N ARG B 1020 12.60 -27.55 3.59
CA ARG B 1020 12.36 -27.81 5.01
C ARG B 1020 13.64 -27.87 5.84
N ARG B 1021 13.48 -27.97 7.15
CA ARG B 1021 14.59 -27.95 8.08
C ARG B 1021 14.61 -29.20 8.96
N ILE B 1022 15.56 -30.09 8.69
CA ILE B 1022 15.79 -31.25 9.55
C ILE B 1022 16.18 -30.81 10.95
N ARG B 1023 15.73 -31.57 11.95
CA ARG B 1023 16.04 -31.30 13.36
C ARG B 1023 17.55 -31.36 13.64
N PRO B 1024 17.97 -31.15 14.91
CA PRO B 1024 19.40 -31.24 15.24
C PRO B 1024 20.14 -32.37 14.52
N ASP B 1025 19.50 -33.55 14.43
CA ASP B 1025 20.08 -34.68 13.69
C ASP B 1025 19.49 -34.81 12.28
N GLY B 1026 18.63 -35.82 12.07
CA GLY B 1026 18.09 -36.09 10.74
C GLY B 1026 16.66 -36.60 10.71
N THR B 1027 15.71 -35.69 10.94
CA THR B 1027 14.29 -35.98 10.76
C THR B 1027 13.60 -34.71 10.26
N VAL B 1028 13.23 -34.74 8.96
CA VAL B 1028 12.55 -33.62 8.31
C VAL B 1028 11.31 -33.17 9.09
N LEU B 1029 11.36 -31.95 9.63
CA LEU B 1029 10.23 -31.39 10.36
C LEU B 1029 9.10 -31.01 9.41
N ARG B 1030 7.86 -31.15 9.90
CA ARG B 1030 6.70 -30.60 9.23
C ARG B 1030 6.88 -29.11 9.08
N TYR B 1031 6.33 -28.53 8.01
CA TYR B 1031 6.36 -27.08 7.87
C TYR B 1031 5.67 -26.46 9.08
N ASP B 1032 6.48 -25.90 9.97
CA ASP B 1032 5.97 -25.15 11.12
C ASP B 1032 5.45 -23.80 10.61
N ASP B 1033 5.30 -22.82 11.50
CA ASP B 1033 4.74 -21.54 11.11
C ASP B 1033 5.61 -20.37 11.54
N GLN B 1034 5.73 -20.19 12.87
CA GLN B 1034 6.40 -19.04 13.45
C GLN B 1034 7.90 -19.04 13.23
N ILE B 1035 8.51 -20.23 13.28
CA ILE B 1035 9.97 -20.34 13.12
C ILE B 1035 10.41 -20.28 11.65
N ASP B 1036 9.66 -20.92 10.76
CA ASP B 1036 9.95 -20.90 9.32
C ASP B 1036 9.48 -19.59 8.69
N ILE B 1037 10.18 -19.15 7.64
CA ILE B 1037 9.78 -17.95 6.89
C ILE B 1037 8.56 -18.24 5.99
N GLU B 1038 8.24 -17.31 5.09
CA GLU B 1038 7.04 -17.44 4.26
C GLU B 1038 7.21 -18.32 3.02
N ALA B 1039 8.02 -17.86 2.06
CA ALA B 1039 8.15 -18.50 0.74
C ALA B 1039 8.40 -20.02 0.76
N PHE B 1040 8.88 -20.51 1.89
CA PHE B 1040 9.19 -21.93 2.06
C PHE B 1040 7.97 -22.84 2.26
N ARG B 1041 6.77 -22.28 2.06
CA ARG B 1041 5.53 -23.04 2.16
C ARG B 1041 5.36 -23.97 0.95
N TRP B 1042 5.10 -23.37 -0.22
CA TRP B 1042 4.97 -24.12 -1.47
C TRP B 1042 6.14 -23.82 -2.39
N SER B 1043 6.26 -24.60 -3.47
CA SER B 1043 7.40 -24.48 -4.39
C SER B 1043 7.06 -23.74 -5.69
N ARG B 1044 5.81 -23.87 -6.14
CA ARG B 1044 5.35 -23.34 -7.43
C ARG B 1044 6.14 -23.96 -8.59
N TYR B 1045 6.60 -25.20 -8.37
CA TYR B 1045 7.48 -25.92 -9.30
C TYR B 1045 8.76 -25.14 -9.62
N PHE B 1046 9.11 -24.21 -8.73
CA PHE B 1046 10.27 -23.30 -8.88
C PHE B 1046 10.16 -22.31 -10.04
N LEU B 1047 9.03 -22.31 -10.73
CA LEU B 1047 8.77 -21.36 -11.81
C LEU B 1047 8.45 -19.97 -11.24
N ASP B 1048 8.50 -18.96 -12.11
CA ASP B 1048 8.23 -17.57 -11.73
C ASP B 1048 6.73 -17.34 -11.50
N GLU B 1049 6.40 -16.25 -10.79
CA GLU B 1049 5.02 -15.87 -10.51
C GLU B 1049 4.25 -15.42 -11.75
N LEU B 1050 4.88 -14.58 -12.57
CA LEU B 1050 4.28 -14.09 -13.81
C LEU B 1050 4.32 -15.17 -14.89
N ARG B 1051 5.43 -15.90 -14.95
CA ARG B 1051 5.64 -16.97 -15.92
C ARG B 1051 4.73 -18.18 -15.67
N LEU B 1052 4.16 -18.26 -14.47
CA LEU B 1052 3.19 -19.30 -14.14
C LEU B 1052 1.79 -18.95 -14.64
N ARG B 1053 1.55 -17.66 -14.86
CA ARG B 1053 0.25 -17.19 -15.34
C ARG B 1053 0.14 -17.25 -16.86
N ARG B 1054 1.27 -17.15 -17.55
CA ARG B 1054 1.31 -17.31 -19.01
C ARG B 1054 1.03 -18.75 -19.40
N LEU B 1055 1.49 -19.68 -18.58
CA LEU B 1055 1.25 -21.11 -18.74
C LEU B 1055 -0.25 -21.41 -18.82
N SER B 1056 -1.05 -20.61 -18.12
CA SER B 1056 -2.50 -20.77 -18.07
C SER B 1056 -3.18 -20.46 -19.40
N VAL B 1057 -2.70 -19.45 -20.12
CA VAL B 1057 -3.25 -19.06 -21.41
C VAL B 1057 -2.74 -19.99 -22.52
N GLY B 1058 -1.48 -20.43 -22.39
CA GLY B 1058 -0.87 -21.37 -23.32
C GLY B 1058 -1.47 -22.76 -23.27
N LEU B 1059 -1.96 -23.14 -22.10
CA LEU B 1059 -2.62 -24.43 -21.89
C LEU B 1059 -4.01 -24.51 -22.54
N ARG B 1060 -4.37 -23.47 -23.28
CA ARG B 1060 -5.63 -23.43 -24.01
C ARG B 1060 -5.38 -23.61 -25.50
N LEU B 1061 -4.28 -23.03 -25.97
CA LEU B 1061 -3.79 -23.20 -27.33
C LEU B 1061 -3.45 -24.66 -27.61
N ILE B 1062 -2.81 -25.30 -26.63
CA ILE B 1062 -2.30 -26.66 -26.75
C ILE B 1062 -3.40 -27.74 -26.70
N THR B 1063 -4.67 -27.32 -26.68
CA THR B 1063 -5.79 -28.25 -26.57
C THR B 1063 -7.00 -27.87 -27.43
N ASN B 1064 -6.83 -26.88 -28.31
CA ASN B 1064 -7.89 -26.42 -29.21
C ASN B 1064 -8.21 -27.44 -30.31
N PRO B 1065 -9.50 -27.62 -30.64
CA PRO B 1065 -9.96 -28.57 -31.66
C PRO B 1065 -9.32 -28.47 -33.06
N ARG B 1066 -8.73 -27.32 -33.39
CA ARG B 1066 -8.18 -27.12 -34.74
C ARG B 1066 -6.68 -27.41 -34.88
N ILE B 1067 -5.96 -27.45 -33.76
CA ILE B 1067 -4.52 -27.72 -33.77
C ILE B 1067 -4.23 -29.23 -33.85
N ALA B 1068 -5.04 -30.03 -33.15
CA ALA B 1068 -4.91 -31.48 -33.19
C ALA B 1068 -5.29 -32.04 -34.55
N ARG B 1069 -4.27 -32.31 -35.37
CA ARG B 1069 -4.46 -32.70 -36.77
C ARG B 1069 -3.91 -34.11 -37.06
N ARG B 1070 -3.55 -34.84 -36.01
CA ARG B 1070 -3.13 -36.24 -36.15
C ARG B 1070 -4.33 -37.16 -35.95
N PHE B 1071 -4.53 -38.06 -36.91
CA PHE B 1071 -5.69 -38.94 -36.91
C PHE B 1071 -5.30 -40.40 -36.72
N ASP B 1072 -6.18 -41.16 -36.05
CA ASP B 1072 -5.94 -42.56 -35.77
C ASP B 1072 -6.95 -43.47 -36.44
N GLY B 1073 -6.45 -44.57 -37.00
CA GLY B 1073 -7.31 -45.56 -37.64
C GLY B 1073 -7.61 -45.27 -39.09
N VAL B 1074 -7.39 -46.28 -39.94
CA VAL B 1074 -7.69 -46.19 -41.36
C VAL B 1074 -8.35 -47.51 -41.82
N ARG B 1075 -9.59 -47.42 -42.29
CA ARG B 1075 -10.32 -48.61 -42.72
C ARG B 1075 -10.09 -48.88 -44.22
N ILE B 1076 -9.56 -50.07 -44.51
CA ILE B 1076 -9.28 -50.48 -45.88
C ILE B 1076 -10.53 -51.11 -46.51
N MET B 1077 -10.92 -50.59 -47.67
CA MET B 1077 -12.07 -51.08 -48.40
C MET B 1077 -11.88 -50.85 -49.90
N TYR B 1078 -12.73 -51.49 -50.72
CA TYR B 1078 -12.64 -51.42 -52.17
C TYR B 1078 -13.93 -50.87 -52.78
N LEU B 1079 -14.13 -49.56 -52.66
CA LEU B 1079 -15.29 -48.90 -53.27
C LEU B 1079 -14.95 -48.12 -54.53
N THR B 1080 -13.66 -48.12 -54.90
CA THR B 1080 -13.16 -47.60 -56.17
C THR B 1080 -13.82 -46.31 -56.67
N ASP B 1081 -15.01 -46.47 -57.26
CA ASP B 1081 -15.80 -45.38 -57.86
C ASP B 1081 -15.60 -44.03 -57.17
N ASP B 1082 -15.23 -43.02 -57.97
CA ASP B 1082 -14.81 -41.74 -57.42
C ASP B 1082 -15.83 -40.62 -57.43
N ASP B 1083 -15.88 -39.92 -56.29
CA ASP B 1083 -16.53 -38.63 -56.14
C ASP B 1083 -15.56 -37.88 -55.24
N PRO B 1084 -14.50 -37.31 -55.82
CA PRO B 1084 -13.41 -36.73 -55.03
C PRO B 1084 -13.97 -35.93 -53.87
N ASP B 1085 -13.80 -36.48 -52.67
CA ASP B 1085 -14.25 -35.81 -51.46
C ASP B 1085 -13.07 -35.67 -50.50
N PRO B 1086 -12.79 -34.43 -50.06
CA PRO B 1086 -11.77 -34.19 -49.05
C PRO B 1086 -12.12 -34.93 -47.76
N ASP B 1087 -13.40 -35.33 -47.68
CA ASP B 1087 -13.92 -36.09 -46.56
C ASP B 1087 -15.14 -36.90 -46.99
N PHE B 1088 -15.05 -38.22 -46.85
CA PHE B 1088 -16.17 -39.14 -47.05
C PHE B 1088 -15.82 -40.50 -46.46
N VAL B 1089 -16.68 -41.00 -45.58
CA VAL B 1089 -16.47 -42.29 -44.95
C VAL B 1089 -17.50 -43.30 -45.45
N PRO B 1090 -17.08 -44.21 -46.34
CA PRO B 1090 -17.92 -45.33 -46.76
C PRO B 1090 -18.17 -46.26 -45.58
N ASP B 1091 -19.42 -46.69 -45.41
CA ASP B 1091 -19.80 -47.52 -44.28
C ASP B 1091 -19.95 -48.98 -44.69
N VAL B 1092 -20.34 -49.82 -43.74
CA VAL B 1092 -20.72 -51.21 -44.01
C VAL B 1092 -22.06 -51.24 -44.75
N PRO B 1093 -22.03 -51.59 -46.05
CA PRO B 1093 -23.20 -51.51 -46.94
C PRO B 1093 -24.51 -52.06 -46.36
N GLU B 1094 -24.57 -53.37 -46.13
CA GLU B 1094 -25.79 -54.01 -45.63
C GLU B 1094 -25.50 -55.25 -44.77
N GLY B 1095 -25.70 -56.43 -45.35
CA GLY B 1095 -25.57 -57.70 -44.62
C GLY B 1095 -24.13 -58.07 -44.32
N TYR B 1096 -23.66 -57.68 -43.14
CA TYR B 1096 -22.29 -57.97 -42.72
C TYR B 1096 -22.24 -58.46 -41.27
N VAL B 1097 -21.11 -59.04 -40.90
CA VAL B 1097 -20.91 -59.53 -39.53
C VAL B 1097 -19.49 -59.21 -39.03
N ALA B 1098 -19.43 -58.44 -37.94
CA ALA B 1098 -18.16 -58.03 -37.36
C ALA B 1098 -17.51 -59.15 -36.56
N VAL B 1099 -16.31 -59.55 -36.99
CA VAL B 1099 -15.53 -60.55 -36.28
C VAL B 1099 -14.19 -59.96 -35.83
N GLN B 1100 -13.62 -60.56 -34.79
CA GLN B 1100 -12.31 -60.15 -34.29
C GLN B 1100 -11.20 -60.82 -35.07
N TYR B 1101 -9.96 -60.57 -34.66
CA TYR B 1101 -8.80 -61.18 -35.31
C TYR B 1101 -7.90 -61.88 -34.30
N ALA B 1102 -7.53 -63.11 -34.62
CA ALA B 1102 -6.51 -63.86 -33.90
C ALA B 1102 -5.85 -64.81 -34.87
N HIS B 1103 -4.52 -64.94 -34.79
CA HIS B 1103 -3.77 -65.83 -35.70
C HIS B 1103 -4.34 -67.24 -35.64
N ARG B 1104 -5.06 -67.51 -34.57
CA ARG B 1104 -5.72 -68.79 -34.29
C ARG B 1104 -6.83 -69.15 -35.30
N LEU B 1105 -7.34 -68.16 -36.03
CA LEU B 1105 -8.38 -68.41 -37.05
C LEU B 1105 -7.85 -68.45 -38.49
N PHE B 1106 -6.57 -68.09 -38.67
CA PHE B 1106 -5.93 -68.15 -39.98
C PHE B 1106 -4.86 -69.26 -40.03
N SER B 1107 -5.31 -70.47 -40.36
CA SER B 1107 -4.42 -71.63 -40.42
C SER B 1107 -4.18 -72.10 -41.86
N SER B 1108 -3.04 -72.74 -42.08
CA SER B 1108 -2.68 -73.28 -43.39
C SER B 1108 -3.18 -74.72 -43.53
N SER B 1109 -3.88 -74.99 -44.63
CA SER B 1109 -4.44 -76.31 -44.89
C SER B 1109 -4.18 -76.77 -46.33
N LEU B 1110 -4.81 -77.88 -46.73
CA LEU B 1110 -4.60 -78.46 -48.05
C LEU B 1110 -5.91 -78.70 -48.80
N ALA B 1111 -6.09 -77.95 -49.88
CA ALA B 1111 -7.21 -78.16 -50.80
C ALA B 1111 -6.67 -78.62 -52.15
N ASN B 1112 -7.42 -79.50 -52.81
CA ASN B 1112 -6.97 -80.23 -54.01
C ASN B 1112 -5.47 -80.64 -54.00
N LYS B 1113 -4.66 -79.96 -54.80
CA LYS B 1113 -3.25 -80.33 -54.98
C LYS B 1113 -2.28 -79.19 -54.63
N ARG B 1114 -2.58 -78.46 -53.54
CA ARG B 1114 -1.76 -77.32 -53.13
C ARG B 1114 -2.05 -76.81 -51.71
N ASN B 1115 -1.04 -76.18 -51.11
CA ASN B 1115 -1.15 -75.59 -49.78
C ASN B 1115 -1.54 -74.12 -49.84
N ARG B 1116 -2.70 -73.82 -49.27
CA ARG B 1116 -3.29 -72.49 -49.31
C ARG B 1116 -3.85 -72.12 -47.94
N VAL B 1117 -3.62 -70.87 -47.53
CA VAL B 1117 -4.09 -70.38 -46.22
C VAL B 1117 -5.62 -70.33 -46.14
N THR B 1118 -6.16 -70.91 -45.07
CA THR B 1118 -7.61 -71.06 -44.92
C THR B 1118 -8.19 -70.21 -43.79
N TYR B 1119 -9.36 -69.63 -44.06
CA TYR B 1119 -10.12 -68.86 -43.09
C TYR B 1119 -10.98 -69.82 -42.27
N THR B 1120 -11.70 -69.30 -41.28
CA THR B 1120 -12.53 -70.15 -40.42
C THR B 1120 -13.96 -69.60 -40.27
N HIS B 1121 -14.06 -68.29 -40.11
CA HIS B 1121 -15.34 -67.61 -39.84
C HIS B 1121 -16.02 -68.19 -38.59
N PRO B 1122 -15.53 -67.79 -37.39
CA PRO B 1122 -15.95 -68.33 -36.09
C PRO B 1122 -17.46 -68.54 -35.86
N PRO B 1123 -18.32 -67.60 -36.33
CA PRO B 1123 -19.77 -67.80 -36.12
C PRO B 1123 -20.41 -69.01 -36.81
N THR B 1124 -19.64 -69.74 -37.62
CA THR B 1124 -20.16 -70.96 -38.28
C THR B 1124 -19.13 -72.10 -38.36
N GLY B 1125 -17.85 -71.76 -38.24
CA GLY B 1125 -16.76 -72.75 -38.26
C GLY B 1125 -16.64 -73.49 -39.57
N MET B 1126 -16.29 -72.76 -40.63
CA MET B 1126 -16.17 -73.34 -41.97
C MET B 1126 -14.72 -73.36 -42.47
N ALA B 1127 -14.55 -73.50 -43.79
CA ALA B 1127 -13.24 -73.63 -44.40
C ALA B 1127 -12.85 -72.44 -45.27
N TYR B 1128 -13.49 -72.32 -46.44
CA TYR B 1128 -13.17 -71.29 -47.45
C TYR B 1128 -11.66 -71.23 -47.76
N PRO B 1129 -11.16 -72.16 -48.60
CA PRO B 1129 -9.73 -72.30 -48.84
C PRO B 1129 -9.13 -71.31 -49.84
N SER B 1130 -9.97 -70.43 -50.39
CA SER B 1130 -9.53 -69.47 -51.40
C SER B 1130 -10.10 -68.08 -51.13
N PRO B 1131 -9.44 -67.01 -51.65
CA PRO B 1131 -9.97 -65.66 -51.52
C PRO B 1131 -11.19 -65.42 -52.42
N THR B 1132 -12.18 -66.31 -52.34
CA THR B 1132 -13.41 -66.22 -53.13
C THR B 1132 -14.56 -66.94 -52.41
N GLY B 1133 -15.72 -66.30 -52.36
CA GLY B 1133 -16.90 -66.87 -51.76
C GLY B 1133 -16.98 -66.67 -50.25
N ARG B 1134 -15.89 -66.17 -49.67
CA ARG B 1134 -15.82 -65.83 -48.25
C ARG B 1134 -17.02 -64.97 -47.88
N PRO B 1135 -17.74 -65.32 -46.80
CA PRO B 1135 -18.92 -64.57 -46.40
C PRO B 1135 -18.57 -63.12 -46.09
N HIS B 1136 -19.52 -62.21 -46.31
CA HIS B 1136 -19.32 -60.79 -46.09
C HIS B 1136 -19.00 -60.48 -44.63
N VAL B 1137 -17.74 -60.15 -44.35
CA VAL B 1137 -17.30 -59.83 -42.99
C VAL B 1137 -16.94 -58.36 -42.80
N HIS B 1138 -16.75 -58.00 -41.53
CA HIS B 1138 -16.38 -56.65 -41.13
C HIS B 1138 -15.18 -56.75 -40.19
N MET B 1139 -14.29 -57.70 -40.50
CA MET B 1139 -13.11 -58.02 -39.68
C MET B 1139 -12.32 -56.79 -39.24
N THR B 1140 -12.26 -56.60 -37.92
CA THR B 1140 -11.50 -55.50 -37.33
C THR B 1140 -10.21 -56.00 -36.66
N ILE B 1141 -9.12 -55.30 -36.92
CA ILE B 1141 -7.81 -55.66 -36.35
C ILE B 1141 -7.38 -54.63 -35.32
N ASN B 1142 -7.08 -55.09 -34.12
CA ASN B 1142 -6.59 -54.22 -33.05
C ASN B 1142 -5.08 -53.97 -33.12
N GLU B 1143 -4.32 -55.04 -33.29
CA GLU B 1143 -2.86 -54.94 -33.42
C GLU B 1143 -2.25 -55.92 -34.42
N ARG B 1144 -1.36 -55.40 -35.26
CA ARG B 1144 -0.62 -56.22 -36.21
C ARG B 1144 0.67 -56.72 -35.57
N ALA B 1145 0.56 -57.78 -34.78
CA ALA B 1145 1.72 -58.35 -34.08
C ALA B 1145 2.25 -59.59 -34.81
N GLY B 1146 1.56 -60.71 -34.65
CA GLY B 1146 1.93 -61.96 -35.30
C GLY B 1146 1.27 -62.10 -36.66
N MET B 1147 1.58 -61.15 -37.54
CA MET B 1147 1.02 -61.12 -38.89
C MET B 1147 2.01 -61.76 -39.87
N SER B 1148 1.96 -63.09 -39.95
CA SER B 1148 2.77 -63.82 -40.92
C SER B 1148 2.55 -63.17 -42.28
N LYS B 1149 3.61 -62.59 -42.84
CA LYS B 1149 3.52 -61.75 -44.04
C LYS B 1149 2.72 -62.39 -45.19
N LEU B 1150 2.58 -63.71 -45.14
CA LEU B 1150 1.74 -64.46 -46.08
C LEU B 1150 0.25 -64.24 -45.80
N VAL B 1151 -0.15 -64.47 -44.54
CA VAL B 1151 -1.54 -64.29 -44.14
C VAL B 1151 -1.86 -62.81 -43.86
N ALA B 1152 -0.82 -62.01 -43.66
CA ALA B 1152 -0.94 -60.56 -43.53
C ALA B 1152 -1.29 -59.94 -44.89
N ASP B 1153 -0.96 -60.67 -45.96
CA ASP B 1153 -1.30 -60.28 -47.32
C ASP B 1153 -2.69 -60.77 -47.72
N ASN B 1154 -2.94 -62.06 -47.46
CA ASN B 1154 -4.16 -62.76 -47.89
C ASN B 1154 -5.47 -62.04 -47.53
N ILE B 1155 -5.42 -61.18 -46.51
CA ILE B 1155 -6.57 -60.37 -46.11
C ILE B 1155 -6.87 -59.32 -47.19
N ILE B 1156 -5.84 -58.60 -47.62
CA ILE B 1156 -5.97 -57.57 -48.67
C ILE B 1156 -6.41 -58.18 -50.00
N ALA B 1157 -5.85 -59.34 -50.34
CA ALA B 1157 -6.21 -60.07 -51.55
C ALA B 1157 -7.67 -60.53 -51.52
N SER B 1158 -8.24 -60.60 -50.32
CA SER B 1158 -9.64 -60.98 -50.11
C SER B 1158 -10.56 -59.76 -50.03
N VAL B 1159 -9.97 -58.58 -49.88
CA VAL B 1159 -10.73 -57.32 -49.91
C VAL B 1159 -11.19 -57.01 -51.33
N ILE B 1160 -10.36 -57.37 -52.30
CA ILE B 1160 -10.59 -57.06 -53.72
C ILE B 1160 -11.39 -58.15 -54.45
N LYS B 1161 -11.70 -59.24 -53.75
CA LYS B 1161 -12.42 -60.37 -54.37
C LYS B 1161 -13.62 -60.91 -53.60
N SER B 1162 -13.95 -60.27 -52.48
CA SER B 1162 -15.10 -60.69 -51.65
C SER B 1162 -15.76 -59.51 -50.93
N ASN B 1163 -15.31 -58.29 -51.26
CA ASN B 1163 -15.80 -57.05 -50.66
C ASN B 1163 -15.62 -56.98 -49.14
N TRP B 1164 -14.49 -57.52 -48.67
CA TRP B 1164 -14.14 -57.54 -47.26
C TRP B 1164 -13.80 -56.13 -46.75
N VAL B 1165 -14.42 -55.74 -45.64
CA VAL B 1165 -14.22 -54.44 -45.05
C VAL B 1165 -13.36 -54.57 -43.77
N VAL B 1166 -12.07 -54.29 -43.91
CA VAL B 1166 -11.13 -54.45 -42.80
C VAL B 1166 -10.85 -53.15 -42.04
N ASP B 1167 -10.09 -53.25 -40.95
CA ASP B 1167 -9.81 -52.13 -40.06
C ASP B 1167 -8.41 -52.20 -39.44
N ILE B 1168 -7.92 -51.03 -39.01
CA ILE B 1168 -6.67 -50.88 -38.24
C ILE B 1168 -6.89 -49.75 -37.23
N HIS B 1169 -6.20 -49.81 -36.09
CA HIS B 1169 -6.40 -48.83 -35.02
C HIS B 1169 -5.11 -48.17 -34.49
N ASP B 1170 -3.97 -48.76 -34.78
CA ASP B 1170 -2.69 -48.27 -34.27
C ASP B 1170 -1.94 -47.36 -35.25
N ILE B 1171 -2.60 -47.02 -36.35
CA ILE B 1171 -1.96 -46.22 -37.41
C ILE B 1171 -2.22 -44.72 -37.26
N GLU B 1172 -1.13 -43.95 -37.34
CA GLU B 1172 -1.17 -42.49 -37.31
C GLU B 1172 -0.79 -41.94 -38.68
N TYR B 1173 -1.50 -40.89 -39.11
CA TYR B 1173 -1.26 -40.26 -40.40
C TYR B 1173 -1.67 -38.78 -40.37
N THR B 1174 -0.98 -37.99 -41.19
CA THR B 1174 -1.31 -36.56 -41.30
C THR B 1174 -1.60 -36.17 -42.75
N ALA B 1175 -2.57 -36.87 -43.34
CA ALA B 1175 -3.04 -36.58 -44.70
C ALA B 1175 -3.66 -35.19 -44.76
N GLU B 1176 -3.55 -34.56 -45.93
CA GLU B 1176 -4.07 -33.20 -46.13
C GLU B 1176 -4.84 -33.06 -47.45
N VAL B 1177 -5.78 -32.12 -47.47
CA VAL B 1177 -6.63 -31.85 -48.64
C VAL B 1177 -5.80 -31.36 -49.84
N MET B 1178 -6.19 -31.79 -51.03
CA MET B 1178 -5.47 -31.42 -52.26
C MET B 1178 -6.40 -30.82 -53.32
N THR B 1179 -5.82 -29.97 -54.18
CA THR B 1179 -6.55 -29.27 -55.23
C THR B 1179 -6.70 -30.13 -56.50
N PRO B 1180 -7.73 -29.85 -57.33
CA PRO B 1180 -8.00 -30.57 -58.58
C PRO B 1180 -6.78 -30.80 -59.48
N SER B 1181 -6.24 -29.73 -60.05
CA SER B 1181 -5.01 -29.79 -60.84
C SER B 1181 -3.83 -30.03 -59.90
N GLU B 1182 -2.68 -30.41 -60.47
CA GLU B 1182 -1.49 -30.79 -59.69
C GLU B 1182 -1.64 -32.21 -59.14
N GLY B 1183 -2.86 -32.57 -58.76
CA GLY B 1183 -3.22 -33.93 -58.35
C GLY B 1183 -2.37 -34.52 -57.24
N TYR B 1184 -2.03 -35.80 -57.40
CA TYR B 1184 -1.24 -36.54 -56.41
C TYR B 1184 0.25 -36.48 -56.72
N THR B 1185 1.05 -36.83 -55.72
CA THR B 1185 2.51 -36.94 -55.88
C THR B 1185 3.01 -38.30 -55.39
N GLN B 1186 3.31 -38.39 -54.10
CA GLN B 1186 3.71 -39.65 -53.48
C GLN B 1186 2.47 -40.36 -52.92
N HIS B 1187 2.57 -41.66 -52.72
CA HIS B 1187 1.47 -42.46 -52.16
C HIS B 1187 1.96 -43.70 -51.44
N VAL B 1188 1.31 -44.01 -50.31
CA VAL B 1188 1.61 -45.18 -49.51
C VAL B 1188 1.29 -46.47 -50.27
N ASP B 1189 2.07 -47.51 -50.03
CA ASP B 1189 1.84 -48.81 -50.65
C ASP B 1189 0.91 -49.65 -49.78
N ALA B 1190 0.06 -50.43 -50.44
CA ALA B 1190 -0.92 -51.28 -49.76
C ALA B 1190 -0.29 -52.52 -49.11
N GLU B 1191 1.00 -52.45 -48.84
CA GLU B 1191 1.73 -53.53 -48.17
C GLU B 1191 2.61 -52.97 -47.04
N SER B 1192 3.06 -51.74 -47.21
CA SER B 1192 3.81 -51.02 -46.19
C SER B 1192 2.87 -50.56 -45.07
N ILE B 1193 1.58 -50.56 -45.37
CA ILE B 1193 0.53 -50.17 -44.42
C ILE B 1193 -0.11 -51.41 -43.75
N MET B 1194 0.63 -52.51 -43.73
CA MET B 1194 0.18 -53.75 -43.10
C MET B 1194 1.30 -54.50 -42.37
N THR B 1195 2.54 -54.26 -42.79
CA THR B 1195 3.70 -54.94 -42.22
C THR B 1195 4.83 -53.99 -41.81
N ALA B 1196 4.46 -52.82 -41.33
CA ALA B 1196 5.43 -51.81 -40.87
C ALA B 1196 5.42 -51.68 -39.35
N PRO B 1197 6.54 -51.19 -38.76
CA PRO B 1197 6.61 -50.96 -37.31
C PRO B 1197 5.44 -50.16 -36.75
N LYS B 1198 5.04 -50.50 -35.53
CA LYS B 1198 3.89 -49.88 -34.86
C LYS B 1198 4.08 -48.38 -34.61
N GLY B 1199 5.32 -47.98 -34.36
CA GLY B 1199 5.66 -46.59 -34.03
C GLY B 1199 5.50 -45.60 -35.17
N LYS B 1200 5.87 -46.01 -36.37
CA LYS B 1200 5.93 -45.13 -37.56
C LYS B 1200 4.67 -44.28 -37.77
N LEU B 1201 4.88 -43.04 -38.20
CA LEU B 1201 3.82 -42.10 -38.55
C LEU B 1201 3.99 -41.68 -40.01
N PHE B 1202 3.27 -42.34 -40.91
CA PHE B 1202 3.29 -41.99 -42.35
C PHE B 1202 2.07 -41.18 -42.77
N HIS B 1203 2.28 -40.19 -43.65
CA HIS B 1203 1.18 -39.34 -44.10
C HIS B 1203 0.60 -39.79 -45.44
N LEU B 1204 -0.71 -39.62 -45.59
CA LEU B 1204 -1.39 -39.95 -46.84
C LEU B 1204 -1.61 -38.65 -47.64
N GLN B 1205 -2.48 -38.72 -48.65
CA GLN B 1205 -2.79 -37.57 -49.48
C GLN B 1205 -4.18 -37.71 -50.12
N PHE B 1206 -5.06 -36.76 -49.82
CA PHE B 1206 -6.47 -36.84 -50.23
C PHE B 1206 -6.81 -35.77 -51.26
N MET B 1207 -7.89 -36.02 -52.02
CA MET B 1207 -8.31 -35.15 -53.12
C MET B 1207 -9.58 -34.37 -52.76
N ASP B 1208 -9.70 -33.15 -53.27
CA ASP B 1208 -10.88 -32.31 -53.02
C ASP B 1208 -11.96 -32.47 -54.09
N GLY B 1209 -11.64 -32.08 -55.33
CA GLY B 1209 -12.55 -32.23 -56.46
C GLY B 1209 -13.89 -31.53 -56.33
N LEU B 1210 -13.88 -30.21 -56.53
CA LEU B 1210 -15.10 -29.41 -56.57
C LEU B 1210 -14.96 -28.39 -57.69
N LEU B 1211 -13.71 -27.95 -57.91
CA LEU B 1211 -13.38 -27.04 -58.99
C LEU B 1211 -12.72 -27.79 -60.15
N ARG B 1212 -13.05 -29.08 -60.25
CA ARG B 1212 -12.58 -29.95 -61.32
C ARG B 1212 -13.24 -29.60 -62.65
N PRO B 1213 -12.44 -29.45 -63.72
CA PRO B 1213 -12.98 -29.18 -65.05
C PRO B 1213 -13.81 -30.35 -65.59
N GLU B 1214 -15.04 -30.06 -66.00
CA GLU B 1214 -15.97 -31.10 -66.46
C GLU B 1214 -15.77 -31.43 -67.95
N PRO B 1215 -16.37 -32.55 -68.42
CA PRO B 1215 -16.26 -32.94 -69.83
C PRO B 1215 -16.93 -31.97 -70.82
N SER B 1216 -16.71 -32.21 -72.11
CA SER B 1216 -17.30 -31.38 -73.17
C SER B 1216 -18.72 -31.82 -73.51
N ALA B 1217 -19.27 -31.26 -74.59
CA ALA B 1217 -20.64 -31.58 -75.03
C ALA B 1217 -20.68 -32.91 -75.80
N PHE B 1218 -20.24 -32.87 -77.06
CA PHE B 1218 -20.16 -34.06 -77.90
C PHE B 1218 -18.71 -34.56 -77.87
N ASP B 1219 -18.52 -35.81 -77.45
CA ASP B 1219 -17.18 -36.38 -77.30
C ASP B 1219 -17.18 -37.91 -77.21
N PRO B 1220 -16.19 -38.56 -77.85
CA PRO B 1220 -15.97 -40.00 -77.68
C PRO B 1220 -15.46 -40.33 -76.28
N PRO B 1221 -16.23 -41.15 -75.52
CA PRO B 1221 -15.89 -41.49 -74.13
C PRO B 1221 -14.61 -42.33 -74.01
N ALA B 1222 -13.74 -41.93 -73.10
CA ALA B 1222 -12.49 -42.65 -72.82
C ALA B 1222 -12.70 -43.74 -71.77
N SER B 1223 -11.85 -44.75 -71.80
CA SER B 1223 -12.00 -45.92 -70.91
C SER B 1223 -11.02 -45.92 -69.74
N GLY B 1224 -11.24 -46.83 -68.80
CA GLY B 1224 -10.48 -46.89 -67.55
C GLY B 1224 -11.25 -46.27 -66.42
N GLU B 1225 -11.02 -46.76 -65.20
CA GLU B 1225 -11.75 -46.27 -64.02
C GLU B 1225 -10.81 -45.92 -62.87
N ASP B 1226 -11.30 -45.06 -61.96
CA ASP B 1226 -10.54 -44.64 -60.78
C ASP B 1226 -10.92 -45.42 -59.53
N MET B 1227 -9.91 -45.71 -58.71
CA MET B 1227 -10.07 -46.55 -57.53
C MET B 1227 -9.57 -45.85 -56.27
N ARG B 1228 -10.14 -46.24 -55.12
CA ARG B 1228 -9.68 -45.78 -53.81
C ARG B 1228 -9.65 -46.97 -52.85
N LEU B 1229 -8.59 -47.06 -52.05
CA LEU B 1229 -8.38 -48.23 -51.20
C LEU B 1229 -8.35 -47.95 -49.69
N ILE B 1230 -7.91 -46.76 -49.31
CA ILE B 1230 -7.80 -46.41 -47.88
C ILE B 1230 -8.52 -45.12 -47.50
N TYR B 1231 -9.67 -45.26 -46.84
CA TYR B 1231 -10.48 -44.13 -46.39
C TYR B 1231 -10.25 -43.85 -44.91
N PRO B 1232 -10.43 -42.58 -44.48
CA PRO B 1232 -10.37 -42.24 -43.07
C PRO B 1232 -11.70 -42.53 -42.38
N LEU B 1233 -11.70 -42.46 -41.04
CA LEU B 1233 -12.94 -42.60 -40.27
C LEU B 1233 -12.91 -41.70 -39.03
N GLN B 1234 -12.83 -40.38 -39.26
CA GLN B 1234 -12.63 -39.44 -38.16
C GLN B 1234 -13.80 -38.51 -37.80
N PRO B 1235 -14.19 -37.59 -38.71
CA PRO B 1235 -13.73 -37.28 -40.07
C PRO B 1235 -12.56 -36.27 -40.12
N ILE B 1236 -11.82 -36.29 -41.22
CA ILE B 1236 -10.68 -35.41 -41.45
C ILE B 1236 -11.12 -33.96 -41.74
N SER B 1237 -10.15 -33.07 -41.90
CA SER B 1237 -10.37 -31.65 -42.23
C SER B 1237 -11.08 -30.89 -41.11
N VAL B 1238 -10.30 -30.50 -40.10
CA VAL B 1238 -10.79 -29.69 -38.99
C VAL B 1238 -10.43 -28.22 -39.17
N ALA B 1239 -9.29 -27.97 -39.82
CA ALA B 1239 -8.92 -26.63 -40.24
C ALA B 1239 -9.70 -26.29 -41.50
N ARG B 1240 -10.82 -25.58 -41.30
CA ARG B 1240 -11.78 -25.32 -42.38
C ARG B 1240 -11.89 -23.86 -42.80
N SER B 1241 -12.54 -23.05 -41.95
CA SER B 1241 -12.86 -21.64 -42.25
C SER B 1241 -13.85 -21.49 -43.41
N MET B 1242 -13.38 -21.68 -44.64
CA MET B 1242 -14.23 -21.60 -45.84
C MET B 1242 -13.60 -22.33 -47.03
N ARG B 1243 -14.41 -22.59 -48.05
CA ARG B 1243 -13.93 -23.32 -49.24
C ARG B 1243 -14.57 -22.83 -50.55
N ALA B 1244 -13.83 -23.02 -51.65
CA ALA B 1244 -14.26 -22.68 -53.01
C ALA B 1244 -14.74 -21.24 -53.19
N ILE B 1245 -13.78 -20.31 -53.36
CA ILE B 1245 -14.10 -18.90 -53.51
C ILE B 1245 -14.30 -18.52 -54.99
N VAL B 1246 -15.32 -19.13 -55.59
CA VAL B 1246 -15.75 -18.84 -56.95
C VAL B 1246 -17.27 -18.95 -57.02
N ASN B 1247 -17.91 -18.11 -57.83
CA ASN B 1247 -19.36 -18.19 -58.00
C ASN B 1247 -19.79 -19.01 -59.22
N HIS B 1248 -20.82 -19.82 -59.03
CA HIS B 1248 -21.23 -20.86 -59.99
C HIS B 1248 -21.77 -20.31 -61.31
N ASN B 1249 -21.66 -21.13 -62.36
CA ASN B 1249 -22.09 -20.80 -63.72
C ASN B 1249 -23.48 -20.17 -63.82
N GLU B 1250 -24.48 -20.77 -63.16
CA GLU B 1250 -25.85 -20.25 -63.23
C GLU B 1250 -26.62 -20.25 -61.91
N VAL B 1251 -26.30 -21.18 -61.00
CA VAL B 1251 -26.95 -21.21 -59.69
C VAL B 1251 -26.17 -20.38 -58.67
N ASP B 1252 -26.77 -20.17 -57.51
CA ASP B 1252 -26.21 -19.30 -56.48
C ASP B 1252 -25.01 -19.93 -55.76
N ARG B 1253 -25.31 -20.78 -54.78
CA ARG B 1253 -24.30 -21.42 -53.95
C ARG B 1253 -23.76 -22.69 -54.60
N PRO B 1254 -22.44 -22.75 -54.84
CA PRO B 1254 -21.82 -23.90 -55.49
C PRO B 1254 -21.63 -25.09 -54.55
N ARG B 1255 -22.72 -25.84 -54.33
CA ARG B 1255 -22.73 -27.06 -53.50
C ARG B 1255 -22.10 -26.88 -52.12
N GLY B 1256 -21.10 -27.72 -51.82
CA GLY B 1256 -20.40 -27.68 -50.54
C GLY B 1256 -19.51 -26.47 -50.42
N ALA B 1257 -20.13 -25.32 -50.17
CA ALA B 1257 -19.41 -24.07 -49.97
C ALA B 1257 -19.61 -23.61 -48.54
N VAL B 1258 -18.51 -23.23 -47.88
CA VAL B 1258 -18.56 -22.79 -46.49
C VAL B 1258 -18.32 -21.29 -46.40
N ALA B 1259 -19.14 -20.62 -45.59
CA ALA B 1259 -18.99 -19.19 -45.31
C ALA B 1259 -18.23 -18.99 -44.00
N PRO B 1260 -17.43 -17.91 -43.90
CA PRO B 1260 -16.66 -17.59 -42.70
C PRO B 1260 -17.50 -17.62 -41.42
N SER B 1261 -16.90 -18.10 -40.33
CA SER B 1261 -17.56 -18.17 -39.03
C SER B 1261 -17.87 -16.76 -38.50
N SER B 1262 -19.00 -16.63 -37.83
CA SER B 1262 -19.48 -15.34 -37.32
C SER B 1262 -18.66 -14.80 -36.15
N TYR B 1263 -17.59 -15.52 -35.80
CA TYR B 1263 -16.74 -15.15 -34.67
C TYR B 1263 -15.37 -14.64 -35.11
N GLU B 1264 -14.94 -15.09 -36.29
CA GLU B 1264 -13.70 -14.62 -36.90
C GLU B 1264 -13.79 -13.14 -37.30
N MET B 1265 -14.95 -12.54 -37.00
CA MET B 1265 -15.25 -11.17 -37.39
C MET B 1265 -15.96 -10.41 -36.26
N ASP B 1266 -15.38 -10.43 -35.06
CA ASP B 1266 -15.98 -9.74 -33.91
C ASP B 1266 -14.94 -9.25 -32.90
N THR B 1267 -14.65 -7.95 -32.96
CA THR B 1267 -13.79 -7.29 -31.98
C THR B 1267 -14.63 -6.83 -30.79
N GLY B 1268 -14.39 -7.46 -29.64
CA GLY B 1268 -15.02 -7.03 -28.40
C GLY B 1268 -14.03 -6.23 -27.57
N THR B 1269 -14.52 -5.20 -26.89
CA THR B 1269 -13.69 -4.35 -26.04
C THR B 1269 -13.13 -5.13 -24.85
N LEU B 1270 -12.03 -4.64 -24.28
CA LEU B 1270 -11.40 -5.30 -23.16
C LEU B 1270 -11.90 -4.77 -21.81
N SER B 1271 -12.05 -5.67 -20.84
CA SER B 1271 -12.41 -5.30 -19.48
C SER B 1271 -11.21 -4.68 -18.76
N ARG B 1272 -11.44 -4.13 -17.57
CA ARG B 1272 -10.36 -3.51 -16.79
C ARG B 1272 -9.43 -4.54 -16.15
N ASN B 1273 -10.02 -5.59 -15.57
CA ASN B 1273 -9.28 -6.67 -14.93
C ASN B 1273 -9.02 -7.81 -15.91
N GLY B 1274 -10.10 -8.48 -16.32
CA GLY B 1274 -10.06 -9.44 -17.43
C GLY B 1274 -9.73 -8.69 -18.71
N ASP B 1275 -9.45 -9.40 -19.78
CA ASP B 1275 -8.90 -8.73 -20.96
C ASP B 1275 -9.61 -8.94 -22.30
N LEU B 1276 -10.47 -9.96 -22.40
CA LEU B 1276 -11.13 -10.25 -23.67
C LEU B 1276 -12.54 -10.83 -23.53
N LEU B 1277 -13.49 -10.22 -24.24
CA LEU B 1277 -14.89 -10.65 -24.24
C LEU B 1277 -15.67 -10.20 -25.49
N TYR B 1278 -16.69 -10.96 -25.85
CA TYR B 1278 -17.51 -10.70 -27.04
C TYR B 1278 -18.56 -9.61 -26.81
N SER B 1279 -19.43 -9.42 -27.82
CA SER B 1279 -20.48 -8.42 -27.78
C SER B 1279 -21.74 -8.90 -27.03
N PRO B 1280 -22.62 -7.96 -26.62
CA PRO B 1280 -23.83 -8.25 -25.85
C PRO B 1280 -24.77 -9.34 -26.40
N VAL B 1281 -24.97 -9.36 -27.72
CA VAL B 1281 -25.91 -10.26 -28.42
C VAL B 1281 -27.40 -9.97 -28.15
N ALA B 1282 -27.67 -9.23 -27.07
CA ALA B 1282 -29.02 -8.82 -26.71
C ALA B 1282 -29.03 -7.48 -25.99
N GLN B 1285 -27.29 -9.00 -19.88
CA GLN B 1285 -26.63 -8.69 -21.14
C GLN B 1285 -25.21 -8.15 -20.93
N VAL B 1286 -24.25 -9.07 -20.89
CA VAL B 1286 -22.83 -8.72 -20.75
C VAL B 1286 -22.00 -9.36 -21.87
N GLY B 1287 -20.68 -9.25 -21.77
CA GLY B 1287 -19.78 -9.85 -22.75
C GLY B 1287 -19.19 -11.17 -22.28
N ILE B 1288 -19.51 -12.23 -23.00
CA ILE B 1288 -18.97 -13.56 -22.72
C ILE B 1288 -17.46 -13.62 -23.03
N PRO B 1289 -16.64 -13.92 -22.01
CA PRO B 1289 -15.18 -13.96 -22.16
C PRO B 1289 -14.73 -14.93 -23.24
N LYS B 1290 -13.98 -14.44 -24.22
CA LYS B 1290 -13.61 -15.22 -25.40
C LYS B 1290 -12.43 -16.18 -25.18
N LEU B 1291 -11.77 -16.07 -24.03
CA LEU B 1291 -10.59 -16.89 -23.73
C LEU B 1291 -10.94 -18.33 -23.33
N GLU B 1292 -12.24 -18.65 -23.27
CA GLU B 1292 -12.68 -19.96 -22.80
C GLU B 1292 -13.50 -20.79 -23.80
N VAL B 1293 -13.97 -20.15 -24.87
CA VAL B 1293 -14.73 -20.84 -25.92
C VAL B 1293 -13.82 -21.52 -26.95
N ASP B 1294 -14.42 -22.25 -27.88
CA ASP B 1294 -13.68 -22.99 -28.91
C ASP B 1294 -13.24 -22.10 -30.07
N HIS B 1295 -14.15 -21.89 -31.02
CA HIS B 1295 -13.92 -21.13 -32.25
C HIS B 1295 -13.05 -19.89 -32.07
N ILE B 1296 -12.03 -19.79 -32.92
CA ILE B 1296 -10.96 -18.81 -32.79
C ILE B 1296 -11.36 -17.45 -33.35
N SER B 1297 -11.22 -16.42 -32.53
CA SER B 1297 -11.46 -15.04 -32.95
C SER B 1297 -10.23 -14.51 -33.70
N PHE B 1298 -10.45 -13.60 -34.63
CA PHE B 1298 -9.36 -13.04 -35.44
C PHE B 1298 -9.36 -11.52 -35.53
N SER B 1299 -9.30 -10.87 -34.36
CA SER B 1299 -9.20 -9.42 -34.22
C SER B 1299 -9.73 -9.01 -32.85
N ASN B 1300 -8.95 -8.18 -32.15
CA ASN B 1300 -9.27 -7.76 -30.78
C ASN B 1300 -8.39 -6.61 -30.28
N VAL B 1301 -8.89 -5.91 -29.28
CA VAL B 1301 -8.19 -4.76 -28.69
C VAL B 1301 -6.96 -5.19 -27.90
N VAL B 1302 -5.80 -4.67 -28.28
CA VAL B 1302 -4.55 -4.92 -27.59
C VAL B 1302 -4.05 -3.63 -26.96
N SER B 1303 -3.83 -3.66 -25.64
CA SER B 1303 -3.32 -2.51 -24.91
C SER B 1303 -1.84 -2.28 -25.23
N MET B 1304 -1.60 -1.28 -26.09
CA MET B 1304 -0.24 -0.95 -26.52
C MET B 1304 0.41 0.06 -25.57
N MET B 1305 1.50 0.68 -26.01
CA MET B 1305 2.24 1.65 -25.22
C MET B 1305 2.82 2.72 -26.13
N THR B 1306 2.63 3.99 -25.76
CA THR B 1306 3.06 5.12 -26.60
C THR B 1306 4.57 5.42 -26.46
N ALA B 1307 5.02 6.46 -27.18
CA ALA B 1307 6.42 6.86 -27.19
C ALA B 1307 6.81 7.78 -26.02
N ASN B 1308 5.92 7.91 -25.04
CA ASN B 1308 6.20 8.69 -23.84
C ASN B 1308 6.64 7.79 -22.68
N ILE B 1309 5.89 6.72 -22.45
CA ILE B 1309 6.23 5.72 -21.44
C ILE B 1309 7.43 4.89 -21.91
N ARG B 1310 8.50 4.94 -21.13
CA ARG B 1310 9.76 4.28 -21.46
C ARG B 1310 10.18 3.40 -20.28
N THR B 1311 10.77 2.24 -20.60
CA THR B 1311 11.12 1.25 -19.56
C THR B 1311 12.58 0.78 -19.63
N GLY B 1312 13.19 0.63 -18.46
CA GLY B 1312 14.54 0.08 -18.33
C GLY B 1312 15.63 0.96 -18.89
N ASP B 1313 15.87 2.10 -18.23
CA ASP B 1313 16.89 3.04 -18.67
C ASP B 1313 17.84 3.41 -17.52
N ASP B 1314 18.15 4.70 -17.41
CA ASP B 1314 19.08 5.19 -16.39
C ASP B 1314 18.59 6.48 -15.74
N MET B 1315 19.15 6.77 -14.56
CA MET B 1315 18.88 8.00 -13.83
C MET B 1315 20.20 8.63 -13.43
N ALA B 1316 20.39 9.88 -13.84
CA ALA B 1316 21.62 10.61 -13.55
C ALA B 1316 21.66 11.08 -12.11
N VAL B 1317 21.03 10.31 -11.22
CA VAL B 1317 21.00 10.59 -9.79
C VAL B 1317 22.43 10.71 -9.24
N GLU B 1318 22.62 11.66 -8.32
CA GLU B 1318 23.94 11.96 -7.78
C GLU B 1318 24.11 11.49 -6.35
N ARG B 1319 25.36 11.38 -5.91
CA ARG B 1319 25.68 11.03 -4.53
C ARG B 1319 26.20 12.22 -3.75
N VAL B 1320 26.12 12.12 -2.43
CA VAL B 1320 26.77 13.05 -1.52
C VAL B 1320 27.36 12.26 -0.35
N ASN B 1321 28.69 12.13 -0.35
CA ASN B 1321 29.41 11.36 0.66
C ASN B 1321 29.11 11.80 2.09
N PRO B 1322 29.20 10.87 3.06
CA PRO B 1322 28.95 11.22 4.47
C PRO B 1322 29.94 12.26 5.02
N ASP B 1323 30.87 12.69 4.16
CA ASP B 1323 31.88 13.72 4.44
C ASP B 1323 32.94 13.29 5.44
N ASP B 1324 32.52 12.94 6.66
CA ASP B 1324 33.41 12.40 7.67
C ASP B 1324 32.92 11.03 8.10
N VAL B 1325 33.86 10.09 8.27
CA VAL B 1325 33.51 8.73 8.66
C VAL B 1325 33.39 8.57 10.16
N ARG B 1326 34.19 9.36 10.90
CA ARG B 1326 34.32 9.25 12.35
C ARG B 1326 33.02 9.42 13.13
N ALA B 1327 32.14 10.30 12.65
CA ALA B 1327 30.89 10.60 13.33
C ALA B 1327 29.65 9.99 12.66
N ILE B 1328 29.79 8.75 12.18
CA ILE B 1328 28.65 7.98 11.68
C ILE B 1328 28.14 7.08 12.81
N ASN B 1329 26.85 6.75 12.78
CA ASN B 1329 26.22 5.96 13.83
C ASN B 1329 25.43 4.76 13.33
N ILE B 1330 26.07 3.60 13.35
CA ILE B 1330 25.43 2.33 13.01
C ILE B 1330 24.82 1.68 14.25
N ARG B 1331 25.30 2.13 15.42
CA ARG B 1331 25.01 1.54 16.72
C ARG B 1331 23.53 1.26 16.98
N ASN B 1332 22.70 2.29 16.85
CA ASN B 1332 21.27 2.16 17.06
C ASN B 1332 20.46 2.52 15.81
N ALA B 1333 20.04 3.78 15.71
CA ALA B 1333 19.22 4.28 14.61
C ALA B 1333 17.92 3.49 14.39
N ALA C 73 -7.84 36.30 -90.66
CA ALA C 73 -7.22 36.27 -92.02
C ALA C 73 -7.42 34.91 -92.70
N LYS C 74 -7.14 33.83 -91.96
CA LYS C 74 -7.28 32.47 -92.46
C LYS C 74 -8.21 31.66 -91.58
N ILE C 75 -7.84 31.53 -90.30
CA ILE C 75 -8.62 30.78 -89.32
C ILE C 75 -9.13 31.72 -88.23
N ALA C 76 -10.43 31.62 -87.93
CA ALA C 76 -11.05 32.40 -86.86
C ALA C 76 -10.64 31.85 -85.51
N THR C 77 -10.11 32.73 -84.66
CA THR C 77 -9.57 32.33 -83.36
C THR C 77 -10.28 33.01 -82.18
N ALA C 78 -9.80 32.73 -80.97
CA ALA C 78 -10.35 33.32 -79.75
C ALA C 78 -9.23 33.71 -78.79
N SER C 79 -9.35 34.89 -78.18
CA SER C 79 -8.37 35.40 -77.23
C SER C 79 -9.03 35.79 -75.91
N SER C 80 -8.21 36.01 -74.89
CA SER C 80 -8.70 36.37 -73.55
C SER C 80 -7.92 37.52 -72.93
N ALA C 81 -8.62 38.30 -72.09
CA ALA C 81 -8.00 39.39 -71.36
C ALA C 81 -8.53 39.47 -69.92
N ARG C 82 -7.77 40.13 -69.06
CA ARG C 82 -8.16 40.36 -67.68
C ARG C 82 -7.71 41.77 -67.28
N GLN C 83 -8.68 42.57 -66.83
CA GLN C 83 -8.42 43.94 -66.39
C GLN C 83 -7.31 43.98 -65.33
N THR C 84 -6.31 44.82 -65.57
CA THR C 84 -5.13 44.89 -64.72
C THR C 84 -5.30 45.81 -63.51
N ASP C 85 -4.44 45.65 -62.52
CA ASP C 85 -4.49 46.43 -61.29
C ASP C 85 -3.13 47.02 -60.97
N VAL C 86 -3.05 48.35 -60.87
CA VAL C 86 -1.79 49.05 -60.64
C VAL C 86 -1.88 49.96 -59.42
N GLU C 87 -0.92 49.82 -58.51
CA GLU C 87 -0.82 50.67 -57.31
C GLU C 87 0.59 50.71 -56.74
N LYS C 88 1.00 51.91 -56.33
CA LYS C 88 2.27 52.13 -55.66
C LYS C 88 2.02 52.59 -54.23
N PRO C 89 3.03 52.50 -53.34
CA PRO C 89 2.88 53.08 -52.01
C PRO C 89 2.74 54.60 -52.09
N ALA C 90 1.93 55.17 -51.20
CA ALA C 90 1.67 56.61 -51.19
C ALA C 90 2.96 57.42 -51.05
N ASP C 91 3.30 58.15 -52.12
CA ASP C 91 4.55 58.90 -52.19
C ASP C 91 4.55 60.15 -51.32
N VAL C 92 5.75 60.72 -51.12
CA VAL C 92 5.93 61.91 -50.30
C VAL C 92 6.06 63.18 -51.14
N THR C 93 5.35 64.22 -50.73
CA THR C 93 5.39 65.52 -51.41
C THR C 93 5.83 66.60 -50.41
N PHE C 94 6.57 67.59 -50.90
CA PHE C 94 7.09 68.67 -50.07
C PHE C 94 6.30 69.97 -50.18
N THR C 95 5.40 70.03 -51.15
CA THR C 95 4.59 71.23 -51.38
C THR C 95 3.31 71.24 -50.55
N ILE C 96 3.06 72.37 -49.89
CA ILE C 96 1.88 72.55 -49.05
C ILE C 96 0.65 72.88 -49.90
N GLU C 97 -0.54 72.72 -49.33
CA GLU C 97 -1.79 73.00 -50.04
C GLU C 97 -2.47 74.30 -49.62
N ASN C 98 -3.17 74.26 -48.49
CA ASN C 98 -3.94 75.41 -48.02
C ASN C 98 -3.16 76.29 -47.05
N VAL C 99 -3.63 77.52 -46.87
CA VAL C 99 -3.01 78.50 -45.97
C VAL C 99 -2.88 77.95 -44.54
N ASP C 100 -3.81 77.08 -44.16
CA ASP C 100 -3.84 76.49 -42.83
C ASP C 100 -3.38 75.02 -42.86
N ASP C 101 -2.06 74.81 -42.82
CA ASP C 101 -1.47 73.47 -42.83
C ASP C 101 0.00 73.50 -42.44
N VAL C 102 0.50 72.36 -41.94
CA VAL C 102 1.89 72.24 -41.51
C VAL C 102 2.88 72.06 -42.68
N GLY C 103 3.78 73.02 -42.84
CA GLY C 103 4.76 73.01 -43.92
C GLY C 103 5.83 71.94 -43.78
N ILE C 104 6.30 71.42 -44.90
CA ILE C 104 7.31 70.37 -44.93
C ILE C 104 8.70 70.94 -45.19
N MET C 105 8.81 71.77 -46.23
CA MET C 105 10.06 72.44 -46.57
C MET C 105 10.42 73.46 -45.50
N GLN C 106 11.72 73.53 -45.17
CA GLN C 106 12.22 74.44 -44.13
C GLN C 106 11.92 75.90 -44.47
N GLN C 107 11.67 76.70 -43.43
CA GLN C 107 11.28 78.10 -43.60
C GLN C 107 12.48 79.05 -43.53
N LYS C 108 12.22 80.29 -43.15
CA LYS C 108 13.25 81.34 -43.03
C LYS C 108 13.30 81.91 -41.62
N LYS C 109 14.47 82.38 -41.22
CA LYS C 109 14.71 82.93 -39.87
C LYS C 109 15.47 84.26 -39.89
N PRO C 110 15.31 85.08 -38.82
CA PRO C 110 15.92 86.42 -38.65
C PRO C 110 17.46 86.58 -38.78
N PRO C 111 18.29 85.75 -38.11
CA PRO C 111 18.08 84.72 -37.09
C PRO C 111 18.59 85.07 -35.68
N THR C 112 18.10 84.31 -34.70
CA THR C 112 18.30 84.55 -33.26
C THR C 112 19.76 84.79 -32.84
N VAL C 113 19.95 85.71 -31.89
CA VAL C 113 21.28 86.10 -31.41
C VAL C 113 21.29 86.28 -29.88
N VAL C 114 22.41 85.90 -29.25
CA VAL C 114 22.58 86.03 -27.80
C VAL C 114 23.14 87.41 -27.41
N GLN C 115 22.84 87.86 -26.18
CA GLN C 115 23.22 89.22 -25.76
C GLN C 115 23.73 89.37 -24.31
N SER C 116 22.87 89.81 -23.40
CA SER C 116 23.27 90.18 -22.04
C SER C 116 23.11 89.05 -21.03
N ARG C 117 24.17 88.76 -20.28
CA ARG C 117 24.19 87.64 -19.35
C ARG C 117 24.77 87.97 -17.96
N THR C 118 25.95 88.59 -17.94
CA THR C 118 26.71 88.82 -16.70
C THR C 118 26.04 89.82 -15.75
N ASP C 119 26.68 90.07 -14.60
CA ASP C 119 26.08 90.87 -13.53
C ASP C 119 26.43 92.37 -13.59
N VAL C 120 27.07 92.78 -14.68
CA VAL C 120 27.33 94.19 -15.00
C VAL C 120 27.33 94.38 -16.53
N PHE C 121 26.33 95.11 -17.03
CA PHE C 121 26.16 95.27 -18.47
C PHE C 121 26.81 96.54 -19.01
N ASN C 122 26.22 97.69 -18.66
CA ASN C 122 26.55 98.99 -19.26
C ASN C 122 26.33 99.00 -20.78
N GLU C 123 25.10 98.67 -21.18
CA GLU C 123 24.70 98.67 -22.59
C GLU C 123 24.41 100.11 -23.06
N GLN C 124 24.30 100.29 -24.38
CA GLN C 124 24.17 101.62 -24.96
C GLN C 124 23.00 101.76 -25.93
N PHE C 125 22.55 100.64 -26.50
CA PHE C 125 21.44 100.60 -27.46
C PHE C 125 21.74 101.27 -28.81
N ALA C 126 23.01 101.24 -29.22
CA ALA C 126 23.39 101.71 -30.56
C ALA C 126 23.01 100.66 -31.60
N ASN C 127 22.77 101.10 -32.83
CA ASN C 127 22.42 100.23 -33.96
C ASN C 127 20.99 99.67 -33.88
N GLU C 128 20.86 98.34 -33.83
CA GLU C 128 19.60 97.59 -33.57
C GLU C 128 18.71 97.22 -34.79
N ALA C 129 19.02 97.81 -35.94
CA ALA C 129 18.42 97.44 -37.24
C ALA C 129 16.96 97.86 -37.51
N LEU C 130 16.07 97.60 -36.55
CA LEU C 130 14.63 97.93 -36.66
C LEU C 130 13.80 96.84 -37.38
N HIS C 131 14.47 95.90 -38.02
CA HIS C 131 13.80 94.73 -38.61
C HIS C 131 13.46 93.72 -37.52
N PRO C 132 12.27 93.10 -37.59
CA PRO C 132 11.87 92.08 -36.62
C PRO C 132 12.89 90.95 -36.50
N MET C 133 13.46 90.81 -35.31
CA MET C 133 14.47 89.79 -35.03
C MET C 133 14.19 89.06 -33.71
N THR C 134 15.09 88.17 -33.33
CA THR C 134 14.96 87.41 -32.10
C THR C 134 16.27 87.43 -31.30
N LYS C 135 16.13 87.55 -29.97
CA LYS C 135 17.27 87.60 -29.08
C LYS C 135 17.12 86.61 -27.92
N VAL C 136 18.04 85.64 -27.85
CA VAL C 136 18.00 84.62 -26.80
C VAL C 136 18.96 84.98 -25.67
N ILE C 137 18.55 84.72 -24.43
CA ILE C 137 19.36 85.02 -23.25
C ILE C 137 20.46 83.99 -23.05
N PHE C 138 20.07 82.72 -22.92
CA PHE C 138 21.02 81.62 -22.71
C PHE C 138 21.71 81.22 -24.01
N ASN C 139 23.01 80.93 -23.92
CA ASN C 139 23.81 80.53 -25.08
C ASN C 139 23.69 79.04 -25.36
N GLY C 140 23.31 78.71 -26.60
CA GLY C 140 23.23 77.34 -27.06
C GLY C 140 22.31 76.45 -26.25
N LEU C 141 21.00 76.65 -26.40
CA LEU C 141 20.01 75.88 -25.67
C LEU C 141 19.49 74.69 -26.51
N ASP C 142 18.26 74.79 -27.00
CA ASP C 142 17.63 73.79 -27.87
C ASP C 142 18.01 72.33 -27.59
N VAL C 143 17.78 71.90 -26.35
CA VAL C 143 18.11 70.53 -25.94
C VAL C 143 16.87 69.64 -25.79
N ASN C 144 16.68 68.76 -26.77
CA ASN C 144 15.65 67.71 -26.75
C ASN C 144 15.92 66.69 -27.85
N THR C 145 16.96 65.89 -27.65
CA THR C 145 17.48 64.98 -28.66
C THR C 145 16.72 63.64 -28.74
N GLU C 146 15.70 63.47 -27.90
CA GLU C 146 14.91 62.24 -27.89
C GLU C 146 13.88 62.18 -29.02
N VAL C 147 13.94 61.09 -29.77
CA VAL C 147 13.07 60.87 -30.92
C VAL C 147 12.22 59.63 -30.66
N GLN C 148 10.92 59.76 -30.76
CA GLN C 148 10.00 58.66 -30.46
C GLN C 148 9.33 58.14 -31.72
N PRO C 149 9.86 57.04 -32.30
CA PRO C 149 9.26 56.46 -33.49
C PRO C 149 7.90 55.84 -33.17
N LEU C 150 6.86 56.33 -33.85
CA LEU C 150 5.51 55.79 -33.70
C LEU C 150 5.41 54.38 -34.29
N SER C 151 4.49 53.58 -33.73
CA SER C 151 4.36 52.17 -34.06
C SER C 151 4.26 51.86 -35.55
N ASP C 152 3.46 52.65 -36.27
CA ASP C 152 3.19 52.45 -37.70
C ASP C 152 2.55 51.08 -37.97
N ASP C 153 1.24 51.01 -37.78
CA ASP C 153 0.50 49.76 -37.92
C ASP C 153 0.22 49.42 -39.38
N PHE C 154 -0.69 50.18 -39.99
CA PHE C 154 -1.08 49.99 -41.39
C PHE C 154 -0.31 50.91 -42.33
N LYS C 155 -0.03 50.40 -43.54
CA LYS C 155 0.64 51.18 -44.57
C LYS C 155 -0.34 51.70 -45.63
N GLN C 156 -0.01 52.83 -46.22
CA GLN C 156 -0.89 53.50 -47.20
C GLN C 156 -0.51 53.19 -48.65
N ILE C 157 -1.50 53.26 -49.53
CA ILE C 157 -1.32 53.00 -50.96
C ILE C 157 -1.95 54.08 -51.83
N SER C 158 -1.50 54.19 -53.08
CA SER C 158 -1.99 55.19 -54.02
C SER C 158 -3.41 54.89 -54.52
N ASP C 159 -3.59 53.69 -55.07
CA ASP C 159 -4.90 53.26 -55.57
C ASP C 159 -5.28 51.91 -54.95
N PRO C 160 -6.57 51.75 -54.57
CA PRO C 160 -7.01 50.47 -53.99
C PRO C 160 -7.08 49.35 -55.03
N LYS C 161 -7.00 48.10 -54.57
CA LYS C 161 -6.99 46.95 -55.45
C LYS C 161 -8.40 46.40 -55.69
N GLY C 162 -8.98 45.79 -54.65
CA GLY C 162 -10.26 45.11 -54.77
C GLY C 162 -10.08 43.60 -54.80
N TYR C 163 -11.13 42.88 -54.38
CA TYR C 163 -11.07 41.42 -54.30
C TYR C 163 -11.68 40.75 -55.53
N LEU C 164 -12.68 41.38 -56.13
CA LEU C 164 -13.39 40.81 -57.27
C LEU C 164 -13.10 41.58 -58.56
N THR C 165 -12.52 40.87 -59.53
CA THR C 165 -12.15 41.47 -60.81
C THR C 165 -12.91 40.87 -62.00
N TYR C 166 -12.62 41.37 -63.19
CA TYR C 166 -13.32 40.96 -64.41
C TYR C 166 -12.45 40.13 -65.35
N SER C 167 -13.10 39.23 -66.08
CA SER C 167 -12.45 38.42 -67.12
C SER C 167 -13.26 38.45 -68.41
N VAL C 168 -12.66 37.99 -69.50
CA VAL C 168 -13.31 38.01 -70.82
C VAL C 168 -12.72 36.96 -71.77
N LYS C 169 -13.57 36.44 -72.67
CA LYS C 169 -13.14 35.58 -73.76
C LYS C 169 -13.63 36.17 -75.09
N TYR C 170 -12.71 36.76 -75.86
CA TYR C 170 -13.05 37.41 -77.11
C TYR C 170 -13.26 36.44 -78.27
N GLU C 171 -14.02 36.88 -79.26
CA GLU C 171 -14.17 36.16 -80.52
C GLU C 171 -13.52 37.02 -81.60
N ASP C 172 -12.36 36.58 -82.08
CA ASP C 172 -11.52 37.37 -82.99
C ASP C 172 -12.02 37.42 -84.44
N GLN C 173 -13.34 37.40 -84.62
CA GLN C 173 -13.95 37.47 -85.95
C GLN C 173 -15.28 38.25 -85.98
N PHE C 174 -15.46 39.11 -84.98
CA PHE C 174 -16.68 39.91 -84.85
C PHE C 174 -16.37 41.40 -84.71
N THR C 175 -15.97 42.02 -85.82
CA THR C 175 -15.57 43.43 -85.81
C THR C 175 -16.58 44.30 -86.57
N LYS C 176 -17.01 45.38 -85.93
CA LYS C 176 -17.89 46.37 -86.55
C LYS C 176 -17.08 47.31 -87.44
N LYS C 177 -17.64 47.67 -88.59
CA LYS C 177 -16.95 48.52 -89.58
C LYS C 177 -17.21 50.01 -89.38
N ASP C 178 -17.53 50.41 -88.16
CA ASP C 178 -17.76 51.82 -87.83
C ASP C 178 -16.83 52.31 -86.71
N LYS C 179 -15.67 52.81 -87.11
CA LYS C 179 -14.69 53.35 -86.16
C LYS C 179 -15.21 54.67 -85.61
N LEU C 180 -15.88 54.59 -84.45
CA LEU C 180 -16.47 55.76 -83.80
C LEU C 180 -15.41 56.60 -83.08
N ARG C 181 -15.80 57.80 -82.65
CA ARG C 181 -14.89 58.73 -82.00
C ARG C 181 -15.59 59.70 -81.05
N ALA C 182 -14.83 60.17 -80.06
CA ALA C 182 -15.31 61.14 -79.07
C ALA C 182 -14.18 62.09 -78.66
N SER C 183 -14.49 63.00 -77.75
CA SER C 183 -13.48 63.94 -77.21
C SER C 183 -12.49 63.24 -76.28
N GLU C 184 -11.55 63.99 -75.74
CA GLU C 184 -10.49 63.43 -74.89
C GLU C 184 -10.92 63.21 -73.44
N ALA C 185 -11.75 64.12 -72.93
CA ALA C 185 -12.36 63.93 -71.62
C ALA C 185 -13.58 63.02 -71.74
N ASP C 186 -14.16 62.98 -72.94
CA ASP C 186 -15.17 61.98 -73.29
C ASP C 186 -14.55 60.59 -73.37
N ASP C 187 -13.23 60.56 -73.57
CA ASP C 187 -12.48 59.31 -73.64
C ASP C 187 -12.05 58.83 -72.26
N ARG C 188 -11.32 59.67 -71.53
CA ARG C 188 -10.62 59.28 -70.30
C ARG C 188 -11.51 58.61 -69.24
N ILE C 189 -12.62 59.27 -68.88
CA ILE C 189 -13.53 58.77 -67.85
C ILE C 189 -14.13 57.41 -68.23
N VAL C 190 -14.68 57.33 -69.44
CA VAL C 190 -15.20 56.08 -69.99
C VAL C 190 -14.25 55.60 -71.10
N GLY C 191 -13.08 55.11 -70.68
CA GLY C 191 -12.01 54.74 -71.61
C GLY C 191 -11.59 53.28 -71.53
N PRO C 192 -10.91 52.89 -70.43
CA PRO C 192 -10.48 51.50 -70.25
C PRO C 192 -11.64 50.51 -70.12
N THR C 193 -12.82 51.02 -69.76
CA THR C 193 -14.02 50.18 -69.63
C THR C 193 -14.58 49.75 -70.99
N VAL C 194 -14.28 50.53 -72.03
CA VAL C 194 -14.70 50.19 -73.40
C VAL C 194 -13.79 49.10 -73.96
N ASN C 195 -12.52 49.10 -73.53
CA ASN C 195 -11.54 48.11 -73.98
C ASN C 195 -11.48 46.85 -73.11
N LEU C 196 -12.53 46.63 -72.32
CA LEU C 196 -12.71 45.39 -71.58
C LEU C 196 -13.97 44.71 -72.10
N PHE C 197 -14.79 45.48 -72.79
CA PHE C 197 -15.99 44.99 -73.45
C PHE C 197 -15.95 45.27 -74.94
N LYS C 198 -14.85 44.84 -75.58
CA LYS C 198 -14.68 44.99 -77.03
C LYS C 198 -15.80 44.26 -77.77
N TYR C 199 -16.29 44.87 -78.85
CA TYR C 199 -17.41 44.32 -79.61
C TYR C 199 -17.14 42.88 -80.06
N GLY C 200 -17.93 41.96 -79.51
CA GLY C 200 -17.79 40.54 -79.82
C GLY C 200 -17.13 39.73 -78.72
N ALA C 201 -17.46 40.05 -77.48
CA ALA C 201 -16.95 39.31 -76.32
C ALA C 201 -17.94 38.22 -75.91
N ALA C 202 -17.45 36.99 -75.80
CA ALA C 202 -18.30 35.83 -75.52
C ALA C 202 -18.89 35.84 -74.10
N VAL C 203 -18.03 35.77 -73.10
CA VAL C 203 -18.46 35.79 -71.70
C VAL C 203 -17.58 36.68 -70.82
N VAL C 204 -18.22 37.44 -69.94
CA VAL C 204 -17.52 38.36 -69.04
C VAL C 204 -17.90 38.12 -67.57
N ASN C 205 -17.18 37.20 -66.92
CA ASN C 205 -17.49 36.79 -65.55
C ASN C 205 -16.59 37.36 -64.46
N ILE C 206 -17.05 37.26 -63.21
CA ILE C 206 -16.33 37.78 -62.05
C ILE C 206 -15.93 36.68 -61.07
N ASP C 207 -14.81 36.89 -60.38
CA ASP C 207 -14.27 35.91 -59.42
C ASP C 207 -13.23 36.55 -58.50
N LEU C 208 -12.50 35.71 -57.77
CA LEU C 208 -11.40 36.17 -56.92
C LEU C 208 -10.28 36.79 -57.76
N ASN C 209 -9.63 37.81 -57.21
CA ASN C 209 -8.52 38.48 -57.87
C ASN C 209 -7.28 37.58 -57.94
N ARG C 210 -6.71 37.47 -59.13
CA ARG C 210 -5.49 36.71 -59.36
C ARG C 210 -4.29 37.37 -58.67
N ASP C 211 -4.41 38.67 -58.40
CA ASP C 211 -3.31 39.46 -57.85
C ASP C 211 -3.28 39.53 -56.31
N PHE C 212 -4.30 40.15 -55.71
CA PHE C 212 -4.32 40.39 -54.26
C PHE C 212 -3.94 39.15 -53.45
N PHE C 213 -4.56 38.03 -53.80
CA PHE C 213 -4.22 36.74 -53.20
C PHE C 213 -3.23 36.03 -54.12
N ASP C 214 -1.95 36.14 -53.81
CA ASP C 214 -0.89 35.60 -54.65
C ASP C 214 -0.12 34.46 -53.96
N THR C 215 0.84 33.88 -54.68
CA THR C 215 1.67 32.78 -54.19
C THR C 215 2.59 33.17 -53.04
N ALA C 216 2.70 34.47 -52.78
CA ALA C 216 3.44 34.99 -51.63
C ALA C 216 2.75 34.62 -50.32
N THR C 217 1.51 34.16 -50.42
CA THR C 217 0.72 33.73 -49.27
C THR C 217 0.16 32.31 -49.47
N GLY C 218 0.75 31.56 -50.40
CA GLY C 218 0.36 30.18 -50.66
C GLY C 218 -0.84 30.00 -51.55
N ILE C 219 -1.70 31.01 -51.60
CA ILE C 219 -2.92 30.99 -52.43
C ILE C 219 -2.57 30.85 -53.91
N ASP C 220 -3.20 29.86 -54.56
CA ASP C 220 -3.00 29.61 -55.98
C ASP C 220 -4.32 29.28 -56.67
N LEU C 221 -4.66 30.04 -57.70
CA LEU C 221 -5.90 29.82 -58.44
C LEU C 221 -5.73 29.98 -59.95
N THR C 222 -5.36 28.89 -60.62
CA THR C 222 -5.33 28.87 -62.08
C THR C 222 -6.69 28.42 -62.60
N LYS C 223 -7.33 27.51 -61.85
CA LYS C 223 -8.58 26.87 -62.24
C LYS C 223 -9.85 27.73 -62.13
N GLY C 224 -9.88 28.63 -61.14
CA GLY C 224 -11.07 29.42 -60.83
C GLY C 224 -11.45 29.19 -59.39
N ILE C 225 -10.85 28.13 -58.83
CA ILE C 225 -10.98 27.73 -57.44
C ILE C 225 -9.69 28.07 -56.69
N PRO C 226 -9.82 28.69 -55.49
CA PRO C 226 -8.66 28.97 -54.64
C PRO C 226 -8.05 27.68 -54.06
N LEU C 227 -6.96 27.22 -54.66
CA LEU C 227 -6.30 25.98 -54.26
C LEU C 227 -5.00 26.24 -53.51
N VAL C 228 -4.95 25.84 -52.25
CA VAL C 228 -3.72 25.90 -51.45
C VAL C 228 -3.05 24.52 -51.46
N GLN C 229 -1.74 24.49 -51.22
CA GLN C 229 -0.96 23.25 -51.35
C GLN C 229 -1.00 22.34 -50.13
N ASP C 230 -0.97 22.92 -48.94
CA ASP C 230 -1.03 22.14 -47.70
C ASP C 230 -1.74 22.92 -46.59
N LEU C 231 -2.68 22.25 -45.93
CA LEU C 231 -3.36 22.80 -44.76
C LEU C 231 -3.81 21.66 -43.84
N LEU C 232 -4.81 20.91 -44.27
CA LEU C 232 -5.27 19.70 -43.58
C LEU C 232 -5.00 18.50 -44.48
N VAL C 233 -4.42 17.45 -43.91
CA VAL C 233 -3.86 16.36 -44.74
C VAL C 233 -3.76 15.02 -43.99
N PRO C 234 -3.76 13.89 -44.73
CA PRO C 234 -3.33 12.62 -44.14
C PRO C 234 -1.88 12.68 -43.70
N ILE C 235 -1.62 12.28 -42.45
CA ILE C 235 -0.30 12.46 -41.84
C ILE C 235 0.64 11.27 -42.06
N GLY C 236 0.26 10.10 -41.55
CA GLY C 236 1.08 8.90 -41.72
C GLY C 236 1.32 8.58 -43.19
N VAL C 237 0.26 8.75 -43.98
CA VAL C 237 0.29 8.51 -45.42
C VAL C 237 0.83 9.74 -46.18
N THR C 238 1.48 9.48 -47.32
CA THR C 238 1.94 10.53 -48.22
C THR C 238 0.76 11.27 -48.84
N ALA C 239 0.96 12.53 -49.20
CA ALA C 239 -0.11 13.34 -49.80
C ALA C 239 -0.51 12.80 -51.18
N GLY C 240 -1.50 13.44 -51.79
CA GLY C 240 -1.96 13.08 -53.14
C GLY C 240 -1.57 14.13 -54.17
N ALA C 241 -1.57 13.74 -55.44
CA ALA C 241 -1.28 14.64 -56.54
C ALA C 241 -2.39 15.68 -56.70
N GLU C 242 -3.62 15.29 -56.37
CA GLU C 242 -4.77 16.18 -56.37
C GLU C 242 -5.78 15.73 -55.33
N GLN C 243 -6.27 16.67 -54.52
CA GLN C 243 -7.27 16.38 -53.49
C GLN C 243 -8.34 17.45 -53.37
N SER C 244 -9.56 17.03 -53.09
CA SER C 244 -10.69 17.93 -52.88
C SER C 244 -10.53 18.73 -51.58
N ALA C 245 -9.66 18.24 -50.70
CA ALA C 245 -9.31 18.90 -49.46
C ALA C 245 -8.47 20.15 -49.67
N GLU C 246 -7.76 20.20 -50.81
CA GLU C 246 -6.95 21.36 -51.21
C GLU C 246 -7.79 22.58 -51.57
N TYR C 247 -9.10 22.50 -51.29
CA TYR C 247 -10.05 23.57 -51.58
C TYR C 247 -10.69 24.11 -50.30
N VAL C 248 -11.15 23.22 -49.44
CA VAL C 248 -11.73 23.59 -48.14
C VAL C 248 -10.62 24.11 -47.22
N SER C 249 -9.39 24.00 -47.69
CA SER C 249 -8.22 24.52 -47.01
C SER C 249 -7.77 25.85 -47.65
N GLY C 250 -8.02 25.98 -48.94
CA GLY C 250 -7.73 27.22 -49.67
C GLY C 250 -8.76 28.29 -49.44
N LEU C 251 -10.01 27.86 -49.25
CA LEU C 251 -11.11 28.77 -48.94
C LEU C 251 -11.02 29.25 -47.49
N LEU C 252 -10.36 28.45 -46.65
CA LEU C 252 -10.08 28.81 -45.27
C LEU C 252 -8.85 29.72 -45.19
N MET C 253 -8.06 29.75 -46.27
CA MET C 253 -6.85 30.54 -46.34
C MET C 253 -7.09 31.94 -46.93
N VAL C 254 -8.05 32.02 -47.86
CA VAL C 254 -8.46 33.32 -48.44
C VAL C 254 -9.23 34.15 -47.40
N LEU C 255 -9.77 33.47 -46.40
CA LEU C 255 -10.47 34.10 -45.28
C LEU C 255 -9.49 34.66 -44.25
N PHE C 256 -8.27 34.11 -44.25
CA PHE C 256 -7.21 34.58 -43.36
C PHE C 256 -6.63 35.90 -43.84
N LYS C 257 -6.39 36.00 -45.15
CA LYS C 257 -5.76 37.18 -45.76
C LYS C 257 -6.64 38.44 -45.68
N VAL C 258 -7.95 38.26 -45.87
CA VAL C 258 -8.90 39.37 -45.81
C VAL C 258 -9.06 39.91 -44.38
N MET C 259 -8.82 39.04 -43.40
CA MET C 259 -8.94 39.39 -41.98
C MET C 259 -7.73 40.16 -41.47
N THR C 260 -6.53 39.75 -41.88
CA THR C 260 -5.29 40.38 -41.45
C THR C 260 -4.85 41.54 -42.37
N ASP C 261 -5.85 42.27 -42.89
CA ASP C 261 -5.63 43.37 -43.82
C ASP C 261 -5.33 44.68 -43.06
N ASN C 262 -4.61 45.58 -43.72
CA ASN C 262 -4.30 46.90 -43.16
C ASN C 262 -3.80 47.90 -44.21
N ARG C 263 -4.75 48.62 -44.81
CA ARG C 263 -4.45 49.56 -45.88
C ARG C 263 -5.29 50.83 -45.80
N LEU C 264 -4.65 51.97 -46.05
CA LEU C 264 -5.32 53.27 -46.08
C LEU C 264 -5.20 53.89 -47.46
N VAL C 265 -6.34 54.25 -48.04
CA VAL C 265 -6.37 54.87 -49.36
C VAL C 265 -5.97 56.34 -49.33
N ILE C 266 -5.07 56.71 -50.23
CA ILE C 266 -4.57 58.08 -50.32
C ILE C 266 -4.88 58.67 -51.69
N VAL C 267 -5.61 59.78 -51.70
CA VAL C 267 -5.97 60.51 -52.92
C VAL C 267 -4.71 60.96 -53.66
N GLY C 268 -4.57 60.50 -54.90
CA GLY C 268 -3.45 60.87 -55.75
C GLY C 268 -3.80 60.76 -57.23
N GLU C 269 -3.22 61.66 -58.02
CA GLU C 269 -3.36 61.67 -59.50
C GLU C 269 -4.62 62.36 -60.05
N THR C 270 -5.59 62.64 -59.18
CA THR C 270 -6.89 63.19 -59.59
C THR C 270 -6.80 64.47 -60.44
N THR C 271 -7.62 64.52 -61.49
CA THR C 271 -7.72 65.69 -62.36
C THR C 271 -9.19 66.06 -62.60
N THR C 272 -9.44 67.32 -62.97
CA THR C 272 -10.80 67.79 -63.23
C THR C 272 -11.02 68.23 -64.68
N PRO C 273 -12.02 67.64 -65.36
CA PRO C 273 -12.37 68.02 -66.73
C PRO C 273 -13.33 69.21 -66.78
N MET C 274 -13.54 69.77 -67.97
CA MET C 274 -14.44 70.90 -68.17
C MET C 274 -15.77 70.48 -68.77
N SER C 275 -16.80 71.31 -68.57
CA SER C 275 -18.16 71.06 -69.06
C SER C 275 -18.25 71.13 -70.58
N ASN C 276 -17.43 71.98 -71.19
CA ASN C 276 -17.32 72.10 -72.65
C ASN C 276 -16.74 70.85 -73.31
N THR C 277 -16.04 70.04 -72.53
CA THR C 277 -15.36 68.85 -73.05
C THR C 277 -15.89 67.53 -72.49
N LEU C 278 -17.22 67.39 -72.49
CA LEU C 278 -17.89 66.15 -72.09
C LEU C 278 -19.27 66.06 -72.73
N SER C 279 -19.66 64.83 -73.11
CA SER C 279 -21.01 64.57 -73.60
C SER C 279 -22.01 64.77 -72.47
N THR C 280 -23.18 65.30 -72.81
CA THR C 280 -24.23 65.60 -71.83
C THR C 280 -24.69 64.35 -71.07
N VAL C 281 -24.26 63.19 -71.54
CA VAL C 281 -24.58 61.91 -70.90
C VAL C 281 -23.52 61.55 -69.85
N VAL C 282 -22.26 61.81 -70.17
CA VAL C 282 -21.13 61.49 -69.29
C VAL C 282 -20.85 62.60 -68.28
N ASN C 283 -21.66 63.66 -68.32
CA ASN C 283 -21.45 64.83 -67.48
C ASN C 283 -22.18 64.78 -66.13
N ASN C 284 -23.51 64.58 -66.18
CA ASN C 284 -24.32 64.49 -64.95
C ASN C 284 -24.15 63.17 -64.20
N VAL C 285 -23.07 62.46 -64.52
CA VAL C 285 -22.70 61.21 -63.87
C VAL C 285 -21.39 61.41 -63.10
N LEU C 286 -20.67 62.48 -63.43
CA LEU C 286 -19.41 62.82 -62.78
C LEU C 286 -19.62 63.89 -61.72
N ARG C 287 -19.09 63.64 -60.52
CA ARG C 287 -19.16 64.61 -59.42
C ARG C 287 -17.90 65.49 -59.37
N THR C 288 -17.83 66.47 -60.27
CA THR C 288 -16.75 67.46 -60.30
C THR C 288 -15.36 66.89 -60.66
N THR C 289 -14.82 66.06 -59.77
CA THR C 289 -13.46 65.53 -59.92
C THR C 289 -13.42 64.00 -59.87
N TYR C 290 -12.95 63.40 -60.96
CA TYR C 290 -12.74 61.95 -61.02
C TYR C 290 -11.28 61.60 -60.68
N HIS C 291 -10.99 60.30 -60.57
CA HIS C 291 -9.74 59.85 -59.96
C HIS C 291 -8.59 59.49 -60.92
N ASN C 292 -8.71 59.92 -62.18
CA ASN C 292 -7.68 59.68 -63.21
C ASN C 292 -7.48 58.21 -63.59
N ASN C 293 -7.14 57.38 -62.60
CA ASN C 293 -6.98 55.94 -62.78
C ASN C 293 -8.29 55.19 -62.56
N VAL C 294 -9.31 55.57 -63.33
CA VAL C 294 -10.66 55.00 -63.25
C VAL C 294 -10.68 53.52 -63.65
N GLY C 295 -11.50 52.73 -62.97
CA GLY C 295 -11.63 51.30 -63.24
C GLY C 295 -12.80 50.94 -64.14
N VAL C 296 -12.85 49.67 -64.54
CA VAL C 296 -13.91 49.16 -65.42
C VAL C 296 -15.25 49.01 -64.71
N ASN C 297 -16.33 49.25 -65.44
CA ASN C 297 -17.69 49.16 -64.90
C ASN C 297 -18.75 49.31 -65.99
N PRO C 298 -19.73 48.39 -66.04
CA PRO C 298 -20.96 48.61 -66.82
C PRO C 298 -21.74 49.84 -66.31
N ALA C 299 -22.68 50.32 -67.12
CA ALA C 299 -23.40 51.58 -66.89
C ALA C 299 -22.58 52.81 -67.30
N LEU C 300 -21.27 52.72 -67.12
CA LEU C 300 -20.35 53.79 -67.55
C LEU C 300 -20.25 53.82 -69.08
N LEU C 301 -20.29 52.63 -69.70
CA LEU C 301 -20.38 52.52 -71.16
C LEU C 301 -21.81 52.75 -71.64
N ARG C 302 -22.50 53.68 -70.99
CA ARG C 302 -23.88 54.01 -71.28
C ARG C 302 -24.14 54.13 -72.79
N ASP C 303 -23.41 55.03 -73.44
CA ASP C 303 -23.60 55.31 -74.87
C ASP C 303 -22.27 55.29 -75.64
N PHE C 304 -21.59 54.15 -75.62
CA PHE C 304 -20.31 53.99 -76.32
C PHE C 304 -20.17 52.64 -77.02
N THR C 305 -21.20 51.80 -76.88
CA THR C 305 -21.23 50.49 -77.53
C THR C 305 -22.20 50.48 -78.70
N GLN C 306 -21.77 49.87 -79.80
CA GLN C 306 -22.61 49.71 -80.99
C GLN C 306 -23.60 48.56 -80.82
N VAL C 307 -23.42 47.80 -79.76
CA VAL C 307 -24.35 46.73 -79.38
C VAL C 307 -25.69 47.38 -79.01
N ASN C 308 -26.57 47.50 -80.00
CA ASN C 308 -27.81 48.26 -79.90
C ASN C 308 -28.76 47.73 -78.82
N TRP C 309 -28.86 46.41 -78.72
CA TRP C 309 -29.69 45.77 -77.71
C TRP C 309 -29.21 46.02 -76.28
N LEU C 310 -27.92 45.81 -76.04
CA LEU C 310 -27.32 45.93 -74.71
C LEU C 310 -27.46 47.35 -74.17
N ASN C 311 -27.42 48.32 -75.09
CA ASN C 311 -27.58 49.74 -74.77
C ASN C 311 -28.93 50.06 -74.12
N ARG C 312 -29.91 49.17 -74.30
CA ARG C 312 -31.28 49.41 -73.83
C ARG C 312 -31.45 49.27 -72.31
N ASP C 313 -31.31 48.04 -71.81
CA ASP C 313 -31.51 47.73 -70.39
C ASP C 313 -30.76 48.69 -69.47
N ILE C 314 -29.53 49.01 -69.86
CA ILE C 314 -28.67 49.96 -69.15
C ILE C 314 -29.38 51.29 -68.88
N THR C 315 -29.98 51.86 -69.93
CA THR C 315 -30.70 53.13 -69.81
C THR C 315 -31.96 52.98 -68.95
N ASN C 316 -32.67 51.86 -69.11
CA ASN C 316 -33.88 51.56 -68.35
C ASN C 316 -33.64 51.45 -66.86
N MET C 317 -32.52 50.81 -66.49
CA MET C 317 -32.14 50.64 -65.09
C MET C 317 -31.59 51.92 -64.48
N LEU C 318 -30.93 52.74 -65.31
CA LEU C 318 -30.46 54.07 -64.89
C LEU C 318 -31.50 55.14 -65.18
N GLN C 319 -32.77 54.78 -65.01
CA GLN C 319 -33.91 55.67 -65.26
C GLN C 319 -35.00 55.50 -64.19
N GLN C 320 -35.19 54.26 -63.74
CA GLN C 320 -36.29 53.90 -62.83
C GLN C 320 -36.14 54.47 -61.41
N ALA C 321 -35.15 55.34 -61.20
CA ALA C 321 -34.87 55.98 -59.91
C ALA C 321 -34.48 55.00 -58.77
N GLY C 322 -34.51 53.71 -59.09
CA GLY C 322 -34.10 52.68 -58.13
C GLY C 322 -32.60 52.56 -58.00
N THR C 323 -31.87 53.07 -58.99
CA THR C 323 -30.41 53.06 -59.01
C THR C 323 -29.85 54.38 -59.53
N LYS C 324 -28.71 54.78 -58.99
CA LYS C 324 -28.00 55.99 -59.44
C LYS C 324 -26.49 55.77 -59.44
N TYR C 325 -25.91 55.61 -60.63
CA TYR C 325 -24.47 55.48 -60.78
C TYR C 325 -23.80 56.86 -60.77
N GLY C 326 -22.60 56.93 -60.22
CA GLY C 326 -21.83 58.16 -60.16
C GLY C 326 -20.44 57.98 -59.59
N LEU C 327 -19.44 58.42 -60.35
CA LEU C 327 -18.05 58.41 -59.89
C LEU C 327 -17.53 59.82 -59.62
N GLY C 328 -16.49 59.92 -58.81
CA GLY C 328 -15.86 61.20 -58.50
C GLY C 328 -15.98 61.63 -57.06
N LEU C 329 -15.52 62.85 -56.77
CA LEU C 329 -15.54 63.41 -55.43
C LEU C 329 -16.97 63.72 -54.97
N THR C 330 -17.49 62.87 -54.08
CA THR C 330 -18.87 62.93 -53.63
C THR C 330 -18.99 63.54 -52.22
N GLU C 331 -20.22 63.86 -51.83
CA GLU C 331 -20.53 64.40 -50.51
C GLU C 331 -20.48 63.33 -49.43
N THR C 332 -20.06 63.71 -48.22
CA THR C 332 -19.92 62.80 -47.10
C THR C 332 -20.39 63.39 -45.77
N ARG C 333 -20.73 62.52 -44.82
CA ARG C 333 -21.05 62.91 -43.45
C ARG C 333 -19.76 63.26 -42.72
N LEU C 334 -18.84 62.30 -42.68
CA LEU C 334 -17.51 62.50 -42.12
C LEU C 334 -16.72 63.42 -43.05
N ASP C 335 -16.81 64.71 -42.77
CA ASP C 335 -16.25 65.75 -43.63
C ASP C 335 -15.60 66.85 -42.80
N TYR C 336 -14.52 67.42 -43.34
CA TYR C 336 -13.73 68.47 -42.67
C TYR C 336 -13.05 68.00 -41.37
N VAL C 337 -13.30 66.75 -40.98
CA VAL C 337 -12.72 66.16 -39.77
C VAL C 337 -11.20 66.03 -39.93
N ARG C 338 -10.48 66.91 -39.23
CA ARG C 338 -9.03 67.02 -39.36
C ARG C 338 -8.30 66.11 -38.37
N LEU C 339 -7.27 65.42 -38.88
CA LEU C 339 -6.36 64.64 -38.05
C LEU C 339 -4.90 65.00 -38.37
N VAL C 340 -4.58 65.00 -39.65
CA VAL C 340 -3.29 65.49 -40.17
C VAL C 340 -3.62 66.40 -41.36
N LYS C 341 -4.43 65.88 -42.27
CA LYS C 341 -5.01 66.67 -43.36
C LYS C 341 -6.53 66.65 -43.21
N THR C 342 -7.25 66.24 -44.26
CA THR C 342 -8.70 66.16 -44.21
C THR C 342 -9.27 64.90 -44.86
N ILE C 343 -10.44 64.50 -44.37
CA ILE C 343 -11.17 63.34 -44.88
C ILE C 343 -12.11 63.78 -45.99
N VAL C 344 -11.89 63.20 -47.18
CA VAL C 344 -12.76 63.37 -48.33
C VAL C 344 -13.22 61.98 -48.69
N GLY C 345 -14.37 61.86 -49.36
CA GLY C 345 -14.86 60.55 -49.77
C GLY C 345 -14.76 60.39 -51.27
N HIS C 346 -14.10 59.34 -51.74
CA HIS C 346 -14.03 59.10 -53.18
C HIS C 346 -14.87 57.92 -53.64
N ALA C 347 -15.75 58.22 -54.59
CA ALA C 347 -16.60 57.20 -55.20
C ALA C 347 -15.81 56.51 -56.31
N LEU C 348 -15.30 55.32 -55.98
CA LEU C 348 -14.42 54.56 -56.88
C LEU C 348 -15.11 53.35 -57.49
N ASN C 349 -14.33 52.46 -58.09
CA ASN C 349 -14.85 51.31 -58.82
C ASN C 349 -14.50 49.95 -58.21
N ILE C 350 -13.82 49.95 -57.08
CA ILE C 350 -13.52 48.71 -56.36
C ILE C 350 -14.81 48.11 -55.80
N ASP C 351 -14.87 46.79 -55.75
CA ASP C 351 -16.09 46.07 -55.34
C ASP C 351 -16.51 46.38 -53.90
N HIS C 352 -17.73 46.00 -53.53
CA HIS C 352 -18.32 46.39 -52.26
C HIS C 352 -17.68 45.76 -51.01
N PHE C 353 -16.92 44.68 -51.21
CA PHE C 353 -16.21 44.05 -50.10
C PHE C 353 -14.98 44.85 -49.69
N ALA C 354 -14.09 45.11 -50.66
CA ALA C 354 -12.88 45.90 -50.43
C ALA C 354 -13.21 47.33 -50.03
N ALA C 355 -14.31 47.85 -50.57
CA ALA C 355 -14.81 49.18 -50.22
C ALA C 355 -15.28 49.24 -48.77
N SER C 356 -15.88 48.15 -48.30
CA SER C 356 -16.36 48.04 -46.92
C SER C 356 -15.19 47.82 -45.95
N VAL C 357 -14.16 47.11 -46.42
CA VAL C 357 -12.97 46.83 -45.60
C VAL C 357 -12.16 48.10 -45.32
N LEU C 358 -11.93 48.89 -46.37
CA LEU C 358 -11.15 50.13 -46.27
C LEU C 358 -11.87 51.21 -45.44
N ASN C 359 -13.20 51.22 -45.50
CA ASN C 359 -14.00 52.15 -44.72
C ASN C 359 -13.99 51.86 -43.22
N ILE C 360 -13.98 50.58 -42.86
CA ILE C 360 -13.92 50.17 -41.45
C ILE C 360 -12.51 50.33 -40.90
N ASN C 361 -11.51 50.16 -41.77
CA ASN C 361 -10.11 50.31 -41.41
C ASN C 361 -9.72 51.77 -41.18
N LEU C 362 -10.52 52.70 -41.71
CA LEU C 362 -10.26 54.13 -41.58
C LEU C 362 -10.96 54.74 -40.36
N ARG C 363 -12.15 54.24 -40.05
CA ARG C 363 -12.95 54.73 -38.92
C ARG C 363 -12.20 54.58 -37.59
N ALA C 364 -11.57 53.43 -37.38
CA ALA C 364 -10.88 53.12 -36.14
C ALA C 364 -9.52 53.82 -35.98
N LEU C 365 -9.07 54.51 -37.02
CA LEU C 365 -7.84 55.31 -36.97
C LEU C 365 -8.15 56.75 -36.59
N MET C 366 -9.18 57.32 -37.23
CA MET C 366 -9.64 58.67 -36.95
C MET C 366 -10.27 58.74 -35.55
N GLU C 367 -11.03 57.71 -35.19
CA GLU C 367 -11.74 57.67 -33.91
C GLU C 367 -10.81 57.38 -32.73
N ALA C 368 -10.32 56.14 -32.64
CA ALA C 368 -9.47 55.71 -31.52
C ALA C 368 -8.31 56.67 -31.31
N ASN C 369 -8.24 57.25 -30.12
CA ASN C 369 -7.36 58.37 -29.85
C ASN C 369 -6.16 58.04 -28.98
N VAL C 370 -5.00 58.60 -29.35
CA VAL C 370 -3.79 58.53 -28.56
C VAL C 370 -2.98 59.82 -28.75
N THR C 371 -3.00 60.67 -27.73
CA THR C 371 -2.29 61.94 -27.76
C THR C 371 -0.81 61.76 -27.42
N ALA C 372 -0.02 62.78 -27.74
CA ALA C 372 1.42 62.79 -27.47
C ALA C 372 1.74 62.53 -26.00
N ASP C 373 0.84 62.99 -25.13
CA ASP C 373 0.94 62.81 -23.67
C ASP C 373 0.97 61.34 -23.25
N ASP C 374 0.16 60.52 -23.90
CA ASP C 374 0.05 59.10 -23.58
C ASP C 374 1.37 58.35 -23.82
N ARG C 375 2.18 58.88 -24.72
CA ARG C 375 3.51 58.36 -25.01
C ARG C 375 4.55 58.92 -24.03
N ILE C 376 4.24 60.08 -23.44
CA ILE C 376 5.11 60.70 -22.45
C ILE C 376 4.81 60.17 -21.05
N LYS C 377 3.61 59.62 -20.88
CA LYS C 377 3.20 58.99 -19.63
C LYS C 377 3.80 57.59 -19.50
N ALA C 378 4.13 56.99 -20.64
CA ALA C 378 4.73 55.66 -20.71
C ALA C 378 6.22 55.68 -20.43
N LEU C 379 6.90 56.76 -20.84
CA LEU C 379 8.33 56.92 -20.62
C LEU C 379 8.69 57.11 -19.14
N GLN C 380 7.72 57.61 -18.37
CA GLN C 380 7.90 57.78 -16.93
C GLN C 380 7.85 56.45 -16.15
N ALA C 381 7.83 55.34 -16.89
CA ALA C 381 7.78 54.01 -16.29
C ALA C 381 9.05 53.19 -16.57
N HIS C 382 10.04 53.81 -17.18
CA HIS C 382 11.29 53.13 -17.53
C HIS C 382 12.56 53.91 -17.20
N SER C 383 12.55 54.55 -16.03
CA SER C 383 13.68 55.36 -15.57
C SER C 383 13.57 55.60 -14.07
N MET C 384 14.68 56.02 -13.45
CA MET C 384 14.70 56.37 -12.03
C MET C 384 13.52 57.28 -11.70
N ILE C 385 12.72 56.85 -10.72
CA ILE C 385 11.55 57.62 -10.29
C ILE C 385 11.98 59.03 -9.95
N SER C 386 11.21 60.00 -10.44
CA SER C 386 11.46 61.43 -10.21
C SER C 386 12.11 62.13 -11.41
N THR C 387 12.43 61.38 -12.46
CA THR C 387 12.94 61.99 -13.69
C THR C 387 11.88 62.93 -14.26
N GLN C 388 12.29 64.06 -14.80
CA GLN C 388 11.34 65.03 -15.33
C GLN C 388 11.40 65.15 -16.85
N PHE C 389 10.23 65.09 -17.47
CA PHE C 389 10.09 65.21 -18.92
C PHE C 389 9.42 66.52 -19.30
N HIS C 390 9.95 67.18 -20.32
CA HIS C 390 9.33 68.37 -20.90
C HIS C 390 9.34 68.28 -22.43
N GLY C 391 8.58 69.15 -23.10
CA GLY C 391 8.61 69.20 -24.56
C GLY C 391 7.25 69.35 -25.22
N PRO C 392 6.94 68.46 -26.19
CA PRO C 392 5.73 68.51 -27.02
C PRO C 392 4.46 68.79 -26.21
N ASN C 393 3.63 69.69 -26.75
CA ASN C 393 2.38 70.09 -26.10
C ASN C 393 1.48 68.89 -25.80
N GLN C 394 1.08 68.77 -24.54
CA GLN C 394 0.16 67.73 -24.09
C GLN C 394 -1.20 67.89 -24.78
N GLY C 395 -1.41 67.13 -25.84
CA GLY C 395 -2.69 67.15 -26.56
C GLY C 395 -2.66 66.86 -28.05
N ALA C 396 -1.47 66.91 -28.65
CA ALA C 396 -1.32 66.70 -30.09
C ALA C 396 -1.42 65.21 -30.46
N LEU C 397 -2.07 64.94 -31.59
CA LEU C 397 -2.23 63.57 -32.11
C LEU C 397 -0.91 63.01 -32.62
N ARG C 398 -0.79 61.67 -32.61
CA ARG C 398 0.47 61.01 -32.98
C ARG C 398 0.75 60.94 -34.50
N PRO C 399 -0.15 60.29 -35.29
CA PRO C 399 -1.31 59.47 -34.99
C PRO C 399 -1.10 57.99 -35.31
N GLU C 400 -1.39 57.13 -34.34
CA GLU C 400 -1.28 55.67 -34.51
C GLU C 400 -2.52 54.97 -33.98
N LEU C 401 -2.63 53.68 -34.25
CA LEU C 401 -3.70 52.86 -33.69
C LEU C 401 -3.46 52.73 -32.18
N ALA C 402 -4.38 53.29 -31.39
CA ALA C 402 -4.23 53.38 -29.94
C ALA C 402 -3.85 52.05 -29.29
N PHE C 403 -2.78 52.07 -28.50
CA PHE C 403 -2.30 50.90 -27.78
C PHE C 403 -3.33 50.49 -26.72
N ASP C 404 -3.92 49.33 -26.90
CA ASP C 404 -5.03 48.86 -26.07
C ASP C 404 -4.56 48.25 -24.76
N HIS C 405 -5.40 48.39 -23.73
CA HIS C 405 -5.15 47.77 -22.42
C HIS C 405 -5.44 46.28 -22.47
N ASP C 406 -6.66 45.93 -22.88
CA ASP C 406 -7.09 44.53 -23.01
C ASP C 406 -6.36 43.88 -24.19
N HIS C 407 -6.71 42.63 -24.49
CA HIS C 407 -6.13 41.87 -25.60
C HIS C 407 -4.64 41.54 -25.36
N ILE C 408 -3.83 42.58 -25.21
CA ILE C 408 -2.41 42.44 -24.86
C ILE C 408 -2.26 41.71 -23.52
N ILE C 409 -3.33 41.74 -22.73
CA ILE C 409 -3.38 41.03 -21.46
C ILE C 409 -3.86 39.58 -21.66
N ARG C 410 -4.73 39.36 -22.66
CA ARG C 410 -5.26 38.04 -22.96
C ARG C 410 -4.29 37.22 -23.82
N CYS C 411 -3.73 37.85 -24.85
CA CYS C 411 -2.76 37.21 -25.74
C CYS C 411 -1.45 36.92 -25.02
N LEU C 412 -1.19 37.66 -23.94
CA LEU C 412 -0.05 37.40 -23.08
C LEU C 412 -0.37 36.27 -22.10
N MET C 413 -1.67 36.12 -21.81
CA MET C 413 -2.12 35.09 -20.87
C MET C 413 -2.26 33.72 -21.53
N LEU C 414 -2.69 33.71 -22.80
CA LEU C 414 -2.76 32.47 -23.58
C LEU C 414 -1.36 31.95 -23.89
N ALA C 415 -0.44 32.88 -24.15
CA ALA C 415 0.96 32.55 -24.41
C ALA C 415 1.62 31.92 -23.17
N ALA C 416 1.05 32.20 -22.01
CA ALA C 416 1.51 31.63 -20.74
C ALA C 416 0.84 30.29 -20.45
N ALA C 417 0.56 29.52 -21.50
CA ALA C 417 -0.04 28.19 -21.39
C ALA C 417 0.42 27.29 -22.53
N ASN C 418 0.70 27.92 -23.68
CA ASN C 418 1.20 27.20 -24.87
C ASN C 418 2.71 27.37 -25.04
N TYR C 419 3.15 28.62 -25.17
CA TYR C 419 4.55 28.96 -25.37
C TYR C 419 5.32 28.78 -24.06
N PRO C 420 6.22 27.78 -23.99
CA PRO C 420 6.92 27.46 -22.74
C PRO C 420 8.02 28.45 -22.36
N ARG C 421 8.67 29.04 -23.37
CA ARG C 421 9.82 29.91 -23.13
C ARG C 421 9.47 31.39 -22.96
N LEU C 422 8.20 31.67 -22.67
CA LEU C 422 7.74 33.05 -22.43
C LEU C 422 8.50 33.65 -21.24
N GLU C 423 8.57 32.88 -20.14
CA GLU C 423 9.25 33.30 -18.92
C GLU C 423 10.70 33.74 -19.17
N GLY C 424 11.42 32.96 -19.98
CA GLY C 424 12.81 33.26 -20.34
C GLY C 424 12.98 34.55 -21.10
N ILE C 425 11.99 34.90 -21.91
CA ILE C 425 12.01 36.13 -22.70
C ILE C 425 11.64 37.35 -21.84
N ILE C 426 10.78 37.15 -20.84
CA ILE C 426 10.43 38.21 -19.89
C ILE C 426 11.65 38.57 -19.02
N VAL C 427 12.43 37.55 -18.67
CA VAL C 427 13.67 37.74 -17.92
C VAL C 427 14.70 38.48 -18.77
N GLN C 428 14.87 38.04 -20.02
CA GLN C 428 15.86 38.59 -20.94
C GLN C 428 15.82 40.12 -21.07
N ILE C 429 14.61 40.68 -21.12
CA ILE C 429 14.43 42.12 -21.32
C ILE C 429 14.74 42.96 -20.07
N ASN C 430 14.43 42.43 -18.89
CA ASN C 430 14.63 43.17 -17.64
C ASN C 430 15.89 42.80 -16.85
N THR C 431 16.64 41.82 -17.35
CA THR C 431 17.94 41.47 -16.78
C THR C 431 19.06 42.32 -17.40
N GLY C 432 18.86 42.69 -18.66
CA GLY C 432 19.80 43.55 -19.38
C GLY C 432 19.74 44.98 -18.87
N TYR C 433 18.59 45.37 -18.33
CA TYR C 433 18.39 46.68 -17.71
C TYR C 433 19.19 46.81 -16.42
N VAL C 434 19.29 45.72 -15.67
CA VAL C 434 20.10 45.66 -14.45
C VAL C 434 21.57 45.86 -14.79
N ALA C 435 22.04 45.15 -15.82
CA ALA C 435 23.43 45.19 -16.25
C ALA C 435 23.79 46.49 -16.99
N SER C 436 22.78 47.18 -17.49
CA SER C 436 22.98 48.45 -18.19
C SER C 436 23.07 49.62 -17.22
N ALA C 437 22.31 49.54 -16.13
CA ALA C 437 22.30 50.57 -15.09
C ALA C 437 23.61 50.60 -14.29
N ASN C 438 24.46 49.59 -14.52
CA ASN C 438 25.74 49.43 -13.82
C ASN C 438 25.58 49.55 -12.31
N VAL C 439 24.85 48.60 -11.73
CA VAL C 439 24.50 48.62 -10.32
C VAL C 439 25.44 47.75 -9.46
N ILE C 440 25.93 46.66 -10.04
CA ILE C 440 26.78 45.71 -9.34
C ILE C 440 27.70 44.95 -10.32
N ARG C 441 28.93 44.69 -9.88
CA ARG C 441 29.95 44.02 -10.70
C ARG C 441 30.97 43.28 -9.83
N PRO C 442 31.31 42.04 -10.21
CA PRO C 442 32.30 41.20 -9.50
C PRO C 442 33.71 41.80 -9.49
N VAL C 443 34.48 41.49 -8.44
CA VAL C 443 35.85 42.01 -8.30
C VAL C 443 36.92 40.96 -8.59
N SER C 444 38.18 41.35 -8.44
CA SER C 444 39.34 40.50 -8.73
C SER C 444 39.58 39.42 -7.66
N GLU C 445 40.01 39.85 -6.47
CA GLU C 445 40.43 38.91 -5.41
C GLU C 445 39.30 38.44 -4.49
N LYS C 446 39.62 37.48 -3.63
CA LYS C 446 38.64 36.86 -2.72
C LYS C 446 38.84 37.30 -1.27
N ARG C 447 37.74 37.40 -0.52
CA ARG C 447 37.76 37.88 0.88
C ARG C 447 36.44 37.65 1.62
N TYR C 448 36.11 36.38 1.88
CA TYR C 448 34.84 36.03 2.55
C TYR C 448 34.99 35.92 4.06
N PHE C 449 35.73 34.89 4.48
CA PHE C 449 35.74 34.41 5.85
C PHE C 449 36.96 34.79 6.69
N PRO C 450 37.98 35.44 6.08
CA PRO C 450 39.25 35.58 6.78
C PRO C 450 39.23 36.44 8.05
N GLU C 451 39.13 37.76 7.90
CA GLU C 451 39.62 38.72 8.90
C GLU C 451 41.13 38.45 9.02
N ASN C 452 41.54 37.44 8.26
CA ASN C 452 42.91 36.95 8.10
C ASN C 452 43.55 36.36 9.36
N LEU C 453 44.81 35.96 9.21
CA LEU C 453 45.54 35.16 10.21
C LEU C 453 44.96 33.74 10.33
N GLU C 454 44.17 33.34 9.34
CA GLU C 454 43.56 32.01 9.32
C GLU C 454 44.51 30.96 8.76
N GLN C 455 43.99 29.97 8.03
CA GLN C 455 44.76 28.81 7.57
C GLN C 455 45.21 27.96 8.77
N ASN C 456 44.84 28.43 9.97
CA ASN C 456 45.32 27.90 11.24
C ASN C 456 44.87 26.46 11.53
N GLN C 457 45.42 25.89 12.60
CA GLN C 457 45.20 24.50 12.96
C GLN C 457 43.80 24.27 13.55
N SER C 458 43.36 25.22 14.38
CA SER C 458 42.01 25.17 14.96
C SER C 458 40.96 25.60 13.94
N ALA C 459 41.34 26.53 13.08
CA ALA C 459 40.45 27.05 12.04
C ALA C 459 40.22 26.04 10.91
N ALA C 460 41.17 25.11 10.74
CA ALA C 460 41.15 24.12 9.67
C ALA C 460 39.78 23.52 9.35
N ARG C 461 39.01 23.21 10.39
CA ARG C 461 37.64 22.67 10.24
C ARG C 461 36.67 23.74 9.71
N LEU C 462 36.71 24.92 10.33
CA LEU C 462 35.85 26.05 9.94
C LEU C 462 36.21 26.59 8.56
N VAL C 463 37.49 26.50 8.20
CA VAL C 463 38.00 26.96 6.91
C VAL C 463 37.34 26.21 5.73
N SER C 464 37.33 24.89 5.81
CA SER C 464 36.80 24.03 4.76
C SER C 464 35.28 24.09 4.64
N ALA C 465 34.60 24.36 5.76
CA ALA C 465 33.14 24.45 5.79
C ALA C 465 32.62 25.64 5.00
N VAL C 466 33.33 26.77 5.08
CA VAL C 466 32.98 27.97 4.33
C VAL C 466 33.45 27.85 2.87
N LYS C 467 34.60 27.21 2.67
CA LYS C 467 35.15 26.96 1.33
C LYS C 467 34.25 26.10 0.45
N ALA C 468 33.62 25.09 1.04
CA ALA C 468 32.67 24.22 0.35
C ALA C 468 31.26 24.81 0.40
N ARG C 469 31.19 26.13 0.23
CA ARG C 469 29.95 26.89 0.28
C ARG C 469 30.10 28.14 -0.60
N ALA C 470 31.33 28.35 -1.07
CA ALA C 470 31.68 29.55 -1.83
C ALA C 470 31.16 29.51 -3.26
N SER C 471 30.44 30.56 -3.65
CA SER C 471 30.00 30.73 -5.03
C SER C 471 30.93 31.69 -5.76
N GLU C 472 31.23 31.36 -7.02
CA GLU C 472 32.17 32.14 -7.81
C GLU C 472 31.53 33.31 -8.50
N ALA C 473 32.21 34.45 -8.40
CA ALA C 473 31.70 35.75 -8.84
C ALA C 473 31.52 35.81 -10.36
N ASP C 474 30.54 35.05 -10.85
CA ASP C 474 30.19 35.03 -12.26
C ASP C 474 29.23 36.20 -12.52
N ILE C 475 29.69 37.13 -13.37
CA ILE C 475 28.94 38.34 -13.72
C ILE C 475 27.45 38.07 -14.02
N SER C 476 27.17 37.03 -14.81
CA SER C 476 25.81 36.70 -15.23
C SER C 476 24.95 36.09 -14.12
N SER C 477 25.59 35.32 -13.23
CA SER C 477 24.90 34.68 -12.11
C SER C 477 24.41 35.69 -11.09
N ILE C 478 25.12 36.81 -10.98
CA ILE C 478 24.74 37.91 -10.09
C ILE C 478 23.51 38.63 -10.63
N HIS C 479 23.52 38.92 -11.93
CA HIS C 479 22.42 39.62 -12.60
C HIS C 479 21.12 38.82 -12.57
N LEU C 480 21.24 37.49 -12.63
CA LEU C 480 20.09 36.59 -12.66
C LEU C 480 19.35 36.56 -11.32
N ALA C 481 20.06 36.94 -10.25
CA ALA C 481 19.47 37.01 -8.91
C ALA C 481 18.70 38.31 -8.69
N ILE C 482 19.22 39.40 -9.24
CA ILE C 482 18.59 40.72 -9.14
C ILE C 482 17.34 40.79 -10.03
N ALA C 483 17.35 40.04 -11.13
CA ALA C 483 16.26 40.03 -12.10
C ALA C 483 15.10 39.11 -11.71
N ARG C 484 15.42 37.98 -11.09
CA ARG C 484 14.42 37.00 -10.65
C ARG C 484 13.52 37.56 -9.56
N GLU C 485 13.97 38.64 -8.92
CA GLU C 485 13.27 39.29 -7.82
C GLU C 485 11.96 39.96 -8.25
N VAL C 486 11.91 40.43 -9.49
CA VAL C 486 10.72 41.14 -10.00
C VAL C 486 9.96 40.38 -11.10
N SER C 487 10.68 39.58 -11.88
CA SER C 487 10.10 38.89 -13.03
C SER C 487 9.07 37.83 -12.65
N PRO C 488 7.92 37.80 -13.35
CA PRO C 488 6.88 36.80 -13.15
C PRO C 488 7.33 35.39 -13.58
N MET C 489 6.84 34.38 -12.87
CA MET C 489 7.20 32.98 -13.16
C MET C 489 6.00 32.13 -13.57
N PHE C 490 6.27 30.99 -14.21
CA PHE C 490 5.24 30.05 -14.62
C PHE C 490 5.51 28.63 -14.17
N ASN C 491 6.78 28.35 -13.83
CA ASN C 491 7.18 27.08 -13.23
C ASN C 491 7.52 27.24 -11.75
N VAL C 492 6.99 26.34 -10.93
CA VAL C 492 7.22 26.39 -9.47
C VAL C 492 8.62 25.89 -9.10
N HIS C 493 9.60 26.78 -9.26
CA HIS C 493 10.99 26.51 -8.93
C HIS C 493 11.22 26.29 -7.44
N GLU C 494 12.22 25.46 -7.11
CA GLU C 494 12.60 25.19 -5.72
C GLU C 494 14.12 25.09 -5.57
N LEU C 495 14.61 25.08 -4.34
CA LEU C 495 16.05 25.18 -4.08
C LEU C 495 16.85 23.92 -4.42
N LYS C 496 18.08 24.14 -4.88
CA LYS C 496 19.08 23.08 -5.06
C LYS C 496 19.42 22.53 -3.67
N LYS C 497 18.80 21.40 -3.33
CA LYS C 497 18.81 20.89 -1.96
C LYS C 497 20.16 20.34 -1.47
N ILE C 498 20.39 20.49 -0.17
CA ILE C 498 21.63 20.11 0.48
C ILE C 498 21.36 19.08 1.58
N ALA C 499 22.24 18.09 1.70
CA ALA C 499 22.16 17.10 2.78
C ALA C 499 23.28 17.34 3.79
N GLU C 500 22.91 17.88 4.95
CA GLU C 500 23.89 18.22 5.98
C GLU C 500 23.28 18.02 7.38
N SER C 501 23.72 16.96 8.05
CA SER C 501 23.34 16.71 9.43
C SER C 501 24.12 17.65 10.33
N PHE C 502 23.41 18.53 11.02
CA PHE C 502 24.02 19.56 11.86
C PHE C 502 24.76 18.94 13.05
N GLU C 503 26.06 18.71 12.85
CA GLU C 503 26.90 17.95 13.77
C GLU C 503 27.71 18.81 14.72
N ASP C 504 28.48 19.74 14.15
CA ASP C 504 29.40 20.58 14.91
C ASP C 504 28.97 22.05 14.89
N PRO C 505 29.52 22.87 15.82
CA PRO C 505 29.22 24.31 15.86
C PRO C 505 29.55 25.06 14.57
N SER C 506 30.38 24.47 13.71
CA SER C 506 30.76 25.07 12.43
C SER C 506 29.70 24.83 11.35
N SER C 507 28.57 24.23 11.72
CA SER C 507 27.49 23.96 10.78
C SER C 507 26.44 25.08 10.76
N ILE C 508 26.67 26.11 11.58
CA ILE C 508 25.83 27.30 11.60
C ILE C 508 26.02 28.14 10.32
N VAL C 509 27.02 27.75 9.52
CA VAL C 509 27.34 28.39 8.25
C VAL C 509 26.34 27.99 7.15
N VAL C 510 25.32 27.22 7.52
CA VAL C 510 24.26 26.80 6.60
C VAL C 510 22.96 27.54 6.92
N VAL C 511 22.66 27.66 8.20
CA VAL C 511 21.46 28.37 8.68
C VAL C 511 21.62 29.88 8.46
N LEU C 512 22.86 30.35 8.51
CA LEU C 512 23.18 31.76 8.28
C LEU C 512 23.01 32.13 6.80
N GLU C 513 23.21 31.15 5.92
CA GLU C 513 23.02 31.34 4.48
C GLU C 513 21.54 31.55 4.14
N PHE C 514 20.67 30.82 4.84
CA PHE C 514 19.22 30.94 4.64
C PHE C 514 18.66 32.23 5.22
N ILE C 515 19.40 32.84 6.14
CA ILE C 515 19.07 34.17 6.69
C ILE C 515 19.35 35.26 5.65
N LEU C 516 20.57 35.27 5.13
CA LEU C 516 21.02 36.28 4.17
C LEU C 516 20.29 36.23 2.83
N PHE C 517 19.82 35.03 2.47
CA PHE C 517 19.02 34.85 1.27
C PHE C 517 17.60 35.39 1.46
N ALA C 518 17.14 35.39 2.72
CA ALA C 518 15.80 35.86 3.07
C ALA C 518 15.73 37.36 3.31
N LEU C 519 16.83 38.07 3.01
CA LEU C 519 16.90 39.52 3.21
C LEU C 519 17.14 40.28 1.90
N PHE C 520 18.11 39.84 1.12
CA PHE C 520 18.40 40.45 -0.18
C PHE C 520 17.31 40.11 -1.21
N PHE C 521 16.63 38.98 -0.97
CA PHE C 521 15.49 38.57 -1.79
C PHE C 521 14.37 38.05 -0.88
N PRO C 522 13.52 38.96 -0.35
CA PRO C 522 12.40 38.55 0.50
C PRO C 522 11.26 37.88 -0.28
N THR C 523 10.87 38.49 -1.40
CA THR C 523 10.10 37.78 -2.43
C THR C 523 11.10 36.86 -3.14
N GLU C 524 10.62 35.79 -3.75
CA GLU C 524 11.51 34.78 -4.31
C GLU C 524 11.98 33.82 -3.18
N PHE C 525 11.65 34.20 -1.94
CA PHE C 525 11.87 33.37 -0.77
C PHE C 525 10.54 32.82 -0.27
N ASN C 526 9.45 33.49 -0.66
CA ASN C 526 8.09 33.06 -0.35
C ASN C 526 7.74 31.74 -1.06
N ARG C 527 8.04 31.67 -2.35
CA ARG C 527 7.75 30.49 -3.16
C ARG C 527 8.44 29.24 -2.65
N ILE C 528 9.68 29.39 -2.18
CA ILE C 528 10.50 28.26 -1.72
C ILE C 528 10.52 28.10 -0.19
N LYS C 529 9.64 28.79 0.52
CA LYS C 529 9.64 28.79 1.98
C LYS C 529 9.39 27.41 2.62
N GLY C 530 8.72 26.52 1.88
CA GLY C 530 8.36 25.21 2.39
C GLY C 530 9.47 24.17 2.25
N ASP C 531 10.15 24.19 1.11
CA ASP C 531 11.24 23.26 0.84
C ASP C 531 12.48 23.63 1.65
N ILE C 532 12.61 24.92 1.97
CA ILE C 532 13.69 25.41 2.83
C ILE C 532 13.37 25.15 4.30
N GLN C 533 12.08 24.93 4.59
CA GLN C 533 11.61 24.59 5.94
C GLN C 533 11.92 23.13 6.27
N ASN C 534 11.86 22.28 5.25
CA ASN C 534 12.11 20.84 5.39
C ASN C 534 13.53 20.51 5.84
N VAL C 535 14.50 21.29 5.33
CA VAL C 535 15.90 21.11 5.68
C VAL C 535 16.29 21.98 6.90
N LEU C 536 15.32 22.70 7.43
CA LEU C 536 15.53 23.57 8.59
C LEU C 536 15.11 22.88 9.89
N LEU C 537 14.22 21.89 9.78
CA LEU C 537 13.75 21.13 10.94
C LEU C 537 14.83 20.25 11.56
N LEU C 538 15.83 19.90 10.77
CA LEU C 538 16.97 19.13 11.24
C LEU C 538 17.82 19.94 12.22
N PHE C 539 17.78 21.26 12.07
CA PHE C 539 18.48 22.19 12.95
C PHE C 539 17.76 22.34 14.29
N PHE C 540 16.45 22.14 14.27
CA PHE C 540 15.65 22.27 15.48
C PHE C 540 15.42 20.94 16.20
N SER C 541 15.92 19.85 15.61
CA SER C 541 15.77 18.51 16.20
C SER C 541 17.09 17.96 16.72
N ARG C 542 18.03 17.72 15.81
CA ARG C 542 19.34 17.16 16.13
C ARG C 542 20.20 18.14 16.94
N TRP C 543 20.19 19.40 16.53
CA TRP C 543 20.96 20.46 17.18
C TRP C 543 20.47 20.71 18.62
N TYR C 544 19.19 21.05 18.78
CA TYR C 544 18.56 21.07 20.11
C TYR C 544 17.08 20.68 20.12
N PRO C 545 16.73 19.59 20.85
CA PRO C 545 15.37 19.05 20.90
C PRO C 545 14.49 19.73 21.94
N VAL C 546 13.54 18.97 22.50
CA VAL C 546 12.55 19.45 23.49
C VAL C 546 11.53 20.41 22.85
N GLU C 547 12.04 21.45 22.19
CA GLU C 547 11.21 22.39 21.45
C GLU C 547 10.65 21.74 20.18
N TYR C 548 11.50 20.99 19.49
CA TYR C 548 11.09 20.20 18.33
C TYR C 548 10.05 19.16 18.74
N GLY C 549 10.23 18.58 19.91
CA GLY C 549 9.31 17.59 20.46
C GLY C 549 7.95 18.16 20.81
N ILE C 550 7.92 19.43 21.22
CA ILE C 550 6.66 20.10 21.59
C ILE C 550 6.06 20.90 20.43
N PHE C 551 6.87 21.22 19.43
CA PHE C 551 6.42 21.93 18.24
C PHE C 551 5.78 20.99 17.22
N ILE C 552 6.41 19.83 17.01
CA ILE C 552 5.89 18.79 16.13
C ILE C 552 4.62 18.16 16.71
N GLN C 553 4.50 18.21 18.04
CA GLN C 553 3.30 17.78 18.75
C GLN C 553 2.06 18.53 18.24
N ARG C 554 2.24 19.81 17.90
CA ARG C 554 1.19 20.63 17.31
C ARG C 554 0.98 20.27 15.84
N GLY C 555 2.07 19.96 15.14
CA GLY C 555 2.02 19.61 13.72
C GLY C 555 2.94 20.45 12.86
N ALA C 556 3.20 19.97 11.65
CA ALA C 556 4.15 20.61 10.73
C ALA C 556 3.47 21.40 9.60
N THR C 557 2.14 21.41 9.58
CA THR C 557 1.37 22.10 8.53
C THR C 557 0.04 22.64 9.06
N TYR C 558 -0.39 23.79 8.54
CA TYR C 558 -1.69 24.38 8.87
C TYR C 558 -2.46 24.88 7.65
N THR C 559 -3.74 25.17 7.85
CA THR C 559 -4.59 25.81 6.85
C THR C 559 -5.05 27.17 7.37
N ILE C 560 -4.96 28.19 6.52
CA ILE C 560 -5.24 29.58 6.91
C ILE C 560 -6.74 29.89 7.04
N ASN C 561 -7.58 28.98 6.53
CA ASN C 561 -9.04 29.21 6.46
C ASN C 561 -9.79 29.22 7.79
N ALA C 562 -11.13 29.11 7.69
CA ALA C 562 -12.09 29.38 8.77
C ALA C 562 -12.42 30.87 8.83
N ALA C 563 -12.22 31.54 7.68
CA ALA C 563 -12.41 33.00 7.51
C ALA C 563 -11.41 33.84 8.30
N GLY C 564 -10.45 33.16 8.92
CA GLY C 564 -9.45 33.77 9.80
C GLY C 564 -8.93 32.62 10.63
N GLU C 565 -8.09 32.90 11.63
CA GLU C 565 -7.57 31.85 12.51
C GLU C 565 -6.63 30.90 11.74
N PHE C 566 -6.17 29.86 12.42
CA PHE C 566 -5.29 28.85 11.83
C PHE C 566 -5.73 27.46 12.29
N GLU C 567 -5.56 26.47 11.42
CA GLU C 567 -5.99 25.11 11.74
C GLU C 567 -4.83 24.11 11.63
N PHE C 568 -3.94 24.16 12.63
CA PHE C 568 -2.79 23.26 12.71
C PHE C 568 -3.25 21.80 12.79
N SER C 569 -2.68 20.97 11.92
CA SER C 569 -2.97 19.54 11.92
C SER C 569 -1.91 18.78 12.72
N GLY C 570 -2.35 18.15 13.81
CA GLY C 570 -1.45 17.46 14.75
C GLY C 570 -0.83 16.20 14.20
N ARG C 571 0.08 16.37 13.23
CA ARG C 571 0.76 15.26 12.58
C ARG C 571 2.03 15.72 11.86
N ASN C 572 3.06 14.87 11.87
CA ASN C 572 4.32 15.18 11.20
C ASN C 572 4.33 14.68 9.76
N GLU C 573 4.51 15.62 8.84
CA GLU C 573 4.62 15.32 7.41
C GLU C 573 5.77 16.12 6.79
N LYS C 574 6.21 15.70 5.61
CA LYS C 574 7.25 16.43 4.87
C LYS C 574 6.63 17.41 3.88
N TRP C 575 7.46 18.25 3.26
CA TRP C 575 6.95 19.29 2.36
C TRP C 575 6.81 18.83 0.90
N ASP C 576 7.94 18.64 0.22
CA ASP C 576 8.05 18.16 -1.18
C ASP C 576 7.77 19.16 -2.31
N GLN C 577 7.21 20.32 -1.98
CA GLN C 577 6.92 21.40 -2.95
C GLN C 577 5.76 21.14 -3.92
N SER C 578 5.40 19.88 -4.12
CA SER C 578 4.33 19.49 -5.04
C SER C 578 2.95 19.99 -4.60
N LEU C 579 2.82 20.32 -3.32
CA LEU C 579 1.58 20.84 -2.75
C LEU C 579 1.64 22.35 -2.47
N TYR C 580 2.56 23.04 -3.14
CA TYR C 580 2.74 24.48 -2.99
C TYR C 580 1.45 25.27 -3.26
N LEU C 581 0.81 24.98 -4.39
CA LEU C 581 -0.41 25.69 -4.80
C LEU C 581 -1.69 24.99 -4.35
N SER C 582 -1.97 25.07 -3.05
CA SER C 582 -3.17 24.49 -2.45
C SER C 582 -3.56 25.26 -1.18
N GLU C 583 -4.09 24.55 -0.19
CA GLU C 583 -4.42 25.13 1.11
C GLU C 583 -3.52 24.53 2.19
N HIS C 584 -2.22 24.78 2.07
CA HIS C 584 -1.23 24.33 3.04
C HIS C 584 -0.06 25.31 3.14
N PHE C 585 0.07 25.93 4.30
CA PHE C 585 1.17 26.83 4.60
C PHE C 585 2.14 26.11 5.52
N PRO C 586 3.46 26.20 5.23
CA PRO C 586 4.45 25.56 6.11
C PRO C 586 4.40 26.15 7.51
N ALA C 587 4.08 25.32 8.49
CA ALA C 587 3.73 25.76 9.85
C ALA C 587 4.89 26.37 10.67
N LEU C 588 6.12 26.19 10.20
CA LEU C 588 7.27 26.73 10.91
C LEU C 588 7.41 28.25 10.75
N PHE C 589 6.68 28.81 9.78
CA PHE C 589 6.73 30.25 9.50
C PHE C 589 5.47 30.98 9.99
N SER C 590 4.70 30.32 10.86
CA SER C 590 3.38 30.81 11.31
C SER C 590 3.43 32.13 12.07
N ASP C 591 4.27 32.20 13.09
CA ASP C 591 4.44 33.33 14.04
C ASP C 591 3.70 33.13 15.37
N VAL C 592 2.71 32.23 15.39
CA VAL C 592 1.95 31.89 16.60
C VAL C 592 2.87 31.23 17.65
N PRO C 593 2.74 31.64 18.94
CA PRO C 593 3.66 31.13 19.96
C PRO C 593 3.21 29.87 20.70
N LEU C 594 4.12 28.90 20.79
CA LEU C 594 3.96 27.74 21.67
C LEU C 594 4.28 28.14 23.10
N ALA C 595 3.85 27.31 24.06
CA ALA C 595 4.13 27.54 25.48
C ALA C 595 5.59 27.24 25.83
N GLY C 596 6.11 26.13 25.32
CA GLY C 596 7.47 25.69 25.62
C GLY C 596 8.46 25.90 24.49
N ALA C 597 7.95 26.08 23.27
CA ALA C 597 8.79 26.29 22.10
C ALA C 597 8.96 27.78 21.76
N ASN C 598 8.77 28.64 22.76
CA ASN C 598 8.94 30.08 22.59
C ASN C 598 10.33 30.49 22.09
N THR C 599 11.33 29.71 22.45
CA THR C 599 12.70 29.92 21.98
C THR C 599 12.89 29.52 20.51
N ILE C 600 12.08 28.58 20.03
CA ILE C 600 12.11 28.15 18.63
C ILE C 600 11.39 29.15 17.73
N ILE C 601 10.38 29.82 18.29
CA ILE C 601 9.60 30.83 17.57
C ILE C 601 10.39 32.14 17.47
N ALA C 602 11.20 32.41 18.49
CA ALA C 602 12.00 33.64 18.56
C ALA C 602 13.19 33.62 17.59
N ILE C 603 13.87 32.48 17.51
CA ILE C 603 15.01 32.29 16.59
C ILE C 603 14.53 32.19 15.13
N MET C 604 13.25 31.85 14.97
CA MET C 604 12.65 31.67 13.65
C MET C 604 12.24 33.00 13.00
N ARG C 605 11.73 33.92 13.81
CA ARG C 605 11.23 35.21 13.30
C ARG C 605 12.31 36.10 12.68
N LEU C 606 13.55 35.61 12.69
CA LEU C 606 14.68 36.34 12.10
C LEU C 606 14.65 36.32 10.56
N PHE C 607 13.54 35.84 10.00
CA PHE C 607 13.33 35.80 8.55
C PHE C 607 12.33 36.85 8.08
N THR C 608 11.82 37.66 9.00
CA THR C 608 10.83 38.70 8.68
C THR C 608 11.41 39.80 7.78
N PRO C 609 10.67 40.16 6.71
CA PRO C 609 11.11 41.18 5.76
C PRO C 609 11.15 42.59 6.35
N GLN C 610 11.86 43.49 5.69
CA GLN C 610 12.12 44.84 6.24
C GLN C 610 11.31 45.94 5.54
N GLY C 611 11.41 45.99 4.21
CA GLY C 611 10.81 47.06 3.43
C GLY C 611 9.30 47.10 3.41
N PHE C 612 8.76 48.20 2.91
CA PHE C 612 7.33 48.40 2.79
C PHE C 612 6.82 47.86 1.46
N LEU C 613 5.52 47.56 1.40
CA LEU C 613 4.88 47.22 0.13
C LEU C 613 4.32 48.50 -0.48
N ARG C 614 4.49 48.66 -1.79
CA ARG C 614 3.99 49.86 -2.46
C ARG C 614 3.07 49.54 -3.64
N THR C 615 2.00 50.33 -3.75
CA THR C 615 1.08 50.25 -4.87
C THR C 615 1.64 51.08 -6.01
N ASP C 616 2.30 50.42 -6.95
CA ASP C 616 2.91 51.09 -8.10
C ASP C 616 1.86 51.81 -8.94
N ASP C 617 2.08 53.09 -9.16
CA ASP C 617 1.11 53.93 -9.87
C ASP C 617 1.59 54.32 -11.27
N LEU C 618 2.91 54.46 -11.44
CA LEU C 618 3.49 54.85 -12.73
C LEU C 618 3.32 53.79 -13.83
N ALA C 619 2.64 52.70 -13.49
CA ALA C 619 2.27 51.66 -14.45
C ALA C 619 0.78 51.66 -14.73
N ILE C 620 -0.01 51.85 -13.67
CA ILE C 620 -1.48 51.87 -13.79
C ILE C 620 -2.01 53.21 -14.31
N ALA C 621 -1.21 54.26 -14.17
CA ALA C 621 -1.55 55.58 -14.71
C ALA C 621 -1.28 55.67 -16.21
N ALA C 622 -0.42 54.78 -16.71
CA ALA C 622 -0.08 54.73 -18.13
C ALA C 622 -0.71 53.53 -18.85
N ASN C 623 -1.58 52.82 -18.13
CA ASN C 623 -2.40 51.71 -18.68
C ASN C 623 -1.61 50.51 -19.22
N PHE C 624 -0.58 50.10 -18.48
CA PHE C 624 0.13 48.85 -18.79
C PHE C 624 -0.71 47.67 -18.29
N PRO C 625 -0.78 46.59 -19.10
CA PRO C 625 -1.62 45.45 -18.74
C PRO C 625 -1.10 44.67 -17.52
N ARG C 626 -1.91 44.63 -16.47
CA ARG C 626 -1.56 43.91 -15.25
C ARG C 626 -2.57 42.80 -15.00
N ALA C 627 -2.08 41.61 -14.68
CA ALA C 627 -2.94 40.49 -14.28
C ALA C 627 -3.71 40.91 -13.04
N SER C 628 -3.01 40.91 -11.90
CA SER C 628 -3.49 41.50 -10.63
C SER C 628 -5.01 41.46 -10.42
N ARG C 629 -5.47 42.38 -9.58
CA ARG C 629 -6.70 43.13 -9.76
C ARG C 629 -6.27 44.50 -9.28
N ASN C 630 -5.31 44.46 -8.36
CA ASN C 630 -4.70 45.64 -7.79
C ASN C 630 -3.18 45.54 -7.95
N PRO C 631 -2.57 46.54 -8.60
CA PRO C 631 -1.11 46.55 -8.81
C PRO C 631 -0.34 46.77 -7.51
N GLN C 632 0.48 45.80 -7.13
CA GLN C 632 1.27 45.85 -5.90
C GLN C 632 2.63 45.16 -6.04
N THR C 633 3.50 45.39 -5.04
CA THR C 633 4.86 44.83 -5.01
C THR C 633 5.52 45.04 -3.64
N TYR C 634 6.64 44.36 -3.42
CA TYR C 634 7.52 44.67 -2.29
C TYR C 634 8.68 45.53 -2.82
N ILE C 635 9.59 45.96 -1.94
CA ILE C 635 10.53 47.05 -2.31
C ILE C 635 12.02 46.73 -2.61
N PRO C 636 12.70 45.96 -1.74
CA PRO C 636 12.27 45.27 -0.52
C PRO C 636 12.88 45.78 0.80
N TYR C 637 13.58 46.91 0.79
CA TYR C 637 14.25 47.41 2.00
C TYR C 637 14.53 48.92 2.09
N THR C 638 13.59 49.74 1.60
CA THR C 638 13.63 51.20 1.79
C THR C 638 14.99 51.86 1.49
N ASN C 639 15.29 52.96 2.18
CA ASN C 639 16.59 53.64 2.07
C ASN C 639 16.97 54.47 3.32
N GLN C 640 18.13 55.12 3.26
CA GLN C 640 18.67 55.95 4.35
C GLN C 640 17.69 57.03 4.80
N ARG C 641 17.55 57.19 6.12
CA ARG C 641 16.61 58.16 6.67
C ARG C 641 17.26 59.18 7.62
N GLY C 642 18.30 58.75 8.33
CA GLY C 642 19.03 59.65 9.23
C GLY C 642 20.27 60.23 8.59
N THR C 643 21.24 60.61 9.43
CA THR C 643 22.51 61.15 8.95
C THR C 643 23.58 60.06 8.92
N VAL C 644 23.62 59.23 9.96
CA VAL C 644 24.63 58.17 10.09
C VAL C 644 24.10 56.95 10.86
N THR C 645 22.84 56.57 10.60
CA THR C 645 22.22 55.44 11.29
C THR C 645 22.20 54.14 10.47
N ASN C 646 21.47 54.15 9.35
CA ASN C 646 21.27 52.96 8.50
C ASN C 646 20.75 51.74 9.27
N GLU C 647 19.44 51.72 9.46
CA GLU C 647 18.75 50.71 10.29
C GLU C 647 18.83 49.28 9.73
N PHE C 648 18.93 49.17 8.40
CA PHE C 648 19.06 47.88 7.72
C PHE C 648 20.36 47.17 8.11
N ALA C 649 21.42 47.96 8.28
CA ALA C 649 22.71 47.45 8.74
C ALA C 649 22.66 47.04 10.20
N SER C 650 21.86 47.76 10.99
CA SER C 650 21.69 47.49 12.42
C SER C 650 20.77 46.31 12.70
N ARG C 651 19.81 46.09 11.80
CA ARG C 651 18.90 44.94 11.89
C ARG C 651 19.69 43.63 11.74
N PHE C 652 20.66 43.64 10.82
CA PHE C 652 21.56 42.50 10.62
C PHE C 652 22.49 42.28 11.82
N ARG C 653 22.91 43.38 12.44
CA ARG C 653 23.76 43.35 13.63
C ARG C 653 23.06 42.65 14.79
N THR C 654 21.75 42.82 14.86
CA THR C 654 20.92 42.19 15.89
C THR C 654 20.79 40.68 15.65
N ILE C 655 20.70 40.29 14.37
CA ILE C 655 20.65 38.88 13.98
C ILE C 655 21.94 38.18 14.40
N VAL C 656 23.07 38.76 14.04
CA VAL C 656 24.40 38.25 14.39
C VAL C 656 24.59 38.15 15.90
N ALA C 657 23.96 39.05 16.64
CA ALA C 657 24.01 39.07 18.11
C ALA C 657 23.28 37.89 18.75
N THR C 658 22.04 37.65 18.31
CA THR C 658 21.21 36.57 18.86
C THR C 658 21.55 35.19 18.25
N LEU C 659 22.11 35.20 17.04
CA LEU C 659 22.51 33.98 16.36
C LEU C 659 23.90 33.51 16.84
N ALA C 660 24.57 34.37 17.60
CA ALA C 660 25.86 34.04 18.20
C ALA C 660 25.70 33.16 19.45
N ASN C 661 24.65 33.42 20.22
CA ASN C 661 24.38 32.68 21.45
C ASN C 661 23.99 31.23 21.23
N VAL C 662 23.38 30.94 20.08
CA VAL C 662 23.01 29.58 19.69
C VAL C 662 24.26 28.75 19.44
N VAL C 663 25.28 29.39 18.88
CA VAL C 663 26.58 28.74 18.65
C VAL C 663 27.40 28.73 19.95
N ASN C 664 27.30 29.80 20.73
CA ASN C 664 28.01 29.92 22.01
C ASN C 664 27.19 29.35 23.17
N GLU C 665 26.59 28.19 22.95
CA GLU C 665 25.80 27.48 23.95
C GLU C 665 25.75 25.98 23.65
N ARG C 666 25.84 25.65 22.36
CA ARG C 666 25.77 24.27 21.89
C ARG C 666 26.87 23.42 22.52
N ALA C 667 26.48 22.70 23.58
CA ALA C 667 27.41 21.86 24.34
C ALA C 667 27.88 20.67 23.52
N VAL C 668 29.14 20.71 23.11
CA VAL C 668 29.73 19.67 22.29
C VAL C 668 30.43 18.61 23.14
N GLN C 669 30.28 17.34 22.74
CA GLN C 669 30.81 16.20 23.46
C GLN C 669 32.25 15.83 23.05
N ASP C 670 32.94 16.75 22.38
CA ASP C 670 34.28 16.48 21.86
C ASP C 670 35.34 17.45 22.42
N ASP C 671 36.45 17.60 21.71
CA ASP C 671 37.58 18.42 22.17
C ASP C 671 37.98 19.51 21.16
N MET C 672 38.37 19.10 19.94
CA MET C 672 38.70 20.03 18.86
C MET C 672 37.42 20.62 18.26
N GLN C 673 36.32 19.88 18.43
CA GLN C 673 35.00 20.33 18.04
C GLN C 673 34.48 21.38 19.04
N LYS C 674 35.23 21.54 20.14
CA LYS C 674 35.01 22.62 21.10
C LYS C 674 35.94 23.80 20.77
N ALA C 675 37.05 23.48 20.10
CA ALA C 675 37.99 24.50 19.63
C ALA C 675 37.47 25.18 18.36
N THR C 676 36.65 24.46 17.60
CA THR C 676 36.00 25.04 16.41
C THR C 676 34.78 25.87 16.80
N ARG C 677 34.34 25.72 18.05
CA ARG C 677 33.24 26.50 18.62
C ARG C 677 33.71 27.91 18.98
N SER C 678 35.03 28.05 19.21
CA SER C 678 35.62 29.34 19.55
C SER C 678 36.10 30.11 18.32
N CYS C 679 36.72 29.39 17.39
CA CYS C 679 37.25 30.00 16.17
C CYS C 679 36.16 30.26 15.12
N THR C 680 34.90 30.19 15.55
CA THR C 680 33.76 30.48 14.69
C THR C 680 33.28 31.93 14.83
N LYS C 681 33.60 32.55 15.97
CA LYS C 681 33.27 33.96 16.22
C LYS C 681 34.17 34.91 15.44
N GLN C 682 35.37 34.42 15.09
CA GLN C 682 36.28 35.16 14.21
C GLN C 682 35.78 35.12 12.77
N TRP C 683 34.66 34.44 12.56
CA TRP C 683 33.94 34.46 11.29
C TRP C 683 32.57 35.10 11.48
N LEU C 684 31.95 34.85 12.64
CA LEU C 684 30.61 35.34 12.95
C LEU C 684 30.60 36.86 13.13
N ARG C 685 31.69 37.41 13.65
CA ARG C 685 31.80 38.85 13.88
C ARG C 685 32.47 39.60 12.71
N HIS C 686 33.48 38.98 12.11
CA HIS C 686 34.13 39.55 10.93
C HIS C 686 33.13 39.83 9.82
N LEU C 687 32.24 38.86 9.59
CA LEU C 687 31.23 38.94 8.55
C LEU C 687 30.23 40.08 8.77
N GLU C 688 29.93 40.37 10.03
CA GLU C 688 28.97 41.43 10.38
C GLU C 688 29.55 42.82 10.13
N THR C 689 30.87 42.95 10.25
CA THR C 689 31.56 44.21 9.98
C THR C 689 31.61 44.48 8.47
N GLN C 690 31.88 43.42 7.70
CA GLN C 690 31.89 43.50 6.24
C GLN C 690 30.53 43.92 5.68
N PHE C 691 29.48 43.62 6.45
CA PHE C 691 28.11 43.95 6.07
C PHE C 691 27.82 45.45 6.18
N ASP C 692 28.29 46.07 7.26
CA ASP C 692 28.11 47.52 7.49
C ASP C 692 28.92 48.36 6.51
N ASN C 693 29.63 47.68 5.60
CA ASN C 693 30.42 48.33 4.56
C ASN C 693 29.78 48.17 3.18
N ILE C 694 28.57 47.60 3.16
CA ILE C 694 27.84 47.34 1.92
C ILE C 694 26.47 48.01 1.94
N ALA C 695 25.80 47.95 3.09
CA ALA C 695 24.40 48.36 3.25
C ALA C 695 24.01 49.72 2.67
N VAL C 696 24.93 50.69 2.71
CA VAL C 696 24.70 52.02 2.16
C VAL C 696 24.53 51.96 0.64
N ALA C 697 25.48 51.31 -0.04
CA ALA C 697 25.44 51.13 -1.49
C ALA C 697 24.50 49.99 -1.89
N HIS C 698 23.76 49.48 -0.91
CA HIS C 698 22.85 48.36 -1.12
C HIS C 698 21.40 48.78 -0.92
N THR C 699 21.20 49.76 -0.03
CA THR C 699 19.87 50.29 0.25
C THR C 699 19.70 51.73 -0.26
N ASP C 700 20.40 52.07 -1.34
CA ASP C 700 20.27 53.38 -1.97
C ASP C 700 20.32 53.30 -3.48
N HIS C 701 21.48 52.93 -4.02
CA HIS C 701 21.67 52.80 -5.46
C HIS C 701 20.97 51.56 -6.02
N LEU C 702 20.91 50.50 -5.21
CA LEU C 702 20.26 49.25 -5.60
C LEU C 702 18.77 49.25 -5.26
N SER C 703 18.37 50.08 -4.30
CA SER C 703 16.98 50.18 -3.86
C SER C 703 16.10 50.92 -4.88
N VAL C 704 16.64 51.97 -5.47
CA VAL C 704 15.93 52.75 -6.50
C VAL C 704 15.87 51.97 -7.83
N VAL C 705 16.59 50.85 -7.89
CA VAL C 705 16.58 49.98 -9.07
C VAL C 705 15.29 49.15 -9.14
N TYR C 706 14.93 48.49 -8.04
CA TYR C 706 13.68 47.71 -7.97
C TYR C 706 12.46 48.64 -7.98
N ALA C 707 12.59 49.77 -7.31
CA ALA C 707 11.51 50.75 -7.17
C ALA C 707 10.91 51.18 -8.51
N THR C 708 11.75 51.18 -9.55
CA THR C 708 11.32 51.53 -10.91
C THR C 708 10.96 50.29 -11.71
N MET C 709 11.77 49.24 -11.56
CA MET C 709 11.62 48.01 -12.33
C MET C 709 10.35 47.24 -11.98
N SER C 710 9.76 47.59 -10.83
CA SER C 710 8.50 47.00 -10.38
C SER C 710 7.34 47.30 -11.32
N ASN C 711 7.47 48.36 -12.12
CA ASN C 711 6.42 48.76 -13.05
C ASN C 711 6.89 48.92 -14.49
N PHE C 712 7.15 47.78 -15.14
CA PHE C 712 7.53 47.74 -16.54
C PHE C 712 6.35 47.29 -17.40
N MET C 713 6.58 47.03 -18.68
CA MET C 713 5.52 46.63 -19.60
C MET C 713 5.10 45.17 -19.43
N LEU C 714 6.08 44.28 -19.31
CA LEU C 714 5.82 42.83 -19.31
C LEU C 714 5.81 42.18 -17.92
N ASN C 715 6.08 42.96 -16.89
CA ASN C 715 5.96 42.49 -15.50
C ASN C 715 4.54 42.81 -15.00
N PHE C 716 3.79 41.78 -14.62
CA PHE C 716 2.39 41.97 -14.24
C PHE C 716 1.89 41.25 -12.98
N THR C 717 2.15 39.95 -12.87
CA THR C 717 1.66 39.15 -11.74
C THR C 717 2.32 39.53 -10.42
N ASN C 718 1.50 39.57 -9.36
CA ASN C 718 1.96 39.94 -8.03
C ASN C 718 2.69 38.81 -7.34
N ASN C 719 3.97 39.04 -7.04
CA ASN C 719 4.82 38.08 -6.35
C ASN C 719 5.17 38.56 -4.93
N PHE C 720 4.32 39.45 -4.40
CA PHE C 720 4.49 40.07 -3.09
C PHE C 720 4.60 39.07 -1.94
N SER C 721 5.53 39.33 -1.02
CA SER C 721 5.75 38.47 0.14
C SER C 721 6.14 39.25 1.39
N GLY C 722 5.19 40.04 1.89
CA GLY C 722 5.41 40.84 3.10
C GLY C 722 4.66 40.29 4.30
N ASN C 723 4.07 39.12 4.14
CA ASN C 723 3.34 38.44 5.19
C ASN C 723 3.35 36.93 4.95
N HIS C 724 4.44 36.28 5.36
CA HIS C 724 4.63 34.85 5.14
C HIS C 724 3.57 33.99 5.81
N ALA C 725 2.84 34.57 6.77
CA ALA C 725 1.77 33.90 7.48
C ALA C 725 0.56 33.62 6.58
N THR C 726 0.27 34.54 5.67
CA THR C 726 -0.85 34.39 4.74
C THR C 726 -0.61 35.05 3.37
N PHE C 727 -0.36 34.20 2.36
CA PHE C 727 -0.22 34.63 0.96
C PHE C 727 -0.28 33.42 0.02
N LYS C 728 -1.07 33.56 -1.05
CA LYS C 728 -1.20 32.51 -2.08
C LYS C 728 -1.20 33.09 -3.52
N PRO C 729 -0.77 32.26 -4.51
CA PRO C 729 -0.71 32.61 -5.93
C PRO C 729 -2.00 33.12 -6.60
N ASP C 730 -3.14 32.51 -6.28
CA ASP C 730 -4.46 32.83 -6.88
C ASP C 730 -4.52 32.63 -8.42
N GLN C 731 -3.88 31.55 -8.88
CA GLN C 731 -3.73 31.23 -10.30
C GLN C 731 -5.04 31.17 -11.10
N TYR C 732 -4.92 31.47 -12.39
CA TYR C 732 -6.03 31.36 -13.33
C TYR C 732 -5.85 30.12 -14.22
N VAL C 733 -6.91 29.74 -14.92
CA VAL C 733 -6.87 28.57 -15.81
C VAL C 733 -7.65 28.81 -17.10
N ILE C 734 -7.13 28.26 -18.19
CA ILE C 734 -7.80 28.32 -19.48
C ILE C 734 -8.61 27.03 -19.67
N THR C 735 -9.93 27.15 -19.52
CA THR C 735 -10.84 26.00 -19.63
C THR C 735 -12.00 26.29 -20.59
N SER C 736 -12.32 25.30 -21.42
CA SER C 736 -13.49 25.37 -22.27
C SER C 736 -14.55 24.38 -21.76
N PRO C 737 -15.85 24.72 -21.94
CA PRO C 737 -16.92 23.78 -21.57
C PRO C 737 -16.91 22.51 -22.42
N GLU C 738 -16.16 22.53 -23.50
CA GLU C 738 -16.03 21.38 -24.40
C GLU C 738 -14.70 20.65 -24.17
N GLY C 739 -14.52 20.16 -22.95
CA GLY C 739 -13.37 19.31 -22.59
C GLY C 739 -11.99 19.82 -22.95
N SER C 740 -11.51 20.81 -22.20
CA SER C 740 -10.15 21.34 -22.35
C SER C 740 -9.65 21.93 -21.02
N TYR C 741 -8.35 21.80 -20.77
CA TYR C 741 -7.76 22.20 -19.50
C TYR C 741 -6.28 22.54 -19.62
N LYS C 742 -5.93 23.79 -19.31
CA LYS C 742 -4.54 24.27 -19.32
C LYS C 742 -4.31 25.33 -18.24
N PRO C 743 -3.45 25.03 -17.24
CA PRO C 743 -3.14 26.00 -16.19
C PRO C 743 -2.05 26.99 -16.59
N ILE C 744 -1.81 27.98 -15.74
CA ILE C 744 -0.75 28.97 -15.98
C ILE C 744 0.49 28.68 -15.13
N ILE C 745 0.27 28.14 -13.93
CA ILE C 745 1.37 27.63 -13.10
C ILE C 745 1.11 26.18 -12.67
N GLU C 746 2.13 25.34 -12.81
CA GLU C 746 2.00 23.89 -12.56
C GLU C 746 3.30 23.22 -12.11
N ARG C 747 3.16 22.04 -11.51
CA ARG C 747 4.30 21.26 -11.03
C ARG C 747 5.01 20.49 -12.14
N GLN C 748 6.33 20.65 -12.19
CA GLN C 748 7.21 19.95 -13.14
C GLN C 748 8.65 20.06 -12.67
N GLY C 749 9.49 19.13 -13.11
CA GLY C 749 10.92 19.18 -12.84
C GLY C 749 11.58 20.33 -13.58
N GLU C 750 12.91 20.43 -13.47
CA GLU C 750 13.67 21.48 -14.15
C GLU C 750 13.51 21.42 -15.67
N THR C 751 13.36 22.59 -16.28
CA THR C 751 13.25 22.71 -17.74
C THR C 751 14.65 22.73 -18.36
N VAL C 752 14.71 22.71 -19.69
CA VAL C 752 15.99 22.72 -20.42
C VAL C 752 16.64 24.11 -20.38
N ASP C 753 16.17 24.95 -19.46
CA ASP C 753 16.69 26.31 -19.29
C ASP C 753 16.75 26.70 -17.81
N GLY C 754 17.71 27.57 -17.48
CA GLY C 754 17.96 27.98 -16.10
C GLY C 754 16.96 28.96 -15.51
N LEU C 755 15.75 28.47 -15.27
CA LEU C 755 14.70 29.25 -14.61
C LEU C 755 14.12 28.48 -13.43
N THR C 756 14.29 27.16 -13.47
CA THR C 756 13.85 26.27 -12.39
C THR C 756 15.06 25.85 -11.55
N ILE C 757 14.81 25.45 -10.30
CA ILE C 757 15.85 25.16 -9.32
C ILE C 757 16.68 26.42 -9.01
N ILE C 758 16.21 27.18 -8.01
CA ILE C 758 16.88 28.40 -7.61
C ILE C 758 18.07 28.06 -6.72
N ASP C 759 19.26 28.48 -7.16
CA ASP C 759 20.48 28.28 -6.40
C ASP C 759 20.53 29.26 -5.23
N THR C 760 20.76 28.73 -4.04
CA THR C 760 20.79 29.52 -2.81
C THR C 760 22.21 29.92 -2.40
N SER C 761 23.20 29.38 -3.11
CA SER C 761 24.60 29.66 -2.81
C SER C 761 25.08 31.01 -3.38
N ILE C 762 24.22 31.66 -4.16
CA ILE C 762 24.53 32.96 -4.78
C ILE C 762 24.36 34.12 -3.78
N VAL C 763 24.94 33.97 -2.59
CA VAL C 763 24.84 34.97 -1.53
C VAL C 763 26.22 35.42 -1.05
N TRP C 764 27.16 34.49 -0.95
CA TRP C 764 28.52 34.78 -0.51
C TRP C 764 29.37 35.61 -1.50
N PRO C 765 29.16 35.42 -2.83
CA PRO C 765 29.90 36.25 -3.78
C PRO C 765 29.48 37.72 -3.73
N ILE C 766 28.20 37.97 -3.44
CA ILE C 766 27.66 39.33 -3.40
C ILE C 766 27.79 40.00 -2.02
N LEU C 767 28.71 39.47 -1.20
CA LEU C 767 29.01 40.04 0.11
C LEU C 767 30.52 40.25 0.23
N CYS C 768 31.26 39.78 -0.77
CA CYS C 768 32.73 39.79 -0.72
C CYS C 768 33.33 40.18 -2.07
N GLN C 769 33.18 39.31 -3.08
CA GLN C 769 33.73 39.56 -4.41
C GLN C 769 32.76 40.32 -5.31
N CYS C 770 32.42 41.55 -4.89
CA CYS C 770 31.57 42.42 -5.70
C CYS C 770 31.71 43.88 -5.26
N THR C 771 32.54 44.64 -5.98
CA THR C 771 32.63 46.07 -5.73
C THR C 771 31.40 46.75 -6.33
N TYR C 772 30.84 47.67 -5.56
CA TYR C 772 29.72 48.47 -6.02
C TYR C 772 30.27 49.79 -6.56
N PRO C 773 29.41 50.63 -7.18
CA PRO C 773 29.82 52.02 -7.39
C PRO C 773 30.02 52.71 -6.05
N LEU C 774 29.79 51.96 -4.97
CA LEU C 774 30.00 52.38 -3.57
C LEU C 774 29.20 53.63 -3.20
N VAL C 775 27.95 53.67 -3.66
CA VAL C 775 27.04 54.78 -3.41
C VAL C 775 25.58 54.34 -3.52
N GLU C 790 29.96 59.68 -12.55
CA GLU C 790 30.10 58.51 -11.69
C GLU C 790 28.85 57.64 -11.74
N ILE C 791 27.73 58.18 -11.22
CA ILE C 791 26.45 57.51 -11.26
C ILE C 791 25.87 57.57 -12.67
N VAL C 792 25.43 56.43 -13.19
CA VAL C 792 24.87 56.35 -14.53
C VAL C 792 23.37 56.03 -14.50
N TYR C 793 22.60 56.88 -15.17
CA TYR C 793 21.16 56.67 -15.33
C TYR C 793 20.89 56.09 -16.73
N PRO C 794 20.38 54.84 -16.79
CA PRO C 794 20.01 54.25 -18.07
C PRO C 794 18.82 54.97 -18.71
N ASP C 795 18.98 55.37 -19.96
CA ASP C 795 17.93 56.09 -20.69
C ASP C 795 16.71 55.20 -20.92
N PRO C 796 15.50 55.79 -20.89
CA PRO C 796 14.25 55.01 -20.95
C PRO C 796 13.94 54.38 -22.32
N SER C 797 14.64 54.84 -23.36
CA SER C 797 14.36 54.42 -24.73
C SER C 797 14.59 52.92 -25.00
N THR C 798 15.72 52.39 -24.52
CA THR C 798 16.13 51.03 -24.84
C THR C 798 15.29 49.91 -24.19
N THR C 799 14.47 50.27 -23.22
CA THR C 799 13.66 49.29 -22.48
C THR C 799 12.17 49.36 -22.84
N LEU C 800 11.69 50.57 -23.12
CA LEU C 800 10.29 50.79 -23.51
C LEU C 800 9.99 50.18 -24.87
N SER C 801 10.93 50.29 -25.80
CA SER C 801 10.80 49.72 -27.14
C SER C 801 11.13 48.23 -27.16
N GLN C 802 12.02 47.82 -26.25
CA GLN C 802 12.43 46.42 -26.11
C GLN C 802 11.24 45.51 -25.83
N SER C 803 10.41 45.90 -24.87
CA SER C 803 9.24 45.12 -24.47
C SER C 803 8.06 45.32 -25.43
N LEU C 804 8.04 46.46 -26.11
CA LEU C 804 6.99 46.78 -27.08
C LEU C 804 7.00 45.84 -28.28
N SER C 805 8.19 45.36 -28.62
CA SER C 805 8.39 44.42 -29.73
C SER C 805 8.21 42.97 -29.31
N VAL C 806 8.42 42.69 -28.03
CA VAL C 806 8.18 41.35 -27.47
C VAL C 806 6.68 41.12 -27.31
N ALA C 807 5.96 42.19 -26.99
CA ALA C 807 4.49 42.16 -26.93
C ALA C 807 3.88 42.04 -28.33
N GLN C 808 4.71 42.22 -29.35
CA GLN C 808 4.30 42.10 -30.74
C GLN C 808 4.41 40.66 -31.23
N VAL C 809 5.55 40.03 -30.93
CA VAL C 809 5.83 38.64 -31.32
C VAL C 809 4.76 37.68 -30.77
N LEU C 810 4.38 37.88 -29.52
CA LEU C 810 3.35 37.06 -28.87
C LEU C 810 1.99 37.19 -29.54
N SER C 811 1.55 38.42 -29.76
CA SER C 811 0.25 38.70 -30.37
C SER C 811 0.17 38.28 -31.85
N LYS C 812 1.34 38.14 -32.47
CA LYS C 812 1.43 37.76 -33.89
C LYS C 812 1.72 36.27 -34.05
N LEU C 813 2.23 35.64 -32.98
CA LEU C 813 2.52 34.20 -32.96
C LEU C 813 1.34 33.38 -32.44
N THR C 814 0.50 34.01 -31.61
CA THR C 814 -0.69 33.34 -31.07
C THR C 814 -1.92 33.51 -31.97
N LEU C 815 -1.75 34.27 -33.06
CA LEU C 815 -2.82 34.55 -34.01
C LEU C 815 -3.32 33.33 -34.82
N PRO C 816 -2.40 32.48 -35.32
CA PRO C 816 -2.84 31.32 -36.11
C PRO C 816 -3.74 30.35 -35.35
N ASP C 817 -3.27 29.83 -34.21
CA ASP C 817 -4.01 28.82 -33.44
C ASP C 817 -5.26 29.35 -32.75
N ALA C 818 -5.36 30.68 -32.62
CA ALA C 818 -6.57 31.31 -32.11
C ALA C 818 -7.60 31.47 -33.21
N PHE C 819 -7.14 31.36 -34.46
CA PHE C 819 -7.99 31.51 -35.64
C PHE C 819 -8.52 30.16 -36.13
N ILE C 820 -7.62 29.27 -36.54
CA ILE C 820 -7.99 27.94 -37.06
C ILE C 820 -8.74 27.11 -36.02
N ASN C 821 -8.44 27.36 -34.74
CA ASN C 821 -9.18 26.80 -33.62
C ASN C 821 -10.61 27.32 -33.54
N MET C 822 -10.77 28.61 -33.78
CA MET C 822 -12.08 29.29 -33.69
C MET C 822 -13.07 28.78 -34.74
N ILE C 823 -12.57 28.46 -35.93
CA ILE C 823 -13.41 27.99 -37.04
C ILE C 823 -14.11 26.66 -36.74
N LEU C 824 -13.34 25.68 -36.24
CA LEU C 824 -13.89 24.36 -35.91
C LEU C 824 -14.69 24.32 -34.60
N SER C 825 -15.16 25.49 -34.17
CA SER C 825 -15.95 25.61 -32.95
C SER C 825 -17.41 25.91 -33.25
N GLY C 826 -17.68 26.33 -34.48
CA GLY C 826 -19.01 26.77 -34.86
C GLY C 826 -19.32 28.08 -34.16
N GLY C 827 -20.11 28.00 -33.09
CA GLY C 827 -20.43 29.18 -32.29
C GLY C 827 -21.53 30.01 -32.91
N ASP C 828 -22.33 30.64 -32.06
CA ASP C 828 -23.43 31.51 -32.49
C ASP C 828 -24.36 30.78 -33.45
N SER C 829 -24.76 29.57 -33.03
CA SER C 829 -25.63 28.70 -33.80
C SER C 829 -26.24 27.70 -32.83
N VAL C 830 -27.02 26.74 -33.34
CA VAL C 830 -27.69 25.78 -32.47
C VAL C 830 -28.04 24.44 -33.13
N VAL C 831 -28.38 24.48 -34.42
CA VAL C 831 -28.96 23.33 -35.14
C VAL C 831 -30.19 22.78 -34.38
N MET C 832 -31.34 23.40 -34.62
CA MET C 832 -32.58 23.02 -33.94
C MET C 832 -33.61 22.45 -34.92
N ARG C 833 -34.64 21.82 -34.36
CA ARG C 833 -35.72 21.23 -35.16
C ARG C 833 -37.10 21.62 -34.60
N THR C 834 -38.05 21.83 -35.50
CA THR C 834 -39.40 22.27 -35.14
C THR C 834 -40.48 21.30 -35.59
N TYR C 835 -41.26 20.79 -34.64
CA TYR C 835 -42.34 19.85 -34.92
C TYR C 835 -43.66 20.59 -35.09
N GLN C 836 -44.31 20.37 -36.24
CA GLN C 836 -45.55 21.04 -36.59
C GLN C 836 -46.71 20.56 -35.71
N THR C 837 -47.25 21.45 -34.88
CA THR C 837 -48.37 21.13 -34.01
C THR C 837 -49.69 21.18 -34.81
N GLU C 838 -49.83 20.20 -35.71
CA GLU C 838 -50.90 20.16 -36.72
C GLU C 838 -51.34 21.56 -37.16
N ALA C 839 -52.63 21.90 -36.99
CA ALA C 839 -53.16 23.12 -37.61
C ALA C 839 -52.78 23.08 -39.09
N ASP C 840 -51.98 24.04 -39.56
CA ASP C 840 -51.61 24.09 -40.97
C ASP C 840 -50.11 23.97 -41.30
N ASP C 841 -49.30 23.55 -40.33
CA ASP C 841 -47.84 23.38 -40.51
C ASP C 841 -47.06 24.67 -40.83
N ASP C 842 -46.27 24.63 -41.91
CA ASP C 842 -45.49 25.75 -42.46
C ASP C 842 -43.98 25.55 -42.43
N LEU C 843 -43.54 24.36 -42.01
CA LEU C 843 -42.12 24.07 -41.78
C LEU C 843 -41.55 25.08 -40.77
N ASP C 844 -42.42 25.51 -39.86
CA ASP C 844 -42.13 26.56 -38.90
C ASP C 844 -43.09 26.41 -37.71
N GLU C 845 -42.95 27.31 -36.73
CA GLU C 845 -43.77 27.32 -35.51
C GLU C 845 -43.61 26.00 -34.74
N GLY C 846 -44.71 25.47 -34.23
CA GLY C 846 -44.68 24.25 -33.42
C GLY C 846 -43.92 24.47 -32.13
N ILE C 847 -42.85 23.71 -31.94
CA ILE C 847 -41.96 23.86 -30.78
C ILE C 847 -40.49 23.81 -31.21
N ARG C 848 -39.61 24.32 -30.36
CA ARG C 848 -38.19 24.41 -30.70
C ARG C 848 -37.31 23.52 -29.82
N MET C 849 -36.81 22.44 -30.42
CA MET C 849 -35.98 21.45 -29.73
C MET C 849 -34.49 21.66 -29.97
N THR C 850 -33.72 21.55 -28.89
CA THR C 850 -32.26 21.61 -28.95
C THR C 850 -31.68 20.56 -28.01
N THR C 851 -30.57 19.96 -28.38
CA THR C 851 -29.87 19.01 -27.51
C THR C 851 -29.23 19.73 -26.33
N TYR C 852 -29.15 19.04 -25.19
CA TYR C 852 -28.65 19.60 -23.93
C TYR C 852 -27.19 20.07 -24.03
N ASP C 853 -26.38 19.34 -24.79
CA ASP C 853 -24.96 19.65 -24.93
C ASP C 853 -24.70 20.94 -25.72
N GLN C 854 -25.55 21.20 -26.72
CA GLN C 854 -25.49 22.43 -27.50
C GLN C 854 -25.91 23.62 -26.64
N TYR C 855 -26.84 23.38 -25.71
CA TYR C 855 -27.29 24.38 -24.76
C TYR C 855 -26.17 24.83 -23.83
N LEU C 856 -25.51 23.87 -23.18
CA LEU C 856 -24.49 24.17 -22.17
C LEU C 856 -23.26 24.89 -22.71
N SER C 857 -22.95 24.64 -23.98
CA SER C 857 -21.76 25.21 -24.62
C SER C 857 -21.93 26.68 -24.97
N HIS C 858 -23.03 27.01 -25.65
CA HIS C 858 -23.27 28.35 -26.16
C HIS C 858 -24.14 29.18 -25.22
N ILE C 859 -25.31 28.65 -24.88
CA ILE C 859 -26.33 29.38 -24.12
C ILE C 859 -25.95 29.53 -22.64
N ARG C 860 -25.46 28.45 -22.03
CA ARG C 860 -25.22 28.44 -20.58
C ARG C 860 -24.07 29.32 -20.10
N GLU C 861 -22.97 29.36 -20.85
CA GLU C 861 -21.83 30.19 -20.47
C GLU C 861 -22.02 31.67 -20.83
N ARG C 862 -23.05 31.94 -21.64
CA ARG C 862 -23.35 33.30 -22.08
C ARG C 862 -24.38 34.00 -21.21
N LEU C 863 -25.44 33.28 -20.83
CA LEU C 863 -26.45 33.82 -19.93
C LEU C 863 -25.94 33.82 -18.48
N HIS C 864 -24.73 33.28 -18.30
CA HIS C 864 -24.10 33.16 -16.99
C HIS C 864 -23.29 34.40 -16.66
N ILE C 865 -22.84 35.10 -17.69
CA ILE C 865 -22.07 36.34 -17.55
C ILE C 865 -22.92 37.41 -16.85
N THR C 866 -24.17 37.55 -17.27
CA THR C 866 -25.12 38.43 -16.61
C THR C 866 -25.66 37.80 -15.32
N ASN C 867 -26.33 38.60 -14.49
CA ASN C 867 -26.82 38.16 -13.20
C ASN C 867 -28.26 37.67 -13.22
N VAL C 868 -28.56 36.72 -14.10
CA VAL C 868 -29.90 36.15 -14.22
C VAL C 868 -29.95 34.73 -13.67
N PRO C 869 -30.92 34.44 -12.78
CA PRO C 869 -31.10 33.09 -12.24
C PRO C 869 -31.30 32.07 -13.36
N ASP C 870 -30.59 30.95 -13.27
CA ASP C 870 -30.58 29.91 -14.31
C ASP C 870 -31.99 29.50 -14.76
N PRO C 871 -32.14 29.16 -16.07
CA PRO C 871 -33.45 28.82 -16.64
C PRO C 871 -34.24 27.83 -15.80
N ILE C 872 -35.52 28.13 -15.61
CA ILE C 872 -36.43 27.30 -14.81
C ILE C 872 -36.61 25.91 -15.44
N TYR C 873 -36.74 24.90 -14.60
CA TYR C 873 -37.02 23.55 -15.07
C TYR C 873 -38.48 23.41 -15.48
N ILE C 874 -38.72 22.70 -16.58
CA ILE C 874 -40.06 22.43 -17.05
C ILE C 874 -40.76 21.56 -16.01
N THR C 875 -42.00 21.90 -15.72
CA THR C 875 -42.76 21.22 -14.69
C THR C 875 -43.36 19.91 -15.21
N GLY C 876 -43.33 18.89 -14.36
CA GLY C 876 -44.08 17.66 -14.60
C GLY C 876 -45.55 18.01 -14.56
N ALA C 877 -45.92 18.85 -13.59
CA ALA C 877 -47.20 19.51 -13.57
C ALA C 877 -47.23 20.59 -14.66
N SER C 878 -48.39 21.20 -14.87
CA SER C 878 -48.50 22.26 -15.86
C SER C 878 -48.35 23.62 -15.21
N THR C 879 -47.44 24.42 -15.74
CA THR C 879 -47.32 25.82 -15.34
C THR C 879 -47.36 26.76 -16.54
N PRO C 880 -48.46 26.72 -17.33
CA PRO C 880 -48.56 27.59 -18.50
C PRO C 880 -48.72 29.05 -18.09
N ASP C 881 -48.78 29.29 -16.78
CA ASP C 881 -48.87 30.62 -16.20
C ASP C 881 -47.49 31.28 -16.10
N GLN C 882 -46.62 30.71 -15.27
CA GLN C 882 -45.32 31.33 -14.99
C GLN C 882 -44.15 30.86 -15.87
N ILE C 883 -44.44 30.01 -16.86
CA ILE C 883 -43.42 29.54 -17.81
C ILE C 883 -42.60 30.73 -18.35
N ALA C 884 -43.30 31.80 -18.73
CA ALA C 884 -42.66 33.00 -19.24
C ALA C 884 -42.32 34.03 -18.15
N ALA C 885 -42.98 33.91 -16.99
CA ALA C 885 -42.72 34.81 -15.87
C ALA C 885 -41.37 34.54 -15.21
N SER C 886 -41.03 33.26 -15.09
CA SER C 886 -39.71 32.83 -14.62
C SER C 886 -38.69 32.93 -15.75
N VAL C 887 -39.17 32.82 -16.98
CA VAL C 887 -38.35 33.02 -18.18
C VAL C 887 -38.10 34.51 -18.47
N GLN C 888 -38.94 35.36 -17.87
CA GLN C 888 -38.80 36.81 -17.98
C GLN C 888 -37.57 37.31 -17.22
N ALA C 889 -37.31 36.69 -16.07
CA ALA C 889 -36.13 37.02 -15.26
C ALA C 889 -34.83 36.62 -15.95
N THR C 890 -34.85 35.48 -16.63
CA THR C 890 -33.67 34.97 -17.33
C THR C 890 -33.46 35.62 -18.70
N HIS C 891 -34.57 35.94 -19.37
CA HIS C 891 -34.60 36.68 -20.65
C HIS C 891 -34.29 35.90 -21.93
N VAL C 892 -33.57 34.79 -21.81
CA VAL C 892 -33.19 33.98 -22.96
C VAL C 892 -34.41 33.29 -23.60
N ALA C 893 -35.41 32.97 -22.76
CA ALA C 893 -36.66 32.31 -23.16
C ALA C 893 -36.55 30.82 -23.43
N VAL C 894 -35.38 30.24 -23.15
CA VAL C 894 -35.22 28.78 -23.23
C VAL C 894 -35.60 28.14 -21.88
N VAL C 895 -36.30 27.02 -21.96
CA VAL C 895 -36.74 26.29 -20.77
C VAL C 895 -36.15 24.88 -20.76
N LEU C 896 -35.53 24.51 -19.65
CA LEU C 896 -34.96 23.17 -19.48
C LEU C 896 -36.03 22.13 -19.23
N TYR C 897 -36.11 21.14 -20.11
CA TYR C 897 -36.99 19.99 -19.90
C TYR C 897 -36.33 18.99 -18.94
N GLN C 898 -37.14 18.36 -18.10
CA GLN C 898 -36.65 17.33 -17.20
C GLN C 898 -37.46 16.04 -17.30
N SER C 899 -38.50 15.93 -16.46
CA SER C 899 -39.27 14.69 -16.37
C SER C 899 -40.78 14.94 -16.41
N GLY C 900 -41.52 13.88 -16.72
CA GLY C 900 -42.98 13.94 -16.78
C GLY C 900 -43.51 14.29 -18.15
N VAL C 901 -44.81 14.59 -18.20
CA VAL C 901 -45.49 14.93 -19.44
C VAL C 901 -45.95 16.39 -19.40
N ILE C 902 -45.69 17.14 -20.47
CA ILE C 902 -46.06 18.55 -20.56
C ILE C 902 -47.57 18.68 -20.76
N ASN C 903 -48.18 19.60 -20.00
CA ASN C 903 -49.62 19.84 -20.03
C ASN C 903 -50.14 20.30 -21.40
N GLY C 904 -51.43 20.08 -21.63
CA GLY C 904 -52.10 20.54 -22.84
C GLY C 904 -52.09 22.05 -23.01
N SER C 905 -52.27 22.78 -21.92
CA SER C 905 -52.22 24.24 -21.94
C SER C 905 -50.78 24.76 -21.98
N ALA C 906 -49.85 23.93 -21.51
CA ALA C 906 -48.42 24.24 -21.60
C ALA C 906 -47.84 23.81 -22.94
N SER C 907 -48.59 23.01 -23.69
CA SER C 907 -48.20 22.58 -25.03
C SER C 907 -48.41 23.70 -26.06
N THR C 908 -49.37 24.58 -25.78
CA THR C 908 -49.68 25.70 -26.68
C THR C 908 -49.00 27.00 -26.29
N TYR C 909 -48.65 27.14 -25.01
CA TYR C 909 -47.94 28.32 -24.50
C TYR C 909 -46.51 28.38 -25.04
N LEU C 910 -45.97 27.21 -25.39
CA LEU C 910 -44.63 27.08 -25.96
C LEU C 910 -44.61 27.45 -27.45
N ARG C 911 -45.71 27.15 -28.14
CA ARG C 911 -45.86 27.40 -29.56
C ARG C 911 -46.01 28.88 -29.89
N GLU C 912 -46.79 29.59 -29.08
CA GLU C 912 -47.14 30.99 -29.33
C GLU C 912 -46.04 31.99 -28.92
N ASN C 913 -45.40 31.72 -27.79
CA ASN C 913 -44.45 32.67 -27.19
C ASN C 913 -43.03 32.57 -27.76
N GLU C 914 -42.81 31.62 -28.66
CA GLU C 914 -41.50 31.38 -29.30
C GLU C 914 -40.41 30.93 -28.32
N VAL C 915 -40.83 30.30 -27.22
CA VAL C 915 -39.90 29.79 -26.22
C VAL C 915 -39.29 28.45 -26.66
N LEU C 916 -38.09 28.14 -26.16
CA LEU C 916 -37.33 26.97 -26.60
C LEU C 916 -37.23 25.90 -25.51
N VAL C 917 -37.13 24.64 -25.94
CA VAL C 917 -36.97 23.51 -25.02
C VAL C 917 -35.70 22.72 -25.31
N VAL C 918 -35.02 22.31 -24.25
CA VAL C 918 -33.81 21.49 -24.36
C VAL C 918 -33.97 20.13 -23.70
N MET C 919 -34.07 19.09 -24.53
CA MET C 919 -34.19 17.71 -24.05
C MET C 919 -32.82 17.03 -24.09
N PRO C 920 -32.53 16.17 -23.08
CA PRO C 920 -31.24 15.46 -23.02
C PRO C 920 -30.93 14.70 -24.31
N ASP C 921 -31.92 13.97 -24.83
CA ASP C 921 -31.81 13.25 -26.10
C ASP C 921 -33.21 12.94 -26.63
N TYR C 922 -33.42 13.21 -27.92
CA TYR C 922 -34.72 12.91 -28.53
C TYR C 922 -34.73 11.63 -29.37
N TYR C 923 -35.27 10.57 -28.78
CA TYR C 923 -35.63 9.36 -29.52
C TYR C 923 -36.99 9.64 -30.14
N ASP C 924 -37.82 10.34 -29.37
CA ASP C 924 -39.12 10.83 -29.80
C ASP C 924 -39.45 12.09 -29.01
N VAL C 925 -40.58 12.71 -29.33
CA VAL C 925 -41.13 13.81 -28.54
C VAL C 925 -42.57 13.52 -28.15
N VAL C 926 -43.09 12.39 -28.68
CA VAL C 926 -44.45 11.92 -28.42
C VAL C 926 -44.82 11.95 -26.94
N SER C 927 -44.04 11.24 -26.14
CA SER C 927 -44.33 11.03 -24.72
C SER C 927 -43.98 12.24 -23.84
N ARG C 928 -43.20 13.16 -24.39
CA ARG C 928 -42.70 14.33 -23.66
C ARG C 928 -43.82 15.31 -23.27
N PHE C 929 -44.87 15.36 -24.08
CA PHE C 929 -45.99 16.29 -23.86
C PHE C 929 -47.36 15.69 -24.17
N ALA C 930 -47.37 14.54 -24.85
CA ALA C 930 -48.59 13.88 -25.29
C ALA C 930 -49.49 14.80 -26.10
N ASN C 931 -49.15 14.97 -27.37
CA ASN C 931 -49.99 15.69 -28.32
C ASN C 931 -51.39 15.11 -28.31
N ALA C 932 -52.32 15.89 -27.75
CA ALA C 932 -53.65 15.38 -27.37
C ALA C 932 -54.59 15.05 -28.53
N ASN C 933 -54.98 16.08 -29.29
CA ASN C 933 -56.02 15.93 -30.31
C ASN C 933 -55.50 15.93 -31.75
N LEU C 934 -54.92 17.06 -32.16
CA LEU C 934 -54.30 17.22 -33.47
C LEU C 934 -53.11 16.27 -33.62
N GLN C 935 -52.62 16.08 -34.84
CA GLN C 935 -51.51 15.15 -35.06
C GLN C 935 -50.16 15.85 -35.15
N MET C 936 -49.29 15.57 -34.18
CA MET C 936 -48.03 16.32 -34.02
C MET C 936 -46.96 15.50 -33.31
N ASN C 937 -47.35 14.76 -32.28
CA ASN C 937 -46.42 14.02 -31.41
C ASN C 937 -45.20 13.43 -32.13
N ASN C 938 -45.43 12.85 -33.31
CA ASN C 938 -44.34 12.36 -34.17
C ASN C 938 -44.82 11.99 -35.57
N ASN C 939 -45.41 12.95 -36.27
CA ASN C 939 -45.93 12.70 -37.63
C ASN C 939 -45.46 13.74 -38.64
N ARG C 940 -46.06 14.92 -38.59
CA ARG C 940 -45.62 16.05 -39.41
C ARG C 940 -44.25 16.48 -38.91
N TYR C 941 -43.23 15.97 -39.59
CA TYR C 941 -41.87 15.99 -39.06
C TYR C 941 -41.19 17.34 -38.94
N HIS C 942 -39.98 17.30 -38.40
CA HIS C 942 -39.15 18.45 -38.13
C HIS C 942 -38.45 18.98 -39.38
N GLU C 943 -37.31 19.61 -39.16
CA GLU C 943 -36.43 20.14 -40.20
C GLU C 943 -35.05 20.44 -39.59
N SER C 944 -34.30 21.34 -40.23
CA SER C 944 -33.00 21.76 -39.72
C SER C 944 -32.72 23.23 -40.01
N VAL C 945 -32.50 24.00 -38.95
CA VAL C 945 -32.18 25.44 -39.05
C VAL C 945 -31.05 25.86 -38.10
N LEU C 946 -30.85 27.17 -37.99
CA LEU C 946 -29.81 27.75 -37.13
C LEU C 946 -30.36 28.96 -36.36
N GLU C 947 -29.75 29.28 -35.23
CA GLU C 947 -30.29 30.32 -34.32
C GLU C 947 -29.50 31.62 -34.21
N ILE C 948 -28.20 31.57 -34.48
CA ILE C 948 -27.32 32.76 -34.48
C ILE C 948 -27.27 33.51 -33.12
N ALA C 949 -27.85 32.91 -32.08
CA ALA C 949 -27.93 33.50 -30.73
C ALA C 949 -28.51 34.91 -30.70
N ASP C 950 -29.61 35.11 -31.43
CA ASP C 950 -30.27 36.41 -31.55
C ASP C 950 -31.24 36.68 -30.38
N ILE C 951 -31.40 35.68 -29.51
CA ILE C 951 -32.35 35.73 -28.40
C ILE C 951 -31.85 36.50 -27.17
N PHE C 952 -30.72 37.19 -27.32
CA PHE C 952 -30.09 37.91 -26.22
C PHE C 952 -30.33 39.42 -26.28
N ASP C 953 -29.93 40.04 -27.39
CA ASP C 953 -30.02 41.50 -27.60
C ASP C 953 -29.06 42.31 -26.71
N GLN C 954 -28.09 41.62 -26.11
CA GLN C 954 -27.01 42.26 -25.37
C GLN C 954 -25.77 42.36 -26.25
N ALA C 955 -25.26 43.57 -26.42
CA ALA C 955 -24.12 43.84 -27.29
C ALA C 955 -22.78 43.41 -26.68
N ASP C 956 -21.74 43.40 -27.51
CA ASP C 956 -20.35 43.03 -27.12
C ASP C 956 -20.10 41.52 -27.05
N PHE C 957 -21.14 40.74 -27.31
CA PHE C 957 -21.03 39.29 -27.32
C PHE C 957 -21.64 38.77 -28.61
N ILE C 958 -21.43 37.49 -28.90
CA ILE C 958 -21.95 36.85 -30.12
C ILE C 958 -21.50 37.53 -31.43
N GLN C 959 -20.25 38.01 -31.46
CA GLN C 959 -19.73 38.78 -32.61
C GLN C 959 -19.88 38.04 -33.93
N THR C 960 -19.45 36.77 -33.95
CA THR C 960 -19.56 35.93 -35.13
C THR C 960 -21.02 35.61 -35.44
N SER C 961 -21.32 35.31 -36.71
CA SER C 961 -22.69 35.06 -37.13
C SER C 961 -22.91 33.61 -37.56
N ASP C 962 -23.99 33.38 -38.30
CA ASP C 962 -24.37 32.06 -38.81
C ASP C 962 -23.29 31.42 -39.67
N ALA C 963 -22.74 32.20 -40.60
CA ALA C 963 -21.95 31.68 -41.72
C ALA C 963 -20.70 30.87 -41.36
N VAL C 964 -20.10 31.13 -40.20
CA VAL C 964 -18.91 30.39 -39.76
C VAL C 964 -19.19 28.89 -39.57
N ARG C 965 -20.37 28.55 -39.07
CA ARG C 965 -20.77 27.16 -38.86
C ARG C 965 -20.86 26.38 -40.17
N GLN C 966 -21.42 27.03 -41.19
CA GLN C 966 -21.58 26.45 -42.52
C GLN C 966 -20.23 26.05 -43.15
N LEU C 967 -19.23 26.89 -42.91
CA LEU C 967 -17.87 26.65 -43.39
C LEU C 967 -17.22 25.47 -42.66
N ARG C 968 -17.52 25.34 -41.37
CA ARG C 968 -16.98 24.28 -40.52
C ARG C 968 -17.45 22.89 -40.95
N ALA C 969 -18.76 22.73 -41.14
CA ALA C 969 -19.35 21.47 -41.56
C ALA C 969 -19.22 21.27 -43.08
N LEU C 970 -17.98 21.21 -43.54
CA LEU C 970 -17.66 21.06 -44.96
C LEU C 970 -16.35 20.30 -45.13
N MET C 971 -15.43 20.52 -44.19
CA MET C 971 -14.13 19.85 -44.17
C MET C 971 -14.21 18.50 -43.45
N PRO C 972 -13.25 17.59 -43.72
CA PRO C 972 -13.21 16.34 -42.95
C PRO C 972 -12.82 16.57 -41.49
N THR C 973 -13.29 15.67 -40.62
CA THR C 973 -13.02 15.77 -39.18
C THR C 973 -11.53 15.66 -38.88
N LEU C 974 -10.98 16.70 -38.27
CA LEU C 974 -9.54 16.79 -38.01
C LEU C 974 -9.16 16.16 -36.69
N SER C 975 -8.14 15.30 -36.74
CA SER C 975 -7.59 14.67 -35.54
C SER C 975 -6.61 15.60 -34.84
N THR C 976 -6.19 15.22 -33.63
CA THR C 976 -5.29 16.02 -32.80
C THR C 976 -4.00 16.41 -33.52
N SER C 977 -3.34 15.43 -34.13
CA SER C 977 -2.08 15.65 -34.84
C SER C 977 -2.27 16.47 -36.12
N GLN C 978 -3.45 16.34 -36.74
CA GLN C 978 -3.79 17.11 -37.93
C GLN C 978 -4.01 18.59 -37.60
N ILE C 979 -4.69 18.85 -36.49
CA ILE C 979 -4.93 20.20 -36.00
C ILE C 979 -3.61 20.89 -35.64
N ARG C 980 -2.73 20.15 -34.97
CA ARG C 980 -1.40 20.64 -34.61
C ARG C 980 -0.58 21.00 -35.86
N HIS C 981 -0.67 20.15 -36.88
CA HIS C 981 -0.01 20.39 -38.17
C HIS C 981 -0.59 21.61 -38.88
N ALA C 982 -1.92 21.74 -38.86
CA ALA C 982 -2.62 22.83 -39.53
C ALA C 982 -2.32 24.20 -38.91
N ILE C 983 -2.16 24.21 -37.59
CA ILE C 983 -1.78 25.41 -36.84
C ILE C 983 -0.37 25.86 -37.25
N GLU C 984 0.53 24.89 -37.33
CA GLU C 984 1.93 25.12 -37.68
C GLU C 984 2.11 25.70 -39.09
N ARG C 985 1.36 25.15 -40.05
CA ARG C 985 1.46 25.54 -41.46
C ARG C 985 1.03 26.99 -41.72
N ILE C 986 -0.13 27.37 -41.17
CA ILE C 986 -0.65 28.74 -41.29
C ILE C 986 0.28 29.76 -40.60
N ALA C 987 0.93 29.31 -39.51
CA ALA C 987 1.85 30.15 -38.76
C ALA C 987 3.13 30.45 -39.53
N GLN C 988 3.66 29.45 -40.22
CA GLN C 988 4.95 29.58 -40.93
C GLN C 988 4.83 30.16 -42.34
N ILE C 989 3.60 30.25 -42.86
CA ILE C 989 3.35 30.89 -44.16
C ILE C 989 3.45 32.42 -44.03
N THR C 990 3.36 32.89 -42.79
CA THR C 990 3.51 34.32 -42.47
C THR C 990 4.78 34.57 -41.65
N ASP C 991 5.79 33.75 -41.91
CA ASP C 991 7.15 33.88 -41.32
C ASP C 991 7.29 33.55 -39.84
N VAL C 992 6.47 34.17 -38.99
CA VAL C 992 6.57 34.00 -37.53
C VAL C 992 6.59 32.52 -37.12
N ASP C 993 7.79 32.03 -36.83
CA ASP C 993 8.01 30.60 -36.60
C ASP C 993 7.66 30.17 -35.18
N SER C 994 7.26 28.91 -35.05
CA SER C 994 7.01 28.29 -33.76
C SER C 994 8.02 27.19 -33.53
N THR C 995 9.13 27.53 -32.88
CA THR C 995 10.19 26.57 -32.55
C THR C 995 9.61 25.48 -31.64
N ASP C 996 8.95 25.90 -30.58
CA ASP C 996 8.19 25.02 -29.70
C ASP C 996 6.83 25.66 -29.47
N TYR C 997 5.77 24.85 -29.47
CA TYR C 997 4.41 25.37 -29.22
C TYR C 997 3.52 24.34 -28.55
N GLY C 998 3.04 24.67 -27.36
CA GLY C 998 2.19 23.76 -26.57
C GLY C 998 2.97 22.61 -25.96
N LYS C 999 4.12 22.29 -26.58
CA LYS C 999 4.99 21.22 -26.12
C LYS C 999 5.88 21.67 -24.96
N LEU C 1000 5.85 20.89 -23.89
CA LEU C 1000 6.71 21.13 -22.72
C LEU C 1000 7.93 20.21 -22.76
N THR C 1001 9.10 20.79 -22.50
CA THR C 1001 10.35 20.04 -22.55
C THR C 1001 11.03 20.00 -21.18
N LEU C 1002 10.88 18.87 -20.48
CA LEU C 1002 11.63 18.61 -19.27
C LEU C 1002 12.95 17.95 -19.65
N ARG C 1003 14.01 18.28 -18.93
CA ARG C 1003 15.36 17.83 -19.27
C ARG C 1003 15.60 16.36 -18.91
N PHE C 1004 14.79 15.81 -18.02
CA PHE C 1004 14.91 14.40 -17.63
C PHE C 1004 13.81 13.49 -18.20
N LEU C 1005 13.11 13.98 -19.22
CA LEU C 1005 12.07 13.20 -19.89
C LEU C 1005 12.20 13.26 -21.42
N GLY C 1006 12.59 14.42 -21.93
CA GLY C 1006 12.77 14.62 -23.36
C GLY C 1006 11.93 15.77 -23.90
N THR C 1007 10.90 15.43 -24.68
CA THR C 1007 10.01 16.41 -25.29
C THR C 1007 8.58 15.90 -25.45
N LEU C 1008 7.74 16.21 -24.47
CA LEU C 1008 6.33 15.83 -24.49
C LEU C 1008 5.48 16.91 -25.17
N THR C 1009 4.47 16.47 -25.90
CA THR C 1009 3.60 17.39 -26.65
C THR C 1009 2.14 17.28 -26.23
N ARG C 1010 1.51 18.43 -26.03
CA ARG C 1010 0.08 18.49 -25.73
C ARG C 1010 -0.73 18.73 -27.00
N SER C 1011 -2.06 18.74 -26.86
CA SER C 1011 -2.96 19.12 -27.95
C SER C 1011 -3.11 20.63 -27.98
N LEU C 1012 -3.71 21.15 -29.05
CA LEU C 1012 -3.92 22.59 -29.20
C LEU C 1012 -5.37 22.95 -29.56
N LYS C 1013 -6.29 22.00 -29.33
CA LYS C 1013 -7.69 22.19 -29.70
C LYS C 1013 -8.61 22.58 -28.54
N MET C 1014 -8.54 23.85 -28.14
CA MET C 1014 -9.51 24.42 -27.22
C MET C 1014 -10.75 24.88 -27.99
N GLN C 1015 -11.72 25.45 -27.30
CA GLN C 1015 -12.94 25.94 -27.95
C GLN C 1015 -13.32 27.33 -27.46
N ASN C 1016 -14.22 27.38 -26.48
CA ASN C 1016 -14.63 28.62 -25.85
C ASN C 1016 -13.87 28.75 -24.53
N ALA C 1017 -12.55 28.85 -24.65
CA ALA C 1017 -11.66 28.91 -23.50
C ALA C 1017 -11.78 30.25 -22.77
N GLN C 1018 -12.60 30.25 -21.72
CA GLN C 1018 -12.83 31.44 -20.92
C GLN C 1018 -11.95 31.40 -19.69
N ILE C 1019 -10.81 32.11 -19.75
CA ILE C 1019 -9.88 32.19 -18.64
C ILE C 1019 -10.61 32.51 -17.34
N ARG C 1020 -10.64 31.53 -16.46
CA ARG C 1020 -11.35 31.65 -15.20
C ARG C 1020 -10.49 31.18 -14.04
N ARG C 1021 -10.88 31.58 -12.83
CA ARG C 1021 -10.09 31.28 -11.64
C ARG C 1021 -10.29 29.88 -11.09
N ILE C 1022 -9.18 29.24 -10.72
CA ILE C 1022 -9.19 27.89 -10.15
C ILE C 1022 -9.15 27.95 -8.63
N ARG C 1023 -10.04 27.18 -8.00
CA ARG C 1023 -10.05 27.01 -6.55
C ARG C 1023 -9.00 25.95 -6.18
N PRO C 1024 -8.47 25.99 -4.94
CA PRO C 1024 -7.40 25.09 -4.49
C PRO C 1024 -7.52 23.61 -4.89
N ASP C 1025 -8.74 23.08 -4.95
CA ASP C 1025 -8.96 21.66 -5.23
C ASP C 1025 -8.64 21.30 -6.68
N GLY C 1026 -8.79 22.26 -7.58
CA GLY C 1026 -8.56 22.06 -9.02
C GLY C 1026 -9.84 22.15 -9.81
N THR C 1027 -10.75 23.01 -9.35
CA THR C 1027 -12.07 23.18 -9.97
C THR C 1027 -12.21 24.61 -10.47
N VAL C 1028 -12.86 24.78 -11.61
CA VAL C 1028 -13.22 26.11 -12.10
C VAL C 1028 -14.20 26.70 -11.10
N LEU C 1029 -14.00 27.98 -10.76
CA LEU C 1029 -14.92 28.66 -9.85
C LEU C 1029 -16.07 29.23 -10.66
N ARG C 1030 -16.13 30.57 -10.73
CA ARG C 1030 -17.15 31.26 -11.47
C ARG C 1030 -16.79 32.74 -11.53
N TYR C 1031 -17.78 33.58 -11.84
CA TYR C 1031 -17.52 35.02 -11.94
C TYR C 1031 -17.99 35.78 -10.72
N ASP C 1032 -17.07 35.96 -9.77
CA ASP C 1032 -17.28 36.80 -8.60
C ASP C 1032 -16.45 38.08 -8.73
N ASP C 1033 -17.11 39.15 -9.18
CA ASP C 1033 -16.46 40.44 -9.41
C ASP C 1033 -15.85 41.02 -8.13
N GLN C 1034 -14.92 41.95 -8.31
CA GLN C 1034 -14.13 42.55 -7.21
C GLN C 1034 -12.96 41.64 -6.82
N ILE C 1035 -12.78 40.56 -7.58
CA ILE C 1035 -11.70 39.59 -7.35
C ILE C 1035 -10.98 39.24 -8.66
N ASP C 1036 -11.63 39.48 -9.80
CA ASP C 1036 -11.14 38.96 -11.09
C ASP C 1036 -11.15 39.90 -12.31
N ILE C 1037 -11.12 41.22 -12.06
CA ILE C 1037 -10.95 42.25 -13.12
C ILE C 1037 -12.03 42.21 -14.23
N GLU C 1038 -11.77 42.93 -15.33
CA GLU C 1038 -12.71 43.03 -16.45
C GLU C 1038 -12.16 42.43 -17.75
N ALA C 1039 -10.84 42.27 -17.82
CA ALA C 1039 -10.18 41.74 -19.01
C ALA C 1039 -10.48 40.26 -19.27
N PHE C 1040 -10.89 39.55 -18.21
CA PHE C 1040 -11.15 38.11 -18.28
C PHE C 1040 -12.64 37.76 -18.36
N ARG C 1041 -13.47 38.72 -18.75
CA ARG C 1041 -14.92 38.52 -18.79
C ARG C 1041 -15.34 37.59 -19.93
N TRP C 1042 -15.01 37.97 -21.16
CA TRP C 1042 -15.18 37.12 -22.33
C TRP C 1042 -13.74 36.70 -22.72
N SER C 1043 -13.23 36.84 -23.96
CA SER C 1043 -13.92 37.09 -25.22
C SER C 1043 -13.21 36.20 -26.22
N ARG C 1044 -13.74 36.09 -27.44
CA ARG C 1044 -13.00 35.41 -28.51
C ARG C 1044 -11.64 36.07 -28.63
N TYR C 1045 -10.59 35.27 -28.51
CA TYR C 1045 -9.22 35.76 -28.60
C TYR C 1045 -8.98 36.41 -29.96
N PHE C 1046 -9.04 37.74 -29.98
CA PHE C 1046 -8.84 38.54 -31.19
C PHE C 1046 -8.52 40.00 -30.84
N LEU C 1047 -7.92 40.71 -31.79
CA LEU C 1047 -7.46 42.09 -31.57
C LEU C 1047 -8.61 43.10 -31.51
N ASP C 1048 -9.30 43.11 -30.36
CA ASP C 1048 -10.41 44.02 -30.09
C ASP C 1048 -11.36 44.22 -31.26
N GLU C 1049 -11.67 45.48 -31.56
CA GLU C 1049 -12.58 45.85 -32.64
C GLU C 1049 -12.00 45.50 -34.01
N LEU C 1050 -10.70 45.73 -34.18
CA LEU C 1050 -10.08 45.66 -35.51
C LEU C 1050 -10.25 44.32 -36.23
N ARG C 1051 -9.94 43.22 -35.55
CA ARG C 1051 -10.08 41.89 -36.16
C ARG C 1051 -11.52 41.43 -36.32
N LEU C 1052 -12.33 41.66 -35.29
CA LEU C 1052 -13.73 41.23 -35.29
C LEU C 1052 -14.56 41.94 -36.36
N ARG C 1053 -14.26 43.20 -36.61
CA ARG C 1053 -14.92 43.97 -37.65
C ARG C 1053 -14.43 43.58 -39.04
N ARG C 1054 -13.16 43.21 -39.13
CA ARG C 1054 -12.56 42.80 -40.40
C ARG C 1054 -13.01 41.40 -40.79
N LEU C 1055 -13.03 40.50 -39.81
CA LEU C 1055 -13.46 39.12 -40.02
C LEU C 1055 -14.94 39.05 -40.41
N SER C 1056 -15.75 39.90 -39.79
CA SER C 1056 -17.20 39.94 -40.01
C SER C 1056 -17.57 40.18 -41.48
N VAL C 1057 -16.87 41.13 -42.10
CA VAL C 1057 -17.10 41.47 -43.51
C VAL C 1057 -16.50 40.41 -44.44
N GLY C 1058 -15.28 39.98 -44.12
CA GLY C 1058 -14.55 38.98 -44.92
C GLY C 1058 -15.16 37.60 -44.91
N LEU C 1059 -15.92 37.29 -43.87
CA LEU C 1059 -16.61 36.01 -43.74
C LEU C 1059 -17.75 35.87 -44.76
N ARG C 1060 -18.30 37.01 -45.18
CA ARG C 1060 -19.44 37.04 -46.10
C ARG C 1060 -19.07 36.77 -47.56
N LEU C 1061 -17.84 37.11 -47.94
CA LEU C 1061 -17.30 36.80 -49.26
C LEU C 1061 -17.07 35.30 -49.41
N ILE C 1062 -16.72 34.67 -48.28
CA ILE C 1062 -16.44 33.23 -48.22
C ILE C 1062 -17.68 32.36 -48.44
N THR C 1063 -18.82 32.84 -47.96
CA THR C 1063 -20.08 32.10 -48.04
C THR C 1063 -21.02 32.64 -49.13
N ASN C 1064 -20.44 33.15 -50.21
CA ASN C 1064 -21.19 33.77 -51.30
C ASN C 1064 -21.40 32.83 -52.49
N PRO C 1065 -22.65 32.76 -53.01
CA PRO C 1065 -22.98 31.90 -54.16
C PRO C 1065 -22.46 32.42 -55.51
N ARG C 1066 -21.15 32.65 -55.57
CA ARG C 1066 -20.44 33.03 -56.79
C ARG C 1066 -18.97 32.61 -56.72
N ILE C 1067 -18.53 32.33 -55.49
CA ILE C 1067 -17.16 31.89 -55.21
C ILE C 1067 -17.10 30.36 -55.16
N ALA C 1068 -18.11 29.75 -54.55
CA ALA C 1068 -18.20 28.30 -54.46
C ALA C 1068 -18.43 27.66 -55.83
N ARG C 1069 -17.33 27.26 -56.47
CA ARG C 1069 -17.37 26.69 -57.81
C ARG C 1069 -16.82 25.26 -57.83
N ARG C 1070 -17.32 24.44 -56.91
CA ARG C 1070 -16.98 23.02 -56.84
C ARG C 1070 -18.26 22.20 -56.90
N PHE C 1071 -18.85 22.17 -58.09
CA PHE C 1071 -20.14 21.52 -58.34
C PHE C 1071 -20.06 20.00 -58.14
N ASP C 1072 -21.13 19.42 -57.63
CA ASP C 1072 -21.15 17.98 -57.30
C ASP C 1072 -22.04 17.15 -58.22
N GLY C 1073 -21.60 15.92 -58.50
CA GLY C 1073 -22.37 14.95 -59.28
C GLY C 1073 -22.42 15.22 -60.77
N VAL C 1074 -22.62 14.14 -61.53
CA VAL C 1074 -22.76 14.22 -62.99
C VAL C 1074 -23.72 13.13 -63.48
N ARG C 1075 -24.73 13.53 -64.27
CA ARG C 1075 -25.62 12.56 -64.89
C ARG C 1075 -25.12 12.20 -66.28
N ILE C 1076 -25.13 10.91 -66.58
CA ILE C 1076 -24.59 10.39 -67.83
C ILE C 1076 -25.70 9.74 -68.68
N MET C 1077 -25.93 10.34 -69.85
CA MET C 1077 -26.98 9.89 -70.77
C MET C 1077 -26.46 9.93 -72.21
N TYR C 1078 -27.21 9.33 -73.14
CA TYR C 1078 -26.77 9.22 -74.53
C TYR C 1078 -27.76 9.78 -75.56
N LEU C 1079 -28.53 10.81 -75.18
CA LEU C 1079 -29.27 11.56 -76.19
C LEU C 1079 -28.27 12.38 -76.98
N THR C 1080 -28.57 12.61 -78.26
CA THR C 1080 -27.65 13.32 -79.12
C THR C 1080 -28.34 14.52 -79.75
N ASP C 1081 -28.00 15.70 -79.27
CA ASP C 1081 -28.60 16.93 -79.78
C ASP C 1081 -27.58 18.06 -79.85
N ASP C 1082 -27.01 18.38 -78.68
CA ASP C 1082 -26.18 19.58 -78.52
C ASP C 1082 -27.08 20.79 -78.38
N ASP C 1083 -26.57 21.84 -77.75
CA ASP C 1083 -27.37 23.01 -77.44
C ASP C 1083 -26.48 24.25 -77.45
N PRO C 1084 -27.07 25.45 -77.66
CA PRO C 1084 -26.30 26.69 -77.59
C PRO C 1084 -25.39 26.82 -76.35
N ASP C 1085 -25.98 26.83 -75.15
CA ASP C 1085 -25.22 27.08 -73.92
C ASP C 1085 -24.76 25.80 -73.18
N PRO C 1086 -23.84 25.94 -72.21
CA PRO C 1086 -23.56 24.82 -71.31
C PRO C 1086 -24.69 24.61 -70.31
N ASP C 1087 -24.39 23.96 -69.19
CA ASP C 1087 -25.34 23.72 -68.09
C ASP C 1087 -26.78 23.35 -68.51
N PHE C 1088 -26.88 22.48 -69.52
CA PHE C 1088 -28.16 22.02 -70.04
C PHE C 1088 -28.47 20.63 -69.48
N VAL C 1089 -29.25 20.59 -68.41
CA VAL C 1089 -29.64 19.34 -67.77
C VAL C 1089 -30.76 18.69 -68.59
N PRO C 1090 -30.47 17.54 -69.22
CA PRO C 1090 -31.51 16.87 -69.99
C PRO C 1090 -32.39 16.04 -69.06
N ASP C 1091 -33.60 16.53 -68.81
CA ASP C 1091 -34.55 15.90 -67.91
C ASP C 1091 -34.82 14.44 -68.28
N VAL C 1092 -34.99 13.60 -67.26
CA VAL C 1092 -35.33 12.19 -67.46
C VAL C 1092 -36.64 12.06 -68.24
N PRO C 1093 -36.65 11.20 -69.28
CA PRO C 1093 -37.82 10.99 -70.15
C PRO C 1093 -39.12 10.64 -69.41
N GLU C 1094 -40.24 10.79 -70.12
CA GLU C 1094 -41.59 10.66 -69.54
C GLU C 1094 -41.82 9.46 -68.61
N GLY C 1095 -41.56 8.25 -69.10
CA GLY C 1095 -41.89 7.04 -68.34
C GLY C 1095 -40.72 6.11 -68.11
N TYR C 1096 -40.19 6.16 -66.89
CA TYR C 1096 -39.00 5.37 -66.51
C TYR C 1096 -39.19 4.73 -65.13
N VAL C 1097 -38.49 3.62 -64.91
CA VAL C 1097 -38.43 2.99 -63.59
C VAL C 1097 -37.08 3.30 -62.92
N ALA C 1098 -37.14 4.06 -61.83
CA ALA C 1098 -35.95 4.49 -61.11
C ALA C 1098 -35.47 3.40 -60.14
N VAL C 1099 -34.38 2.74 -60.50
CA VAL C 1099 -33.81 1.69 -59.67
C VAL C 1099 -32.56 2.17 -58.93
N GLN C 1100 -32.45 1.78 -57.66
CA GLN C 1100 -31.28 2.09 -56.86
C GLN C 1100 -30.18 1.08 -57.15
N TYR C 1101 -29.00 1.59 -57.51
CA TYR C 1101 -27.86 0.72 -57.81
C TYR C 1101 -27.43 -0.06 -56.58
N ALA C 1102 -27.30 -1.37 -56.76
CA ALA C 1102 -26.83 -2.26 -55.72
C ALA C 1102 -25.63 -3.07 -56.20
N HIS C 1103 -24.89 -3.62 -55.26
CA HIS C 1103 -23.74 -4.47 -55.56
C HIS C 1103 -24.19 -5.92 -55.65
N ARG C 1104 -25.46 -6.11 -56.04
CA ARG C 1104 -26.13 -7.41 -55.99
C ARG C 1104 -26.97 -7.67 -57.24
N LEU C 1105 -27.62 -6.62 -57.75
CA LEU C 1105 -28.52 -6.75 -58.91
C LEU C 1105 -27.81 -7.14 -60.22
N PHE C 1106 -26.49 -6.99 -60.25
CA PHE C 1106 -25.68 -7.49 -61.36
C PHE C 1106 -25.05 -8.84 -61.00
N SER C 1107 -25.53 -9.89 -61.65
CA SER C 1107 -25.05 -11.25 -61.41
C SER C 1107 -24.47 -11.87 -62.68
N SER C 1108 -23.60 -12.85 -62.51
CA SER C 1108 -22.97 -13.55 -63.63
C SER C 1108 -23.60 -14.94 -63.82
N SER C 1109 -24.20 -15.14 -65.00
CA SER C 1109 -24.84 -16.42 -65.33
C SER C 1109 -24.70 -16.75 -66.81
N LEU C 1110 -24.82 -18.05 -67.11
CA LEU C 1110 -24.70 -18.56 -68.47
C LEU C 1110 -25.95 -18.27 -69.30
N ALA C 1111 -25.73 -17.73 -70.49
CA ALA C 1111 -26.77 -17.57 -71.50
C ALA C 1111 -26.24 -18.15 -72.80
N ASN C 1112 -27.12 -18.73 -73.61
CA ASN C 1112 -26.74 -19.40 -74.86
C ASN C 1112 -25.51 -20.32 -74.74
N LYS C 1113 -24.38 -19.90 -75.29
CA LYS C 1113 -23.17 -20.73 -75.31
C LYS C 1113 -21.98 -20.13 -74.55
N ARG C 1114 -22.23 -19.09 -73.76
CA ARG C 1114 -21.15 -18.41 -73.03
C ARG C 1114 -21.57 -17.69 -71.74
N ASN C 1115 -20.58 -17.37 -70.92
CA ASN C 1115 -20.79 -16.64 -69.66
C ASN C 1115 -20.91 -15.13 -69.87
N ARG C 1116 -21.96 -14.55 -69.30
CA ARG C 1116 -22.27 -13.14 -69.48
C ARG C 1116 -22.70 -12.46 -68.19
N VAL C 1117 -22.40 -11.17 -68.07
CA VAL C 1117 -22.87 -10.35 -66.95
C VAL C 1117 -24.33 -9.94 -67.17
N THR C 1118 -25.18 -10.31 -66.23
CA THR C 1118 -26.63 -10.14 -66.38
C THR C 1118 -27.23 -9.17 -65.37
N TYR C 1119 -28.16 -8.35 -65.85
CA TYR C 1119 -28.95 -7.45 -65.01
C TYR C 1119 -30.09 -8.24 -64.37
N THR C 1120 -30.63 -7.73 -63.26
CA THR C 1120 -31.80 -8.33 -62.64
C THR C 1120 -32.76 -7.23 -62.22
N HIS C 1121 -33.89 -7.15 -62.92
CA HIS C 1121 -34.89 -6.12 -62.69
C HIS C 1121 -35.53 -6.28 -61.31
N PRO C 1122 -35.36 -5.28 -60.42
CA PRO C 1122 -35.88 -5.36 -59.06
C PRO C 1122 -37.42 -5.53 -58.92
N PRO C 1123 -38.22 -4.75 -59.68
CA PRO C 1123 -39.67 -4.92 -59.51
C PRO C 1123 -40.27 -6.18 -60.15
N THR C 1124 -39.61 -6.75 -61.16
CA THR C 1124 -40.17 -7.90 -61.86
C THR C 1124 -39.33 -9.19 -61.81
N GLY C 1125 -38.06 -9.06 -61.39
CA GLY C 1125 -37.16 -10.20 -61.24
C GLY C 1125 -36.92 -10.97 -62.52
N MET C 1126 -36.07 -10.44 -63.38
CA MET C 1126 -35.84 -11.01 -64.71
C MET C 1126 -34.35 -11.22 -65.02
N ALA C 1127 -34.04 -11.51 -66.28
CA ALA C 1127 -32.68 -11.86 -66.69
C ALA C 1127 -31.99 -10.80 -67.56
N TYR C 1128 -32.27 -10.82 -68.86
CA TYR C 1128 -31.62 -9.95 -69.85
C TYR C 1128 -30.09 -10.09 -69.82
N PRO C 1129 -29.57 -11.13 -70.51
CA PRO C 1129 -28.15 -11.47 -70.47
C PRO C 1129 -27.31 -10.76 -71.54
N SER C 1130 -27.86 -9.70 -72.11
CA SER C 1130 -27.18 -8.95 -73.17
C SER C 1130 -27.56 -7.47 -73.12
N PRO C 1131 -26.61 -6.57 -73.43
CA PRO C 1131 -26.88 -5.12 -73.44
C PRO C 1131 -27.80 -4.68 -74.58
N THR C 1132 -29.08 -5.05 -74.49
CA THR C 1132 -30.10 -4.65 -75.46
C THR C 1132 -31.33 -4.11 -74.71
N GLY C 1133 -32.52 -4.55 -75.08
CA GLY C 1133 -33.73 -4.18 -74.34
C GLY C 1133 -33.60 -4.63 -72.90
N ARG C 1134 -33.85 -3.72 -71.96
CA ARG C 1134 -33.61 -4.03 -70.54
C ARG C 1134 -34.84 -4.33 -69.67
N PRO C 1135 -35.89 -3.48 -69.70
CA PRO C 1135 -36.07 -2.24 -70.45
C PRO C 1135 -35.40 -1.07 -69.73
N HIS C 1136 -35.32 0.07 -70.42
CA HIS C 1136 -34.70 1.28 -69.90
C HIS C 1136 -35.07 1.62 -68.45
N VAL C 1137 -34.07 2.05 -67.69
CA VAL C 1137 -34.24 2.40 -66.28
C VAL C 1137 -33.52 3.71 -65.96
N HIS C 1138 -33.67 4.19 -64.73
CA HIS C 1138 -32.96 5.37 -64.25
C HIS C 1138 -32.02 5.00 -63.11
N MET C 1139 -30.77 4.71 -63.45
CA MET C 1139 -29.74 4.28 -62.49
C MET C 1139 -29.25 5.43 -61.61
N THR C 1140 -28.68 5.05 -60.47
CA THR C 1140 -28.10 6.01 -59.51
C THR C 1140 -26.96 5.40 -58.69
N ILE C 1141 -25.74 5.59 -59.18
CA ILE C 1141 -24.55 5.06 -58.50
C ILE C 1141 -24.11 6.00 -57.39
N ASN C 1142 -23.93 5.46 -56.19
CA ASN C 1142 -23.42 6.20 -55.04
C ASN C 1142 -21.99 5.80 -54.71
N GLU C 1143 -21.77 4.49 -54.59
CA GLU C 1143 -20.44 3.94 -54.39
C GLU C 1143 -19.85 3.53 -55.72
N ARG C 1144 -19.04 4.42 -56.28
CA ARG C 1144 -18.32 4.14 -57.53
C ARG C 1144 -16.90 3.67 -57.20
N ALA C 1145 -16.79 2.88 -56.13
CA ALA C 1145 -15.51 2.38 -55.65
C ALA C 1145 -15.34 0.88 -55.91
N GLY C 1146 -16.16 0.08 -55.24
CA GLY C 1146 -16.08 -1.39 -55.34
C GLY C 1146 -16.77 -1.97 -56.56
N MET C 1147 -17.27 -1.09 -57.43
CA MET C 1147 -17.99 -1.48 -58.65
C MET C 1147 -17.18 -2.43 -59.54
N SER C 1148 -15.86 -2.19 -59.60
CA SER C 1148 -14.90 -3.01 -60.37
C SER C 1148 -15.17 -3.05 -61.89
N LYS C 1149 -14.36 -3.82 -62.60
CA LYS C 1149 -14.47 -3.92 -64.06
C LYS C 1149 -15.57 -4.90 -64.51
N LEU C 1150 -15.74 -5.02 -65.83
CA LEU C 1150 -16.81 -5.82 -66.45
C LEU C 1150 -18.20 -5.25 -66.19
N VAL C 1151 -18.49 -4.98 -64.91
CA VAL C 1151 -19.75 -4.36 -64.50
C VAL C 1151 -19.75 -2.87 -64.84
N ALA C 1152 -18.57 -2.25 -64.77
CA ALA C 1152 -18.38 -0.84 -65.14
C ALA C 1152 -18.59 -0.61 -66.63
N ASP C 1153 -18.64 -1.70 -67.40
CA ASP C 1153 -18.83 -1.64 -68.84
C ASP C 1153 -20.29 -1.91 -69.24
N ASN C 1154 -20.94 -2.85 -68.55
CA ASN C 1154 -22.34 -3.18 -68.79
C ASN C 1154 -23.25 -2.00 -68.50
N ILE C 1155 -22.83 -1.15 -67.57
CA ILE C 1155 -23.48 0.12 -67.27
C ILE C 1155 -23.22 1.13 -68.40
N ILE C 1156 -21.97 1.24 -68.83
CA ILE C 1156 -21.57 2.21 -69.86
C ILE C 1156 -21.89 1.74 -71.29
N ALA C 1157 -22.46 0.54 -71.40
CA ALA C 1157 -22.89 0.00 -72.69
C ALA C 1157 -24.41 0.03 -72.85
N SER C 1158 -25.13 -0.21 -71.75
CA SER C 1158 -26.59 -0.18 -71.74
C SER C 1158 -27.15 1.24 -71.89
N VAL C 1159 -26.31 2.23 -71.56
CA VAL C 1159 -26.66 3.64 -71.79
C VAL C 1159 -26.66 3.97 -73.28
N ILE C 1160 -25.80 3.30 -74.03
CA ILE C 1160 -25.63 3.54 -75.47
C ILE C 1160 -26.61 2.72 -76.30
N LYS C 1161 -26.73 1.43 -75.98
CA LYS C 1161 -27.46 0.48 -76.82
C LYS C 1161 -28.85 0.12 -76.28
N SER C 1162 -29.34 0.88 -75.30
CA SER C 1162 -30.65 0.65 -74.70
C SER C 1162 -31.30 1.91 -74.15
N ASN C 1163 -30.57 3.02 -74.20
CA ASN C 1163 -31.01 4.32 -73.69
C ASN C 1163 -31.24 4.35 -72.18
N TRP C 1164 -30.27 3.85 -71.43
CA TRP C 1164 -30.29 3.91 -69.97
C TRP C 1164 -29.84 5.29 -69.48
N VAL C 1165 -30.49 5.77 -68.42
CA VAL C 1165 -30.08 7.02 -67.78
C VAL C 1165 -29.35 6.69 -66.49
N VAL C 1166 -28.02 6.82 -66.53
CA VAL C 1166 -27.17 6.50 -65.38
C VAL C 1166 -26.88 7.78 -64.58
N ASP C 1167 -26.11 7.64 -63.49
CA ASP C 1167 -25.84 8.74 -62.57
C ASP C 1167 -24.59 8.45 -61.73
N ILE C 1168 -23.88 9.51 -61.34
CA ILE C 1168 -22.73 9.41 -60.44
C ILE C 1168 -22.84 10.48 -59.35
N HIS C 1169 -22.10 10.33 -58.25
CA HIS C 1169 -22.15 11.29 -57.14
C HIS C 1169 -20.81 11.68 -56.53
N ASP C 1170 -19.99 10.68 -56.20
CA ASP C 1170 -18.69 10.91 -55.56
C ASP C 1170 -17.72 11.71 -56.44
N ILE C 1171 -17.96 11.69 -57.74
CA ILE C 1171 -17.19 12.48 -58.69
C ILE C 1171 -17.29 13.97 -58.37
N GLU C 1172 -16.14 14.60 -58.20
CA GLU C 1172 -16.08 16.05 -57.99
C GLU C 1172 -15.23 16.71 -59.07
N TYR C 1173 -15.71 17.84 -59.56
CA TYR C 1173 -15.13 18.48 -60.74
C TYR C 1173 -15.28 20.00 -60.69
N THR C 1174 -14.34 20.69 -61.33
CA THR C 1174 -14.41 22.15 -61.47
C THR C 1174 -14.64 22.54 -62.94
N ALA C 1175 -15.81 23.11 -63.21
CA ALA C 1175 -16.24 23.42 -64.56
C ALA C 1175 -15.94 24.87 -64.96
N GLU C 1176 -15.50 25.04 -66.20
CA GLU C 1176 -15.29 26.37 -66.78
C GLU C 1176 -15.73 26.40 -68.25
N VAL C 1177 -16.57 27.38 -68.58
CA VAL C 1177 -17.14 27.52 -69.92
C VAL C 1177 -16.07 27.73 -71.00
N MET C 1178 -16.34 27.23 -72.20
CA MET C 1178 -15.39 27.33 -73.31
C MET C 1178 -16.02 27.92 -74.57
N THR C 1179 -15.35 28.91 -75.13
CA THR C 1179 -15.77 29.59 -76.37
C THR C 1179 -15.94 28.61 -77.54
N PRO C 1180 -16.96 28.82 -78.40
CA PRO C 1180 -17.24 27.97 -79.57
C PRO C 1180 -16.03 27.76 -80.48
N SER C 1181 -15.37 28.86 -80.86
CA SER C 1181 -14.13 28.81 -81.64
C SER C 1181 -12.99 28.34 -80.74
N GLU C 1182 -11.91 27.84 -81.37
CA GLU C 1182 -10.76 27.26 -80.65
C GLU C 1182 -11.03 25.82 -80.19
N GLY C 1183 -12.29 25.51 -79.87
CA GLY C 1183 -12.71 24.15 -79.54
C GLY C 1183 -12.24 23.64 -78.20
N TYR C 1184 -12.16 22.31 -78.08
CA TYR C 1184 -11.70 21.66 -76.86
C TYR C 1184 -10.18 21.59 -76.82
N THR C 1185 -9.63 21.51 -75.60
CA THR C 1185 -8.19 21.41 -75.38
C THR C 1185 -7.81 20.10 -74.70
N GLN C 1186 -8.77 19.52 -73.99
CA GLN C 1186 -8.57 18.30 -73.21
C GLN C 1186 -9.82 17.42 -73.27
N HIS C 1187 -9.63 16.14 -73.58
CA HIS C 1187 -10.74 15.19 -73.59
C HIS C 1187 -10.50 13.92 -72.77
N VAL C 1188 -11.45 13.67 -71.87
CA VAL C 1188 -11.42 12.49 -70.98
C VAL C 1188 -12.19 11.32 -71.59
N ASP C 1189 -12.17 10.18 -70.89
CA ASP C 1189 -12.81 8.96 -71.36
C ASP C 1189 -13.90 8.48 -70.40
N ALA C 1190 -14.85 7.70 -70.93
CA ALA C 1190 -15.96 7.15 -70.15
C ALA C 1190 -15.55 5.96 -69.27
N GLU C 1191 -14.36 5.41 -69.52
CA GLU C 1191 -13.83 4.32 -68.70
C GLU C 1191 -13.13 4.86 -67.44
N SER C 1192 -12.54 6.04 -67.57
CA SER C 1192 -11.81 6.70 -66.47
C SER C 1192 -12.76 7.38 -65.50
N ILE C 1193 -13.96 7.70 -65.98
CA ILE C 1193 -15.00 8.33 -65.15
C ILE C 1193 -15.65 7.30 -64.21
N MET C 1194 -15.20 6.04 -64.31
CA MET C 1194 -15.68 4.95 -63.47
C MET C 1194 -14.60 4.40 -62.54
N THR C 1195 -13.39 4.96 -62.63
CA THR C 1195 -12.25 4.49 -61.83
C THR C 1195 -11.51 5.62 -61.10
N ALA C 1196 -11.95 6.85 -61.30
CA ALA C 1196 -11.36 8.02 -60.66
C ALA C 1196 -11.43 7.92 -59.14
N PRO C 1197 -10.30 8.16 -58.44
CA PRO C 1197 -10.27 8.13 -56.99
C PRO C 1197 -11.30 9.09 -56.35
N LYS C 1198 -11.86 8.67 -55.22
CA LYS C 1198 -12.96 9.37 -54.56
C LYS C 1198 -12.75 10.87 -54.31
N GLY C 1199 -11.56 11.24 -53.83
CA GLY C 1199 -11.29 12.62 -53.43
C GLY C 1199 -10.42 13.42 -54.37
N LYS C 1200 -10.19 12.92 -55.58
CA LYS C 1200 -9.36 13.61 -56.56
C LYS C 1200 -10.21 14.37 -57.57
N LEU C 1201 -10.30 15.69 -57.41
CA LEU C 1201 -11.13 16.52 -58.27
C LEU C 1201 -10.41 16.94 -59.55
N PHE C 1202 -10.88 16.41 -60.68
CA PHE C 1202 -10.39 16.81 -62.00
C PHE C 1202 -11.34 17.84 -62.63
N HIS C 1203 -10.82 18.63 -63.57
CA HIS C 1203 -11.66 19.57 -64.28
C HIS C 1203 -12.04 19.04 -65.66
N LEU C 1204 -13.31 19.19 -66.02
CA LEU C 1204 -13.80 18.81 -67.33
C LEU C 1204 -14.59 19.96 -67.96
N GLN C 1205 -14.04 20.51 -69.03
CA GLN C 1205 -14.56 21.73 -69.64
C GLN C 1205 -15.86 21.53 -70.43
N PHE C 1206 -16.75 22.51 -70.33
CA PHE C 1206 -18.02 22.49 -71.05
C PHE C 1206 -18.04 23.53 -72.16
N MET C 1207 -18.52 23.10 -73.33
CA MET C 1207 -18.56 23.94 -74.51
C MET C 1207 -19.76 24.89 -74.50
N ASP C 1208 -19.52 26.11 -74.94
CA ASP C 1208 -20.58 27.09 -75.15
C ASP C 1208 -21.08 26.90 -76.59
N GLY C 1209 -21.14 27.98 -77.36
CA GLY C 1209 -21.56 27.93 -78.74
C GLY C 1209 -22.76 28.80 -79.09
N LEU C 1210 -23.04 29.79 -78.25
CA LEU C 1210 -24.14 30.72 -78.48
C LEU C 1210 -23.83 31.65 -79.67
N LEU C 1211 -22.58 32.10 -79.75
CA LEU C 1211 -22.14 32.97 -80.85
C LEU C 1211 -21.26 32.22 -81.85
N ARG C 1212 -21.90 31.60 -82.83
CA ARG C 1212 -21.22 30.85 -83.87
C ARG C 1212 -21.96 31.00 -85.20
N PRO C 1213 -21.30 31.62 -86.20
CA PRO C 1213 -21.92 31.84 -87.51
C PRO C 1213 -22.22 30.54 -88.24
N GLU C 1214 -23.47 30.39 -88.67
CA GLU C 1214 -23.93 29.18 -89.37
C GLU C 1214 -23.36 29.07 -90.80
N PRO C 1215 -23.37 27.84 -91.37
CA PRO C 1215 -22.76 27.63 -92.68
C PRO C 1215 -23.48 28.31 -93.84
N SER C 1216 -22.77 28.49 -94.95
CA SER C 1216 -23.33 29.07 -96.17
C SER C 1216 -24.31 28.11 -96.84
N ALA C 1217 -25.18 28.66 -97.68
CA ALA C 1217 -26.24 27.88 -98.35
C ALA C 1217 -25.69 26.77 -99.25
N PHE C 1218 -24.54 27.01 -99.88
CA PHE C 1218 -23.91 26.02 -100.75
C PHE C 1218 -22.71 25.36 -100.08
N ASP C 1219 -22.89 24.11 -99.65
CA ASP C 1219 -21.83 23.29 -99.04
C ASP C 1219 -22.27 21.83 -98.88
N PRO C 1220 -21.31 20.90 -98.70
CA PRO C 1220 -21.65 19.49 -98.47
C PRO C 1220 -22.48 19.25 -97.21
N PRO C 1221 -23.47 18.34 -97.28
CA PRO C 1221 -24.33 17.96 -96.16
C PRO C 1221 -23.61 17.10 -95.11
N ALA C 1222 -24.39 16.48 -94.21
CA ALA C 1222 -23.83 15.66 -93.13
C ALA C 1222 -24.51 14.29 -93.00
N SER C 1223 -23.90 13.40 -92.24
CA SER C 1223 -24.42 12.04 -92.04
C SER C 1223 -24.26 11.53 -90.61
N GLY C 1224 -25.40 11.33 -89.94
CA GLY C 1224 -25.49 10.77 -88.59
C GLY C 1224 -24.47 11.30 -87.61
N GLU C 1225 -24.65 12.55 -87.17
CA GLU C 1225 -23.64 13.15 -86.30
C GLU C 1225 -23.98 13.41 -84.83
N ASP C 1226 -23.15 14.26 -84.22
CA ASP C 1226 -22.64 14.08 -82.84
C ASP C 1226 -23.53 13.59 -81.69
N MET C 1227 -22.87 12.77 -80.88
CA MET C 1227 -23.42 12.15 -79.68
C MET C 1227 -22.62 12.65 -78.48
N ARG C 1228 -23.31 13.25 -77.51
CA ARG C 1228 -22.66 13.75 -76.30
C ARG C 1228 -23.05 12.88 -75.10
N LEU C 1229 -22.06 12.58 -74.26
CA LEU C 1229 -22.20 11.50 -73.28
C LEU C 1229 -22.30 11.94 -71.81
N ILE C 1230 -22.03 13.22 -71.52
CA ILE C 1230 -22.04 13.73 -70.13
C ILE C 1230 -22.84 15.03 -69.94
N TYR C 1231 -23.36 15.21 -68.72
CA TYR C 1231 -24.17 16.39 -68.36
C TYR C 1231 -24.07 16.79 -66.88
N PRO C 1232 -23.80 18.09 -66.61
CA PRO C 1232 -23.83 18.60 -65.25
C PRO C 1232 -25.27 18.84 -64.79
N LEU C 1233 -25.52 18.70 -63.49
CA LEU C 1233 -26.85 18.93 -62.93
C LEU C 1233 -26.80 19.90 -61.74
N GLN C 1234 -26.46 21.15 -62.04
CA GLN C 1234 -26.21 22.15 -60.99
C GLN C 1234 -27.13 23.39 -60.98
N PRO C 1235 -27.01 24.30 -61.98
CA PRO C 1235 -26.14 24.33 -63.16
C PRO C 1235 -24.76 24.92 -62.89
N ILE C 1236 -23.85 24.77 -63.86
CA ILE C 1236 -22.43 25.11 -63.67
C ILE C 1236 -22.04 26.56 -64.03
N SER C 1237 -23.00 27.47 -63.96
CA SER C 1237 -22.74 28.88 -64.29
C SER C 1237 -23.23 29.82 -63.19
N VAL C 1238 -22.30 30.22 -62.32
CA VAL C 1238 -22.60 31.13 -61.21
C VAL C 1238 -22.05 32.54 -61.45
N ALA C 1239 -20.91 32.62 -62.14
CA ALA C 1239 -20.32 33.89 -62.52
C ALA C 1239 -20.74 34.25 -63.93
N ARG C 1240 -21.51 35.33 -64.07
CA ARG C 1240 -22.04 35.73 -65.38
C ARG C 1240 -21.94 37.22 -65.65
N SER C 1241 -22.73 38.02 -64.91
CA SER C 1241 -22.86 39.47 -65.14
C SER C 1241 -23.51 39.76 -66.49
N MET C 1242 -22.78 39.51 -67.58
CA MET C 1242 -23.30 39.69 -68.94
C MET C 1242 -22.72 38.66 -69.91
N ARG C 1243 -23.45 38.37 -70.98
CA ARG C 1243 -23.09 37.30 -71.91
C ARG C 1243 -23.34 37.68 -73.37
N ALA C 1244 -22.37 37.35 -74.22
CA ALA C 1244 -22.44 37.53 -75.68
C ALA C 1244 -22.91 38.92 -76.12
N ILE C 1245 -22.01 39.89 -76.03
CA ILE C 1245 -22.34 41.28 -76.35
C ILE C 1245 -22.23 41.59 -77.85
N VAL C 1246 -23.02 40.87 -78.64
CA VAL C 1246 -23.12 41.06 -80.09
C VAL C 1246 -24.58 41.24 -80.45
N ASN C 1247 -24.88 42.16 -81.37
CA ASN C 1247 -26.25 42.39 -81.82
C ASN C 1247 -26.72 41.43 -82.92
N HIS C 1248 -28.01 41.09 -82.85
CA HIS C 1248 -28.66 40.27 -83.87
C HIS C 1248 -29.43 41.20 -84.81
N ASN C 1249 -29.55 40.81 -86.08
CA ASN C 1249 -30.13 41.66 -87.11
C ASN C 1249 -29.52 43.06 -87.06
N GLU C 1250 -30.20 43.97 -86.37
CA GLU C 1250 -29.63 45.28 -86.08
C GLU C 1250 -30.17 45.95 -84.80
N VAL C 1251 -31.34 45.55 -84.33
CA VAL C 1251 -31.97 46.21 -83.17
C VAL C 1251 -32.53 45.30 -82.06
N ASP C 1252 -32.16 44.02 -82.06
CA ASP C 1252 -32.69 43.08 -81.06
C ASP C 1252 -31.65 42.14 -80.45
N ARG C 1253 -31.95 41.63 -79.25
CA ARG C 1253 -31.07 40.69 -78.56
C ARG C 1253 -31.03 39.31 -79.23
N PRO C 1254 -29.85 38.69 -79.29
CA PRO C 1254 -29.75 37.29 -79.71
C PRO C 1254 -30.36 36.38 -78.65
N ARG C 1255 -31.06 35.34 -79.10
CA ARG C 1255 -31.76 34.43 -78.20
C ARG C 1255 -30.83 33.80 -77.16
N GLY C 1256 -31.00 34.23 -75.90
CA GLY C 1256 -30.27 33.67 -74.78
C GLY C 1256 -29.07 34.48 -74.31
N ALA C 1257 -29.15 35.80 -74.41
CA ALA C 1257 -28.08 36.69 -73.97
C ALA C 1257 -28.54 37.57 -72.81
N VAL C 1258 -27.66 37.78 -71.83
CA VAL C 1258 -27.99 38.54 -70.64
C VAL C 1258 -27.21 39.85 -70.50
N ALA C 1259 -27.84 40.82 -69.82
CA ALA C 1259 -27.24 42.13 -69.56
C ALA C 1259 -26.86 42.24 -68.08
N PRO C 1260 -25.99 43.21 -67.72
CA PRO C 1260 -25.60 43.38 -66.31
C PRO C 1260 -26.76 43.78 -65.41
N SER C 1261 -26.74 43.30 -64.17
CA SER C 1261 -27.82 43.52 -63.21
C SER C 1261 -27.78 44.91 -62.59
N SER C 1262 -28.95 45.40 -62.19
CA SER C 1262 -29.10 46.74 -61.60
C SER C 1262 -28.58 46.82 -60.18
N TYR C 1263 -27.57 46.02 -59.85
CA TYR C 1263 -26.96 46.04 -58.53
C TYR C 1263 -25.49 46.46 -58.56
N GLU C 1264 -24.77 45.98 -59.57
CA GLU C 1264 -23.38 46.41 -59.78
C GLU C 1264 -23.33 47.76 -60.51
N MET C 1265 -24.48 48.44 -60.56
CA MET C 1265 -24.61 49.75 -61.20
C MET C 1265 -25.37 50.73 -60.30
N ASP C 1266 -25.13 50.64 -59.00
CA ASP C 1266 -25.77 51.51 -58.02
C ASP C 1266 -24.84 51.86 -56.87
N THR C 1267 -24.23 53.04 -56.95
CA THR C 1267 -23.40 53.55 -55.86
C THR C 1267 -24.33 54.19 -54.81
N GLY C 1268 -24.38 53.56 -53.65
CA GLY C 1268 -25.25 54.02 -52.58
C GLY C 1268 -24.69 55.21 -51.81
N THR C 1269 -25.09 55.31 -50.55
CA THR C 1269 -24.61 56.35 -49.65
C THR C 1269 -24.09 55.67 -48.38
N LEU C 1270 -23.34 56.41 -47.58
CA LEU C 1270 -22.89 55.89 -46.29
C LEU C 1270 -24.06 55.74 -45.31
N SER C 1271 -23.91 54.83 -44.36
CA SER C 1271 -24.94 54.58 -43.34
C SER C 1271 -25.16 55.84 -42.50
N ARG C 1272 -26.16 55.80 -41.62
CA ARG C 1272 -26.41 56.91 -40.70
C ARG C 1272 -25.19 57.16 -39.81
N ASN C 1273 -24.28 56.20 -39.78
CA ASN C 1273 -23.07 56.29 -38.97
C ASN C 1273 -21.81 55.64 -39.57
N GLY C 1274 -21.92 54.39 -40.02
CA GLY C 1274 -20.75 53.55 -40.28
C GLY C 1274 -20.40 53.14 -41.70
N ASP C 1275 -21.21 52.26 -42.28
CA ASP C 1275 -20.84 51.56 -43.52
C ASP C 1275 -21.56 52.07 -44.79
N LEU C 1276 -21.98 51.13 -45.64
CA LEU C 1276 -22.55 51.46 -46.95
C LEU C 1276 -24.02 51.05 -47.06
N LEU C 1277 -24.78 51.84 -47.82
CA LEU C 1277 -26.21 51.60 -48.07
C LEU C 1277 -26.52 51.43 -49.55
N TYR C 1278 -27.81 51.31 -49.88
CA TYR C 1278 -28.24 51.09 -51.26
C TYR C 1278 -28.91 52.31 -51.93
N SER C 1279 -30.20 52.23 -52.20
CA SER C 1279 -30.85 53.20 -53.08
C SER C 1279 -31.29 54.53 -52.42
N PRO C 1280 -32.38 54.55 -51.62
CA PRO C 1280 -33.36 53.51 -51.26
C PRO C 1280 -34.48 53.35 -52.30
N VAL C 1281 -35.05 52.14 -52.36
CA VAL C 1281 -36.04 51.80 -53.39
C VAL C 1281 -37.39 52.51 -53.15
N ALA C 1282 -38.13 52.71 -54.26
CA ALA C 1282 -39.45 53.36 -54.25
C ALA C 1282 -39.43 54.75 -53.62
N VAL C 1286 -35.05 53.83 -44.58
CA VAL C 1286 -35.18 52.91 -45.71
C VAL C 1286 -33.87 52.84 -46.49
N GLY C 1287 -33.52 51.65 -46.95
CA GLY C 1287 -32.29 51.42 -47.69
C GLY C 1287 -31.45 50.36 -47.01
N ILE C 1288 -31.62 49.12 -47.46
CA ILE C 1288 -30.87 47.98 -46.93
C ILE C 1288 -29.36 48.19 -47.00
N PRO C 1289 -28.62 47.78 -45.95
CA PRO C 1289 -27.15 47.87 -45.97
C PRO C 1289 -26.56 47.08 -47.13
N LYS C 1290 -25.39 47.49 -47.61
CA LYS C 1290 -24.75 46.86 -48.77
C LYS C 1290 -24.47 45.37 -48.59
N LEU C 1291 -24.16 44.97 -47.36
CA LEU C 1291 -23.98 43.56 -47.02
C LEU C 1291 -25.34 42.87 -46.81
N GLU C 1292 -25.30 41.57 -46.55
CA GLU C 1292 -26.50 40.73 -46.29
C GLU C 1292 -27.64 40.77 -47.31
N VAL C 1293 -27.39 41.37 -48.48
CA VAL C 1293 -28.35 41.43 -49.58
C VAL C 1293 -27.99 40.43 -50.69
N ASP C 1294 -26.68 40.19 -50.85
CA ASP C 1294 -26.14 39.03 -51.59
C ASP C 1294 -25.62 39.27 -53.02
N HIS C 1295 -25.54 40.53 -53.46
CA HIS C 1295 -25.08 40.81 -54.82
C HIS C 1295 -23.84 41.69 -54.84
N ILE C 1296 -22.90 41.37 -55.72
CA ILE C 1296 -21.70 42.18 -55.91
C ILE C 1296 -22.06 43.55 -56.49
N SER C 1297 -21.31 44.58 -56.10
CA SER C 1297 -21.55 45.93 -56.57
C SER C 1297 -20.26 46.74 -56.61
N PHE C 1298 -20.37 48.01 -57.02
CA PHE C 1298 -19.22 48.89 -57.11
C PHE C 1298 -19.55 50.27 -56.52
N SER C 1299 -19.19 50.45 -55.25
CA SER C 1299 -19.59 51.63 -54.47
C SER C 1299 -18.42 52.55 -54.10
N ASN C 1300 -18.60 53.37 -53.07
CA ASN C 1300 -17.65 54.42 -52.71
C ASN C 1300 -16.82 54.15 -51.45
N VAL C 1301 -15.74 54.93 -51.29
CA VAL C 1301 -14.86 54.82 -50.12
C VAL C 1301 -14.55 56.18 -49.49
N VAL C 1302 -13.57 56.20 -48.59
CA VAL C 1302 -13.11 57.41 -47.90
C VAL C 1302 -11.58 57.45 -47.89
N SER C 1303 -11.01 58.52 -48.44
CA SER C 1303 -9.55 58.66 -48.58
C SER C 1303 -9.02 59.98 -48.01
N MET C 1304 -7.71 60.18 -48.13
CA MET C 1304 -7.05 61.43 -47.71
C MET C 1304 -5.83 61.77 -48.59
N MET C 1305 -5.14 62.87 -48.29
CA MET C 1305 -4.10 63.40 -49.19
C MET C 1305 -2.65 63.14 -48.79
N THR C 1306 -2.36 63.21 -47.49
CA THR C 1306 -0.99 63.16 -46.98
C THR C 1306 -0.31 61.78 -47.09
N ALA C 1307 1.01 61.78 -46.98
CA ALA C 1307 1.78 60.55 -46.81
C ALA C 1307 1.80 60.14 -45.34
N ASN C 1308 1.30 61.04 -44.49
CA ASN C 1308 1.11 60.83 -43.04
C ASN C 1308 2.38 60.76 -42.19
N ILE C 1309 3.29 59.87 -42.54
CA ILE C 1309 4.50 59.63 -41.74
C ILE C 1309 5.54 60.76 -41.94
N ARG C 1310 5.33 61.58 -42.95
CA ARG C 1310 6.24 62.71 -43.21
C ARG C 1310 5.64 64.06 -42.82
N THR C 1311 6.26 64.68 -41.82
CA THR C 1311 6.00 66.06 -41.46
C THR C 1311 7.35 66.77 -41.36
N GLY C 1312 8.42 65.98 -41.54
CA GLY C 1312 9.79 66.45 -41.37
C GLY C 1312 10.17 66.50 -39.90
N ASP C 1313 9.39 65.80 -39.08
CA ASP C 1313 9.55 65.84 -37.62
C ASP C 1313 9.21 64.51 -36.95
N ASP C 1314 9.24 64.54 -35.62
CA ASP C 1314 8.81 63.43 -34.76
C ASP C 1314 8.83 63.97 -33.33
N MET C 1315 8.09 63.33 -32.44
CA MET C 1315 8.07 63.74 -31.03
C MET C 1315 9.49 63.81 -30.48
N ALA C 1316 9.92 65.02 -30.13
CA ALA C 1316 11.25 65.25 -29.59
C ALA C 1316 11.17 65.74 -28.15
N VAL C 1317 11.53 64.85 -27.22
CA VAL C 1317 11.43 65.14 -25.79
C VAL C 1317 12.79 65.08 -25.10
N GLU C 1318 13.02 65.97 -24.14
CA GLU C 1318 14.21 65.88 -23.31
C GLU C 1318 13.85 65.37 -21.93
N ARG C 1319 14.84 64.79 -21.25
CA ARG C 1319 14.67 64.29 -19.92
C ARG C 1319 15.83 64.78 -19.08
N VAL C 1320 15.52 65.34 -17.92
CA VAL C 1320 16.56 65.78 -17.00
C VAL C 1320 16.65 64.79 -15.84
N ASN C 1321 17.87 64.31 -15.62
CA ASN C 1321 18.14 63.34 -14.55
C ASN C 1321 17.91 63.95 -13.18
N PRO C 1322 17.43 63.13 -12.22
CA PRO C 1322 17.07 63.65 -10.91
C PRO C 1322 18.28 64.30 -10.25
N ASP C 1323 19.43 63.59 -10.26
CA ASP C 1323 20.69 64.04 -9.66
C ASP C 1323 21.32 62.93 -8.81
N ASP C 1324 21.29 63.11 -7.50
CA ASP C 1324 21.79 62.14 -6.54
C ASP C 1324 20.86 60.93 -6.45
N VAL C 1325 21.43 59.75 -6.19
CA VAL C 1325 20.65 58.53 -6.01
C VAL C 1325 20.32 58.35 -4.53
N ARG C 1326 21.05 59.07 -3.68
CA ARG C 1326 20.90 58.97 -2.23
C ARG C 1326 19.54 59.46 -1.73
N ALA C 1327 19.15 60.67 -2.15
CA ALA C 1327 17.97 61.34 -1.60
C ALA C 1327 16.73 61.32 -2.51
N ILE C 1328 16.60 60.26 -3.32
CA ILE C 1328 15.39 60.06 -4.12
C ILE C 1328 14.32 59.41 -3.25
N ASN C 1329 13.08 59.90 -3.38
CA ASN C 1329 11.96 59.36 -2.61
C ASN C 1329 11.30 58.17 -3.30
N ILE C 1330 11.27 57.04 -2.60
CA ILE C 1330 10.64 55.81 -3.08
C ILE C 1330 9.29 55.63 -2.39
N ARG C 1331 9.18 56.17 -1.18
CA ARG C 1331 8.09 55.86 -0.26
C ARG C 1331 6.81 56.66 -0.50
N ASN C 1332 6.12 56.31 -1.60
CA ASN C 1332 4.82 56.89 -1.91
C ASN C 1332 3.71 55.89 -1.64
N ALA C 1333 4.11 54.65 -1.36
CA ALA C 1333 3.21 53.49 -1.33
C ALA C 1333 2.55 53.28 -2.69
N MET D 1 -27.70 12.60 -17.79
CA MET D 1 -27.97 13.14 -16.43
C MET D 1 -29.10 12.35 -15.76
N LEU D 2 -28.85 11.06 -15.54
CA LEU D 2 -29.81 10.16 -14.92
C LEU D 2 -30.24 10.64 -13.54
N GLN D 3 -31.45 10.26 -13.14
CA GLN D 3 -32.00 10.59 -11.84
C GLN D 3 -32.60 9.30 -11.26
N GLN D 4 -32.78 9.32 -9.94
CA GLN D 4 -33.35 8.19 -9.22
C GLN D 4 -34.73 8.56 -8.69
N PRO D 5 -35.68 7.63 -8.85
CA PRO D 5 -37.06 7.82 -8.41
C PRO D 5 -37.23 7.32 -6.98
N THR D 6 -36.10 7.04 -6.36
CA THR D 6 -36.04 6.53 -4.99
C THR D 6 -36.17 5.02 -5.12
N GLY D 7 -35.90 4.52 -6.32
CA GLY D 7 -35.90 3.10 -6.57
C GLY D 7 -34.40 2.90 -6.49
N GLY D 8 -33.69 3.90 -7.01
CA GLY D 8 -32.24 3.93 -7.04
C GLY D 8 -31.70 3.39 -8.34
N TYR D 9 -30.47 3.77 -8.66
CA TYR D 9 -29.81 3.31 -9.89
C TYR D 9 -29.68 1.78 -9.98
N THR D 10 -29.82 1.10 -8.84
CA THR D 10 -29.81 -0.36 -8.81
C THR D 10 -31.16 -0.96 -9.25
N THR D 11 -32.18 -0.14 -9.35
CA THR D 11 -33.48 -0.63 -9.79
C THR D 11 -33.51 -0.47 -11.31
N LEU D 12 -32.32 -0.55 -11.91
CA LEU D 12 -32.16 -0.34 -13.34
C LEU D 12 -31.39 -1.44 -14.06
N GLU D 13 -31.70 -1.60 -15.33
CA GLU D 13 -31.10 -2.60 -16.22
C GLU D 13 -29.87 -2.05 -16.94
N GLN D 14 -29.60 -0.76 -16.75
CA GLN D 14 -28.44 -0.08 -17.33
C GLN D 14 -27.17 -0.80 -16.89
N PHE D 15 -27.09 -1.08 -15.60
CA PHE D 15 -25.97 -1.78 -14.98
C PHE D 15 -26.49 -2.77 -13.95
N ALA D 16 -26.23 -4.05 -14.18
CA ALA D 16 -26.63 -5.10 -13.25
C ALA D 16 -25.49 -6.08 -13.03
N PHE D 17 -25.39 -6.56 -11.80
CA PHE D 17 -24.29 -7.39 -11.35
C PHE D 17 -24.65 -8.84 -11.56
N THR D 18 -23.96 -9.47 -12.51
CA THR D 18 -24.23 -10.86 -12.88
C THR D 18 -22.92 -11.62 -13.06
N ILE D 19 -22.82 -12.76 -12.37
CA ILE D 19 -21.67 -13.64 -12.54
C ILE D 19 -21.90 -14.58 -13.72
N ARG D 20 -20.82 -14.93 -14.41
CA ARG D 20 -20.93 -15.90 -15.50
C ARG D 20 -20.33 -17.24 -15.08
N ASN D 21 -21.18 -18.25 -15.13
CA ASN D 21 -20.84 -19.62 -14.79
C ASN D 21 -21.90 -20.55 -15.37
N ASP D 22 -21.61 -21.84 -15.41
CA ASP D 22 -22.59 -22.85 -15.82
C ASP D 22 -22.88 -22.88 -17.32
N GLY D 23 -22.04 -22.23 -18.10
CA GLY D 23 -22.18 -22.22 -19.54
C GLY D 23 -23.05 -21.12 -20.11
N THR D 24 -23.68 -20.39 -19.20
CA THR D 24 -24.59 -19.28 -19.42
C THR D 24 -24.36 -18.28 -18.29
N ASN D 25 -24.98 -17.11 -18.38
CA ASN D 25 -24.84 -16.05 -17.37
C ASN D 25 -25.94 -16.03 -16.30
N ALA D 26 -25.53 -16.03 -15.03
CA ALA D 26 -26.49 -16.10 -13.93
C ALA D 26 -26.35 -14.97 -12.91
N THR D 27 -27.46 -14.69 -12.21
CA THR D 27 -27.49 -13.70 -11.13
C THR D 27 -26.86 -14.28 -9.85
N PRO D 28 -26.24 -13.42 -9.01
CA PRO D 28 -25.63 -13.84 -7.74
C PRO D 28 -26.47 -14.80 -6.89
N THR D 29 -27.78 -14.57 -6.84
CA THR D 29 -28.71 -15.39 -6.03
C THR D 29 -28.60 -16.88 -6.36
N GLN D 30 -28.57 -17.20 -7.65
CA GLN D 30 -28.48 -18.57 -8.15
C GLN D 30 -27.16 -19.25 -7.78
N PHE D 31 -26.09 -18.46 -7.74
CA PHE D 31 -24.75 -18.97 -7.44
C PHE D 31 -24.62 -19.48 -6.02
N LEU D 32 -24.92 -18.59 -5.06
CA LEU D 32 -24.73 -18.87 -3.63
C LEU D 32 -25.39 -20.16 -3.15
N GLN D 33 -26.31 -20.72 -3.91
CA GLN D 33 -26.98 -21.92 -3.38
C GLN D 33 -26.04 -23.12 -3.27
N LEU D 34 -24.89 -23.02 -3.93
CA LEU D 34 -23.96 -24.12 -4.12
C LEU D 34 -22.99 -24.18 -2.94
N LEU D 35 -22.90 -23.08 -2.20
CA LEU D 35 -22.01 -22.95 -1.05
C LEU D 35 -22.58 -23.68 0.18
N SER D 36 -22.10 -24.90 0.39
CA SER D 36 -22.51 -25.71 1.54
C SER D 36 -21.37 -25.82 2.55
N TYR D 37 -21.72 -25.70 3.83
CA TYR D 37 -20.70 -25.67 4.90
C TYR D 37 -21.09 -26.39 6.19
N GLU D 38 -20.04 -26.79 6.90
CA GLU D 38 -20.03 -27.52 8.16
C GLU D 38 -19.37 -26.68 9.25
N ALA D 39 -18.97 -27.33 10.33
CA ALA D 39 -18.31 -26.65 11.46
C ALA D 39 -17.06 -27.39 11.96
N THR D 40 -16.08 -26.57 12.38
CA THR D 40 -14.80 -27.01 12.95
C THR D 40 -14.44 -26.55 14.38
N GLU D 41 -15.42 -26.07 15.15
CA GLU D 41 -15.23 -25.68 16.57
C GLU D 41 -14.22 -24.61 17.08
N ASN D 42 -14.20 -23.43 16.50
CA ASN D 42 -13.48 -22.27 17.01
C ASN D 42 -14.43 -21.08 16.94
N GLU D 43 -15.04 -20.72 18.06
CA GLU D 43 -16.14 -19.74 18.05
C GLU D 43 -15.72 -18.34 17.58
N LEU D 44 -16.31 -17.92 16.47
CA LEU D 44 -16.07 -16.61 15.89
C LEU D 44 -17.19 -15.66 16.31
N VAL D 45 -16.92 -14.86 17.33
CA VAL D 45 -17.94 -14.02 17.96
C VAL D 45 -17.92 -12.59 17.43
N LYS D 46 -19.10 -12.00 17.27
CA LYS D 46 -19.25 -10.64 16.77
C LYS D 46 -18.84 -9.59 17.80
N LYS D 47 -17.80 -8.83 17.45
CA LYS D 47 -17.35 -7.69 18.26
C LYS D 47 -18.14 -6.44 17.85
N THR D 48 -17.83 -5.31 18.48
CA THR D 48 -18.42 -4.03 18.11
C THR D 48 -17.55 -3.38 17.02
N ILE D 49 -18.15 -2.51 16.22
CA ILE D 49 -17.42 -1.77 15.20
C ILE D 49 -17.24 -0.29 15.59
N PRO D 50 -15.97 0.15 15.75
CA PRO D 50 -15.71 1.55 16.12
C PRO D 50 -16.01 2.52 14.98
N THR D 51 -16.63 3.64 15.33
CA THR D 51 -17.02 4.67 14.36
C THR D 51 -15.81 5.29 13.66
N PRO D 52 -15.96 5.71 12.38
CA PRO D 52 -14.85 6.31 11.65
C PRO D 52 -14.56 7.74 12.10
N GLU D 53 -13.42 8.29 11.69
CA GLU D 53 -13.08 9.67 12.03
C GLU D 53 -13.47 10.64 10.92
N THR D 54 -14.15 11.70 11.34
CA THR D 54 -14.78 12.68 10.49
C THR D 54 -13.83 13.41 9.57
N HIS D 55 -12.62 13.67 10.02
CA HIS D 55 -11.71 14.44 9.21
C HIS D 55 -11.55 13.81 7.82
N LEU D 56 -11.78 14.64 6.81
CA LEU D 56 -11.64 14.29 5.40
C LEU D 56 -10.28 14.76 4.90
N PRO D 57 -9.56 13.89 4.16
CA PRO D 57 -8.30 14.29 3.57
C PRO D 57 -8.54 15.36 2.51
N SER D 58 -7.48 16.05 2.12
CA SER D 58 -7.58 17.12 1.13
C SER D 58 -7.20 16.57 -0.21
N ALA D 59 -7.96 16.92 -1.25
CA ALA D 59 -7.63 16.43 -2.56
C ALA D 59 -6.58 17.37 -3.08
N ARG D 60 -5.33 16.98 -2.96
CA ARG D 60 -4.25 17.87 -3.37
C ARG D 60 -4.49 18.30 -4.81
N ASN D 61 -4.21 19.56 -5.11
CA ASN D 61 -4.57 20.07 -6.41
C ASN D 61 -4.01 19.14 -7.47
N VAL D 62 -4.90 18.78 -8.39
CA VAL D 62 -4.56 17.88 -9.49
C VAL D 62 -5.25 18.31 -10.80
N PRO D 63 -4.46 18.65 -11.83
CA PRO D 63 -4.99 18.86 -13.18
C PRO D 63 -5.22 17.51 -13.87
N GLY D 64 -5.97 17.53 -14.96
CA GLY D 64 -6.43 16.29 -15.58
C GLY D 64 -7.51 15.69 -14.69
N ASN D 65 -7.80 14.41 -14.89
CA ASN D 65 -8.83 13.73 -14.11
C ASN D 65 -8.52 12.24 -13.96
N VAL D 66 -8.56 11.75 -12.72
CA VAL D 66 -8.29 10.36 -12.44
C VAL D 66 -9.57 9.54 -12.39
N TYR D 67 -9.45 8.24 -12.68
CA TYR D 67 -10.59 7.34 -12.66
C TYR D 67 -10.85 6.85 -11.25
N ILE D 68 -11.34 7.73 -10.42
CA ILE D 68 -11.60 7.39 -9.00
C ILE D 68 -12.18 5.98 -8.82
N GLU D 69 -13.16 5.62 -9.66
CA GLU D 69 -13.82 4.32 -9.59
C GLU D 69 -12.86 3.15 -9.79
N ASP D 70 -12.03 3.23 -10.83
CA ASP D 70 -11.03 2.20 -11.15
C ASP D 70 -10.38 1.62 -9.90
N ALA D 71 -9.73 2.50 -9.13
CA ALA D 71 -8.91 2.11 -7.99
C ALA D 71 -9.69 1.42 -6.88
N ILE D 72 -10.91 1.91 -6.62
CA ILE D 72 -11.79 1.33 -5.60
C ILE D 72 -11.93 -0.19 -5.80
N THR D 73 -12.17 -0.60 -7.04
CA THR D 73 -12.28 -2.02 -7.38
C THR D 73 -10.91 -2.66 -7.61
N GLN D 74 -10.02 -1.94 -8.29
CA GLN D 74 -8.68 -2.44 -8.61
C GLN D 74 -7.83 -2.77 -7.37
N ALA D 75 -8.32 -2.37 -6.20
CA ALA D 75 -7.67 -2.72 -4.95
C ALA D 75 -8.41 -3.87 -4.25
N LEU D 76 -9.73 -3.75 -4.11
CA LEU D 76 -10.52 -4.76 -3.41
C LEU D 76 -10.50 -6.14 -4.08
N PHE D 77 -10.96 -6.18 -5.32
CA PHE D 77 -11.09 -7.43 -6.03
C PHE D 77 -10.08 -7.53 -7.13
N GLY D 78 -9.10 -6.64 -7.11
CA GLY D 78 -8.13 -6.69 -8.17
C GLY D 78 -7.51 -8.06 -8.13
N ILE D 79 -7.49 -8.67 -9.30
CA ILE D 79 -6.93 -10.00 -9.52
C ILE D 79 -5.43 -9.97 -9.84
N SER D 80 -5.09 -9.26 -10.90
CA SER D 80 -3.73 -9.21 -11.39
C SER D 80 -2.95 -8.64 -10.25
N ALA D 81 -1.71 -9.06 -10.10
CA ALA D 81 -0.97 -8.60 -8.96
C ALA D 81 -0.98 -7.09 -8.98
N GLN D 82 -1.32 -6.54 -7.82
CA GLN D 82 -1.35 -5.11 -7.58
C GLN D 82 -0.24 -4.82 -6.60
N ASN D 83 0.62 -3.89 -6.98
CA ASN D 83 1.75 -3.52 -6.15
C ASN D 83 1.31 -2.53 -5.11
N VAL D 84 2.26 -1.95 -4.39
CA VAL D 84 1.89 -1.03 -3.34
C VAL D 84 0.99 0.05 -3.90
N ASN D 85 -0.10 0.29 -3.19
CA ASN D 85 -1.07 1.31 -3.55
C ASN D 85 -1.48 2.18 -2.38
N ALA D 86 -0.74 2.12 -1.28
CA ALA D 86 -1.06 2.95 -0.11
C ALA D 86 -0.95 4.43 -0.51
N HIS D 87 -0.10 4.68 -1.50
CA HIS D 87 0.05 5.97 -2.14
C HIS D 87 -0.89 6.09 -3.34
N GLY D 88 -1.33 7.32 -3.64
CA GLY D 88 -2.03 7.58 -4.90
C GLY D 88 -3.08 8.67 -4.87
N TYR D 89 -3.57 9.02 -6.05
CA TYR D 89 -4.70 9.93 -6.21
C TYR D 89 -5.99 9.21 -5.85
N PHE D 90 -6.16 8.95 -4.55
CA PHE D 90 -7.24 8.12 -4.06
C PHE D 90 -8.30 8.90 -3.28
N SER D 91 -8.12 10.22 -3.21
CA SER D 91 -9.01 11.05 -2.40
C SER D 91 -9.57 12.28 -3.12
N ARG D 92 -9.45 12.30 -4.45
CA ARG D 92 -10.08 13.34 -5.26
C ARG D 92 -11.59 13.36 -4.98
N LEU D 93 -12.08 12.28 -4.36
CA LEU D 93 -13.47 12.17 -3.92
C LEU D 93 -13.97 13.36 -3.13
N SER D 94 -13.20 13.77 -2.11
CA SER D 94 -13.59 14.86 -1.21
C SER D 94 -13.89 16.17 -1.92
N ALA D 95 -13.39 16.32 -3.15
CA ALA D 95 -13.66 17.49 -3.97
C ALA D 95 -15.10 17.53 -4.48
N LEU D 96 -15.88 16.51 -4.15
CA LEU D 96 -17.31 16.48 -4.46
C LEU D 96 -18.15 16.68 -3.20
N ALA D 97 -17.51 16.59 -2.04
CA ALA D 97 -18.20 16.64 -0.75
C ALA D 97 -18.77 18.02 -0.40
N LEU D 98 -18.17 19.07 -0.95
CA LEU D 98 -18.63 20.44 -0.68
C LEU D 98 -19.83 20.85 -1.55
N PRO D 99 -20.71 21.71 -1.02
CA PRO D 99 -22.03 22.08 -1.56
C PRO D 99 -22.12 22.43 -3.06
N ASN D 100 -21.42 23.50 -3.47
CA ASN D 100 -21.65 24.13 -4.77
C ASN D 100 -20.74 23.71 -5.93
N THR D 101 -19.77 22.84 -5.65
CA THR D 101 -18.74 22.42 -6.62
C THR D 101 -19.23 22.09 -8.03
N SER D 102 -18.36 22.35 -9.00
CA SER D 102 -18.66 22.10 -10.41
C SER D 102 -18.21 20.71 -10.85
N ALA D 103 -17.17 20.18 -10.19
CA ALA D 103 -16.66 18.85 -10.48
C ALA D 103 -17.77 17.80 -10.42
N ARG D 104 -17.91 17.04 -11.50
CA ARG D 104 -18.98 16.06 -11.61
C ARG D 104 -18.43 14.63 -11.74
N LEU D 105 -19.27 13.67 -11.34
CA LEU D 105 -18.90 12.27 -11.36
C LEU D 105 -19.74 11.55 -12.42
N GLY D 106 -19.11 11.22 -13.54
CA GLY D 106 -19.80 10.52 -14.63
C GLY D 106 -20.08 9.07 -14.32
N LEU D 107 -20.77 8.46 -15.30
CA LEU D 107 -21.07 7.06 -15.40
C LEU D 107 -19.77 6.43 -15.90
N ASP D 108 -19.71 5.10 -15.94
CA ASP D 108 -18.48 4.38 -16.32
C ASP D 108 -17.40 4.34 -15.21
N GLY D 109 -17.24 5.45 -14.50
CA GLY D 109 -16.34 5.53 -13.34
C GLY D 109 -15.22 6.54 -13.44
N VAL D 110 -15.55 7.78 -13.79
CA VAL D 110 -14.57 8.87 -13.87
C VAL D 110 -14.99 10.05 -12.99
N ILE D 111 -14.04 10.96 -12.72
CA ILE D 111 -14.32 12.18 -11.97
C ILE D 111 -13.84 13.43 -12.74
N TYR D 112 -14.74 14.04 -13.49
CA TYR D 112 -14.41 15.21 -14.31
C TYR D 112 -14.29 16.47 -13.47
N ASN D 113 -13.36 17.35 -13.86
CA ASN D 113 -13.22 18.67 -13.24
C ASN D 113 -14.37 19.60 -13.60
N SER D 114 -14.73 19.62 -14.88
CA SER D 114 -15.83 20.41 -15.36
C SER D 114 -16.70 19.50 -16.18
N GLU D 115 -18.01 19.59 -16.04
CA GLU D 115 -18.81 18.69 -16.83
C GLU D 115 -18.49 19.03 -18.27
N THR D 116 -18.19 18.01 -19.05
CA THR D 116 -17.88 18.19 -20.46
C THR D 116 -19.04 17.77 -21.35
N ILE D 117 -18.84 17.89 -22.65
CA ILE D 117 -19.88 17.60 -23.63
C ILE D 117 -20.07 16.09 -23.83
N ASN D 118 -21.34 15.67 -23.88
CA ASN D 118 -21.75 14.28 -24.20
C ASN D 118 -21.41 13.19 -23.16
N ILE D 119 -21.40 13.54 -21.88
CA ILE D 119 -21.08 12.55 -20.85
C ILE D 119 -22.13 12.44 -19.74
N PRO D 120 -22.84 11.31 -19.69
CA PRO D 120 -23.88 11.01 -18.70
C PRO D 120 -23.30 10.79 -17.31
N PHE D 121 -23.84 11.51 -16.34
CA PHE D 121 -23.33 11.49 -14.97
C PHE D 121 -24.44 11.38 -13.94
N TYR D 122 -24.09 10.86 -12.76
CA TYR D 122 -25.02 10.72 -11.64
C TYR D 122 -25.53 12.09 -11.18
N ASP D 123 -26.60 12.08 -10.39
CA ASP D 123 -27.20 13.33 -9.92
C ASP D 123 -26.33 14.02 -8.87
N PRO D 124 -25.93 15.28 -9.14
CA PRO D 124 -25.02 16.09 -8.33
C PRO D 124 -25.40 16.23 -6.85
N ALA D 125 -26.66 15.96 -6.51
CA ALA D 125 -27.15 16.11 -5.13
C ALA D 125 -26.96 14.86 -4.28
N ALA D 126 -27.10 13.68 -4.90
CA ALA D 126 -27.01 12.41 -4.19
C ALA D 126 -25.60 11.82 -4.24
N VAL D 127 -24.72 12.45 -5.01
CA VAL D 127 -23.30 12.08 -5.02
C VAL D 127 -22.54 12.81 -3.92
N ALA D 128 -23.22 13.75 -3.26
CA ALA D 128 -22.63 14.54 -2.18
C ALA D 128 -22.50 13.73 -0.89
N ASN D 129 -23.57 13.00 -0.54
CA ASN D 129 -23.62 12.17 0.66
C ASN D 129 -22.69 10.95 0.55
N PHE D 130 -22.57 10.43 -0.68
CA PHE D 130 -21.66 9.34 -0.98
C PHE D 130 -20.20 9.71 -0.71
N ALA D 131 -19.89 11.00 -0.88
CA ALA D 131 -18.54 11.52 -0.67
C ALA D 131 -18.21 11.80 0.79
N ALA D 132 -19.16 12.43 1.50
CA ALA D 132 -19.01 12.75 2.92
C ALA D 132 -18.89 11.50 3.79
N THR D 133 -18.78 10.35 3.14
CA THR D 133 -18.63 9.06 3.81
C THR D 133 -17.48 8.25 3.21
N TYR D 134 -17.29 8.33 1.89
CA TYR D 134 -16.27 7.52 1.21
C TYR D 134 -14.98 8.24 0.85
N ALA D 135 -15.04 9.57 0.77
CA ALA D 135 -13.84 10.39 0.60
C ALA D 135 -12.94 10.20 1.82
N LYS D 136 -13.57 9.79 2.92
CA LYS D 136 -12.92 9.41 4.17
C LYS D 136 -12.01 8.20 3.98
N LEU D 137 -12.08 7.58 2.81
CA LEU D 137 -11.26 6.42 2.46
C LEU D 137 -9.88 6.84 1.96
N GLY D 138 -9.68 8.16 1.80
CA GLY D 138 -8.40 8.73 1.39
C GLY D 138 -7.29 8.41 2.38
N ASN D 139 -7.52 8.74 3.65
CA ASN D 139 -6.62 8.36 4.73
C ASN D 139 -6.83 6.90 5.15
N ALA D 140 -6.28 5.99 4.35
CA ALA D 140 -6.40 4.56 4.62
C ALA D 140 -5.07 3.99 5.14
N SER D 141 -3.99 4.74 4.93
CA SER D 141 -2.66 4.32 5.33
C SER D 141 -1.92 5.33 6.21
N THR D 142 -2.61 6.42 6.55
CA THR D 142 -2.07 7.41 7.49
C THR D 142 -1.99 6.76 8.87
N PRO D 143 -0.83 6.77 9.51
CA PRO D 143 -0.73 6.18 10.83
C PRO D 143 -1.64 6.89 11.82
N ARG D 144 -2.25 6.15 12.74
CA ARG D 144 -3.16 6.73 13.71
C ARG D 144 -4.54 6.94 13.14
N TYR D 145 -4.79 6.32 11.99
CA TYR D 145 -6.09 6.40 11.30
C TYR D 145 -6.58 5.07 10.76
N ARG D 146 -5.65 4.31 10.18
CA ARG D 146 -5.93 2.98 9.63
C ARG D 146 -6.82 2.15 10.56
N ALA D 147 -7.71 1.38 9.95
CA ALA D 147 -8.54 0.44 10.70
C ALA D 147 -7.72 -0.78 11.12
N ASP D 148 -8.37 -1.73 11.78
CA ASP D 148 -7.71 -2.93 12.29
C ASP D 148 -7.98 -4.16 11.45
N MET D 149 -6.95 -4.75 10.88
CA MET D 149 -7.16 -5.87 9.97
C MET D 149 -7.30 -7.22 10.64
N ILE D 150 -8.21 -7.32 11.60
CA ILE D 150 -8.50 -8.58 12.26
C ILE D 150 -9.98 -8.75 12.62
N ASP D 151 -10.47 -7.90 13.51
CA ASP D 151 -11.84 -7.97 14.00
C ASP D 151 -12.96 -7.78 12.97
N ILE D 152 -12.78 -6.93 11.96
CA ILE D 152 -13.85 -6.75 10.98
C ILE D 152 -14.21 -8.06 10.26
N TYR D 153 -13.20 -8.89 10.04
CA TYR D 153 -13.39 -10.14 9.33
C TYR D 153 -14.37 -11.05 10.05
N ALA D 154 -14.45 -10.91 11.37
CA ALA D 154 -15.45 -11.66 12.13
C ALA D 154 -16.83 -11.23 11.65
N HIS D 155 -16.99 -9.94 11.40
CA HIS D 155 -18.24 -9.40 10.87
C HIS D 155 -18.53 -9.96 9.49
N VAL D 156 -17.49 -10.06 8.67
CA VAL D 156 -17.66 -10.55 7.29
C VAL D 156 -18.19 -11.97 7.10
N GLY D 157 -17.70 -12.90 7.92
CA GLY D 157 -18.05 -14.32 7.85
C GLY D 157 -19.45 -14.61 8.34
N LEU D 158 -19.93 -13.77 9.26
CA LEU D 158 -21.30 -13.88 9.79
C LEU D 158 -22.32 -13.41 8.74
N GLU D 159 -21.82 -12.88 7.63
CA GLU D 159 -22.67 -12.33 6.58
C GLU D 159 -22.95 -13.29 5.42
N LEU D 160 -21.90 -13.80 4.79
CA LEU D 160 -22.05 -14.68 3.62
C LEU D 160 -22.32 -16.15 3.97
N ALA D 161 -22.04 -16.53 5.22
CA ALA D 161 -22.16 -17.93 5.66
C ALA D 161 -22.89 -18.10 6.98
N GLY D 162 -23.52 -17.03 7.46
CA GLY D 162 -24.24 -17.07 8.72
C GLY D 162 -25.74 -17.26 8.51
N THR D 163 -26.23 -18.44 8.89
CA THR D 163 -27.67 -18.70 8.93
C THR D 163 -28.27 -17.80 10.01
N ASP D 164 -29.39 -17.15 9.70
CA ASP D 164 -30.02 -16.18 10.60
C ASP D 164 -30.17 -16.68 12.04
N ALA D 165 -30.51 -17.97 12.17
CA ALA D 165 -30.60 -18.63 13.46
C ALA D 165 -29.39 -18.31 14.35
N GLU D 166 -28.28 -17.92 13.72
CA GLU D 166 -27.05 -17.57 14.42
C GLU D 166 -26.83 -16.08 14.65
N ARG D 167 -27.02 -15.27 13.60
CA ARG D 167 -26.74 -13.83 13.69
C ARG D 167 -27.60 -13.11 14.74
N ALA D 168 -28.80 -13.65 14.97
CA ALA D 168 -29.74 -13.08 15.95
C ALA D 168 -29.23 -13.25 17.39
N ALA D 169 -28.19 -14.05 17.55
CA ALA D 169 -27.56 -14.26 18.85
C ALA D 169 -26.14 -13.67 18.90
N GLY D 170 -25.62 -13.31 17.74
CA GLY D 170 -24.32 -12.65 17.62
C GLY D 170 -23.12 -13.57 17.67
N VAL D 171 -23.35 -14.88 17.77
CA VAL D 171 -22.24 -15.81 17.83
C VAL D 171 -22.45 -16.98 16.89
N MET D 172 -21.36 -17.44 16.27
CA MET D 172 -21.44 -18.59 15.36
C MET D 172 -20.16 -19.45 15.35
N PRO D 173 -20.30 -20.73 14.98
CA PRO D 173 -19.15 -21.63 14.89
C PRO D 173 -18.40 -21.48 13.57
N VAL D 174 -17.08 -21.31 13.64
CA VAL D 174 -16.23 -21.18 12.44
C VAL D 174 -16.55 -22.26 11.42
N LYS D 175 -16.75 -21.84 10.17
CA LYS D 175 -17.17 -22.75 9.10
C LYS D 175 -16.09 -22.97 8.05
N ARG D 176 -16.26 -24.05 7.29
CA ARG D 176 -15.37 -24.43 6.21
C ARG D 176 -16.24 -24.62 4.97
N ALA D 177 -16.21 -23.64 4.07
CA ALA D 177 -17.17 -23.61 2.97
C ALA D 177 -16.70 -24.18 1.66
N LYS D 178 -17.43 -25.17 1.18
CA LYS D 178 -17.11 -25.78 -0.10
C LYS D 178 -18.28 -25.89 -1.04
N PHE D 179 -18.12 -25.29 -2.22
CA PHE D 179 -19.03 -25.43 -3.35
C PHE D 179 -18.40 -26.29 -4.44
N ASP D 180 -19.19 -26.63 -5.46
CA ASP D 180 -18.69 -27.37 -6.62
C ASP D 180 -18.15 -26.41 -7.67
N SER D 181 -17.12 -26.83 -8.39
CA SER D 181 -16.40 -25.92 -9.28
C SER D 181 -16.33 -26.36 -10.76
N TRP D 182 -15.39 -25.71 -11.46
CA TRP D 182 -15.04 -26.03 -12.84
C TRP D 182 -13.52 -25.89 -12.99
N GLU D 183 -13.05 -25.07 -13.93
CA GLU D 183 -11.60 -24.95 -14.17
C GLU D 183 -10.91 -23.91 -13.27
N GLY D 184 -10.87 -22.68 -13.76
CA GLY D 184 -10.19 -21.59 -13.10
C GLY D 184 -10.84 -21.27 -11.77
N SER D 185 -12.16 -21.29 -11.76
CA SER D 185 -12.88 -21.01 -10.55
C SER D 185 -12.56 -19.65 -9.98
N LEU D 186 -12.11 -19.68 -8.73
CA LEU D 186 -11.89 -18.50 -7.90
C LEU D 186 -11.28 -17.31 -8.64
N ILE D 187 -10.33 -17.59 -9.53
CA ILE D 187 -9.71 -16.55 -10.34
C ILE D 187 -10.68 -16.00 -11.40
N SER D 188 -11.57 -16.87 -11.88
CA SER D 188 -12.54 -16.50 -12.92
C SER D 188 -13.63 -15.55 -12.40
N LEU D 189 -14.08 -15.76 -11.17
CA LEU D 189 -15.07 -14.88 -10.54
C LEU D 189 -14.50 -13.48 -10.30
N SER D 190 -13.18 -13.42 -10.08
CA SER D 190 -12.47 -12.15 -9.87
C SER D 190 -12.41 -11.32 -11.16
N ARG D 191 -11.86 -11.91 -12.23
CA ARG D 191 -11.85 -11.28 -13.55
C ARG D 191 -13.26 -10.88 -13.99
N ASP D 192 -14.25 -11.47 -13.34
CA ASP D 192 -15.66 -11.24 -13.64
C ASP D 192 -16.29 -10.12 -12.80
N VAL D 193 -16.20 -10.25 -11.48
CA VAL D 193 -16.81 -9.30 -10.54
C VAL D 193 -16.15 -7.91 -10.57
N VAL D 194 -14.94 -7.84 -11.14
CA VAL D 194 -14.20 -6.58 -11.23
C VAL D 194 -14.99 -5.52 -11.98
N ASN D 195 -15.36 -5.83 -13.23
CA ASN D 195 -16.18 -4.92 -14.04
C ASN D 195 -17.66 -5.08 -13.70
N TRP D 196 -18.10 -4.34 -12.69
CA TRP D 196 -19.44 -4.46 -12.14
C TRP D 196 -20.16 -3.14 -11.93
N LYS D 197 -19.41 -2.04 -11.99
CA LYS D 197 -19.92 -0.70 -11.67
C LYS D 197 -20.33 -0.65 -10.19
N ILE D 198 -19.33 -0.64 -9.30
CA ILE D 198 -19.58 -0.63 -7.86
C ILE D 198 -20.21 0.69 -7.39
N LEU D 199 -19.84 1.78 -8.04
CA LEU D 199 -20.40 3.11 -7.74
C LEU D 199 -21.92 3.15 -7.90
N ALA D 200 -22.44 2.35 -8.83
CA ALA D 200 -23.87 2.24 -9.07
C ALA D 200 -24.61 1.62 -7.88
N PHE D 201 -23.85 1.06 -6.95
CA PHE D 201 -24.41 0.45 -5.75
C PHE D 201 -24.26 1.36 -4.53
N LEU D 202 -23.01 1.74 -4.25
CA LEU D 202 -22.67 2.53 -3.05
C LEU D 202 -23.42 3.85 -2.94
N ILE D 203 -23.77 4.46 -4.06
CA ILE D 203 -24.48 5.74 -4.04
C ILE D 203 -25.85 5.57 -3.42
N ASP D 204 -26.48 4.44 -3.73
CA ASP D 204 -27.80 4.11 -3.22
C ASP D 204 -27.84 3.97 -1.71
N LEU D 205 -26.79 3.41 -1.13
CA LEU D 205 -26.74 3.20 0.31
C LEU D 205 -26.86 4.46 1.15
N CYS D 206 -26.24 5.55 0.71
CA CYS D 206 -26.23 6.80 1.45
C CYS D 206 -27.36 7.81 1.19
N SER D 207 -28.28 7.46 0.30
CA SER D 207 -29.37 8.34 -0.12
C SER D 207 -30.74 7.77 0.21
N LEU D 208 -31.04 6.60 -0.39
CA LEU D 208 -32.36 5.97 -0.28
C LEU D 208 -32.85 5.86 1.17
N GLU D 209 -34.06 6.34 1.40
CA GLU D 209 -34.59 6.48 2.76
C GLU D 209 -35.38 5.28 3.27
N GLY D 210 -35.84 5.33 4.51
CA GLY D 210 -36.34 4.14 5.15
C GLY D 210 -37.36 3.39 4.33
N GLU D 211 -38.24 4.10 3.65
CA GLU D 211 -39.20 3.43 2.76
C GLU D 211 -38.49 2.55 1.74
N ALA D 212 -37.58 3.15 0.97
CA ALA D 212 -36.85 2.45 -0.08
C ALA D 212 -35.42 2.09 0.34
N LEU D 213 -35.24 1.83 1.63
CA LEU D 213 -33.98 1.32 2.15
C LEU D 213 -34.17 -0.09 2.69
N ARG D 214 -35.31 -0.32 3.34
CA ARG D 214 -35.73 -1.65 3.75
C ARG D 214 -36.01 -2.55 2.56
N ALA D 215 -36.53 -1.94 1.48
CA ALA D 215 -36.80 -2.65 0.23
C ALA D 215 -35.52 -2.77 -0.61
N PHE D 216 -34.62 -1.81 -0.47
CA PHE D 216 -33.34 -1.81 -1.17
C PHE D 216 -32.41 -2.88 -0.60
N LYS D 217 -32.36 -2.96 0.72
CA LYS D 217 -31.52 -3.94 1.43
C LYS D 217 -31.97 -5.39 1.23
N THR D 218 -33.21 -5.57 0.78
CA THR D 218 -33.77 -6.91 0.60
C THR D 218 -33.46 -7.51 -0.77
N ARG D 219 -33.33 -6.66 -1.78
CA ARG D 219 -33.05 -7.08 -3.15
C ARG D 219 -31.55 -7.07 -3.46
N ASN D 220 -30.78 -6.49 -2.55
CA ASN D 220 -29.35 -6.29 -2.77
C ASN D 220 -28.46 -6.86 -1.66
N ARG D 221 -29.08 -7.55 -0.70
CA ARG D 221 -28.31 -8.24 0.33
C ARG D 221 -27.56 -9.43 -0.29
N ASP D 222 -27.71 -9.58 -1.60
CA ASP D 222 -27.06 -10.65 -2.36
C ASP D 222 -25.94 -10.17 -3.27
N VAL D 223 -26.11 -9.00 -3.88
CA VAL D 223 -25.02 -8.36 -4.63
C VAL D 223 -23.88 -8.00 -3.67
N PHE D 224 -24.22 -7.89 -2.39
CA PHE D 224 -23.25 -7.64 -1.33
C PHE D 224 -22.59 -8.94 -0.88
N ARG D 225 -23.38 -10.01 -0.80
CA ARG D 225 -22.88 -11.34 -0.45
C ARG D 225 -22.18 -12.03 -1.60
N MET D 226 -21.79 -11.24 -2.61
CA MET D 226 -21.07 -11.75 -3.77
C MET D 226 -19.69 -11.10 -3.84
N MET D 227 -19.64 -9.78 -3.72
CA MET D 227 -18.39 -9.03 -3.65
C MET D 227 -17.78 -9.11 -2.25
N LEU D 228 -18.37 -9.99 -1.42
CA LEU D 228 -17.92 -10.22 -0.05
C LEU D 228 -17.29 -11.61 0.02
N PHE D 229 -17.70 -12.49 -0.89
CA PHE D 229 -17.16 -13.85 -0.98
C PHE D 229 -15.78 -13.88 -1.59
N ILE D 230 -15.63 -13.21 -2.74
CA ILE D 230 -14.35 -13.13 -3.43
C ILE D 230 -13.33 -12.42 -2.55
N MET D 231 -13.76 -11.32 -1.94
CA MET D 231 -12.94 -10.54 -1.01
C MET D 231 -12.50 -11.38 0.20
N SER D 232 -13.16 -12.53 0.40
CA SER D 232 -12.86 -13.41 1.52
C SER D 232 -11.83 -14.49 1.20
N THR D 233 -11.85 -15.01 -0.02
CA THR D 233 -10.88 -16.05 -0.45
C THR D 233 -9.49 -15.46 -0.64
N ALA D 234 -9.40 -14.14 -0.55
CA ALA D 234 -8.12 -13.43 -0.57
C ALA D 234 -7.51 -13.41 0.84
N VAL D 235 -8.13 -14.16 1.75
CA VAL D 235 -7.72 -14.18 3.16
C VAL D 235 -7.54 -15.61 3.67
N ALA D 236 -8.49 -16.49 3.33
CA ALA D 236 -8.51 -17.89 3.80
C ALA D 236 -7.15 -18.58 3.75
N ALA D 237 -6.93 -19.51 4.67
CA ALA D 237 -5.62 -20.16 4.84
C ALA D 237 -5.31 -21.26 3.82
N ASN D 238 -6.35 -21.96 3.33
CA ASN D 238 -6.20 -23.03 2.34
C ASN D 238 -7.28 -23.02 1.26
N VAL D 239 -6.97 -23.63 0.11
CA VAL D 239 -7.91 -23.71 -1.01
C VAL D 239 -7.99 -25.13 -1.62
N VAL D 240 -7.35 -26.10 -0.96
CA VAL D 240 -7.30 -27.48 -1.46
C VAL D 240 -8.66 -28.01 -1.90
N ASN D 241 -8.69 -28.63 -3.07
CA ASN D 241 -9.94 -29.12 -3.65
C ASN D 241 -10.13 -30.63 -3.52
N ARG D 242 -11.19 -31.01 -2.82
CA ARG D 242 -11.53 -32.41 -2.60
C ARG D 242 -11.99 -33.04 -3.91
N LYS D 243 -11.92 -34.37 -3.98
CA LYS D 243 -12.28 -35.10 -5.19
C LYS D 243 -13.33 -36.16 -4.91
N VAL D 244 -14.40 -36.15 -5.69
CA VAL D 244 -15.39 -37.22 -5.70
C VAL D 244 -14.92 -38.26 -6.74
N THR D 245 -15.85 -38.87 -7.48
CA THR D 245 -15.47 -39.83 -8.51
C THR D 245 -15.08 -39.09 -9.80
N LYS D 246 -15.94 -38.16 -10.21
CA LYS D 246 -15.72 -37.35 -11.40
C LYS D 246 -15.84 -35.86 -11.06
N ARG D 247 -16.43 -35.59 -9.90
CA ARG D 247 -16.72 -34.24 -9.44
C ARG D 247 -15.53 -33.63 -8.69
N VAL D 248 -15.54 -32.30 -8.58
CA VAL D 248 -14.47 -31.55 -7.88
C VAL D 248 -15.09 -30.46 -6.99
N ASP D 249 -14.62 -30.38 -5.74
CA ASP D 249 -15.11 -29.38 -4.78
C ASP D 249 -14.00 -28.42 -4.37
N ARG D 250 -14.35 -27.15 -4.18
CA ARG D 250 -13.36 -26.14 -3.80
C ARG D 250 -13.45 -25.81 -2.31
N VAL D 251 -13.04 -26.75 -1.47
CA VAL D 251 -13.11 -26.50 -0.06
C VAL D 251 -12.26 -25.28 0.26
N LEU D 252 -12.81 -24.37 1.06
CA LEU D 252 -12.10 -23.19 1.47
C LEU D 252 -11.86 -23.36 2.96
N GLU D 253 -10.63 -23.11 3.37
CA GLU D 253 -10.18 -23.42 4.73
C GLU D 253 -11.05 -22.82 5.83
N TYR D 254 -10.85 -21.53 6.13
CA TYR D 254 -11.60 -20.90 7.20
C TYR D 254 -12.21 -19.54 6.88
N ILE D 255 -13.35 -19.52 6.21
CA ILE D 255 -14.01 -18.25 5.94
C ILE D 255 -14.37 -17.56 7.25
N GLY D 256 -14.18 -16.25 7.31
CA GLY D 256 -14.51 -15.44 8.48
C GLY D 256 -13.47 -15.26 9.57
N VAL D 257 -12.34 -15.94 9.44
CA VAL D 257 -11.24 -15.80 10.39
C VAL D 257 -10.12 -15.23 9.56
N ASN D 258 -9.46 -14.17 9.99
CA ASN D 258 -8.47 -13.64 9.06
C ASN D 258 -7.01 -13.97 9.37
N SER D 259 -6.33 -14.51 8.37
CA SER D 259 -4.93 -14.87 8.45
C SER D 259 -4.27 -13.64 7.84
N MET D 260 -3.03 -13.78 7.40
CA MET D 260 -2.30 -12.64 6.84
C MET D 260 -1.85 -12.79 5.38
N ARG D 261 -1.83 -14.04 4.88
CA ARG D 261 -1.40 -14.29 3.51
C ARG D 261 -2.30 -15.27 2.78
N THR D 262 -2.43 -15.07 1.47
CA THR D 262 -3.35 -15.85 0.64
C THR D 262 -3.04 -17.33 0.57
N ALA D 263 -4.13 -18.10 0.51
CA ALA D 263 -4.07 -19.50 0.22
C ALA D 263 -3.91 -19.60 -1.30
N GLY D 264 -4.43 -18.64 -2.06
CA GLY D 264 -4.33 -18.81 -3.50
C GLY D 264 -2.96 -18.88 -4.14
N ARG D 265 -2.08 -17.94 -3.83
CA ARG D 265 -0.74 -17.99 -4.39
C ARG D 265 -0.78 -17.99 -5.92
N THR D 266 -1.36 -19.08 -6.43
CA THR D 266 -1.51 -19.35 -7.85
C THR D 266 -2.96 -19.71 -8.18
N ALA D 267 -3.62 -20.35 -7.23
CA ALA D 267 -4.98 -20.87 -7.42
C ALA D 267 -6.06 -19.79 -7.33
N THR D 268 -5.85 -18.80 -6.46
CA THR D 268 -6.84 -17.73 -6.27
C THR D 268 -6.22 -16.32 -6.25
N ILE D 269 -7.08 -15.32 -6.09
CA ILE D 269 -6.68 -13.91 -5.96
C ILE D 269 -5.80 -13.69 -4.72
N THR D 270 -4.91 -12.71 -4.80
CA THR D 270 -3.97 -12.42 -3.71
C THR D 270 -3.93 -10.96 -3.28
N TYR D 271 -3.82 -10.73 -1.97
CA TYR D 271 -3.66 -9.40 -1.40
C TYR D 271 -2.18 -9.10 -1.13
N ASP D 272 -1.93 -7.89 -0.64
CA ASP D 272 -0.58 -7.44 -0.29
C ASP D 272 -0.68 -6.63 1.01
N LEU D 273 0.46 -6.36 1.65
CA LEU D 273 0.48 -5.62 2.91
C LEU D 273 -0.23 -4.26 2.81
N SER D 274 0.08 -3.53 1.74
CA SER D 274 -0.54 -2.22 1.47
C SER D 274 -2.05 -2.34 1.25
N ARG D 275 -2.51 -3.52 0.86
CA ARG D 275 -3.92 -3.78 0.62
C ARG D 275 -4.69 -4.25 1.86
N HIS D 276 -3.98 -4.85 2.81
CA HIS D 276 -4.59 -5.29 4.08
C HIS D 276 -5.15 -4.12 4.88
N GLU D 277 -4.42 -3.01 4.87
CA GLU D 277 -4.86 -1.77 5.50
C GLU D 277 -6.06 -1.19 4.76
N PHE D 278 -6.08 -1.38 3.45
CA PHE D 278 -7.12 -0.84 2.59
C PHE D 278 -8.46 -1.55 2.75
N ALA D 279 -8.42 -2.88 2.76
CA ALA D 279 -9.62 -3.71 2.89
C ALA D 279 -10.31 -3.50 4.24
N ALA D 280 -9.50 -3.24 5.27
CA ALA D 280 -10.00 -2.97 6.61
C ALA D 280 -10.66 -1.59 6.69
N LYS D 281 -10.15 -0.64 5.90
CA LYS D 281 -10.70 0.71 5.86
C LYS D 281 -12.01 0.77 5.08
N PHE D 282 -12.10 -0.05 4.02
CA PHE D 282 -13.33 -0.19 3.25
C PHE D 282 -14.38 -0.94 4.08
N LEU D 283 -14.07 -2.19 4.44
CA LEU D 283 -14.98 -3.05 5.20
C LEU D 283 -15.56 -2.40 6.45
N GLN D 284 -14.74 -1.59 7.13
CA GLN D 284 -15.19 -0.85 8.31
C GLN D 284 -16.15 0.28 7.92
N LEU D 285 -15.77 1.08 6.93
CA LEU D 285 -16.58 2.22 6.49
C LEU D 285 -17.96 1.82 5.96
N THR D 286 -17.99 0.72 5.21
CA THR D 286 -19.20 0.25 4.57
C THR D 286 -20.19 -0.41 5.52
N PHE D 287 -19.69 -1.14 6.50
CA PHE D 287 -20.58 -1.83 7.42
C PHE D 287 -21.47 -0.91 8.23
N THR D 288 -20.94 0.21 8.69
CA THR D 288 -21.75 1.12 9.48
C THR D 288 -22.90 1.61 8.62
N ARG D 289 -22.60 1.92 7.35
CA ARG D 289 -23.63 2.38 6.42
C ARG D 289 -24.66 1.30 6.13
N TRP D 290 -24.19 0.07 5.94
CA TRP D 290 -25.09 -1.04 5.62
C TRP D 290 -25.88 -1.41 6.85
N ASN D 291 -25.21 -2.07 7.80
CA ASN D 291 -25.85 -2.49 9.03
C ASN D 291 -26.34 -1.29 9.81
N MET E 1 -32.21 100.43 -47.40
CA MET E 1 -32.02 100.59 -45.97
C MET E 1 -32.81 99.56 -45.19
N LEU E 2 -34.10 99.46 -45.50
CA LEU E 2 -34.98 98.51 -44.86
C LEU E 2 -35.47 99.16 -43.59
N GLN E 3 -34.98 100.37 -43.34
CA GLN E 3 -35.36 101.08 -42.15
C GLN E 3 -35.07 100.09 -41.05
N GLN E 4 -36.02 99.96 -40.14
CA GLN E 4 -35.92 98.93 -39.12
C GLN E 4 -37.32 98.47 -38.78
N PRO E 5 -37.48 97.17 -38.60
CA PRO E 5 -38.77 96.61 -38.23
C PRO E 5 -38.90 96.74 -36.73
N THR E 6 -40.08 97.11 -36.24
CA THR E 6 -40.25 97.26 -34.80
C THR E 6 -40.61 95.90 -34.20
N GLY E 7 -39.75 95.41 -33.32
CA GLY E 7 -39.87 94.07 -32.77
C GLY E 7 -38.66 93.22 -33.16
N GLY E 8 -37.70 93.87 -33.81
CA GLY E 8 -36.45 93.22 -34.20
C GLY E 8 -36.13 93.29 -35.69
N TYR E 9 -34.88 93.00 -36.02
CA TYR E 9 -34.43 92.85 -37.39
C TYR E 9 -34.44 91.35 -37.68
N THR E 10 -34.71 90.58 -36.63
CA THR E 10 -34.69 89.12 -36.64
C THR E 10 -36.11 88.57 -36.83
N THR E 11 -37.09 89.48 -36.86
CA THR E 11 -38.48 89.12 -37.13
C THR E 11 -38.81 89.27 -38.62
N LEU E 12 -37.80 89.66 -39.40
CA LEU E 12 -37.94 89.86 -40.85
C LEU E 12 -38.18 88.59 -41.65
N GLU E 13 -37.41 87.56 -41.34
CA GLU E 13 -37.50 86.24 -41.97
C GLU E 13 -36.72 85.99 -43.26
N GLN E 14 -36.14 87.04 -43.86
CA GLN E 14 -35.36 86.88 -45.09
C GLN E 14 -34.12 86.04 -44.79
N PHE E 15 -33.57 86.33 -43.62
CA PHE E 15 -32.39 85.71 -43.05
C PHE E 15 -32.75 85.18 -41.68
N ALA E 16 -32.79 83.85 -41.53
CA ALA E 16 -33.05 83.23 -40.25
C ALA E 16 -31.89 82.28 -39.89
N PHE E 17 -32.21 81.20 -39.20
CA PHE E 17 -31.20 80.28 -38.69
C PHE E 17 -31.79 78.88 -38.56
N THR E 18 -31.19 77.92 -39.25
CA THR E 18 -31.63 76.54 -39.19
C THR E 18 -30.43 75.61 -39.12
N ILE E 19 -30.29 74.90 -37.99
CA ILE E 19 -29.27 73.86 -37.89
C ILE E 19 -29.69 72.70 -38.79
N ARG E 20 -28.73 72.15 -39.52
CA ARG E 20 -29.00 71.04 -40.42
C ARG E 20 -28.93 69.71 -39.68
N ASN E 21 -30.08 69.25 -39.20
CA ASN E 21 -30.17 67.96 -38.53
C ASN E 21 -30.08 66.83 -39.54
N ASP E 22 -28.89 66.65 -40.11
CA ASP E 22 -28.60 65.66 -41.14
C ASP E 22 -29.22 66.02 -42.49
N GLY E 23 -30.01 65.10 -43.04
CA GLY E 23 -30.68 65.29 -44.32
C GLY E 23 -31.80 66.31 -44.27
N THR E 24 -32.32 66.57 -43.07
CA THR E 24 -33.39 67.55 -42.89
C THR E 24 -33.03 68.63 -41.88
N ASN E 25 -33.20 69.88 -42.31
CA ASN E 25 -33.04 71.06 -41.46
C ASN E 25 -34.10 71.13 -40.37
N ALA E 26 -33.87 71.99 -39.37
CA ALA E 26 -34.80 72.15 -38.26
C ALA E 26 -34.71 73.56 -37.66
N THR E 27 -35.25 73.71 -36.45
CA THR E 27 -35.15 74.96 -35.70
C THR E 27 -34.31 74.72 -34.44
N PRO E 28 -33.60 75.76 -33.96
CA PRO E 28 -32.76 75.62 -32.75
C PRO E 28 -33.51 75.07 -31.53
N THR E 29 -34.77 75.48 -31.38
CA THR E 29 -35.64 75.00 -30.29
C THR E 29 -35.79 73.48 -30.35
N GLN E 30 -35.93 72.96 -31.57
CA GLN E 30 -36.18 71.55 -31.82
C GLN E 30 -34.95 70.67 -31.59
N PHE E 31 -33.76 71.25 -31.73
CA PHE E 31 -32.51 70.51 -31.55
C PHE E 31 -32.10 70.34 -30.08
N LEU E 32 -32.31 71.35 -29.25
CA LEU E 32 -31.82 71.28 -27.87
C LEU E 32 -32.21 70.05 -27.05
N GLN E 33 -33.40 69.54 -27.24
CA GLN E 33 -33.84 68.37 -26.50
C GLN E 33 -33.08 67.03 -26.67
N LEU E 34 -32.59 66.73 -27.87
CA LEU E 34 -31.95 65.45 -28.12
C LEU E 34 -30.84 65.21 -27.10
N LEU E 35 -30.55 66.24 -26.31
CA LEU E 35 -29.52 66.19 -25.26
C LEU E 35 -30.10 66.12 -23.85
N SER E 36 -29.50 65.25 -23.03
CA SER E 36 -29.88 65.12 -21.62
C SER E 36 -28.72 65.61 -20.73
N TYR E 37 -28.99 65.74 -19.44
CA TYR E 37 -27.99 66.29 -18.52
C TYR E 37 -27.71 65.45 -17.29
N GLU E 38 -26.42 65.27 -17.02
CA GLU E 38 -25.94 64.46 -15.92
C GLU E 38 -25.28 65.34 -14.86
N ALA E 39 -25.91 65.45 -13.70
CA ALA E 39 -25.37 66.23 -12.58
C ALA E 39 -24.26 65.46 -11.88
N THR E 40 -23.08 66.09 -11.82
CA THR E 40 -21.91 65.54 -11.17
C THR E 40 -21.68 66.31 -9.88
N GLU E 41 -20.84 65.78 -8.99
CA GLU E 41 -20.58 66.47 -7.74
C GLU E 41 -19.51 67.55 -7.85
N ASN E 42 -19.84 68.60 -8.61
CA ASN E 42 -18.98 69.76 -8.78
C ASN E 42 -19.86 70.98 -8.75
N GLU E 43 -19.37 72.09 -8.21
CA GLU E 43 -20.22 73.28 -8.17
C GLU E 43 -19.53 74.54 -8.64
N LEU E 44 -20.26 75.34 -9.42
CA LEU E 44 -19.79 76.67 -9.82
C LEU E 44 -20.69 77.78 -9.26
N VAL E 45 -20.06 78.92 -8.97
CA VAL E 45 -20.77 80.08 -8.42
C VAL E 45 -20.86 81.16 -9.48
N LYS E 46 -22.02 81.81 -9.56
CA LYS E 46 -22.16 82.81 -10.58
C LYS E 46 -21.43 84.03 -10.07
N LYS E 47 -20.34 84.30 -10.77
CA LYS E 47 -19.43 85.41 -10.49
C LYS E 47 -19.82 86.63 -11.32
N THR E 48 -19.75 87.79 -10.69
CA THR E 48 -20.07 89.07 -11.32
C THR E 48 -19.01 89.45 -12.34
N ILE E 49 -19.41 90.24 -13.33
CA ILE E 49 -18.52 90.64 -14.41
C ILE E 49 -18.07 92.10 -14.32
N PRO E 50 -16.79 92.32 -14.53
CA PRO E 50 -16.18 93.65 -14.50
C PRO E 50 -16.60 94.45 -15.70
N THR E 51 -16.58 95.77 -15.59
CA THR E 51 -16.96 96.65 -16.69
C THR E 51 -15.90 96.67 -17.77
N PRO E 52 -16.30 97.03 -18.99
CA PRO E 52 -15.34 97.08 -20.10
C PRO E 52 -14.78 98.48 -20.26
N GLU E 53 -13.45 98.59 -20.30
CA GLU E 53 -12.84 99.89 -20.44
C GLU E 53 -13.22 100.49 -21.78
N THR E 54 -13.61 101.76 -21.74
CA THR E 54 -14.03 102.49 -22.93
C THR E 54 -12.84 103.13 -23.59
N HIS E 55 -12.36 102.52 -24.67
CA HIS E 55 -11.24 103.07 -25.41
C HIS E 55 -11.04 102.34 -26.73
N LEU E 56 -12.10 102.32 -27.55
CA LEU E 56 -12.05 101.66 -28.85
C LEU E 56 -11.04 102.33 -29.77
N PRO E 57 -10.29 101.52 -30.51
CA PRO E 57 -9.28 102.04 -31.45
C PRO E 57 -9.71 103.17 -32.38
N SER E 58 -8.85 104.19 -32.50
CA SER E 58 -9.15 105.34 -33.36
C SER E 58 -9.37 105.10 -34.84
N ALA E 59 -10.02 106.06 -35.50
CA ALA E 59 -10.30 105.96 -36.93
C ALA E 59 -9.19 106.12 -37.95
N ARG E 60 -9.03 105.12 -38.82
CA ARG E 60 -8.00 105.15 -39.87
C ARG E 60 -8.28 105.15 -41.38
N ASN E 61 -9.31 104.42 -41.79
CA ASN E 61 -9.73 104.26 -43.20
C ASN E 61 -8.67 103.80 -44.24
N VAL E 62 -8.04 102.66 -43.96
CA VAL E 62 -7.19 102.02 -44.95
C VAL E 62 -8.24 101.49 -45.91
N PRO E 63 -7.96 101.40 -47.19
CA PRO E 63 -9.00 100.94 -48.13
C PRO E 63 -9.02 99.42 -48.35
N GLY E 64 -9.92 98.74 -47.65
CA GLY E 64 -10.02 97.29 -47.77
C GLY E 64 -11.36 96.62 -48.04
N ASN E 65 -12.47 97.35 -48.02
CA ASN E 65 -13.76 96.67 -48.21
C ASN E 65 -13.85 95.55 -47.19
N VAL E 66 -13.47 95.84 -45.96
CA VAL E 66 -13.40 94.86 -44.88
C VAL E 66 -14.73 94.14 -44.63
N TYR E 67 -14.63 92.80 -44.51
CA TYR E 67 -15.73 91.90 -44.20
C TYR E 67 -15.78 91.76 -42.69
N ILE E 68 -16.12 92.83 -41.99
CA ILE E 68 -16.10 92.75 -40.54
C ILE E 68 -17.06 91.70 -40.02
N GLU E 69 -18.27 91.67 -40.56
CA GLU E 69 -19.24 90.69 -40.10
C GLU E 69 -18.77 89.26 -40.35
N ASP E 70 -18.15 89.04 -41.51
CA ASP E 70 -17.65 87.72 -41.83
C ASP E 70 -16.54 87.30 -40.88
N ALA E 71 -15.65 88.23 -40.52
CA ALA E 71 -14.56 87.88 -39.62
C ALA E 71 -15.03 87.46 -38.22
N ILE E 72 -16.01 88.17 -37.68
CA ILE E 72 -16.56 87.91 -36.35
C ILE E 72 -17.09 86.48 -36.23
N THR E 73 -18.01 86.12 -37.13
CA THR E 73 -18.61 84.79 -37.15
C THR E 73 -17.58 83.66 -37.30
N GLN E 74 -16.49 83.96 -37.99
CA GLN E 74 -15.44 82.99 -38.21
C GLN E 74 -14.68 82.55 -36.98
N ALA E 75 -14.25 83.51 -36.15
CA ALA E 75 -13.45 83.17 -34.98
C ALA E 75 -14.17 82.38 -33.89
N LEU E 76 -15.38 82.78 -33.55
CA LEU E 76 -16.14 82.11 -32.51
C LEU E 76 -16.54 80.69 -32.83
N PHE E 77 -17.01 80.48 -34.05
CA PHE E 77 -17.53 79.17 -34.46
C PHE E 77 -16.70 78.51 -35.56
N GLY E 78 -16.05 79.33 -36.38
CA GLY E 78 -15.25 78.87 -37.51
C GLY E 78 -14.26 77.77 -37.18
N ILE E 79 -14.06 76.87 -38.14
CA ILE E 79 -13.20 75.70 -37.95
C ILE E 79 -11.72 75.99 -38.28
N SER E 80 -10.94 76.25 -37.22
CA SER E 80 -9.50 76.52 -37.31
C SER E 80 -9.15 77.81 -38.04
N ALA E 81 -9.70 78.92 -37.55
CA ALA E 81 -9.44 80.26 -38.08
C ALA E 81 -7.98 80.66 -37.87
N GLN E 82 -7.52 81.66 -38.64
CA GLN E 82 -6.13 82.09 -38.55
C GLN E 82 -5.99 83.61 -38.59
N ASN E 83 -5.24 84.18 -37.66
CA ASN E 83 -5.03 85.64 -37.57
C ASN E 83 -6.29 86.39 -37.26
N VAL E 84 -7.17 85.79 -36.46
CA VAL E 84 -8.44 86.39 -36.10
C VAL E 84 -8.32 87.70 -35.36
N ASN E 85 -7.33 87.78 -34.48
CA ASN E 85 -7.12 88.98 -33.66
C ASN E 85 -6.24 90.11 -34.20
N ALA E 86 -5.91 90.06 -35.48
CA ALA E 86 -5.13 91.13 -36.12
C ALA E 86 -5.89 92.46 -36.03
N HIS E 87 -5.13 93.52 -35.77
CA HIS E 87 -5.62 94.89 -35.57
C HIS E 87 -6.33 95.69 -36.67
N GLY E 88 -5.92 95.53 -37.93
CA GLY E 88 -6.46 96.36 -39.00
C GLY E 88 -7.95 96.40 -39.30
N TYR E 89 -8.66 95.27 -39.26
CA TYR E 89 -10.10 95.31 -39.53
C TYR E 89 -11.01 96.08 -38.57
N PHE E 90 -10.82 95.92 -37.27
CA PHE E 90 -11.68 96.61 -36.30
C PHE E 90 -11.58 98.13 -36.30
N SER E 91 -10.34 98.61 -36.37
CA SER E 91 -10.06 100.03 -36.39
C SER E 91 -10.91 100.69 -37.45
N ARG E 92 -11.03 100.05 -38.61
CA ARG E 92 -11.84 100.57 -39.71
C ARG E 92 -13.31 100.67 -39.34
N LEU E 93 -13.79 99.66 -38.62
CA LEU E 93 -15.18 99.57 -38.20
C LEU E 93 -15.59 100.74 -37.30
N SER E 94 -14.78 101.02 -36.27
CA SER E 94 -15.10 102.06 -35.28
C SER E 94 -15.49 103.41 -35.88
N ALA E 95 -15.07 103.64 -37.13
CA ALA E 95 -15.49 104.81 -37.90
C ALA E 95 -17.01 104.89 -38.05
N LEU E 96 -17.66 103.73 -37.95
CA LEU E 96 -19.10 103.58 -38.10
C LEU E 96 -20.04 104.27 -37.13
N ALA E 97 -19.67 104.31 -35.85
CA ALA E 97 -20.50 104.93 -34.82
C ALA E 97 -20.53 106.46 -34.92
N LEU E 98 -19.67 107.00 -35.76
CA LEU E 98 -19.52 108.43 -35.96
C LEU E 98 -20.72 109.07 -36.64
N PRO E 99 -21.36 110.05 -35.97
CA PRO E 99 -22.43 110.83 -36.59
C PRO E 99 -21.93 111.56 -37.84
N ASN E 100 -22.62 111.32 -38.96
CA ASN E 100 -22.26 111.87 -40.27
C ASN E 100 -20.95 111.32 -40.85
N THR E 101 -21.01 110.09 -41.36
CA THR E 101 -19.88 109.45 -42.03
C THR E 101 -20.34 108.71 -43.28
N SER E 102 -19.70 109.02 -44.40
CA SER E 102 -19.96 108.32 -45.65
C SER E 102 -19.29 106.93 -45.61
N ALA E 103 -19.93 106.02 -44.87
CA ALA E 103 -19.45 104.66 -44.67
C ALA E 103 -20.59 103.78 -44.17
N ARG E 104 -21.20 103.03 -45.09
CA ARG E 104 -22.40 102.26 -44.79
C ARG E 104 -22.13 100.77 -44.73
N LEU E 105 -22.69 100.13 -43.69
CA LEU E 105 -22.57 98.69 -43.50
C LEU E 105 -23.55 97.97 -44.41
N GLY E 106 -23.02 97.18 -45.34
CA GLY E 106 -23.83 96.43 -46.27
C GLY E 106 -24.67 95.40 -45.56
N LEU E 107 -25.85 95.12 -46.11
CA LEU E 107 -26.77 94.16 -45.52
C LEU E 107 -26.14 92.78 -45.49
N ASP E 108 -25.38 92.48 -46.53
CA ASP E 108 -24.69 91.20 -46.68
C ASP E 108 -23.51 91.04 -45.71
N GLY E 109 -23.14 92.12 -45.03
CA GLY E 109 -22.03 92.06 -44.09
C GLY E 109 -20.70 92.66 -44.52
N VAL E 110 -20.68 93.35 -45.66
CA VAL E 110 -19.45 93.97 -46.15
C VAL E 110 -19.54 95.48 -45.94
N ILE E 111 -18.47 96.07 -45.41
CA ILE E 111 -18.40 97.50 -45.10
C ILE E 111 -17.82 98.28 -46.28
N TYR E 112 -18.37 99.47 -46.54
CA TYR E 112 -17.92 100.30 -47.65
C TYR E 112 -17.55 101.72 -47.25
N ASN E 113 -16.78 102.38 -48.10
CA ASN E 113 -16.57 103.82 -48.04
C ASN E 113 -17.50 104.50 -49.04
N SER E 114 -18.00 105.68 -48.69
CA SER E 114 -19.02 106.37 -49.48
C SER E 114 -20.28 105.52 -49.53
N GLU E 115 -20.61 104.97 -50.70
CA GLU E 115 -21.80 104.12 -50.87
C GLU E 115 -21.93 103.42 -52.22
N THR E 116 -23.15 102.93 -52.47
CA THR E 116 -23.53 102.21 -53.68
C THR E 116 -25.05 102.29 -53.81
N ILE E 117 -25.56 102.03 -55.01
CA ILE E 117 -27.01 102.04 -55.26
C ILE E 117 -27.58 100.61 -55.26
N ASN E 118 -26.94 99.75 -56.07
CA ASN E 118 -27.31 98.35 -56.24
C ASN E 118 -27.36 97.51 -54.96
N ILE E 119 -26.85 98.07 -53.86
CA ILE E 119 -26.81 97.35 -52.58
C ILE E 119 -27.57 98.11 -51.47
N PRO E 120 -28.60 97.45 -50.89
CA PRO E 120 -29.33 97.96 -49.74
C PRO E 120 -28.64 97.60 -48.42
N PHE E 121 -28.74 98.50 -47.43
CA PHE E 121 -28.03 98.30 -46.16
C PHE E 121 -28.91 98.55 -44.93
N TYR E 122 -28.26 98.73 -43.79
CA TYR E 122 -28.93 99.04 -42.53
C TYR E 122 -28.81 100.55 -42.34
N ASP E 123 -29.91 101.20 -41.96
CA ASP E 123 -29.90 102.65 -41.74
C ASP E 123 -28.76 103.03 -40.78
N PRO E 124 -28.03 104.11 -41.09
CA PRO E 124 -26.85 104.56 -40.34
C PRO E 124 -27.00 104.62 -38.80
N ALA E 125 -28.23 104.78 -38.32
CA ALA E 125 -28.46 104.92 -36.87
C ALA E 125 -28.46 103.55 -36.15
N ALA E 126 -28.89 102.51 -36.85
CA ALA E 126 -28.89 101.15 -36.31
C ALA E 126 -27.46 100.63 -36.10
N VAL E 127 -26.59 100.94 -37.07
CA VAL E 127 -25.19 100.53 -37.02
C VAL E 127 -24.39 101.40 -36.04
N ALA E 128 -24.82 102.65 -35.88
CA ALA E 128 -24.14 103.62 -35.02
C ALA E 128 -24.08 103.14 -33.58
N ASN E 129 -25.20 102.62 -33.08
CA ASN E 129 -25.31 102.09 -31.73
C ASN E 129 -24.67 100.71 -31.61
N PHE E 130 -24.54 100.02 -32.75
CA PHE E 130 -23.92 98.70 -32.81
C PHE E 130 -22.40 98.78 -32.62
N ALA E 131 -21.75 99.53 -33.52
CA ALA E 131 -20.30 99.70 -33.50
C ALA E 131 -19.85 100.52 -32.30
N ALA E 132 -20.80 101.15 -31.63
CA ALA E 132 -20.42 101.87 -30.43
C ALA E 132 -19.89 100.82 -29.45
N THR E 133 -20.55 99.67 -29.38
CA THR E 133 -20.18 98.58 -28.48
C THR E 133 -19.29 97.40 -28.93
N TYR E 134 -19.38 96.96 -30.18
CA TYR E 134 -18.54 95.85 -30.66
C TYR E 134 -17.23 96.24 -31.36
N ALA E 135 -16.93 97.54 -31.37
CA ALA E 135 -15.62 98.01 -31.84
C ALA E 135 -14.54 97.75 -30.79
N LYS E 136 -14.99 97.75 -29.53
CA LYS E 136 -14.15 97.56 -28.36
C LYS E 136 -13.46 96.22 -28.33
N LEU E 137 -14.11 95.22 -28.89
CA LEU E 137 -13.55 93.90 -28.91
C LEU E 137 -12.19 93.97 -29.59
N GLY E 138 -12.10 94.82 -30.59
CA GLY E 138 -10.87 94.99 -31.35
C GLY E 138 -9.47 94.90 -30.74
N ASN E 139 -9.37 95.51 -29.56
CA ASN E 139 -8.18 95.61 -28.73
C ASN E 139 -8.26 94.70 -27.51
N ALA E 140 -9.06 93.66 -27.59
CA ALA E 140 -9.24 92.74 -26.48
C ALA E 140 -7.93 92.12 -26.03
N SER E 141 -7.05 91.96 -27.01
CA SER E 141 -5.69 91.41 -26.91
C SER E 141 -4.62 92.17 -26.10
N THR E 142 -4.73 93.50 -26.01
CA THR E 142 -3.71 94.30 -25.30
C THR E 142 -3.46 93.87 -23.87
N PRO E 143 -2.18 93.84 -23.49
CA PRO E 143 -1.78 93.40 -22.15
C PRO E 143 -2.56 94.09 -21.01
N ARG E 144 -2.85 95.37 -21.19
CA ARG E 144 -3.52 96.17 -20.16
C ARG E 144 -5.03 95.95 -20.13
N TYR E 145 -5.69 96.15 -21.27
CA TYR E 145 -7.13 96.03 -21.44
C TYR E 145 -7.73 94.62 -21.46
N ARG E 146 -6.88 93.60 -21.61
CA ARG E 146 -7.35 92.23 -21.87
C ARG E 146 -8.31 91.63 -20.85
N ALA E 147 -9.31 90.93 -21.37
CA ALA E 147 -10.37 90.28 -20.58
C ALA E 147 -10.07 88.90 -20.03
N ASP E 148 -10.84 88.53 -19.00
CA ASP E 148 -10.72 87.25 -18.29
C ASP E 148 -11.11 86.08 -19.21
N MET E 149 -11.04 84.87 -18.69
CA MET E 149 -11.52 83.71 -19.41
C MET E 149 -11.93 82.59 -18.47
N ILE E 150 -11.06 82.27 -17.52
CA ILE E 150 -11.31 81.15 -16.61
C ILE E 150 -12.53 81.35 -15.72
N ASP E 151 -13.24 82.45 -15.89
CA ASP E 151 -14.40 82.75 -15.04
C ASP E 151 -15.72 83.16 -15.69
N ILE E 152 -15.69 83.68 -16.92
CA ILE E 152 -16.91 84.03 -17.65
C ILE E 152 -17.72 82.76 -17.92
N TYR E 153 -17.01 81.63 -18.01
CA TYR E 153 -17.62 80.34 -18.32
C TYR E 153 -18.55 79.78 -17.24
N ALA E 154 -18.66 80.48 -16.12
CA ALA E 154 -19.64 80.14 -15.09
C ALA E 154 -21.05 80.59 -15.50
N HIS E 155 -21.15 81.16 -16.70
CA HIS E 155 -22.41 81.63 -17.25
C HIS E 155 -22.87 80.82 -18.45
N VAL E 156 -21.90 80.43 -19.27
CA VAL E 156 -22.12 79.56 -20.41
C VAL E 156 -22.99 78.36 -20.03
N GLY E 157 -22.60 77.70 -18.94
CA GLY E 157 -23.27 76.53 -18.41
C GLY E 157 -24.69 76.65 -17.95
N LEU E 158 -25.01 77.74 -17.26
CA LEU E 158 -26.37 77.91 -16.78
C LEU E 158 -27.31 77.97 -17.98
N GLU E 159 -26.90 78.69 -19.02
CA GLU E 159 -27.70 78.81 -20.23
C GLU E 159 -27.88 77.51 -21.03
N LEU E 160 -26.80 76.78 -21.22
CA LEU E 160 -26.85 75.53 -21.98
C LEU E 160 -27.71 74.45 -21.32
N ALA E 161 -27.51 74.28 -20.02
CA ALA E 161 -28.22 73.31 -19.20
C ALA E 161 -28.77 73.92 -17.92
N GLY E 162 -28.82 75.26 -17.88
CA GLY E 162 -29.35 75.97 -16.73
C GLY E 162 -30.79 75.58 -16.48
N THR E 163 -31.03 74.87 -15.38
CA THR E 163 -32.39 74.58 -14.95
C THR E 163 -33.00 75.92 -14.51
N ASP E 164 -34.33 76.02 -14.55
CA ASP E 164 -34.98 77.30 -14.27
C ASP E 164 -34.90 77.72 -12.80
N ALA E 165 -34.85 76.74 -11.89
CA ALA E 165 -34.61 77.01 -10.48
C ALA E 165 -33.14 77.32 -10.22
N GLU E 166 -32.30 77.02 -11.22
CA GLU E 166 -30.86 77.27 -11.13
C GLU E 166 -30.44 78.66 -11.59
N ARG E 167 -30.99 79.12 -12.71
CA ARG E 167 -30.74 80.49 -13.16
C ARG E 167 -31.62 81.47 -12.38
N ALA E 168 -32.54 80.93 -11.58
CA ALA E 168 -33.28 81.71 -10.59
C ALA E 168 -32.38 81.93 -9.37
N ALA E 169 -31.73 80.85 -8.93
CA ALA E 169 -30.72 80.91 -7.87
C ALA E 169 -29.38 81.36 -8.45
N GLY E 170 -28.30 81.13 -7.71
CA GLY E 170 -26.97 81.56 -8.13
C GLY E 170 -26.04 80.41 -8.53
N VAL E 171 -26.08 79.31 -7.80
CA VAL E 171 -25.21 78.17 -8.06
C VAL E 171 -25.81 76.96 -8.76
N MET E 172 -25.07 76.41 -9.73
CA MET E 172 -25.48 75.24 -10.48
C MET E 172 -24.45 74.12 -10.40
N PRO E 173 -24.89 72.90 -10.11
CA PRO E 173 -23.99 71.76 -10.03
C PRO E 173 -23.36 71.48 -11.39
N VAL E 174 -22.10 71.08 -11.43
CA VAL E 174 -21.43 70.82 -12.70
C VAL E 174 -22.09 69.67 -13.45
N LYS E 175 -22.59 69.97 -14.64
CA LYS E 175 -23.32 69.00 -15.45
C LYS E 175 -22.44 68.29 -16.48
N ARG E 176 -23.01 67.27 -17.11
CA ARG E 176 -22.33 66.52 -18.15
C ARG E 176 -23.32 66.23 -19.27
N ALA E 177 -23.13 66.90 -20.41
CA ALA E 177 -24.03 66.77 -21.54
C ALA E 177 -23.84 65.49 -22.34
N LYS E 178 -24.95 64.95 -22.83
CA LYS E 178 -24.95 63.75 -23.68
C LYS E 178 -26.22 63.71 -24.53
N PHE E 179 -26.04 63.49 -25.82
CA PHE E 179 -27.13 63.52 -26.79
C PHE E 179 -26.86 62.53 -27.91
N ASP E 180 -27.90 62.20 -28.68
CA ASP E 180 -27.74 61.30 -29.84
C ASP E 180 -26.70 61.83 -30.83
N SER E 181 -26.16 60.95 -31.67
CA SER E 181 -25.10 61.38 -32.59
C SER E 181 -25.03 60.71 -33.97
N TRP E 182 -24.47 61.42 -34.94
CA TRP E 182 -24.26 60.90 -36.29
C TRP E 182 -22.77 60.81 -36.71
N GLU E 183 -21.89 60.75 -35.72
CA GLU E 183 -20.44 60.63 -35.96
C GLU E 183 -19.67 61.90 -36.35
N GLY E 184 -20.10 62.57 -37.42
CA GLY E 184 -19.44 63.78 -37.86
C GLY E 184 -20.28 64.97 -37.46
N SER E 185 -21.18 64.70 -36.51
CA SER E 185 -22.11 65.70 -36.03
C SER E 185 -21.52 66.93 -35.37
N LEU E 186 -20.48 66.80 -34.57
CA LEU E 186 -19.96 68.01 -33.93
C LEU E 186 -19.36 69.00 -34.94
N ILE E 187 -18.56 68.49 -35.86
CA ILE E 187 -17.99 69.35 -36.88
C ILE E 187 -19.08 69.83 -37.82
N SER E 188 -20.04 68.95 -38.10
CA SER E 188 -21.12 69.25 -39.03
C SER E 188 -21.98 70.44 -38.61
N LEU E 189 -22.30 70.52 -37.33
CA LEU E 189 -23.08 71.66 -36.83
C LEU E 189 -22.27 72.94 -36.82
N SER E 190 -20.97 72.80 -36.54
CA SER E 190 -20.03 73.93 -36.55
C SER E 190 -19.78 74.43 -37.97
N ARG E 191 -19.81 73.54 -38.94
CA ARG E 191 -19.65 74.02 -40.29
C ARG E 191 -20.90 74.84 -40.64
N ASP E 192 -22.07 74.35 -40.21
CA ASP E 192 -23.36 75.00 -40.48
C ASP E 192 -23.70 76.38 -39.86
N VAL E 193 -23.41 76.56 -38.57
CA VAL E 193 -23.66 77.84 -37.88
C VAL E 193 -22.89 79.06 -38.43
N VAL E 194 -21.79 78.82 -39.12
CA VAL E 194 -20.98 79.89 -39.67
C VAL E 194 -21.71 80.87 -40.61
N ASN E 195 -22.79 80.43 -41.26
CA ASN E 195 -23.51 81.29 -42.19
C ASN E 195 -24.81 81.97 -41.69
N TRP E 196 -24.98 82.09 -40.38
CA TRP E 196 -26.20 82.68 -39.82
C TRP E 196 -26.39 84.18 -39.96
N LYS E 197 -25.40 84.88 -40.53
CA LYS E 197 -25.40 86.34 -40.59
C LYS E 197 -25.58 86.87 -39.17
N ILE E 198 -24.71 86.40 -38.27
CA ILE E 198 -24.77 86.73 -36.85
C ILE E 198 -24.69 88.24 -36.60
N LEU E 199 -24.39 88.99 -37.66
CA LEU E 199 -24.43 90.45 -37.65
C LEU E 199 -25.83 90.95 -37.33
N ALA E 200 -26.82 90.37 -38.01
CA ALA E 200 -28.22 90.75 -37.85
C ALA E 200 -28.72 90.62 -36.42
N PHE E 201 -28.33 89.53 -35.75
CA PHE E 201 -28.71 89.28 -34.36
C PHE E 201 -28.07 90.26 -33.37
N LEU E 202 -26.95 90.88 -33.79
CA LEU E 202 -26.21 91.80 -32.91
C LEU E 202 -26.46 93.28 -33.19
N ILE E 203 -26.67 93.62 -34.45
CA ILE E 203 -26.91 95.00 -34.87
C ILE E 203 -28.31 95.50 -34.44
N ASP E 204 -29.06 94.59 -33.83
CA ASP E 204 -30.40 94.87 -33.34
C ASP E 204 -30.51 94.62 -31.85
N LEU E 205 -29.41 94.17 -31.25
CA LEU E 205 -29.36 93.89 -29.82
C LEU E 205 -28.95 95.13 -29.08
N CYS E 206 -28.77 96.20 -29.84
CA CYS E 206 -28.34 97.50 -29.36
C CYS E 206 -29.31 98.60 -29.83
N SER E 207 -30.24 98.22 -30.70
CA SER E 207 -31.23 99.16 -31.24
C SER E 207 -32.61 98.99 -30.62
N LEU E 208 -32.91 97.78 -30.14
CA LEU E 208 -34.22 97.49 -29.55
C LEU E 208 -34.35 98.05 -28.13
N GLU E 209 -35.52 98.58 -27.83
CA GLU E 209 -35.74 99.29 -26.58
C GLU E 209 -36.44 98.52 -25.47
N GLY E 210 -37.05 99.27 -24.54
CA GLY E 210 -37.62 98.68 -23.34
C GLY E 210 -38.68 97.63 -23.53
N GLU E 211 -39.62 97.81 -24.45
CA GLU E 211 -40.59 96.73 -24.63
C GLU E 211 -40.19 95.75 -25.73
N ALA E 212 -39.74 96.30 -26.85
CA ALA E 212 -39.29 95.51 -28.01
C ALA E 212 -38.14 94.58 -27.62
N LEU E 213 -37.41 94.94 -26.57
CA LEU E 213 -36.33 94.13 -26.01
C LEU E 213 -36.86 92.97 -25.17
N ARG E 214 -37.83 93.27 -24.29
CA ARG E 214 -38.47 92.26 -23.45
C ARG E 214 -39.05 91.09 -24.25
N ALA E 215 -39.49 91.40 -25.47
CA ALA E 215 -40.04 90.40 -26.39
C ALA E 215 -38.94 89.70 -27.20
N PHE E 216 -37.85 90.41 -27.45
CA PHE E 216 -36.72 89.88 -28.22
C PHE E 216 -35.98 88.77 -27.48
N LYS E 217 -35.67 89.04 -26.21
CA LYS E 217 -34.96 88.09 -25.35
C LYS E 217 -35.80 86.86 -25.02
N THR E 218 -37.13 87.02 -25.04
CA THR E 218 -38.06 85.96 -24.69
C THR E 218 -38.39 85.03 -25.85
N ARG E 219 -37.86 85.33 -27.03
CA ARG E 219 -38.14 84.54 -28.24
C ARG E 219 -36.86 83.88 -28.80
N ASN E 220 -35.80 84.67 -28.92
CA ASN E 220 -34.51 84.19 -29.41
C ASN E 220 -33.68 83.52 -28.33
N ARG E 221 -34.30 83.21 -27.20
CA ARG E 221 -33.60 82.57 -26.09
C ARG E 221 -32.92 81.27 -26.56
N ASP E 222 -33.26 80.84 -27.77
CA ASP E 222 -32.68 79.66 -28.40
C ASP E 222 -31.52 79.97 -29.34
N VAL E 223 -31.73 80.91 -30.28
CA VAL E 223 -30.71 81.31 -31.26
C VAL E 223 -29.40 81.69 -30.56
N PHE E 224 -29.52 82.09 -29.29
CA PHE E 224 -28.37 82.39 -28.44
C PHE E 224 -27.79 81.11 -27.83
N ARG E 225 -28.66 80.31 -27.21
CA ARG E 225 -28.28 79.02 -26.61
C ARG E 225 -27.51 78.14 -27.58
N MET E 226 -27.85 78.25 -28.86
CA MET E 226 -27.24 77.41 -29.90
C MET E 226 -25.76 77.70 -30.09
N MET E 227 -25.44 78.95 -30.45
CA MET E 227 -24.05 79.36 -30.66
C MET E 227 -23.22 79.27 -29.37
N LEU E 228 -23.92 79.21 -28.24
CA LEU E 228 -23.28 79.07 -26.94
C LEU E 228 -22.76 77.65 -26.75
N PHE E 229 -23.59 76.67 -27.12
CA PHE E 229 -23.24 75.25 -27.06
C PHE E 229 -22.07 74.89 -27.97
N ILE E 230 -22.23 75.22 -29.25
CA ILE E 230 -21.21 74.97 -30.28
C ILE E 230 -19.87 75.58 -29.86
N MET E 231 -19.94 76.71 -29.16
CA MET E 231 -18.77 77.40 -28.62
C MET E 231 -18.21 76.70 -27.38
N SER E 232 -19.11 76.22 -26.51
CA SER E 232 -18.73 75.52 -25.28
C SER E 232 -18.15 74.13 -25.54
N THR E 233 -18.20 73.70 -26.81
CA THR E 233 -17.70 72.40 -27.22
C THR E 233 -16.18 72.38 -27.26
N ALA E 234 -15.60 73.36 -27.96
CA ALA E 234 -14.16 73.50 -28.11
C ALA E 234 -13.44 73.53 -26.76
N VAL E 235 -14.08 74.16 -25.76
CA VAL E 235 -13.55 74.31 -24.37
C VAL E 235 -13.48 73.10 -23.39
N ALA E 236 -14.57 72.36 -23.23
CA ALA E 236 -14.61 71.15 -22.38
C ALA E 236 -13.69 70.02 -22.86
N ALA E 237 -13.04 69.34 -21.90
CA ALA E 237 -11.81 68.53 -22.13
C ALA E 237 -11.90 67.15 -22.81
N ASN E 238 -12.85 66.31 -22.41
CA ASN E 238 -12.85 64.92 -22.88
C ASN E 238 -14.15 64.53 -23.57
N VAL E 239 -14.05 63.99 -24.78
CA VAL E 239 -15.23 63.49 -25.48
C VAL E 239 -15.26 61.96 -25.50
N VAL E 240 -16.23 61.39 -24.79
CA VAL E 240 -16.37 59.94 -24.69
C VAL E 240 -17.60 59.48 -25.47
N ASN E 241 -17.41 58.48 -26.32
CA ASN E 241 -18.50 57.87 -27.09
C ASN E 241 -19.05 56.62 -26.42
N ARG E 242 -20.38 56.56 -26.29
CA ARG E 242 -21.04 55.39 -25.74
C ARG E 242 -21.76 54.56 -26.80
N LYS E 243 -21.39 53.28 -26.90
CA LYS E 243 -21.99 52.36 -27.85
C LYS E 243 -23.05 51.51 -27.18
N VAL E 244 -24.31 51.95 -27.29
CA VAL E 244 -25.44 51.23 -26.71
C VAL E 244 -26.40 50.70 -27.77
N THR E 245 -26.98 49.53 -27.51
CA THR E 245 -27.94 48.88 -28.42
C THR E 245 -27.45 48.88 -29.88
N LYS E 246 -28.07 49.70 -30.72
CA LYS E 246 -27.64 49.92 -32.09
C LYS E 246 -27.34 51.40 -32.27
N ARG E 247 -27.44 52.14 -31.17
CA ARG E 247 -27.19 53.58 -31.14
C ARG E 247 -25.73 53.92 -30.86
N VAL E 248 -25.39 55.19 -31.09
CA VAL E 248 -24.06 55.73 -30.81
C VAL E 248 -24.28 57.11 -30.19
N ASP E 249 -23.48 57.45 -29.18
CA ASP E 249 -23.70 58.67 -28.42
C ASP E 249 -22.43 59.46 -28.11
N ARG E 250 -22.54 60.79 -28.19
CA ARG E 250 -21.46 61.69 -27.86
C ARG E 250 -21.70 62.30 -26.48
N VAL E 251 -20.68 62.24 -25.62
CA VAL E 251 -20.75 62.97 -24.35
C VAL E 251 -19.75 64.11 -24.33
N LEU E 252 -20.25 65.31 -24.06
CA LEU E 252 -19.41 66.48 -23.85
C LEU E 252 -19.07 66.51 -22.36
N GLU E 253 -17.77 66.42 -22.01
CA GLU E 253 -17.36 66.24 -20.58
C GLU E 253 -17.76 67.20 -19.46
N TYR E 254 -17.51 68.50 -19.57
CA TYR E 254 -18.04 69.40 -18.56
C TYR E 254 -18.50 70.73 -19.14
N ILE E 255 -19.81 70.97 -19.13
CA ILE E 255 -20.34 72.19 -19.73
C ILE E 255 -19.81 73.51 -19.16
N GLY E 256 -19.57 73.56 -17.87
CA GLY E 256 -19.15 74.80 -17.23
C GLY E 256 -17.70 75.12 -16.88
N VAL E 257 -16.70 74.44 -17.46
CA VAL E 257 -15.35 74.73 -17.00
C VAL E 257 -14.34 74.77 -18.15
N ASN E 258 -13.53 75.82 -18.18
CA ASN E 258 -12.47 75.96 -19.17
C ASN E 258 -11.32 75.02 -18.84
N SER E 259 -11.21 73.95 -19.62
CA SER E 259 -10.11 72.99 -19.49
C SER E 259 -8.81 73.65 -19.93
N MET E 260 -8.97 74.67 -20.78
CA MET E 260 -7.88 75.49 -21.32
C MET E 260 -7.43 75.04 -22.71
N ARG E 261 -7.80 73.82 -23.12
CA ARG E 261 -7.47 73.36 -24.49
C ARG E 261 -7.98 71.99 -24.96
N THR E 262 -7.83 71.76 -26.27
CA THR E 262 -8.13 70.49 -26.91
C THR E 262 -9.56 70.01 -27.15
N ALA E 263 -10.37 69.88 -26.11
CA ALA E 263 -11.69 69.35 -26.38
C ALA E 263 -11.19 68.09 -27.03
N GLY E 264 -11.66 67.80 -28.23
CA GLY E 264 -11.17 66.64 -28.94
C GLY E 264 -10.49 67.21 -30.16
N ARG E 265 -9.21 66.91 -30.39
CA ARG E 265 -8.59 67.48 -31.58
C ARG E 265 -9.22 66.99 -32.88
N THR E 266 -9.82 65.80 -32.82
CA THR E 266 -10.44 65.18 -33.98
C THR E 266 -11.97 65.20 -33.96
N ALA E 267 -12.56 64.98 -32.78
CA ALA E 267 -14.00 64.82 -32.64
C ALA E 267 -14.78 66.13 -32.69
N THR E 268 -14.06 67.25 -32.58
CA THR E 268 -14.70 68.57 -32.53
C THR E 268 -13.84 69.68 -33.16
N ILE E 269 -14.17 70.93 -32.82
CA ILE E 269 -13.45 72.12 -33.24
C ILE E 269 -12.57 72.60 -32.10
N THR E 270 -11.35 73.04 -32.41
CA THR E 270 -10.38 73.45 -31.39
C THR E 270 -10.13 74.96 -31.31
N TYR E 271 -9.73 75.41 -30.13
CA TYR E 271 -9.45 76.81 -29.85
C TYR E 271 -7.96 77.05 -29.63
N ASP E 272 -7.37 77.90 -30.46
CA ASP E 272 -5.98 78.35 -30.27
C ASP E 272 -5.91 79.29 -29.06
N LEU E 273 -4.72 79.79 -28.74
CA LEU E 273 -4.54 80.72 -27.62
C LEU E 273 -5.01 82.14 -27.99
N SER E 274 -4.97 82.48 -29.28
CA SER E 274 -5.52 83.74 -29.77
C SER E 274 -7.02 83.64 -30.03
N ARG E 275 -7.64 82.65 -29.38
CA ARG E 275 -9.08 82.42 -29.48
C ARG E 275 -9.73 82.66 -28.12
N HIS E 276 -9.09 82.16 -27.07
CA HIS E 276 -9.49 82.41 -25.70
C HIS E 276 -9.38 83.89 -25.38
N GLU E 277 -8.42 84.55 -26.04
CA GLU E 277 -8.25 86.00 -25.94
C GLU E 277 -9.40 86.74 -26.62
N PHE E 278 -10.03 86.07 -27.57
CA PHE E 278 -11.08 86.69 -28.38
C PHE E 278 -12.48 86.34 -27.90
N ALA E 279 -12.83 85.05 -27.95
CA ALA E 279 -14.14 84.57 -27.53
C ALA E 279 -14.50 85.03 -26.12
N ALA E 280 -13.48 85.24 -25.29
CA ALA E 280 -13.66 85.73 -23.94
C ALA E 280 -14.15 87.18 -23.90
N LYS E 281 -13.40 88.08 -24.57
CA LYS E 281 -13.77 89.49 -24.62
C LYS E 281 -15.07 89.71 -25.40
N PHE E 282 -15.44 88.72 -26.22
CA PHE E 282 -16.73 88.71 -26.90
C PHE E 282 -17.86 88.52 -25.91
N LEU E 283 -17.81 87.41 -25.16
CA LEU E 283 -18.85 87.08 -24.18
C LEU E 283 -18.98 88.12 -23.08
N GLN E 284 -17.87 88.81 -22.79
CA GLN E 284 -17.85 89.88 -21.79
C GLN E 284 -18.71 91.09 -22.22
N LEU E 285 -19.04 91.16 -23.51
CA LEU E 285 -19.85 92.24 -24.06
C LEU E 285 -21.31 91.84 -24.30
N THR E 286 -21.50 90.67 -24.92
CA THR E 286 -22.85 90.18 -25.22
C THR E 286 -23.58 89.83 -23.93
N PHE E 287 -22.87 89.22 -23.00
CA PHE E 287 -23.48 88.88 -21.72
C PHE E 287 -23.90 90.09 -20.92
N THR E 288 -22.97 91.02 -20.73
CA THR E 288 -23.27 92.24 -20.00
C THR E 288 -24.44 92.95 -20.64
N ARG E 289 -24.34 93.20 -21.94
CA ARG E 289 -25.41 93.88 -22.67
C ARG E 289 -26.67 93.03 -22.68
N TRP E 290 -26.50 91.71 -22.74
CA TRP E 290 -27.62 90.80 -22.73
C TRP E 290 -28.41 90.86 -21.44
N ASN E 291 -27.71 90.96 -20.31
CA ASN E 291 -28.38 91.03 -19.01
C ASN E 291 -27.80 92.10 -18.11
#